data_1H6V
#
_entry.id   1H6V
#
_cell.length_a   78.920
_cell.length_b   140.464
_cell.length_c   170.832
_cell.angle_alpha   90.00
_cell.angle_beta   94.64
_cell.angle_gamma   90.00
#
_symmetry.space_group_name_H-M   'P 1 21 1'
#
loop_
_entity.id
_entity.type
_entity.pdbx_description
1 polymer 'THIOREDOXIN REDUCTASE'
2 non-polymer 'FLAVIN-ADENINE DINUCLEOTIDE'
3 non-polymer 'NADPH DIHYDRO-NICOTINAMIDE-ADENINE-DINUCLEOTIDE PHOSPHATE'
4 water water
#
_entity_poly.entity_id   1
_entity_poly.type   'polypeptide(L)'
_entity_poly.pdbx_seq_one_letter_code
;MNDSKDAPKSYDFDLIIIGGGSGGLAAAKEAAKFDKKVMVLDFVTPTPLGTNWGLGGTCVNVGCIPKKLMHQAALLGQAL
KDSRNYGWKLEDTVKHDWEKMTESVQNHIGSLNWGYRVALREKKVVYENAYGKFIGPHKIMATNNKGKEKVYSAERFLIA
TGERPRYLGIPGDKEYCISSDDLFSLPYCPGKTLVVGASYVALECAGFLAGIGLDVTVMVRSILLRGFDQDMANKIGEHM
EEHGIKFIRQFVPTKIEQIEAGTPGRLKVTAKSTNSEETIEDEFNTVLLAVGRDSCTRTIGLETVGVKINEKTGKIPVTD
EEQTNVPYIYAIGDILEGKLELTPVAIQAGRLLAQRLYGGSTVKCDYDNVPTTVFTPLEYGCCGLSEEKAVEKFGEENIE
VYHSFFWPLEWTVPSRDNNKCYAKVICNLKDNERVVGFHVLGPNAGEVTQGFAAALKCGLTKQQLDSTIGIHPVCAEIFT
TLSVTKRSGGDILQSGCCG
;
_entity_poly.pdbx_strand_id   A,B,C,D,E,F
#
# COMPACT_ATOMS: atom_id res chain seq x y z
N SER A 10 -23.42 -12.29 24.60
CA SER A 10 -22.94 -12.43 23.19
C SER A 10 -23.90 -11.75 22.21
N TYR A 11 -24.69 -10.81 22.72
CA TYR A 11 -25.56 -10.02 21.86
C TYR A 11 -24.71 -9.15 20.92
N ASP A 12 -25.37 -8.54 19.94
CA ASP A 12 -24.67 -7.64 19.01
C ASP A 12 -24.19 -6.42 19.76
N PHE A 13 -25.08 -5.66 20.35
CA PHE A 13 -24.67 -4.46 21.11
C PHE A 13 -25.13 -4.58 22.55
N ASP A 14 -24.43 -3.93 23.50
CA ASP A 14 -24.93 -3.99 24.86
C ASP A 14 -26.10 -3.01 25.03
N LEU A 15 -26.23 -2.10 24.08
CA LEU A 15 -27.34 -1.17 24.13
C LEU A 15 -27.67 -0.63 22.76
N ILE A 16 -28.95 -0.62 22.43
CA ILE A 16 -29.38 -0.04 21.18
C ILE A 16 -30.32 1.04 21.56
N ILE A 17 -30.23 2.15 20.86
CA ILE A 17 -31.03 3.32 21.16
C ILE A 17 -31.88 3.61 19.98
N ILE A 18 -33.17 3.47 20.18
CA ILE A 18 -34.13 3.69 19.14
C ILE A 18 -34.55 5.15 19.11
N GLY A 19 -33.84 5.96 18.35
CA GLY A 19 -34.19 7.35 18.22
C GLY A 19 -32.99 8.26 18.30
N GLY A 20 -32.75 9.03 17.26
CA GLY A 20 -31.62 9.91 17.29
C GLY A 20 -31.94 11.30 17.80
N GLY A 21 -32.80 11.37 18.82
CA GLY A 21 -33.27 12.64 19.34
C GLY A 21 -32.52 13.25 20.51
N SER A 22 -33.18 14.17 21.20
CA SER A 22 -32.55 14.84 22.33
C SER A 22 -32.11 13.82 23.35
N GLY A 23 -33.01 12.91 23.72
CA GLY A 23 -32.73 11.91 24.72
C GLY A 23 -31.81 10.85 24.16
N GLY A 24 -32.16 10.38 22.98
CA GLY A 24 -31.38 9.31 22.40
C GLY A 24 -29.92 9.67 22.36
N LEU A 25 -29.58 10.71 21.63
CA LEU A 25 -28.18 11.06 21.50
C LEU A 25 -27.48 11.24 22.86
N ALA A 26 -28.22 11.78 23.82
CA ALA A 26 -27.66 11.96 25.14
C ALA A 26 -27.26 10.62 25.71
N ALA A 27 -28.15 9.66 25.69
CA ALA A 27 -27.80 8.38 26.28
C ALA A 27 -26.57 7.83 25.57
N ALA A 28 -26.55 7.96 24.25
CA ALA A 28 -25.43 7.37 23.50
C ALA A 28 -24.16 7.93 24.00
N LYS A 29 -24.02 9.23 23.92
CA LYS A 29 -22.81 9.88 24.32
C LYS A 29 -22.32 9.40 25.68
N GLU A 30 -23.19 9.31 26.69
CA GLU A 30 -22.76 8.88 28.01
C GLU A 30 -22.38 7.45 27.92
N ALA A 31 -23.34 6.65 27.48
CA ALA A 31 -23.11 5.23 27.51
C ALA A 31 -21.72 5.04 27.00
N ALA A 32 -21.42 5.74 25.95
CA ALA A 32 -20.16 5.59 25.27
C ALA A 32 -18.90 5.81 26.12
N LYS A 33 -19.05 6.48 27.24
CA LYS A 33 -17.89 6.77 28.05
C LYS A 33 -17.39 5.53 28.75
N PHE A 34 -18.26 4.55 28.92
CA PHE A 34 -17.88 3.37 29.68
C PHE A 34 -17.49 2.18 28.79
N ASP A 35 -17.05 2.48 27.57
CA ASP A 35 -16.68 1.45 26.63
C ASP A 35 -17.71 0.32 26.59
N LYS A 36 -18.79 0.57 25.85
CA LYS A 36 -19.82 -0.43 25.67
C LYS A 36 -20.16 -0.33 24.22
N LYS A 37 -20.59 -1.43 23.65
CA LYS A 37 -20.97 -1.40 22.26
C LYS A 37 -22.34 -0.75 22.21
N VAL A 38 -22.43 0.40 21.55
CA VAL A 38 -23.72 1.06 21.43
C VAL A 38 -24.03 1.44 19.99
N MET A 39 -25.31 1.32 19.65
CA MET A 39 -25.78 1.68 18.34
C MET A 39 -27.00 2.56 18.52
N VAL A 40 -27.11 3.64 17.75
CA VAL A 40 -28.32 4.42 17.79
C VAL A 40 -28.91 4.43 16.39
N LEU A 41 -30.17 4.02 16.29
CA LEU A 41 -30.90 4.05 15.03
C LEU A 41 -31.65 5.36 15.03
N ASP A 42 -31.72 6.00 13.86
CA ASP A 42 -32.51 7.19 13.75
C ASP A 42 -33.03 7.29 12.35
N PHE A 43 -34.30 7.55 12.21
CA PHE A 43 -34.90 7.65 10.90
C PHE A 43 -36.01 8.63 10.94
N VAL A 44 -36.11 9.46 9.92
CA VAL A 44 -37.14 10.45 9.98
C VAL A 44 -38.21 10.26 8.95
N THR A 45 -39.33 9.71 9.38
CA THR A 45 -40.42 9.52 8.44
C THR A 45 -40.83 10.88 7.97
N PRO A 46 -41.11 10.96 6.68
CA PRO A 46 -41.51 12.22 6.03
C PRO A 46 -42.87 12.68 6.48
N THR A 47 -43.10 13.97 6.33
CA THR A 47 -44.35 14.59 6.66
C THR A 47 -45.22 14.28 5.48
N PRO A 48 -46.51 14.50 5.57
CA PRO A 48 -47.38 14.17 4.42
C PRO A 48 -46.94 14.99 3.18
N LEU A 49 -46.48 16.22 3.39
CA LEU A 49 -45.97 16.96 2.24
C LEU A 49 -44.55 16.50 1.86
N GLY A 50 -44.07 15.48 2.57
CA GLY A 50 -42.78 14.88 2.28
C GLY A 50 -41.50 15.56 2.77
N THR A 51 -41.57 16.32 3.83
CA THR A 51 -40.37 16.97 4.24
C THR A 51 -39.61 16.07 5.18
N ASN A 52 -38.27 16.15 5.13
CA ASN A 52 -37.38 15.36 5.96
C ASN A 52 -36.28 16.21 6.53
N TRP A 53 -35.49 15.61 7.40
CA TRP A 53 -34.37 16.28 8.01
C TRP A 53 -33.37 15.28 8.58
N GLY A 54 -32.25 15.77 9.14
CA GLY A 54 -31.16 14.89 9.57
C GLY A 54 -31.09 14.54 11.05
N LEU A 55 -29.97 13.91 11.36
CA LEU A 55 -29.69 13.44 12.68
C LEU A 55 -29.95 14.57 13.63
N GLY A 56 -30.43 14.29 14.83
CA GLY A 56 -30.63 15.34 15.80
C GLY A 56 -31.99 15.42 16.47
N GLY A 57 -33.03 14.91 15.86
CA GLY A 57 -34.29 14.89 16.57
C GLY A 57 -35.10 16.17 16.41
N THR A 58 -36.23 16.23 17.10
CA THR A 58 -37.15 17.33 16.92
C THR A 58 -36.62 18.69 17.26
N CYS A 59 -36.06 18.81 18.44
CA CYS A 59 -35.53 20.06 18.90
C CYS A 59 -34.55 20.62 17.90
N VAL A 60 -33.64 19.78 17.42
CA VAL A 60 -32.63 20.25 16.51
C VAL A 60 -33.10 20.70 15.13
N ASN A 61 -33.99 19.94 14.52
CA ASN A 61 -34.35 20.17 13.15
C ASN A 61 -35.67 20.91 12.96
N VAL A 62 -36.60 20.72 13.89
CA VAL A 62 -37.92 21.28 13.72
C VAL A 62 -38.55 21.65 15.07
N GLY A 63 -37.73 21.94 16.04
CA GLY A 63 -38.26 22.40 17.32
C GLY A 63 -37.55 23.62 17.89
N CYS A 64 -37.01 23.49 19.10
CA CYS A 64 -36.38 24.64 19.74
C CYS A 64 -35.41 25.39 18.83
N ILE A 65 -34.39 24.72 18.32
CA ILE A 65 -33.41 25.45 17.54
C ILE A 65 -34.11 26.42 16.56
N PRO A 66 -34.75 25.93 15.53
CA PRO A 66 -35.42 26.80 14.58
C PRO A 66 -36.32 27.84 15.16
N LYS A 67 -37.18 27.33 16.00
CA LYS A 67 -38.12 28.20 16.63
C LYS A 67 -37.39 29.42 17.21
N LYS A 68 -36.51 29.23 18.15
CA LYS A 68 -35.82 30.35 18.75
C LYS A 68 -35.22 31.22 17.66
N LEU A 69 -34.48 30.59 16.76
CA LEU A 69 -33.82 31.40 15.75
C LEU A 69 -34.79 32.34 15.05
N MET A 70 -35.99 31.89 14.72
CA MET A 70 -36.87 32.80 14.03
C MET A 70 -37.42 33.77 15.02
N HIS A 71 -37.58 33.31 16.22
CA HIS A 71 -38.10 34.19 17.21
C HIS A 71 -37.10 35.33 17.21
N GLN A 72 -35.82 34.98 17.10
CA GLN A 72 -34.77 35.99 17.16
C GLN A 72 -34.84 36.88 15.96
N ALA A 73 -35.30 36.30 14.84
CA ALA A 73 -35.46 37.11 13.66
C ALA A 73 -36.49 38.18 14.00
N ALA A 74 -37.54 37.79 14.69
CA ALA A 74 -38.53 38.80 15.00
C ALA A 74 -38.00 39.83 15.97
N LEU A 75 -37.36 39.39 17.02
CA LEU A 75 -36.89 40.36 17.96
C LEU A 75 -35.93 41.34 17.27
N LEU A 76 -35.15 40.87 16.32
CA LEU A 76 -34.24 41.85 15.77
C LEU A 76 -35.01 42.91 15.02
N GLY A 77 -36.17 42.52 14.47
CA GLY A 77 -37.00 43.46 13.76
C GLY A 77 -37.30 44.57 14.74
N GLN A 78 -37.82 44.18 15.91
CA GLN A 78 -38.20 45.12 16.95
C GLN A 78 -36.96 45.91 17.30
N ALA A 79 -35.81 45.23 17.20
CA ALA A 79 -34.54 45.89 17.50
C ALA A 79 -34.24 46.98 16.47
N LEU A 80 -34.52 46.75 15.19
CA LEU A 80 -34.21 47.78 14.23
C LEU A 80 -35.02 49.00 14.55
N LYS A 81 -36.28 48.80 14.92
CA LYS A 81 -37.16 49.90 15.25
C LYS A 81 -36.60 50.64 16.43
N ASP A 82 -36.20 49.92 17.44
CA ASP A 82 -35.69 50.55 18.60
C ASP A 82 -34.48 51.41 18.27
N SER A 83 -33.62 51.02 17.36
CA SER A 83 -32.38 51.76 17.21
C SER A 83 -32.48 53.25 16.87
N ARG A 84 -33.64 53.68 16.39
CA ARG A 84 -33.78 55.04 15.95
C ARG A 84 -33.62 56.02 17.07
N ASN A 85 -34.27 55.77 18.21
CA ASN A 85 -34.16 56.75 19.27
C ASN A 85 -32.90 56.61 20.01
N TYR A 86 -32.13 55.56 19.73
CA TYR A 86 -30.82 55.48 20.35
C TYR A 86 -29.78 56.11 19.48
N GLY A 87 -30.17 56.60 18.31
CA GLY A 87 -29.24 57.36 17.50
C GLY A 87 -28.83 56.73 16.18
N TRP A 88 -29.34 55.55 15.90
CA TRP A 88 -28.99 54.95 14.63
C TRP A 88 -29.97 55.46 13.64
N LYS A 89 -29.52 55.87 12.49
CA LYS A 89 -30.40 56.40 11.47
C LYS A 89 -30.86 55.39 10.42
N LEU A 90 -32.02 54.78 10.63
CA LEU A 90 -32.48 53.77 9.72
C LEU A 90 -33.54 54.26 8.75
N GLU A 91 -34.05 53.37 7.92
CA GLU A 91 -35.11 53.77 7.01
C GLU A 91 -36.42 53.43 7.61
N ASP A 92 -37.39 54.31 7.51
CA ASP A 92 -38.67 54.03 8.13
C ASP A 92 -39.13 52.57 8.02
N THR A 93 -38.70 51.88 6.97
CA THR A 93 -39.18 50.51 6.82
C THR A 93 -38.15 49.57 6.24
N VAL A 94 -37.88 48.52 6.97
CA VAL A 94 -36.96 47.55 6.49
C VAL A 94 -37.72 46.26 6.24
N LYS A 95 -37.64 45.80 5.00
CA LYS A 95 -38.33 44.58 4.61
C LYS A 95 -37.61 43.27 5.03
N HIS A 96 -38.40 42.22 5.25
CA HIS A 96 -37.82 40.98 5.65
C HIS A 96 -37.85 39.90 4.58
N ASP A 97 -36.79 39.09 4.48
CA ASP A 97 -36.77 38.10 3.40
C ASP A 97 -36.82 36.65 3.90
N TRP A 98 -38.02 36.06 3.90
CA TRP A 98 -38.16 34.72 4.45
C TRP A 98 -37.14 33.77 3.93
N GLU A 99 -36.99 33.79 2.62
CA GLU A 99 -36.04 32.94 1.93
C GLU A 99 -34.67 33.03 2.63
N LYS A 100 -34.09 34.22 2.68
CA LYS A 100 -32.79 34.33 3.27
C LYS A 100 -32.76 33.83 4.68
N MET A 101 -33.80 34.13 5.45
CA MET A 101 -33.78 33.71 6.83
C MET A 101 -33.74 32.21 6.92
N THR A 102 -34.70 31.54 6.30
CA THR A 102 -34.71 30.10 6.44
C THR A 102 -33.45 29.46 5.90
N GLU A 103 -32.78 30.08 4.93
CA GLU A 103 -31.51 29.53 4.45
C GLU A 103 -30.56 29.50 5.61
N SER A 104 -30.41 30.64 6.24
CA SER A 104 -29.53 30.72 7.37
C SER A 104 -29.93 29.69 8.42
N VAL A 105 -31.23 29.59 8.71
CA VAL A 105 -31.59 28.69 9.77
C VAL A 105 -31.14 27.32 9.43
N GLN A 106 -31.52 26.88 8.24
CA GLN A 106 -31.23 25.53 7.79
C GLN A 106 -29.76 25.30 7.83
N ASN A 107 -29.04 26.25 7.27
CA ASN A 107 -27.62 26.12 7.26
C ASN A 107 -27.12 25.70 8.59
N HIS A 108 -27.55 26.39 9.63
CA HIS A 108 -27.13 26.06 10.98
C HIS A 108 -27.47 24.63 11.28
N ILE A 109 -28.70 24.27 10.99
CA ILE A 109 -29.16 22.97 11.39
C ILE A 109 -28.27 21.88 10.78
N GLY A 110 -27.93 22.07 9.52
CA GLY A 110 -27.06 21.11 8.90
C GLY A 110 -25.80 21.00 9.72
N SER A 111 -25.31 22.15 10.10
CA SER A 111 -24.12 22.16 10.88
C SER A 111 -24.36 21.27 12.10
N LEU A 112 -25.57 21.25 12.64
CA LEU A 112 -25.85 20.40 13.80
C LEU A 112 -25.95 18.98 13.36
N ASN A 113 -26.70 18.77 12.29
CA ASN A 113 -26.84 17.42 11.79
C ASN A 113 -25.49 16.78 11.76
N TRP A 114 -24.56 17.41 11.05
CA TRP A 114 -23.27 16.76 10.87
C TRP A 114 -22.49 16.63 12.14
N GLY A 115 -22.57 17.67 12.95
CA GLY A 115 -21.85 17.64 14.20
C GLY A 115 -22.18 16.38 14.95
N TYR A 116 -23.46 16.01 14.99
CA TYR A 116 -23.86 14.89 15.76
C TYR A 116 -23.28 13.68 15.16
N ARG A 117 -23.39 13.55 13.85
CA ARG A 117 -22.84 12.33 13.24
C ARG A 117 -21.40 12.22 13.60
N VAL A 118 -20.68 13.31 13.45
CA VAL A 118 -19.28 13.27 13.71
C VAL A 118 -19.04 12.89 15.15
N ALA A 119 -19.84 13.40 16.06
CA ALA A 119 -19.64 13.06 17.45
C ALA A 119 -19.78 11.57 17.67
N LEU A 120 -20.83 10.99 17.10
CA LEU A 120 -21.10 9.60 17.33
C LEU A 120 -19.92 8.79 16.82
N ARG A 121 -19.43 9.16 15.65
CA ARG A 121 -18.31 8.43 15.10
C ARG A 121 -17.06 8.51 16.02
N GLU A 122 -16.79 9.67 16.57
CA GLU A 122 -15.62 9.81 17.40
C GLU A 122 -15.77 9.11 18.75
N LYS A 123 -17.00 9.03 19.24
CA LYS A 123 -17.30 8.35 20.49
C LYS A 123 -17.34 6.85 20.28
N LYS A 124 -17.27 6.45 19.03
CA LYS A 124 -17.28 5.02 18.69
C LYS A 124 -18.68 4.44 18.84
N VAL A 125 -19.68 5.19 18.42
CA VAL A 125 -21.03 4.67 18.51
C VAL A 125 -21.48 4.36 17.12
N VAL A 126 -22.07 3.20 16.92
CA VAL A 126 -22.52 2.90 15.56
C VAL A 126 -23.76 3.66 15.26
N TYR A 127 -23.78 4.38 14.14
CA TYR A 127 -24.95 5.16 13.77
C TYR A 127 -25.54 4.61 12.51
N GLU A 128 -26.81 4.20 12.53
CA GLU A 128 -27.39 3.62 11.32
C GLU A 128 -28.69 4.35 11.06
N ASN A 129 -28.78 4.93 9.88
CA ASN A 129 -29.93 5.75 9.56
C ASN A 129 -31.00 4.78 9.07
N ALA A 130 -31.78 4.29 10.02
CA ALA A 130 -32.79 3.26 9.75
C ALA A 130 -33.89 3.25 10.77
N TYR A 131 -35.06 2.80 10.36
CA TYR A 131 -36.19 2.82 11.26
C TYR A 131 -36.20 1.59 12.11
N GLY A 132 -36.36 1.75 13.41
CA GLY A 132 -36.29 0.60 14.28
C GLY A 132 -37.62 -0.03 14.57
N LYS A 133 -37.66 -1.35 14.60
CA LYS A 133 -38.87 -2.07 14.94
C LYS A 133 -38.52 -3.36 15.64
N PHE A 134 -39.04 -3.53 16.85
CA PHE A 134 -38.75 -4.74 17.59
C PHE A 134 -39.39 -5.93 16.89
N ILE A 135 -38.72 -7.07 16.89
CA ILE A 135 -39.33 -8.25 16.30
C ILE A 135 -39.52 -9.35 17.29
N GLY A 136 -38.77 -9.27 18.38
CA GLY A 136 -38.82 -10.27 19.42
C GLY A 136 -37.80 -9.95 20.49
N PRO A 137 -37.85 -10.67 21.59
CA PRO A 137 -36.98 -10.41 22.73
C PRO A 137 -35.59 -10.06 22.28
N HIS A 138 -35.09 -8.94 22.77
CA HIS A 138 -33.73 -8.54 22.50
C HIS A 138 -33.39 -8.42 21.01
N LYS A 139 -34.38 -8.55 20.16
CA LYS A 139 -34.09 -8.42 18.74
C LYS A 139 -34.84 -7.29 18.07
N ILE A 140 -34.14 -6.54 17.25
CA ILE A 140 -34.76 -5.44 16.54
C ILE A 140 -34.40 -5.43 15.05
N MET A 141 -35.38 -5.00 14.24
CA MET A 141 -35.20 -4.94 12.78
C MET A 141 -35.05 -3.50 12.35
N ALA A 142 -33.96 -3.20 11.68
CA ALA A 142 -33.71 -1.85 11.24
C ALA A 142 -34.03 -1.75 9.79
N THR A 143 -35.06 -1.00 9.46
CA THR A 143 -35.36 -0.86 8.06
C THR A 143 -34.68 0.35 7.50
N ASN A 144 -33.76 0.09 6.60
CA ASN A 144 -32.98 1.14 6.00
C ASN A 144 -33.84 2.04 5.18
N ASN A 145 -33.22 2.98 4.50
CA ASN A 145 -34.00 3.92 3.71
C ASN A 145 -34.58 3.37 2.42
N LYS A 146 -33.83 2.48 1.77
CA LYS A 146 -34.35 1.86 0.54
C LYS A 146 -35.16 0.59 0.81
N GLY A 147 -35.45 0.30 2.08
CA GLY A 147 -36.23 -0.88 2.39
C GLY A 147 -35.44 -2.12 2.74
N LYS A 148 -34.12 -2.03 2.74
CA LYS A 148 -33.31 -3.19 3.11
C LYS A 148 -33.39 -3.36 4.61
N GLU A 149 -33.58 -4.61 4.99
CA GLU A 149 -33.77 -4.94 6.39
C GLU A 149 -32.49 -5.48 6.99
N LYS A 150 -32.33 -5.27 8.28
CA LYS A 150 -31.21 -5.88 8.98
C LYS A 150 -31.66 -6.06 10.41
N VAL A 151 -31.21 -7.13 11.04
CA VAL A 151 -31.65 -7.41 12.40
C VAL A 151 -30.50 -7.25 13.36
N TYR A 152 -30.79 -6.78 14.57
CA TYR A 152 -29.75 -6.63 15.57
C TYR A 152 -30.19 -7.16 16.91
N SER A 153 -29.22 -7.56 17.72
CA SER A 153 -29.52 -8.05 19.05
C SER A 153 -28.83 -7.18 20.07
N ALA A 154 -29.46 -7.01 21.23
CA ALA A 154 -28.89 -6.15 22.24
C ALA A 154 -29.30 -6.59 23.62
N GLU A 155 -28.42 -6.39 24.60
CA GLU A 155 -28.77 -6.75 25.95
C GLU A 155 -29.80 -5.80 26.50
N ARG A 156 -29.70 -4.54 26.12
CA ARG A 156 -30.68 -3.54 26.55
C ARG A 156 -31.10 -2.62 25.44
N PHE A 157 -32.28 -2.04 25.59
CA PHE A 157 -32.81 -1.10 24.62
C PHE A 157 -33.31 0.15 25.32
N LEU A 158 -33.30 1.24 24.59
CA LEU A 158 -33.80 2.48 25.08
C LEU A 158 -34.67 3.01 23.97
N ILE A 159 -35.98 3.14 24.23
CA ILE A 159 -36.92 3.68 23.23
C ILE A 159 -36.95 5.19 23.34
N ALA A 160 -36.40 5.88 22.36
CA ALA A 160 -36.36 7.33 22.42
C ALA A 160 -36.85 7.87 21.10
N THR A 161 -38.07 7.53 20.74
CA THR A 161 -38.56 7.94 19.45
C THR A 161 -39.26 9.28 19.46
N GLY A 162 -39.54 9.81 20.63
CA GLY A 162 -40.25 11.07 20.65
C GLY A 162 -41.57 11.01 19.90
N GLU A 163 -42.20 12.17 19.64
CA GLU A 163 -43.51 12.23 18.99
C GLU A 163 -43.50 13.05 17.71
N ARG A 164 -44.66 13.18 17.09
CA ARG A 164 -44.79 13.93 15.84
C ARG A 164 -46.09 14.75 15.81
N PRO A 165 -46.17 15.76 14.95
CA PRO A 165 -47.34 16.62 14.92
C PRO A 165 -48.63 15.85 14.64
N ARG A 166 -49.73 16.35 15.17
CA ARG A 166 -51.00 15.71 15.00
C ARG A 166 -51.90 16.54 14.06
N TYR A 167 -52.71 15.87 13.23
CA TYR A 167 -53.55 16.62 12.32
C TYR A 167 -54.96 16.50 12.85
N LEU A 168 -55.85 17.36 12.38
CA LEU A 168 -57.25 17.35 12.80
C LEU A 168 -57.94 16.32 11.92
N GLY A 169 -58.96 15.63 12.40
CA GLY A 169 -59.54 14.64 11.52
C GLY A 169 -60.10 15.24 10.23
N ILE A 170 -60.30 16.54 10.21
CA ILE A 170 -60.96 17.15 9.07
C ILE A 170 -60.27 17.07 7.71
N PRO A 171 -61.07 17.15 6.66
CA PRO A 171 -60.63 17.05 5.27
C PRO A 171 -59.79 18.18 4.78
N GLY A 172 -58.77 17.82 4.03
CA GLY A 172 -57.85 18.77 3.42
C GLY A 172 -56.64 19.08 4.32
N ASP A 173 -56.78 18.71 5.58
CA ASP A 173 -55.79 19.00 6.58
C ASP A 173 -54.43 18.50 6.20
N LYS A 174 -54.28 17.21 5.99
CA LYS A 174 -52.98 16.67 5.59
C LYS A 174 -52.55 17.13 4.20
N GLU A 175 -53.50 17.30 3.28
CA GLU A 175 -53.10 17.71 1.93
C GLU A 175 -52.78 19.20 1.73
N TYR A 176 -53.40 20.10 2.48
CA TYR A 176 -53.09 21.50 2.25
C TYR A 176 -52.45 22.24 3.40
N CYS A 177 -52.43 21.68 4.61
CA CYS A 177 -51.87 22.36 5.74
C CYS A 177 -50.45 21.96 6.01
N ILE A 178 -49.78 22.68 6.91
CA ILE A 178 -48.44 22.30 7.28
C ILE A 178 -48.45 22.29 8.79
N SER A 179 -47.38 21.76 9.39
CA SER A 179 -47.23 21.72 10.84
C SER A 179 -45.86 22.25 11.16
N SER A 180 -45.47 22.28 12.42
CA SER A 180 -44.16 22.81 12.71
C SER A 180 -43.15 22.03 11.90
N ASP A 181 -43.38 20.72 11.72
CA ASP A 181 -42.46 19.86 10.95
C ASP A 181 -42.07 20.55 9.65
N ASP A 182 -43.04 21.17 8.99
CA ASP A 182 -42.85 21.78 7.70
C ASP A 182 -42.42 23.20 7.74
N LEU A 183 -42.97 23.93 8.69
CA LEU A 183 -42.73 25.35 8.78
C LEU A 183 -41.27 25.74 8.63
N PHE A 184 -40.39 25.15 9.43
CA PHE A 184 -39.04 25.63 9.42
C PHE A 184 -38.20 25.29 8.19
N SER A 185 -38.81 24.71 7.18
CA SER A 185 -38.08 24.52 5.93
C SER A 185 -38.85 25.14 4.80
N LEU A 186 -39.99 25.78 5.08
CA LEU A 186 -40.81 26.30 3.98
C LEU A 186 -39.94 26.95 2.89
N PRO A 187 -40.09 26.45 1.69
CA PRO A 187 -39.39 27.01 0.55
C PRO A 187 -39.94 28.37 0.11
N TYR A 188 -40.98 28.87 0.77
CA TYR A 188 -41.57 30.14 0.35
C TYR A 188 -42.16 30.89 1.55
N CYS A 189 -42.29 32.21 1.47
CA CYS A 189 -42.87 32.95 2.58
C CYS A 189 -44.28 32.51 2.76
N PRO A 190 -44.62 32.20 3.98
CA PRO A 190 -45.93 31.63 4.29
C PRO A 190 -47.11 32.52 3.90
N GLY A 191 -46.92 33.83 3.84
CA GLY A 191 -47.99 34.74 3.51
C GLY A 191 -48.97 34.93 4.65
N LYS A 192 -50.18 35.38 4.34
CA LYS A 192 -51.19 35.56 5.37
C LYS A 192 -51.44 34.18 5.88
N THR A 193 -51.28 33.96 7.18
CA THR A 193 -51.49 32.63 7.66
C THR A 193 -52.38 32.58 8.89
N LEU A 194 -53.02 31.44 9.04
CA LEU A 194 -53.90 31.20 10.16
C LEU A 194 -53.25 30.11 10.91
N VAL A 195 -53.21 30.22 12.24
CA VAL A 195 -52.58 29.18 13.06
C VAL A 195 -53.63 28.62 13.94
N VAL A 196 -53.82 27.31 13.86
CA VAL A 196 -54.88 26.58 14.56
C VAL A 196 -54.27 25.94 15.81
N GLY A 197 -54.75 26.32 16.98
CA GLY A 197 -54.17 25.78 18.20
C GLY A 197 -53.72 26.86 19.15
N ALA A 198 -53.60 26.58 20.44
CA ALA A 198 -53.20 27.66 21.32
C ALA A 198 -52.18 27.37 22.42
N SER A 199 -51.37 26.33 22.29
CA SER A 199 -50.38 26.10 23.33
C SER A 199 -49.05 26.70 22.88
N TYR A 200 -47.96 26.28 23.49
CA TYR A 200 -46.70 26.94 23.18
C TYR A 200 -46.41 26.99 21.67
N VAL A 201 -46.35 25.85 21.01
CA VAL A 201 -46.04 25.86 19.58
C VAL A 201 -46.87 26.88 18.79
N ALA A 202 -48.18 26.78 18.92
CA ALA A 202 -49.05 27.68 18.15
C ALA A 202 -48.72 29.16 18.40
N LEU A 203 -48.84 29.58 19.65
CA LEU A 203 -48.58 30.96 19.97
C LEU A 203 -47.17 31.38 19.56
N GLU A 204 -46.16 30.56 19.82
CA GLU A 204 -44.77 30.93 19.46
C GLU A 204 -44.65 31.24 17.98
N CYS A 205 -45.07 30.29 17.17
CA CYS A 205 -44.94 30.43 15.74
C CYS A 205 -45.82 31.59 15.30
N ALA A 206 -47.03 31.69 15.86
CA ALA A 206 -47.97 32.76 15.48
C ALA A 206 -47.24 34.03 15.70
N GLY A 207 -46.55 34.05 16.85
CA GLY A 207 -45.83 35.21 17.28
C GLY A 207 -44.74 35.63 16.33
N PHE A 208 -43.78 34.76 16.03
CA PHE A 208 -42.71 35.22 15.18
C PHE A 208 -43.11 35.44 13.75
N LEU A 209 -44.04 34.66 13.24
CA LEU A 209 -44.59 34.95 11.92
C LEU A 209 -44.98 36.43 11.85
N ALA A 210 -45.72 36.87 12.87
CA ALA A 210 -46.22 38.23 12.88
C ALA A 210 -45.08 39.20 13.00
N GLY A 211 -44.13 38.90 13.86
CA GLY A 211 -43.06 39.81 14.09
C GLY A 211 -42.17 39.97 12.91
N ILE A 212 -42.29 39.07 11.96
CA ILE A 212 -41.47 39.10 10.80
C ILE A 212 -42.24 39.89 9.77
N GLY A 213 -43.47 40.27 10.11
CA GLY A 213 -44.23 41.08 9.20
C GLY A 213 -45.43 40.50 8.52
N LEU A 214 -45.87 39.30 8.89
CA LEU A 214 -47.00 38.72 8.18
C LEU A 214 -48.33 39.01 8.86
N ASP A 215 -49.41 38.76 8.13
CA ASP A 215 -50.76 38.88 8.65
C ASP A 215 -51.04 37.56 9.33
N VAL A 216 -51.12 37.55 10.65
CA VAL A 216 -51.40 36.27 11.30
C VAL A 216 -52.68 36.22 12.09
N THR A 217 -53.34 35.08 12.10
CA THR A 217 -54.54 34.94 12.94
C THR A 217 -54.40 33.65 13.69
N VAL A 218 -54.84 33.63 14.93
CA VAL A 218 -54.76 32.41 15.69
C VAL A 218 -56.15 31.98 16.08
N MET A 219 -56.54 30.74 15.76
CA MET A 219 -57.89 30.22 16.07
C MET A 219 -57.80 29.31 17.28
N VAL A 220 -58.46 29.69 18.37
CA VAL A 220 -58.36 28.91 19.59
C VAL A 220 -59.61 28.12 19.82
N ARG A 221 -59.44 26.88 20.27
CA ARG A 221 -60.57 26.06 20.53
C ARG A 221 -61.11 26.51 21.85
N SER A 222 -60.30 26.60 22.89
CA SER A 222 -60.84 27.00 24.18
C SER A 222 -60.04 28.06 24.90
N ILE A 223 -59.18 27.67 25.84
CA ILE A 223 -58.40 28.62 26.59
C ILE A 223 -57.04 28.64 25.95
N LEU A 224 -56.15 29.54 26.36
CA LEU A 224 -54.81 29.50 25.79
C LEU A 224 -53.84 28.87 26.76
N LEU A 225 -52.79 28.33 26.19
CA LEU A 225 -51.76 27.73 26.99
C LEU A 225 -52.34 26.87 28.09
N ARG A 226 -53.28 26.02 27.74
CA ARG A 226 -53.84 25.17 28.76
C ARG A 226 -52.72 24.45 29.47
N GLY A 227 -52.76 24.43 30.80
CA GLY A 227 -51.69 23.81 31.55
C GLY A 227 -50.84 24.79 32.29
N PHE A 228 -50.79 26.01 31.77
CA PHE A 228 -50.03 27.07 32.38
C PHE A 228 -50.88 28.04 33.16
N ASP A 229 -50.28 28.66 34.15
CA ASP A 229 -50.97 29.65 34.96
C ASP A 229 -51.80 30.57 34.07
N GLN A 230 -53.09 30.33 34.05
CA GLN A 230 -54.00 31.09 33.20
C GLN A 230 -53.88 32.62 33.14
N ASP A 231 -53.62 33.27 34.26
CA ASP A 231 -53.51 34.73 34.20
C ASP A 231 -52.32 35.08 33.32
N MET A 232 -51.18 34.45 33.56
CA MET A 232 -50.02 34.73 32.74
C MET A 232 -50.44 34.49 31.28
N ALA A 233 -51.19 33.43 31.06
CA ALA A 233 -51.52 33.09 29.70
C ALA A 233 -52.33 34.20 29.04
N ASN A 234 -53.32 34.70 29.75
CA ASN A 234 -54.14 35.75 29.20
C ASN A 234 -53.32 36.99 28.93
N LYS A 235 -52.34 37.27 29.79
CA LYS A 235 -51.54 38.45 29.55
C LYS A 235 -50.85 38.25 28.21
N ILE A 236 -50.22 37.08 28.05
CA ILE A 236 -49.50 36.78 26.83
C ILE A 236 -50.45 37.05 25.68
N GLY A 237 -51.62 36.50 25.78
CA GLY A 237 -52.58 36.73 24.73
C GLY A 237 -52.83 38.21 24.46
N GLU A 238 -53.26 38.95 25.46
CA GLU A 238 -53.56 40.35 25.25
C GLU A 238 -52.43 41.03 24.60
N HIS A 239 -51.22 40.62 24.94
CA HIS A 239 -50.05 41.23 24.35
C HIS A 239 -50.00 40.96 22.85
N MET A 240 -50.12 39.69 22.49
CA MET A 240 -50.10 39.31 21.09
C MET A 240 -51.20 40.08 20.33
N GLU A 241 -52.34 40.25 20.95
CA GLU A 241 -53.40 40.95 20.26
C GLU A 241 -53.02 42.39 20.05
N GLU A 242 -52.41 43.00 21.04
CA GLU A 242 -52.05 44.40 20.87
C GLU A 242 -50.98 44.56 19.80
N HIS A 243 -50.22 43.52 19.50
CA HIS A 243 -49.18 43.70 18.51
C HIS A 243 -49.52 42.99 17.21
N GLY A 244 -50.75 43.25 16.78
CA GLY A 244 -51.23 42.79 15.50
C GLY A 244 -51.37 41.32 15.20
N ILE A 245 -51.69 40.51 16.19
CA ILE A 245 -52.01 39.15 15.82
C ILE A 245 -53.49 39.06 16.04
N LYS A 246 -54.26 38.69 15.02
CA LYS A 246 -55.69 38.61 15.25
C LYS A 246 -56.02 37.22 15.78
N PHE A 247 -57.05 37.19 16.64
CA PHE A 247 -57.50 35.93 17.24
C PHE A 247 -58.95 35.72 17.01
N ILE A 248 -59.33 34.46 16.78
CA ILE A 248 -60.71 34.00 16.64
C ILE A 248 -60.90 33.08 17.81
N ARG A 249 -61.84 33.38 18.68
CA ARG A 249 -62.00 32.58 19.88
C ARG A 249 -63.10 31.59 19.77
N GLN A 250 -62.85 30.37 20.24
CA GLN A 250 -63.87 29.33 20.32
C GLN A 250 -64.35 28.89 18.97
N PHE A 251 -63.45 28.37 18.16
CA PHE A 251 -63.77 27.86 16.85
C PHE A 251 -62.79 26.75 16.47
N VAL A 252 -63.22 25.86 15.59
CA VAL A 252 -62.39 24.76 15.15
C VAL A 252 -62.62 24.48 13.69
N PRO A 253 -61.56 24.33 12.90
CA PRO A 253 -61.71 24.17 11.45
C PRO A 253 -62.52 22.92 11.16
N THR A 254 -63.35 22.91 10.14
CA THR A 254 -64.05 21.68 9.83
C THR A 254 -63.62 21.18 8.51
N LYS A 255 -63.19 22.08 7.65
CA LYS A 255 -62.75 21.65 6.35
C LYS A 255 -61.80 22.71 5.78
N ILE A 256 -60.81 22.26 5.05
CA ILE A 256 -59.91 23.17 4.39
C ILE A 256 -59.85 22.80 2.94
N GLU A 257 -60.28 23.70 2.08
CA GLU A 257 -60.30 23.45 0.65
C GLU A 257 -59.37 24.43 -0.01
N GLN A 258 -58.77 24.01 -1.11
CA GLN A 258 -57.78 24.80 -1.80
C GLN A 258 -58.37 25.61 -2.92
N ILE A 259 -58.31 26.92 -2.78
CA ILE A 259 -58.88 27.77 -3.78
C ILE A 259 -57.98 27.87 -4.99
N GLU A 260 -56.68 27.79 -4.73
CA GLU A 260 -55.71 27.93 -5.80
C GLU A 260 -54.39 27.34 -5.32
N ALA A 261 -53.72 26.60 -6.19
CA ALA A 261 -52.45 25.98 -5.81
C ALA A 261 -51.45 27.04 -6.04
N GLY A 262 -50.25 26.83 -5.57
CA GLY A 262 -49.22 27.83 -5.75
C GLY A 262 -48.29 27.73 -4.57
N THR A 263 -47.12 28.38 -4.64
CA THR A 263 -46.22 28.24 -3.50
C THR A 263 -47.13 28.92 -2.50
N PRO A 264 -46.99 30.16 -2.10
CA PRO A 264 -48.07 30.62 -1.22
C PRO A 264 -49.30 30.46 -2.13
N GLY A 265 -50.05 29.38 -1.94
CA GLY A 265 -51.29 29.20 -2.67
C GLY A 265 -52.41 29.90 -1.90
N ARG A 266 -53.64 29.50 -2.16
CA ARG A 266 -54.77 30.09 -1.44
C ARG A 266 -55.68 29.03 -0.89
N LEU A 267 -55.82 28.96 0.44
CA LEU A 267 -56.76 27.99 1.01
C LEU A 267 -57.98 28.69 1.59
N LYS A 268 -59.12 28.02 1.55
CA LYS A 268 -60.34 28.52 2.15
C LYS A 268 -60.68 27.64 3.32
N VAL A 269 -60.63 28.23 4.50
CA VAL A 269 -60.81 27.56 5.78
C VAL A 269 -62.19 27.86 6.34
N THR A 270 -62.90 26.86 6.84
CA THR A 270 -64.20 27.13 7.40
C THR A 270 -64.31 26.46 8.75
N ALA A 271 -64.96 27.10 9.71
CA ALA A 271 -64.98 26.55 11.06
C ALA A 271 -66.29 26.77 11.75
N LYS A 272 -66.54 25.95 12.77
CA LYS A 272 -67.74 25.94 13.60
C LYS A 272 -67.32 26.10 15.06
N SER A 273 -68.15 26.66 15.93
CA SER A 273 -67.77 26.80 17.35
C SER A 273 -68.52 25.89 18.28
N THR A 274 -68.68 26.37 19.51
CA THR A 274 -69.52 25.76 20.56
C THR A 274 -70.89 26.34 20.42
N ASN A 275 -71.08 27.06 19.33
CA ASN A 275 -72.30 27.79 19.19
C ASN A 275 -73.02 27.49 17.87
N SER A 276 -72.69 26.39 17.20
CA SER A 276 -73.40 26.00 15.94
C SER A 276 -73.29 26.96 14.73
N GLU A 277 -72.65 28.09 14.96
CA GLU A 277 -72.42 29.09 13.93
C GLU A 277 -71.19 28.71 13.08
N GLU A 278 -71.18 29.06 11.81
CA GLU A 278 -70.05 28.69 10.96
C GLU A 278 -69.41 29.94 10.30
N THR A 279 -68.08 29.98 10.14
CA THR A 279 -67.48 31.09 9.37
C THR A 279 -66.52 30.60 8.30
N ILE A 280 -66.69 31.10 7.09
CA ILE A 280 -65.78 30.74 6.02
C ILE A 280 -64.66 31.76 6.07
N GLU A 281 -63.78 31.48 6.98
CA GLU A 281 -62.67 32.36 7.15
C GLU A 281 -62.04 32.67 5.81
N ASP A 282 -62.09 33.95 5.55
CA ASP A 282 -61.47 34.49 4.41
C ASP A 282 -60.26 33.60 4.23
N GLU A 283 -60.02 33.13 3.03
CA GLU A 283 -58.85 32.33 2.74
C GLU A 283 -57.56 32.86 3.33
N PHE A 284 -56.60 31.97 3.44
CA PHE A 284 -55.28 32.38 3.84
C PHE A 284 -54.30 31.71 2.85
N ASN A 285 -53.04 32.13 2.90
CA ASN A 285 -52.05 31.48 2.08
C ASN A 285 -51.51 30.21 2.71
N THR A 286 -51.35 30.19 4.03
CA THR A 286 -50.81 29.03 4.72
C THR A 286 -51.54 28.72 6.01
N VAL A 287 -51.96 27.50 6.25
CA VAL A 287 -52.65 27.20 7.48
C VAL A 287 -51.73 26.41 8.37
N LEU A 288 -51.23 27.01 9.44
CA LEU A 288 -50.28 26.32 10.33
C LEU A 288 -51.06 25.53 11.28
N LEU A 289 -51.03 24.23 11.05
CA LEU A 289 -51.88 23.33 11.79
C LEU A 289 -51.20 22.71 12.97
N ALA A 290 -50.19 23.24 13.59
CA ALA A 290 -49.78 22.37 14.70
C ALA A 290 -50.78 22.46 15.90
N VAL A 291 -51.15 21.38 16.54
CA VAL A 291 -52.25 21.39 17.50
C VAL A 291 -52.14 20.18 18.48
N GLY A 292 -50.93 19.74 18.82
CA GLY A 292 -50.71 18.57 19.65
C GLY A 292 -49.62 17.69 19.05
N ARG A 293 -49.23 16.64 19.77
CA ARG A 293 -48.22 15.76 19.21
C ARG A 293 -48.52 14.36 19.72
N ASP A 294 -48.29 13.33 18.90
CA ASP A 294 -48.51 11.96 19.37
C ASP A 294 -47.24 11.14 19.42
N SER A 295 -47.09 10.39 20.51
CA SER A 295 -45.91 9.58 20.71
C SER A 295 -45.73 8.53 19.65
N CYS A 296 -44.54 8.44 19.08
CA CYS A 296 -44.31 7.37 18.09
C CYS A 296 -44.03 6.04 18.76
N THR A 297 -45.07 5.39 19.23
CA THR A 297 -44.86 4.17 19.92
C THR A 297 -45.76 3.13 19.31
N ARG A 298 -46.55 3.54 18.33
CA ARG A 298 -47.48 2.61 17.72
C ARG A 298 -46.84 1.66 16.73
N THR A 299 -45.98 2.12 15.83
CA THR A 299 -45.43 1.21 14.82
C THR A 299 -44.03 0.77 15.04
N ILE A 300 -43.62 0.51 16.27
CA ILE A 300 -42.24 0.05 16.47
C ILE A 300 -42.13 -1.35 16.99
N GLY A 301 -43.09 -2.18 16.76
CA GLY A 301 -42.96 -3.55 17.22
C GLY A 301 -42.99 -3.70 18.73
N LEU A 302 -43.82 -2.92 19.41
CA LEU A 302 -43.84 -3.10 20.85
C LEU A 302 -44.48 -4.42 21.29
N GLU A 303 -45.54 -4.86 20.64
CA GLU A 303 -46.16 -6.12 21.09
C GLU A 303 -45.22 -7.29 21.10
N THR A 304 -44.25 -7.32 20.18
CA THR A 304 -43.32 -8.47 20.07
C THR A 304 -42.33 -8.60 21.23
N VAL A 305 -42.34 -7.67 22.16
CA VAL A 305 -41.39 -7.78 23.26
C VAL A 305 -42.08 -7.64 24.58
N GLY A 306 -43.34 -7.22 24.53
CA GLY A 306 -44.18 -7.18 25.71
C GLY A 306 -44.19 -5.87 26.47
N VAL A 307 -43.78 -4.79 25.83
CA VAL A 307 -43.81 -3.50 26.50
C VAL A 307 -45.23 -2.96 26.57
N LYS A 308 -45.69 -2.61 27.77
CA LYS A 308 -47.03 -2.04 27.91
C LYS A 308 -46.98 -0.55 27.71
N ILE A 309 -48.05 0.01 27.16
CA ILE A 309 -48.12 1.44 26.86
C ILE A 309 -49.53 1.93 26.94
N ASN A 310 -49.75 3.13 27.45
CA ASN A 310 -51.12 3.63 27.50
C ASN A 310 -51.66 3.65 26.11
N GLU A 311 -52.65 2.82 25.84
CA GLU A 311 -53.21 2.73 24.51
C GLU A 311 -53.87 4.02 24.01
N LYS A 312 -54.33 4.84 24.94
CA LYS A 312 -55.03 6.06 24.56
C LYS A 312 -54.06 7.10 24.03
N THR A 313 -53.15 7.55 24.91
CA THR A 313 -52.12 8.53 24.57
C THR A 313 -50.95 7.65 24.38
N GLY A 314 -50.36 7.38 23.24
CA GLY A 314 -49.28 6.38 23.23
C GLY A 314 -48.10 6.44 24.20
N LYS A 315 -48.12 7.32 25.20
CA LYS A 315 -47.03 7.44 26.17
C LYS A 315 -46.69 6.08 26.83
N ILE A 316 -45.44 5.93 27.27
CA ILE A 316 -44.96 4.73 27.91
C ILE A 316 -44.84 4.93 29.41
N PRO A 317 -45.55 4.16 30.19
CA PRO A 317 -45.48 4.28 31.65
C PRO A 317 -44.13 3.76 32.05
N VAL A 318 -43.52 4.28 33.11
CA VAL A 318 -42.14 3.92 33.42
C VAL A 318 -41.86 4.03 34.92
N THR A 319 -40.82 3.37 35.41
CA THR A 319 -40.48 3.51 36.84
C THR A 319 -39.85 4.84 37.03
N ASP A 320 -39.36 5.08 38.24
CA ASP A 320 -38.67 6.32 38.54
C ASP A 320 -37.25 6.18 38.07
N GLU A 321 -36.99 5.13 37.29
CA GLU A 321 -35.65 4.91 36.75
C GLU A 321 -35.70 4.79 35.24
N GLU A 322 -36.86 5.06 34.68
CA GLU A 322 -37.05 5.00 33.22
C GLU A 322 -37.10 3.55 32.69
N GLN A 323 -37.26 2.59 33.59
CA GLN A 323 -37.42 1.21 33.16
C GLN A 323 -38.89 0.96 32.80
N THR A 324 -39.14 0.24 31.72
CA THR A 324 -40.50 -0.14 31.37
C THR A 324 -40.85 -1.36 32.15
N ASN A 325 -41.99 -1.94 31.81
CA ASN A 325 -42.41 -3.14 32.49
C ASN A 325 -41.47 -4.30 32.09
N VAL A 326 -40.84 -4.18 30.93
CA VAL A 326 -39.87 -5.18 30.47
C VAL A 326 -38.48 -4.69 30.87
N PRO A 327 -37.93 -5.37 31.87
CA PRO A 327 -36.70 -5.01 32.54
C PRO A 327 -35.50 -4.64 31.72
N TYR A 328 -35.38 -5.07 30.47
CA TYR A 328 -34.19 -4.70 29.74
C TYR A 328 -34.50 -3.54 28.76
N ILE A 329 -35.71 -3.01 28.87
CA ILE A 329 -36.13 -1.96 27.95
C ILE A 329 -36.49 -0.67 28.68
N TYR A 330 -35.91 0.44 28.26
CA TYR A 330 -36.11 1.69 28.95
C TYR A 330 -36.60 2.69 27.92
N ALA A 331 -37.21 3.79 28.40
CA ALA A 331 -37.76 4.81 27.52
C ALA A 331 -37.30 6.13 28.05
N ILE A 332 -37.38 7.16 27.23
CA ILE A 332 -36.79 8.43 27.58
C ILE A 332 -37.43 9.56 26.83
N GLY A 333 -37.61 10.71 27.45
CA GLY A 333 -38.10 11.81 26.66
C GLY A 333 -39.59 12.02 26.61
N ASP A 334 -40.06 12.63 25.54
CA ASP A 334 -41.45 12.98 25.42
C ASP A 334 -42.36 11.80 25.59
N ILE A 335 -41.90 10.67 25.07
CA ILE A 335 -42.68 9.44 25.12
C ILE A 335 -43.11 9.07 26.51
N LEU A 336 -42.32 9.43 27.51
CA LEU A 336 -42.66 9.07 28.88
C LEU A 336 -44.01 9.56 29.30
N GLU A 337 -44.76 8.68 29.95
CA GLU A 337 -46.07 9.02 30.43
C GLU A 337 -45.95 9.83 31.68
N GLY A 338 -46.69 10.91 31.79
CA GLY A 338 -46.67 11.69 32.99
C GLY A 338 -45.44 12.54 33.18
N LYS A 339 -44.54 12.62 32.19
CA LYS A 339 -43.36 13.46 32.44
C LYS A 339 -43.50 14.76 31.67
N LEU A 340 -42.39 15.43 31.35
CA LEU A 340 -42.46 16.71 30.68
C LEU A 340 -41.90 16.51 29.30
N GLU A 341 -42.46 17.16 28.30
CA GLU A 341 -41.90 17.00 26.96
C GLU A 341 -40.93 18.12 26.76
N LEU A 342 -39.73 18.01 27.33
CA LEU A 342 -38.70 19.06 27.24
C LEU A 342 -37.28 18.54 26.97
N THR A 343 -36.62 19.13 25.99
CA THR A 343 -35.31 18.67 25.59
C THR A 343 -34.38 18.46 26.76
N PRO A 344 -34.04 19.51 27.49
CA PRO A 344 -33.12 19.39 28.61
C PRO A 344 -33.51 18.24 29.50
N VAL A 345 -34.82 18.05 29.71
CA VAL A 345 -35.28 16.97 30.56
C VAL A 345 -34.88 15.67 29.91
N ALA A 346 -35.26 15.48 28.66
CA ALA A 346 -34.86 14.28 27.94
C ALA A 346 -33.35 14.05 28.03
N ILE A 347 -32.55 15.09 27.79
CA ILE A 347 -31.13 14.84 27.86
C ILE A 347 -30.71 14.47 29.29
N GLN A 348 -31.27 15.13 30.31
CA GLN A 348 -30.87 14.76 31.70
C GLN A 348 -31.18 13.28 31.92
N ALA A 349 -32.41 12.88 31.61
CA ALA A 349 -32.84 11.51 31.80
C ALA A 349 -31.85 10.60 31.12
N GLY A 350 -31.72 10.81 29.81
CA GLY A 350 -30.82 10.01 29.01
C GLY A 350 -29.47 9.90 29.68
N ARG A 351 -28.86 11.04 29.95
CA ARG A 351 -27.54 11.07 30.55
C ARG A 351 -27.51 10.27 31.85
N LEU A 352 -28.39 10.63 32.76
CA LEU A 352 -28.42 9.99 34.05
C LEU A 352 -28.63 8.48 33.90
N LEU A 353 -29.48 8.11 32.96
CA LEU A 353 -29.76 6.70 32.78
C LEU A 353 -28.46 5.97 32.56
N ALA A 354 -27.74 6.37 31.52
CA ALA A 354 -26.52 5.70 31.20
C ALA A 354 -25.67 5.66 32.45
N GLN A 355 -25.58 6.80 33.15
CA GLN A 355 -24.82 6.86 34.39
C GLN A 355 -25.22 5.74 35.36
N ARG A 356 -26.51 5.52 35.52
CA ARG A 356 -26.94 4.45 36.42
C ARG A 356 -26.52 3.08 35.89
N LEU A 357 -26.88 2.79 34.65
CA LEU A 357 -26.57 1.50 34.05
C LEU A 357 -25.08 1.13 34.09
N TYR A 358 -24.25 1.83 33.35
CA TYR A 358 -22.84 1.45 33.30
C TYR A 358 -21.91 2.26 34.18
N GLY A 359 -22.41 3.27 34.87
CA GLY A 359 -21.53 4.06 35.72
C GLY A 359 -21.67 3.80 37.21
N GLY A 360 -22.56 2.89 37.58
CA GLY A 360 -22.81 2.60 38.98
C GLY A 360 -23.19 3.83 39.79
N SER A 361 -24.24 4.53 39.37
CA SER A 361 -24.73 5.67 40.13
C SER A 361 -26.16 5.40 40.55
N THR A 362 -26.61 6.06 41.60
CA THR A 362 -28.00 5.89 42.00
C THR A 362 -28.80 7.18 41.86
N VAL A 363 -28.28 8.14 41.09
CA VAL A 363 -29.04 9.37 40.88
C VAL A 363 -30.09 9.20 39.81
N LYS A 364 -31.28 9.68 40.10
CA LYS A 364 -32.37 9.55 39.16
C LYS A 364 -32.80 10.94 38.74
N CYS A 365 -33.47 11.05 37.61
CA CYS A 365 -33.74 12.39 37.09
C CYS A 365 -34.93 12.99 37.82
N ASP A 366 -34.78 14.20 38.32
CA ASP A 366 -35.81 14.82 39.16
C ASP A 366 -36.76 15.60 38.32
N TYR A 367 -37.96 15.10 38.09
CA TYR A 367 -38.89 15.83 37.23
C TYR A 367 -39.70 16.90 37.97
N ASP A 368 -39.26 17.31 39.16
CA ASP A 368 -40.01 18.29 39.97
C ASP A 368 -39.51 19.74 39.74
N ASN A 369 -40.43 20.67 39.47
CA ASN A 369 -40.02 22.06 39.33
C ASN A 369 -38.98 22.28 38.25
N VAL A 370 -39.25 21.82 37.05
CA VAL A 370 -38.33 22.07 35.96
C VAL A 370 -38.82 23.33 35.27
N PRO A 371 -37.94 24.33 35.19
CA PRO A 371 -38.29 25.60 34.58
C PRO A 371 -38.57 25.45 33.10
N THR A 372 -39.31 26.39 32.54
CA THR A 372 -39.64 26.33 31.16
C THR A 372 -39.87 27.73 30.72
N THR A 373 -39.71 28.04 29.45
CA THR A 373 -40.16 29.34 29.02
C THR A 373 -40.78 29.25 27.64
N VAL A 374 -41.83 30.03 27.40
CA VAL A 374 -42.52 30.07 26.11
C VAL A 374 -42.07 31.29 25.33
N PHE A 375 -41.47 31.11 24.16
CA PHE A 375 -40.94 32.25 23.46
C PHE A 375 -41.90 33.03 22.58
N THR A 376 -42.97 33.48 23.18
CA THR A 376 -43.93 34.34 22.51
C THR A 376 -43.26 35.73 22.35
N PRO A 377 -43.86 36.64 21.57
CA PRO A 377 -43.21 37.91 21.33
C PRO A 377 -42.81 38.49 22.65
N LEU A 378 -43.68 38.43 23.63
CA LEU A 378 -43.28 38.84 24.98
C LEU A 378 -43.01 37.55 25.76
N GLU A 379 -41.77 37.25 26.03
CA GLU A 379 -41.43 35.93 26.58
C GLU A 379 -42.05 35.67 27.96
N TYR A 380 -42.27 34.39 28.27
CA TYR A 380 -42.85 33.99 29.53
C TYR A 380 -42.09 32.83 30.12
N GLY A 381 -41.45 33.09 31.25
CA GLY A 381 -40.71 32.06 31.92
C GLY A 381 -41.42 31.71 33.20
N CYS A 382 -41.29 30.46 33.62
CA CYS A 382 -41.94 30.06 34.85
C CYS A 382 -41.42 28.77 35.35
N CYS A 383 -41.56 28.60 36.66
CA CYS A 383 -41.07 27.44 37.31
C CYS A 383 -41.87 27.18 38.56
N GLY A 384 -42.29 25.94 38.73
CA GLY A 384 -43.05 25.61 39.90
C GLY A 384 -44.54 25.59 39.62
N LEU A 385 -45.32 25.87 40.63
CA LEU A 385 -46.74 25.78 40.46
C LEU A 385 -47.35 27.03 39.90
N SER A 386 -48.47 26.83 39.24
CA SER A 386 -49.30 27.92 38.77
C SER A 386 -50.05 28.43 39.99
N GLU A 387 -50.38 29.71 40.00
CA GLU A 387 -51.16 30.28 41.07
C GLU A 387 -52.33 29.38 41.36
N GLU A 388 -53.17 29.16 40.36
CA GLU A 388 -54.34 28.35 40.60
C GLU A 388 -53.95 26.97 41.12
N LYS A 389 -52.94 26.38 40.51
CA LYS A 389 -52.45 25.05 40.87
C LYS A 389 -51.95 25.03 42.33
N ALA A 390 -51.53 26.19 42.84
CA ALA A 390 -51.02 26.27 44.19
C ALA A 390 -52.16 26.30 45.14
N VAL A 391 -53.19 27.09 44.86
CA VAL A 391 -54.31 27.16 45.80
C VAL A 391 -54.92 25.78 45.92
N GLU A 392 -54.98 25.09 44.80
CA GLU A 392 -55.58 23.78 44.82
C GLU A 392 -54.80 22.92 45.79
N LYS A 393 -53.49 22.94 45.62
CA LYS A 393 -52.64 22.11 46.44
C LYS A 393 -52.63 22.55 47.90
N PHE A 394 -52.38 23.83 48.13
CA PHE A 394 -52.19 24.26 49.52
C PHE A 394 -53.35 25.01 50.15
N GLY A 395 -54.36 25.33 49.35
CA GLY A 395 -55.52 26.02 49.88
C GLY A 395 -55.42 27.53 49.83
N GLU A 396 -56.34 28.13 49.10
CA GLU A 396 -56.42 29.56 48.93
C GLU A 396 -55.90 30.25 50.16
N GLU A 397 -56.53 29.97 51.27
CA GLU A 397 -56.15 30.60 52.51
C GLU A 397 -54.63 30.63 52.77
N ASN A 398 -53.89 29.66 52.25
CA ASN A 398 -52.50 29.53 52.64
C ASN A 398 -51.53 30.07 51.62
N ILE A 399 -52.07 30.72 50.60
CA ILE A 399 -51.20 31.21 49.57
C ILE A 399 -51.13 32.72 49.52
N GLU A 400 -49.93 33.24 49.42
CA GLU A 400 -49.71 34.67 49.34
C GLU A 400 -48.95 34.85 48.06
N VAL A 401 -49.43 35.74 47.21
CA VAL A 401 -48.87 35.97 45.90
C VAL A 401 -48.34 37.40 45.82
N TYR A 402 -47.04 37.59 45.70
CA TYR A 402 -46.52 38.94 45.57
C TYR A 402 -46.25 39.22 44.10
N HIS A 403 -46.63 40.40 43.60
CA HIS A 403 -46.40 40.69 42.19
C HIS A 403 -46.25 42.13 41.88
N SER A 404 -45.80 42.42 40.66
CA SER A 404 -45.59 43.80 40.23
C SER A 404 -45.37 43.90 38.75
N PHE A 405 -45.61 45.08 38.18
CA PHE A 405 -45.34 45.30 36.77
C PHE A 405 -43.91 45.79 36.71
N PHE A 406 -43.31 45.84 35.52
CA PHE A 406 -42.00 46.44 35.44
C PHE A 406 -41.72 46.87 34.02
N TRP A 407 -40.77 47.81 33.88
CA TRP A 407 -40.53 48.42 32.57
C TRP A 407 -39.08 48.34 32.19
N PRO A 408 -38.70 47.41 31.35
CA PRO A 408 -37.28 47.25 30.98
C PRO A 408 -36.59 48.53 30.54
N LEU A 409 -35.56 48.93 31.25
CA LEU A 409 -34.89 50.19 30.93
C LEU A 409 -34.75 50.33 29.47
N GLU A 410 -34.42 49.21 28.82
CA GLU A 410 -34.20 49.24 27.37
C GLU A 410 -35.40 49.76 26.63
N TRP A 411 -36.57 49.66 27.24
CA TRP A 411 -37.76 50.14 26.52
C TRP A 411 -38.12 51.65 26.67
N THR A 412 -37.47 52.36 27.55
CA THR A 412 -37.87 53.74 27.73
C THR A 412 -37.51 54.61 26.54
N VAL A 413 -36.26 54.61 26.15
CA VAL A 413 -35.85 55.42 25.02
C VAL A 413 -36.73 55.23 23.80
N PRO A 414 -37.09 54.00 23.47
CA PRO A 414 -38.02 53.76 22.35
C PRO A 414 -39.42 54.13 22.80
N SER A 415 -39.58 54.30 24.08
CA SER A 415 -40.87 54.64 24.63
C SER A 415 -42.00 53.75 24.24
N ARG A 416 -41.97 52.51 24.72
CA ARG A 416 -43.04 51.59 24.39
C ARG A 416 -43.31 50.55 25.42
N ASP A 417 -44.53 50.04 25.35
CA ASP A 417 -44.93 48.96 26.23
C ASP A 417 -44.62 49.13 27.70
N ASN A 418 -45.00 50.26 28.27
CA ASN A 418 -44.80 50.42 29.68
C ASN A 418 -45.88 49.60 30.39
N ASN A 419 -45.67 49.24 31.66
CA ASN A 419 -46.61 48.41 32.39
C ASN A 419 -47.09 47.16 31.62
N LYS A 420 -46.18 46.43 30.97
CA LYS A 420 -46.60 45.26 30.26
C LYS A 420 -45.89 44.02 30.79
N CYS A 421 -44.57 44.11 31.04
CA CYS A 421 -43.84 42.96 31.58
C CYS A 421 -44.37 42.80 32.94
N TYR A 422 -44.43 41.56 33.41
CA TYR A 422 -45.08 41.25 34.68
C TYR A 422 -44.29 40.24 35.45
N ALA A 423 -44.34 40.29 36.76
CA ALA A 423 -43.61 39.33 37.57
C ALA A 423 -44.38 39.00 38.82
N LYS A 424 -44.54 37.70 39.08
CA LYS A 424 -45.21 37.26 40.30
C LYS A 424 -44.46 36.08 40.92
N VAL A 425 -44.70 35.86 42.20
CA VAL A 425 -44.09 34.79 42.93
C VAL A 425 -45.17 34.30 43.84
N ILE A 426 -45.34 32.99 43.94
CA ILE A 426 -46.39 32.39 44.74
C ILE A 426 -45.80 31.76 45.95
N CYS A 427 -46.22 32.12 47.15
CA CYS A 427 -45.66 31.52 48.35
C CYS A 427 -46.63 30.73 49.22
N ASN A 428 -46.06 29.81 49.98
CA ASN A 428 -46.84 28.93 50.82
C ASN A 428 -46.78 29.40 52.26
N LEU A 429 -47.82 30.13 52.67
CA LEU A 429 -47.86 30.69 54.01
C LEU A 429 -47.61 29.68 55.10
N LYS A 430 -47.94 28.44 54.81
CA LYS A 430 -47.80 27.37 55.77
C LYS A 430 -46.39 26.80 55.80
N ASP A 431 -45.50 27.34 54.99
CA ASP A 431 -44.12 26.82 54.94
C ASP A 431 -43.10 27.97 54.80
N ASN A 432 -43.15 28.91 55.75
CA ASN A 432 -42.27 30.08 55.70
C ASN A 432 -42.36 30.79 54.37
N GLU A 433 -43.55 30.78 53.77
CA GLU A 433 -43.76 31.41 52.48
C GLU A 433 -42.76 30.90 51.49
N ARG A 434 -42.59 29.59 51.47
CA ARG A 434 -41.71 28.94 50.52
C ARG A 434 -42.20 29.34 49.16
N VAL A 435 -41.31 29.80 48.29
CA VAL A 435 -41.71 30.19 46.96
C VAL A 435 -41.91 28.93 46.21
N VAL A 436 -43.16 28.63 45.87
CA VAL A 436 -43.52 27.42 45.14
C VAL A 436 -43.90 27.70 43.71
N GLY A 437 -43.94 28.98 43.37
CA GLY A 437 -44.31 29.37 42.04
C GLY A 437 -43.48 30.53 41.57
N PHE A 438 -43.07 30.51 40.31
CA PHE A 438 -42.28 31.59 39.80
C PHE A 438 -42.72 31.93 38.37
N HIS A 439 -43.16 33.15 38.15
CA HIS A 439 -43.66 33.53 36.84
C HIS A 439 -43.17 34.91 36.42
N VAL A 440 -42.59 35.00 35.22
CA VAL A 440 -42.11 36.28 34.74
C VAL A 440 -42.51 36.40 33.30
N LEU A 441 -43.07 37.55 32.97
CA LEU A 441 -43.46 37.84 31.61
C LEU A 441 -42.71 39.07 31.18
N GLY A 442 -41.69 38.91 30.36
CA GLY A 442 -40.85 40.03 29.96
C GLY A 442 -39.73 39.53 29.05
N PRO A 443 -38.75 40.36 28.75
CA PRO A 443 -37.71 40.01 27.79
C PRO A 443 -36.75 39.04 28.40
N ASN A 444 -36.15 38.15 27.61
CA ASN A 444 -35.08 37.36 28.19
C ASN A 444 -35.56 36.50 29.34
N ALA A 445 -36.87 36.27 29.33
CA ALA A 445 -37.51 35.44 30.33
C ALA A 445 -36.68 34.20 30.76
N GLY A 446 -36.16 33.47 29.78
CA GLY A 446 -35.48 32.22 30.08
C GLY A 446 -34.26 32.50 30.91
N GLU A 447 -33.44 33.44 30.45
CA GLU A 447 -32.25 33.76 31.20
C GLU A 447 -32.64 34.22 32.58
N VAL A 448 -33.76 34.89 32.73
CA VAL A 448 -34.17 35.30 34.06
C VAL A 448 -34.56 34.08 34.87
N THR A 449 -35.40 33.24 34.31
CA THR A 449 -35.94 32.15 35.08
C THR A 449 -34.91 31.13 35.56
N GLN A 450 -33.99 30.74 34.70
CA GLN A 450 -33.12 29.65 35.01
C GLN A 450 -32.58 29.73 36.43
N GLY A 451 -31.95 30.85 36.76
CA GLY A 451 -31.36 30.95 38.08
C GLY A 451 -32.33 30.62 39.19
N PHE A 452 -33.49 31.24 39.14
CA PHE A 452 -34.46 31.00 40.15
C PHE A 452 -34.82 29.56 40.25
N ALA A 453 -34.91 28.88 39.12
CA ALA A 453 -35.26 27.47 39.17
C ALA A 453 -34.27 26.75 40.07
N ALA A 454 -33.03 27.21 40.08
CA ALA A 454 -32.06 26.58 40.96
C ALA A 454 -32.46 26.87 42.37
N ALA A 455 -32.70 28.13 42.64
CA ALA A 455 -33.12 28.52 43.94
C ALA A 455 -34.24 27.61 44.40
N LEU A 456 -35.26 27.42 43.57
CA LEU A 456 -36.33 26.56 43.99
C LEU A 456 -35.78 25.24 44.48
N LYS A 457 -34.81 24.68 43.77
CA LYS A 457 -34.28 23.40 44.21
C LYS A 457 -33.60 23.52 45.55
N CYS A 458 -33.46 24.73 46.06
CA CYS A 458 -32.82 24.93 47.36
C CYS A 458 -33.83 25.33 48.42
N GLY A 459 -35.09 25.24 48.08
CA GLY A 459 -36.13 25.64 49.00
C GLY A 459 -36.15 27.13 49.29
N LEU A 460 -35.97 27.94 48.26
CA LEU A 460 -35.98 29.38 48.40
C LEU A 460 -37.25 29.87 49.09
N THR A 461 -37.07 30.61 50.18
CA THR A 461 -38.19 31.19 50.91
C THR A 461 -38.34 32.68 50.63
N LYS A 462 -39.54 33.19 50.86
CA LYS A 462 -39.79 34.57 50.52
C LYS A 462 -38.86 35.51 51.27
N GLN A 463 -38.60 35.22 52.53
CA GLN A 463 -37.70 36.14 53.19
C GLN A 463 -36.29 35.99 52.62
N GLN A 464 -35.89 34.81 52.20
CA GLN A 464 -34.58 34.70 51.63
C GLN A 464 -34.60 35.55 50.35
N LEU A 465 -35.64 35.37 49.55
CA LEU A 465 -35.72 36.09 48.30
C LEU A 465 -35.47 37.56 48.59
N ASP A 466 -36.24 38.11 49.51
CA ASP A 466 -36.18 39.53 49.79
C ASP A 466 -34.78 39.90 50.22
N SER A 467 -34.14 38.98 50.95
CA SER A 467 -32.79 39.25 51.49
C SER A 467 -31.75 39.35 50.40
N THR A 468 -32.05 38.78 49.23
CA THR A 468 -31.21 38.84 48.06
C THR A 468 -31.22 40.25 47.57
N ILE A 469 -30.07 40.75 47.12
CA ILE A 469 -29.96 42.11 46.59
C ILE A 469 -30.08 42.04 45.07
N GLY A 470 -30.66 43.04 44.44
CA GLY A 470 -30.83 42.94 43.01
C GLY A 470 -29.69 43.52 42.22
N ILE A 471 -29.57 43.10 40.97
CA ILE A 471 -28.60 43.72 40.09
C ILE A 471 -29.32 44.82 39.33
N HIS A 472 -28.74 46.01 39.31
CA HIS A 472 -29.39 47.13 38.67
C HIS A 472 -28.52 47.73 37.59
N PRO A 473 -29.08 48.11 36.46
CA PRO A 473 -30.52 48.03 36.15
C PRO A 473 -30.79 46.82 35.27
N VAL A 474 -31.53 45.86 35.76
CA VAL A 474 -31.71 44.59 35.06
C VAL A 474 -33.13 44.12 35.29
N CYS A 475 -33.76 43.55 34.29
CA CYS A 475 -35.14 43.14 34.47
C CYS A 475 -35.34 42.28 35.70
N ALA A 476 -34.53 41.23 35.80
CA ALA A 476 -34.62 40.28 36.90
C ALA A 476 -34.78 40.88 38.28
N GLU A 477 -34.19 42.04 38.51
CA GLU A 477 -34.26 42.54 39.86
C GLU A 477 -35.67 42.73 40.50
N ILE A 478 -36.75 42.94 39.75
CA ILE A 478 -37.98 43.15 40.52
C ILE A 478 -38.28 42.01 41.46
N PHE A 479 -37.74 40.84 41.18
CA PHE A 479 -38.02 39.73 42.04
C PHE A 479 -37.40 39.94 43.40
N THR A 480 -36.48 40.87 43.49
CA THR A 480 -35.71 41.07 44.68
C THR A 480 -36.39 42.07 45.56
N THR A 481 -37.52 42.55 45.06
CA THR A 481 -38.35 43.53 45.79
C THR A 481 -39.84 43.42 45.56
N LEU A 482 -40.38 42.23 45.61
CA LEU A 482 -41.80 42.11 45.43
C LEU A 482 -42.42 42.34 46.76
N SER A 483 -43.10 43.47 46.91
CA SER A 483 -43.66 43.79 48.21
C SER A 483 -45.15 43.83 48.17
N VAL A 484 -45.74 44.13 47.03
CA VAL A 484 -47.19 44.21 47.00
C VAL A 484 -47.88 42.84 46.82
N THR A 485 -48.81 42.51 47.71
CA THR A 485 -49.47 41.22 47.53
C THR A 485 -50.80 41.38 46.86
N LYS A 486 -51.17 40.34 46.16
CA LYS A 486 -52.41 40.36 45.43
C LYS A 486 -53.57 40.49 46.41
N ARG A 487 -53.48 39.75 47.48
CA ARG A 487 -54.55 39.68 48.44
C ARG A 487 -54.94 41.02 49.09
N SER A 488 -54.03 41.97 48.99
CA SER A 488 -54.17 43.30 49.61
C SER A 488 -54.21 44.37 48.57
N GLY A 489 -54.23 43.87 47.38
CA GLY A 489 -54.29 44.58 46.14
C GLY A 489 -54.03 46.03 46.11
N GLY A 490 -52.90 46.34 45.72
CA GLY A 490 -52.76 47.70 45.53
C GLY A 490 -52.63 47.77 44.07
N ASP A 491 -52.31 48.96 43.69
CA ASP A 491 -52.03 49.26 42.35
C ASP A 491 -50.60 48.85 42.18
N ILE A 492 -50.33 48.14 41.11
CA ILE A 492 -48.97 47.78 40.84
C ILE A 492 -48.57 48.57 39.61
N LEU A 493 -49.49 49.45 39.22
CA LEU A 493 -49.27 50.36 38.11
C LEU A 493 -48.48 51.56 38.56
N GLN A 494 -47.15 51.57 38.41
CA GLN A 494 -46.50 52.81 38.80
C GLN A 494 -45.26 53.18 38.04
N SER A 495 -45.48 53.93 36.99
CA SER A 495 -44.39 54.39 36.16
C SER A 495 -43.48 55.19 37.01
N GLY A 496 -42.32 55.45 36.53
CA GLY A 496 -41.45 56.34 37.23
C GLY A 496 -40.77 55.93 38.47
N CYS A 497 -41.17 56.54 39.57
CA CYS A 497 -40.29 56.30 40.65
C CYS A 497 -40.82 56.26 42.01
N CYS A 498 -40.10 55.49 42.75
CA CYS A 498 -40.60 55.29 44.04
C CYS A 498 -39.47 55.18 44.99
N GLY A 499 -38.29 54.81 44.54
CA GLY A 499 -37.27 54.55 45.54
C GLY A 499 -36.12 53.72 45.05
N LYS B 9 -37.24 67.22 73.80
CA LYS B 9 -36.66 66.71 72.52
C LYS B 9 -37.46 67.09 71.25
N SER B 10 -37.92 68.34 71.16
CA SER B 10 -38.67 68.74 69.96
C SER B 10 -37.89 69.48 68.84
N TYR B 11 -37.80 68.86 67.67
CA TYR B 11 -37.06 69.45 66.56
C TYR B 11 -37.99 69.68 65.39
N ASP B 12 -37.49 70.31 64.32
CA ASP B 12 -38.29 70.59 63.13
C ASP B 12 -38.63 69.32 62.37
N PHE B 13 -37.73 68.35 62.44
CA PHE B 13 -37.91 67.12 61.70
C PHE B 13 -37.48 65.90 62.46
N ASP B 14 -38.18 64.82 62.20
CA ASP B 14 -37.85 63.54 62.79
C ASP B 14 -36.61 63.03 62.09
N LEU B 15 -36.47 63.38 60.83
CA LEU B 15 -35.38 62.81 60.12
C LEU B 15 -35.06 63.67 58.95
N ILE B 16 -33.80 64.09 58.89
CA ILE B 16 -33.34 64.84 57.75
C ILE B 16 -32.40 63.95 56.99
N ILE B 17 -32.59 63.92 55.68
CA ILE B 17 -31.79 63.09 54.83
C ILE B 17 -30.89 63.94 53.98
N ILE B 18 -29.58 63.82 54.22
CA ILE B 18 -28.64 64.60 53.47
C ILE B 18 -28.26 63.85 52.20
N GLY B 19 -28.92 64.20 51.09
CA GLY B 19 -28.58 63.60 49.81
C GLY B 19 -29.78 62.95 49.15
N GLY B 20 -30.16 63.38 47.95
CA GLY B 20 -31.32 62.78 47.36
C GLY B 20 -31.01 61.66 46.40
N GLY B 21 -30.10 60.79 46.78
CA GLY B 21 -29.66 59.76 45.85
C GLY B 21 -30.33 58.41 46.02
N SER B 22 -29.65 57.36 45.55
CA SER B 22 -30.23 56.05 45.60
C SER B 22 -30.65 55.70 46.96
N GLY B 23 -29.79 55.92 47.94
CA GLY B 23 -30.09 55.54 49.30
C GLY B 23 -30.96 56.58 49.94
N GLY B 24 -30.64 57.82 49.70
CA GLY B 24 -31.37 58.88 50.34
C GLY B 24 -32.85 58.78 50.07
N LEU B 25 -33.23 58.80 48.79
CA LEU B 25 -34.62 58.73 48.45
C LEU B 25 -35.23 57.47 48.99
N ALA B 26 -34.50 56.38 49.06
CA ALA B 26 -35.13 55.17 49.56
C ALA B 26 -35.54 55.40 50.98
N ALA B 27 -34.61 55.86 51.80
CA ALA B 27 -34.93 56.04 53.19
C ALA B 27 -36.16 56.94 53.35
N ALA B 28 -36.17 57.98 52.53
CA ALA B 28 -37.24 58.94 52.57
C ALA B 28 -38.57 58.26 52.36
N LYS B 29 -38.70 57.61 51.21
CA LYS B 29 -39.90 56.92 50.82
C LYS B 29 -40.41 56.03 51.93
N GLU B 30 -39.54 55.25 52.55
CA GLU B 30 -39.99 54.34 53.58
C GLU B 30 -40.35 55.10 54.82
N ALA B 31 -39.40 55.91 55.27
CA ALA B 31 -39.63 56.67 56.46
C ALA B 31 -41.01 57.22 56.37
N ALA B 32 -41.37 57.73 55.21
CA ALA B 32 -42.66 58.35 55.00
C ALA B 32 -43.90 57.51 55.28
N LYS B 33 -43.78 56.20 55.23
CA LYS B 33 -44.93 55.35 55.45
C LYS B 33 -45.42 55.38 56.88
N PHE B 34 -44.58 55.82 57.80
CA PHE B 34 -44.96 55.80 59.20
C PHE B 34 -45.32 57.15 59.76
N ASP B 35 -45.82 58.05 58.91
CA ASP B 35 -46.24 59.39 59.37
C ASP B 35 -45.12 60.03 60.22
N LYS B 36 -44.08 60.51 59.57
CA LYS B 36 -42.98 61.11 60.28
C LYS B 36 -42.62 62.32 59.49
N LYS B 37 -42.23 63.39 60.16
CA LYS B 37 -41.83 64.60 59.45
C LYS B 37 -40.44 64.32 58.86
N VAL B 38 -40.32 64.28 57.54
CA VAL B 38 -39.02 64.09 56.98
C VAL B 38 -38.75 65.06 55.87
N MET B 39 -37.48 65.39 55.69
CA MET B 39 -37.07 66.26 54.62
C MET B 39 -35.78 65.72 54.09
N VAL B 40 -35.62 65.82 52.78
CA VAL B 40 -34.40 65.40 52.15
C VAL B 40 -33.83 66.61 51.46
N LEU B 41 -32.55 66.85 51.67
CA LEU B 41 -31.89 67.92 50.99
C LEU B 41 -31.15 67.23 49.90
N ASP B 42 -31.13 67.83 48.73
CA ASP B 42 -30.28 67.31 47.70
C ASP B 42 -29.75 68.45 46.87
N PHE B 43 -28.47 68.42 46.58
CA PHE B 43 -27.88 69.48 45.82
C PHE B 43 -26.73 68.94 44.97
N VAL B 44 -26.63 69.46 43.76
CA VAL B 44 -25.64 68.90 42.86
C VAL B 44 -24.58 69.90 42.54
N THR B 45 -23.43 69.79 43.19
CA THR B 45 -22.41 70.75 42.91
C THR B 45 -21.91 70.39 41.55
N PRO B 46 -21.65 71.44 40.79
CA PRO B 46 -21.22 71.36 39.40
C PRO B 46 -19.91 70.70 39.22
N THR B 47 -19.68 70.15 38.04
CA THR B 47 -18.38 69.58 37.72
C THR B 47 -17.50 70.80 37.44
N PRO B 48 -16.22 70.61 37.22
CA PRO B 48 -15.35 71.76 36.94
C PRO B 48 -15.79 72.39 35.61
N LEU B 49 -16.28 71.57 34.68
CA LEU B 49 -16.76 72.14 33.42
C LEU B 49 -18.16 72.69 33.61
N GLY B 50 -18.66 72.60 34.83
CA GLY B 50 -19.94 73.20 35.15
C GLY B 50 -21.20 72.43 34.90
N THR B 51 -21.13 71.11 34.77
CA THR B 51 -22.33 70.35 34.43
C THR B 51 -23.15 70.08 35.68
N ASN B 52 -24.48 70.11 35.54
CA ASN B 52 -25.43 69.96 36.62
C ASN B 52 -26.50 68.92 36.28
N TRP B 53 -27.26 68.49 37.27
CA TRP B 53 -28.39 67.62 36.97
C TRP B 53 -29.42 67.64 38.08
N GLY B 54 -30.47 66.85 37.94
CA GLY B 54 -31.55 66.91 38.91
C GLY B 54 -31.62 65.87 40.01
N LEU B 55 -32.72 65.96 40.74
CA LEU B 55 -33.00 65.05 41.82
C LEU B 55 -32.81 63.66 41.31
N GLY B 56 -32.26 62.80 42.14
CA GLY B 56 -32.10 61.42 41.73
C GLY B 56 -30.77 60.76 42.08
N GLY B 57 -29.72 61.55 42.23
CA GLY B 57 -28.46 60.97 42.63
C GLY B 57 -27.72 60.48 41.42
N THR B 58 -26.57 59.89 41.68
CA THR B 58 -25.64 59.48 40.65
C THR B 58 -26.17 58.43 39.71
N CYS B 59 -26.84 57.41 40.24
CA CYS B 59 -27.35 56.34 39.40
C CYS B 59 -28.25 56.88 38.33
N VAL B 60 -29.16 57.74 38.77
CA VAL B 60 -30.18 58.26 37.89
C VAL B 60 -29.63 59.16 36.82
N ASN B 61 -28.74 60.08 37.21
CA ASN B 61 -28.36 61.15 36.29
C ASN B 61 -27.08 60.98 35.57
N VAL B 62 -26.12 60.26 36.16
CA VAL B 62 -24.79 60.09 35.57
C VAL B 62 -24.18 58.76 35.95
N GLY B 63 -25.01 57.75 36.12
CA GLY B 63 -24.50 56.44 36.48
C GLY B 63 -25.19 55.31 35.74
N CYS B 64 -25.70 54.35 36.49
CA CYS B 64 -26.35 53.23 35.85
C CYS B 64 -27.32 53.64 34.72
N ILE B 65 -28.33 54.45 35.02
CA ILE B 65 -29.32 54.75 34.01
C ILE B 65 -28.71 55.09 32.67
N PRO B 66 -27.98 56.20 32.55
CA PRO B 66 -27.28 56.55 31.29
C PRO B 66 -26.44 55.46 30.70
N LYS B 67 -25.57 54.98 31.56
CA LYS B 67 -24.63 53.98 31.13
C LYS B 67 -25.34 52.80 30.45
N LYS B 68 -26.30 52.17 31.13
CA LYS B 68 -26.99 51.06 30.50
C LYS B 68 -27.61 51.54 29.20
N LEU B 69 -28.33 52.64 29.25
CA LEU B 69 -28.95 53.15 28.06
C LEU B 69 -28.01 53.22 26.87
N MET B 70 -26.84 53.81 27.06
CA MET B 70 -25.91 53.94 25.94
C MET B 70 -25.33 52.59 25.59
N HIS B 71 -25.16 51.78 26.60
CA HIS B 71 -24.68 50.45 26.41
C HIS B 71 -25.62 49.82 25.43
N GLN B 72 -26.91 50.04 25.66
CA GLN B 72 -27.91 49.46 24.78
C GLN B 72 -27.85 50.08 23.39
N ALA B 73 -27.40 51.33 23.32
CA ALA B 73 -27.32 51.91 22.01
C ALA B 73 -26.27 51.13 21.26
N ALA B 74 -25.21 50.76 21.94
CA ALA B 74 -24.17 50.01 21.27
C ALA B 74 -24.65 48.62 20.89
N LEU B 75 -25.30 47.96 21.81
CA LEU B 75 -25.80 46.65 21.50
C LEU B 75 -26.69 46.67 20.29
N LEU B 76 -27.53 47.67 20.21
CA LEU B 76 -28.45 47.78 19.11
C LEU B 76 -27.73 47.85 17.79
N GLY B 77 -26.53 48.43 17.83
CA GLY B 77 -25.71 48.52 16.65
C GLY B 77 -25.42 47.10 16.20
N GLN B 78 -24.81 46.34 17.12
CA GLN B 78 -24.45 44.96 16.82
C GLN B 78 -25.72 44.27 16.35
N ALA B 79 -26.88 44.65 16.89
CA ALA B 79 -28.14 44.02 16.48
C ALA B 79 -28.45 44.34 15.02
N LEU B 80 -28.22 45.60 14.59
CA LEU B 80 -28.46 45.96 13.19
C LEU B 80 -27.65 45.05 12.37
N LYS B 81 -26.36 44.88 12.69
CA LYS B 81 -25.52 43.96 11.89
C LYS B 81 -26.09 42.56 11.90
N ASP B 82 -26.43 42.04 13.07
CA ASP B 82 -26.97 40.71 13.13
C ASP B 82 -28.16 40.55 12.22
N SER B 83 -29.02 41.56 12.11
CA SER B 83 -30.27 41.33 11.39
C SER B 83 -30.14 40.82 9.93
N ARG B 84 -29.06 41.14 9.26
CA ARG B 84 -28.94 40.73 7.88
C ARG B 84 -29.10 39.24 7.66
N ASN B 85 -28.40 38.41 8.41
CA ASN B 85 -28.53 37.00 8.10
C ASN B 85 -29.85 36.44 8.58
N TYR B 86 -30.61 37.24 9.31
CA TYR B 86 -31.88 36.74 9.77
C TYR B 86 -32.96 37.15 8.79
N GLY B 87 -32.54 37.86 7.75
CA GLY B 87 -33.44 38.21 6.67
C GLY B 87 -33.86 39.67 6.53
N TRP B 88 -33.38 40.54 7.41
CA TRP B 88 -33.73 41.92 7.29
C TRP B 88 -32.74 42.52 6.34
N LYS B 89 -33.20 43.24 5.33
CA LYS B 89 -32.27 43.86 4.36
C LYS B 89 -31.84 45.27 4.72
N LEU B 90 -30.67 45.41 5.31
CA LEU B 90 -30.21 46.72 5.69
C LEU B 90 -29.12 47.24 4.77
N GLU B 91 -28.78 48.49 5.03
CA GLU B 91 -27.77 49.22 4.30
C GLU B 91 -26.39 48.91 4.87
N ASP B 92 -25.48 48.40 4.03
CA ASP B 92 -24.11 48.07 4.47
C ASP B 92 -23.67 48.86 5.73
N THR B 93 -24.10 50.12 5.86
CA THR B 93 -23.66 50.86 7.02
C THR B 93 -24.61 51.91 7.55
N VAL B 94 -24.94 51.77 8.81
CA VAL B 94 -25.81 52.74 9.45
C VAL B 94 -24.98 53.62 10.36
N LYS B 95 -25.16 54.92 10.21
CA LYS B 95 -24.39 55.86 11.00
C LYS B 95 -25.04 56.20 12.33
N HIS B 96 -24.24 56.51 13.32
CA HIS B 96 -24.75 56.84 14.62
C HIS B 96 -24.79 58.34 14.87
N ASP B 97 -25.74 58.76 15.69
CA ASP B 97 -25.88 60.17 15.96
C ASP B 97 -25.81 60.48 17.42
N TRP B 98 -24.62 60.76 17.91
CA TRP B 98 -24.45 61.11 19.31
C TRP B 98 -25.54 62.05 19.82
N GLU B 99 -25.67 63.20 19.19
CA GLU B 99 -26.68 64.18 19.53
C GLU B 99 -28.00 63.52 19.84
N LYS B 100 -28.57 62.88 18.84
CA LYS B 100 -29.87 62.29 19.02
C LYS B 100 -29.89 61.37 20.21
N MET B 101 -28.87 60.55 20.35
CA MET B 101 -28.83 59.60 21.49
C MET B 101 -28.90 60.32 22.81
N THR B 102 -27.88 61.10 23.11
CA THR B 102 -27.89 61.82 24.34
C THR B 102 -29.24 62.49 24.60
N GLU B 103 -29.83 63.05 23.57
CA GLU B 103 -31.09 63.70 23.76
C GLU B 103 -32.05 62.70 24.40
N SER B 104 -32.28 61.57 23.74
CA SER B 104 -33.20 60.61 24.31
C SER B 104 -32.77 60.23 25.72
N VAL B 105 -31.48 60.06 25.96
CA VAL B 105 -31.12 59.67 27.29
C VAL B 105 -31.64 60.71 28.22
N GLN B 106 -31.25 61.94 27.96
CA GLN B 106 -31.50 62.97 28.94
C GLN B 106 -32.97 63.08 29.10
N ASN B 107 -33.66 62.98 27.99
CA ASN B 107 -35.08 63.11 28.03
C ASN B 107 -35.59 62.23 29.10
N HIS B 108 -35.16 61.00 29.10
CA HIS B 108 -35.62 60.07 30.09
C HIS B 108 -35.24 60.51 31.47
N ILE B 109 -33.99 60.89 31.63
CA ILE B 109 -33.54 61.25 32.94
C ILE B 109 -34.46 62.29 33.54
N GLY B 110 -34.76 63.29 32.76
CA GLY B 110 -35.62 64.36 33.22
C GLY B 110 -36.89 63.71 33.75
N SER B 111 -37.42 62.76 33.00
CA SER B 111 -38.65 62.17 33.46
C SER B 111 -38.40 61.61 34.84
N LEU B 112 -37.25 60.99 35.05
CA LEU B 112 -37.02 60.42 36.36
C LEU B 112 -36.85 61.54 37.34
N ASN B 113 -36.08 62.57 36.98
CA ASN B 113 -35.89 63.69 37.87
C ASN B 113 -37.27 64.09 38.39
N TRP B 114 -38.20 64.38 37.51
CA TRP B 114 -39.51 64.88 37.97
C TRP B 114 -40.22 63.87 38.76
N GLY B 115 -40.13 62.65 38.29
CA GLY B 115 -40.85 61.61 38.97
C GLY B 115 -40.56 61.62 40.44
N TYR B 116 -39.28 61.69 40.75
CA TYR B 116 -38.88 61.65 42.12
C TYR B 116 -39.45 62.81 42.85
N ARG B 117 -39.32 64.00 42.25
CA ARG B 117 -39.83 65.18 42.92
C ARG B 117 -41.28 64.92 43.28
N VAL B 118 -42.04 64.44 42.29
CA VAL B 118 -43.46 64.20 42.51
C VAL B 118 -43.67 63.21 43.60
N ALA B 119 -42.91 62.14 43.54
CA ALA B 119 -43.03 61.09 44.52
C ALA B 119 -42.87 61.66 45.90
N LEU B 120 -41.80 62.42 46.15
CA LEU B 120 -41.59 62.98 47.48
C LEU B 120 -42.79 63.85 47.92
N ARG B 121 -43.31 64.63 46.98
CA ARG B 121 -44.42 65.49 47.25
C ARG B 121 -45.63 64.66 47.68
N GLU B 122 -45.91 63.58 46.95
CA GLU B 122 -47.10 62.80 47.30
C GLU B 122 -46.95 62.11 48.65
N LYS B 123 -45.73 61.68 48.97
CA LYS B 123 -45.49 60.99 50.21
C LYS B 123 -45.33 61.98 51.34
N LYS B 124 -45.50 63.25 51.03
CA LYS B 124 -45.47 64.28 52.05
C LYS B 124 -44.11 64.44 52.65
N VAL B 125 -43.09 64.41 51.79
CA VAL B 125 -41.72 64.58 52.22
C VAL B 125 -41.25 65.94 51.77
N VAL B 126 -40.66 66.70 52.66
CA VAL B 126 -40.18 68.02 52.27
C VAL B 126 -38.95 67.87 51.45
N TYR B 127 -38.94 68.46 50.27
CA TYR B 127 -37.73 68.40 49.44
C TYR B 127 -37.22 69.79 49.27
N GLU B 128 -35.95 69.97 49.54
CA GLU B 128 -35.39 71.28 49.42
C GLU B 128 -34.08 71.08 48.64
N ASN B 129 -33.95 71.84 47.57
CA ASN B 129 -32.77 71.80 46.74
C ASN B 129 -31.68 72.62 47.36
N ALA B 130 -30.96 72.05 48.31
CA ALA B 130 -29.97 72.81 49.04
C ALA B 130 -28.83 71.96 49.54
N TYR B 131 -27.69 72.58 49.77
CA TYR B 131 -26.50 71.87 50.21
C TYR B 131 -26.55 71.74 51.70
N GLY B 132 -26.43 70.53 52.23
CA GLY B 132 -26.54 70.36 53.66
C GLY B 132 -25.19 70.41 54.33
N LYS B 133 -25.14 71.01 55.51
CA LYS B 133 -23.88 71.10 56.27
C LYS B 133 -24.19 71.20 57.73
N PHE B 134 -23.73 70.23 58.50
CA PHE B 134 -24.01 70.24 59.92
C PHE B 134 -23.34 71.46 60.52
N ILE B 135 -23.96 72.05 61.54
CA ILE B 135 -23.29 73.15 62.23
C ILE B 135 -23.16 72.87 63.71
N GLY B 136 -23.86 71.83 64.18
CA GLY B 136 -23.89 71.51 65.58
C GLY B 136 -24.97 70.46 65.84
N PRO B 137 -24.93 69.90 67.04
CA PRO B 137 -25.79 68.79 67.42
C PRO B 137 -27.18 68.99 66.88
N HIS B 138 -27.73 67.98 66.26
CA HIS B 138 -29.08 68.05 65.81
C HIS B 138 -29.42 69.25 64.90
N LYS B 139 -28.42 70.03 64.54
CA LYS B 139 -28.69 71.18 63.67
C LYS B 139 -27.92 71.17 62.35
N ILE B 140 -28.63 71.49 61.27
CA ILE B 140 -27.98 71.52 59.98
C ILE B 140 -28.37 72.74 59.14
N MET B 141 -27.38 73.28 58.42
CA MET B 141 -27.57 74.48 57.59
C MET B 141 -27.67 74.10 56.13
N ALA B 142 -28.75 74.52 55.49
CA ALA B 142 -28.95 74.17 54.10
C ALA B 142 -28.65 75.38 53.27
N THR B 143 -27.63 75.31 52.45
CA THR B 143 -27.34 76.47 51.67
C THR B 143 -28.03 76.34 50.35
N ASN B 144 -28.94 77.27 50.14
CA ASN B 144 -29.69 77.39 48.90
C ASN B 144 -28.79 77.46 47.69
N ASN B 145 -29.39 77.47 46.51
CA ASN B 145 -28.59 77.59 45.30
C ASN B 145 -28.12 79.00 45.09
N LYS B 146 -28.87 79.98 45.59
CA LYS B 146 -28.48 81.38 45.44
C LYS B 146 -27.64 81.85 46.64
N GLY B 147 -27.35 80.92 47.54
CA GLY B 147 -26.53 81.26 48.68
C GLY B 147 -27.28 81.52 49.95
N LYS B 148 -28.62 81.48 49.90
CA LYS B 148 -29.44 81.73 51.08
C LYS B 148 -29.24 80.59 52.05
N GLU B 149 -29.06 80.91 53.31
CA GLU B 149 -28.85 79.87 54.28
C GLU B 149 -30.11 79.70 55.09
N LYS B 150 -30.32 78.48 55.56
CA LYS B 150 -31.45 78.18 56.39
C LYS B 150 -31.04 77.06 57.34
N VAL B 151 -31.45 77.15 58.59
CA VAL B 151 -31.05 76.10 59.52
C VAL B 151 -32.20 75.19 59.89
N TYR B 152 -31.90 73.90 60.06
CA TYR B 152 -32.93 72.97 60.45
C TYR B 152 -32.50 72.06 61.60
N SER B 153 -33.47 71.56 62.35
CA SER B 153 -33.20 70.70 63.47
C SER B 153 -33.94 69.41 63.27
N ALA B 154 -33.35 68.32 63.72
CA ALA B 154 -33.96 67.02 63.50
C ALA B 154 -33.55 66.05 64.59
N GLU B 155 -34.43 65.10 64.88
CA GLU B 155 -34.09 64.11 65.90
C GLU B 155 -33.02 63.17 65.38
N ARG B 156 -33.10 62.83 64.11
CA ARG B 156 -32.11 61.95 63.51
C ARG B 156 -31.70 62.40 62.12
N PHE B 157 -30.51 61.98 61.70
CA PHE B 157 -30.00 62.32 60.39
C PHE B 157 -29.45 61.12 59.67
N LEU B 158 -29.56 61.14 58.36
CA LEU B 158 -29.03 60.09 57.52
C LEU B 158 -28.13 60.72 56.46
N ILE B 159 -26.84 60.44 56.52
CA ILE B 159 -25.86 60.99 55.60
C ILE B 159 -25.91 60.14 54.38
N ALA B 160 -26.34 60.68 53.27
CA ALA B 160 -26.41 59.88 52.08
C ALA B 160 -25.88 60.69 50.91
N THR B 161 -24.69 61.23 51.03
CA THR B 161 -24.23 62.10 49.98
C THR B 161 -23.45 61.41 48.89
N GLY B 162 -23.25 60.12 49.00
CA GLY B 162 -22.51 59.46 47.93
C GLY B 162 -21.17 60.10 47.63
N GLU B 163 -20.59 59.78 46.47
CA GLU B 163 -19.26 60.30 46.11
C GLU B 163 -19.24 60.92 44.71
N ARG B 164 -18.10 61.52 44.31
CA ARG B 164 -17.95 62.10 42.95
C ARG B 164 -16.66 61.65 42.26
N PRO B 165 -16.53 61.81 40.96
CA PRO B 165 -15.33 61.35 40.28
C PRO B 165 -14.11 62.04 40.83
N ARG B 166 -12.97 61.41 40.62
CA ARG B 166 -11.74 61.92 41.13
C ARG B 166 -10.87 62.24 39.96
N TYR B 167 -10.04 63.28 40.07
CA TYR B 167 -9.17 63.61 38.97
C TYR B 167 -7.77 63.16 39.31
N LEU B 168 -6.86 63.20 38.36
CA LEU B 168 -5.46 62.93 38.63
C LEU B 168 -4.81 64.24 39.03
N GLY B 169 -3.84 64.18 39.92
CA GLY B 169 -3.20 65.45 40.23
C GLY B 169 -2.59 66.18 39.04
N ILE B 170 -2.47 65.51 37.90
CA ILE B 170 -1.79 66.08 36.73
C ILE B 170 -2.42 67.34 36.14
N PRO B 171 -1.60 68.20 35.59
CA PRO B 171 -2.06 69.45 34.99
C PRO B 171 -2.94 69.28 33.77
N GLY B 172 -3.96 70.12 33.69
CA GLY B 172 -4.84 70.16 32.54
C GLY B 172 -6.03 69.24 32.71
N ASP B 173 -5.92 68.32 33.67
CA ASP B 173 -6.94 67.30 33.87
C ASP B 173 -8.31 67.92 34.12
N LYS B 174 -8.44 68.71 35.19
CA LYS B 174 -9.70 69.37 35.48
C LYS B 174 -10.12 70.31 34.36
N GLU B 175 -9.18 70.99 33.73
CA GLU B 175 -9.57 71.94 32.69
C GLU B 175 -10.03 71.38 31.34
N TYR B 176 -9.49 70.25 30.89
CA TYR B 176 -9.92 69.78 29.61
C TYR B 176 -10.39 68.37 29.55
N CYS B 177 -10.36 67.65 30.65
CA CYS B 177 -10.84 66.27 30.62
C CYS B 177 -12.27 66.24 31.12
N ILE B 178 -12.93 65.10 30.95
CA ILE B 178 -14.27 64.98 31.44
C ILE B 178 -14.27 63.75 32.27
N SER B 179 -15.38 63.52 32.98
CA SER B 179 -15.54 62.35 33.85
C SER B 179 -16.86 61.79 33.49
N SER B 180 -17.27 60.70 34.15
CA SER B 180 -18.61 60.20 33.84
C SER B 180 -19.61 61.33 34.08
N ASP B 181 -19.41 62.12 35.12
CA ASP B 181 -20.37 63.18 35.34
C ASP B 181 -20.65 63.92 34.08
N ASP B 182 -19.68 64.22 33.25
CA ASP B 182 -19.96 65.01 32.04
C ASP B 182 -20.32 64.19 30.83
N LEU B 183 -19.74 63.01 30.75
CA LEU B 183 -20.00 62.20 29.57
C LEU B 183 -21.46 62.16 29.21
N PHE B 184 -22.32 61.78 30.13
CA PHE B 184 -23.70 61.53 29.71
C PHE B 184 -24.53 62.74 29.32
N SER B 185 -23.95 63.93 29.27
CA SER B 185 -24.67 65.11 28.73
C SER B 185 -23.82 65.78 27.73
N LEU B 186 -22.74 65.16 27.31
CA LEU B 186 -21.90 65.78 26.34
C LEU B 186 -22.76 66.34 25.20
N PRO B 187 -22.63 67.63 25.00
CA PRO B 187 -23.29 68.33 23.91
C PRO B 187 -22.70 68.05 22.57
N TYR B 188 -21.66 67.23 22.48
CA TYR B 188 -21.09 66.95 21.16
C TYR B 188 -20.58 65.54 21.16
N CYS B 189 -20.37 64.95 19.98
CA CYS B 189 -19.89 63.58 19.96
C CYS B 189 -18.43 63.62 20.31
N PRO B 190 -18.04 62.77 21.25
CA PRO B 190 -16.70 62.77 21.84
C PRO B 190 -15.56 62.63 20.90
N GLY B 191 -15.76 62.02 19.75
CA GLY B 191 -14.68 61.82 18.80
C GLY B 191 -13.65 60.80 19.28
N LYS B 192 -12.46 60.78 18.68
CA LYS B 192 -11.41 59.86 19.09
C LYS B 192 -11.23 60.09 20.55
N THR B 193 -11.33 59.07 21.39
CA THR B 193 -11.16 59.34 22.81
C THR B 193 -10.27 58.35 23.50
N LEU B 194 -9.63 58.85 24.54
CA LEU B 194 -8.76 58.07 25.41
C LEU B 194 -9.49 57.94 26.74
N VAL B 195 -9.47 56.75 27.30
CA VAL B 195 -10.13 56.53 28.57
C VAL B 195 -9.09 56.03 29.55
N VAL B 196 -8.88 56.80 30.61
CA VAL B 196 -7.82 56.52 31.60
C VAL B 196 -8.40 55.83 32.82
N GLY B 197 -7.98 54.61 33.10
CA GLY B 197 -8.61 53.89 34.19
C GLY B 197 -9.03 52.51 33.75
N ALA B 198 -9.14 51.55 34.66
CA ALA B 198 -9.53 50.24 34.18
C ALA B 198 -10.61 49.51 34.93
N SER B 199 -11.34 50.16 35.82
CA SER B 199 -12.37 49.44 36.53
C SER B 199 -13.68 49.50 35.72
N TYR B 200 -14.81 49.13 36.32
CA TYR B 200 -16.01 49.10 35.50
C TYR B 200 -16.36 50.39 34.76
N VAL B 201 -16.29 51.55 35.39
CA VAL B 201 -16.69 52.73 34.63
C VAL B 201 -15.81 52.86 33.40
N ALA B 202 -14.54 52.76 33.59
CA ALA B 202 -13.67 52.96 32.45
C ALA B 202 -13.99 51.95 31.35
N LEU B 203 -14.00 50.68 31.73
CA LEU B 203 -14.23 49.67 30.73
C LEU B 203 -15.57 49.81 30.10
N GLU B 204 -16.62 49.99 30.88
CA GLU B 204 -17.96 50.04 30.29
C GLU B 204 -18.03 51.23 29.31
N CYS B 205 -17.56 52.39 29.74
CA CYS B 205 -17.68 53.54 28.90
C CYS B 205 -16.89 53.29 27.67
N ALA B 206 -15.67 52.83 27.86
CA ALA B 206 -14.80 52.66 26.74
C ALA B 206 -15.52 51.75 25.79
N GLY B 207 -16.14 50.74 26.36
CA GLY B 207 -16.90 49.80 25.59
C GLY B 207 -17.96 50.40 24.69
N PHE B 208 -18.91 51.10 25.27
CA PHE B 208 -19.99 51.59 24.44
C PHE B 208 -19.55 52.71 23.54
N LEU B 209 -18.59 53.51 23.98
CA LEU B 209 -18.07 54.52 23.08
C LEU B 209 -17.71 53.82 21.74
N ALA B 210 -17.00 52.72 21.88
CA ALA B 210 -16.49 52.06 20.73
C ALA B 210 -17.62 51.44 19.97
N GLY B 211 -18.62 50.93 20.69
CA GLY B 211 -19.70 50.19 20.07
C GLY B 211 -20.53 51.06 19.16
N ILE B 212 -20.60 52.33 19.50
CA ILE B 212 -21.33 53.35 18.77
C ILE B 212 -20.43 53.83 17.62
N GLY B 213 -19.23 53.33 17.49
CA GLY B 213 -18.41 53.70 16.36
C GLY B 213 -17.18 54.60 16.53
N LEU B 214 -16.79 54.94 17.75
CA LEU B 214 -15.66 55.84 17.90
C LEU B 214 -14.36 55.11 18.06
N ASP B 215 -13.27 55.81 17.78
CA ASP B 215 -11.91 55.36 17.96
C ASP B 215 -11.62 55.48 19.47
N VAL B 216 -11.58 54.33 20.15
CA VAL B 216 -11.34 54.35 21.60
C VAL B 216 -10.08 53.68 22.13
N THR B 217 -9.49 54.28 23.14
CA THR B 217 -8.24 53.77 23.65
C THR B 217 -8.30 53.77 25.14
N VAL B 218 -7.89 52.67 25.74
CA VAL B 218 -7.95 52.58 27.20
C VAL B 218 -6.52 52.51 27.73
N MET B 219 -6.18 53.41 28.65
CA MET B 219 -4.82 53.47 29.25
C MET B 219 -4.88 52.92 30.68
N VAL B 220 -4.27 51.76 30.90
CA VAL B 220 -4.33 51.14 32.21
C VAL B 220 -3.06 51.30 33.02
N ARG B 221 -3.25 51.50 34.30
CA ARG B 221 -2.17 51.69 35.23
C ARG B 221 -1.57 50.36 35.45
N SER B 222 -2.40 49.42 35.85
CA SER B 222 -1.89 48.11 36.18
C SER B 222 -2.72 46.95 35.66
N ILE B 223 -3.55 46.38 36.51
CA ILE B 223 -4.36 45.24 36.16
C ILE B 223 -5.75 45.77 35.81
N LEU B 224 -6.61 44.96 35.18
CA LEU B 224 -7.95 45.41 34.87
C LEU B 224 -8.93 44.94 35.91
N LEU B 225 -9.99 45.71 36.11
CA LEU B 225 -11.04 45.33 37.04
C LEU B 225 -10.48 44.84 38.37
N ARG B 226 -9.52 45.54 38.93
CA ARG B 226 -8.97 45.08 40.19
C ARG B 226 -10.11 44.86 41.13
N GLY B 227 -10.08 43.76 41.84
CA GLY B 227 -11.15 43.42 42.77
C GLY B 227 -11.95 42.22 42.31
N PHE B 228 -12.04 42.04 41.00
CA PHE B 228 -12.82 40.95 40.50
C PHE B 228 -11.95 39.86 40.01
N ASP B 229 -12.57 38.71 39.86
CA ASP B 229 -11.85 37.56 39.38
C ASP B 229 -10.98 37.93 38.21
N GLN B 230 -9.69 38.03 38.46
CA GLN B 230 -8.76 38.40 37.40
C GLN B 230 -8.80 37.64 36.08
N ASP B 231 -9.17 36.36 36.10
CA ASP B 231 -9.27 35.66 34.83
C ASP B 231 -10.46 36.20 34.02
N MET B 232 -11.62 36.28 34.68
CA MET B 232 -12.77 36.83 34.01
C MET B 232 -12.37 38.19 33.46
N ALA B 233 -11.63 38.95 34.26
CA ALA B 233 -11.27 40.28 33.86
C ALA B 233 -10.53 40.23 32.54
N ASN B 234 -9.53 39.39 32.47
CA ASN B 234 -8.70 39.32 31.29
C ASN B 234 -9.51 38.85 30.11
N LYS B 235 -10.49 37.98 30.36
CA LYS B 235 -11.32 37.59 29.21
C LYS B 235 -12.09 38.78 28.69
N ILE B 236 -12.59 39.62 29.60
CA ILE B 236 -13.29 40.83 29.18
C ILE B 236 -12.33 41.64 28.39
N GLY B 237 -11.13 41.80 28.90
CA GLY B 237 -10.12 42.57 28.22
C GLY B 237 -9.92 42.10 26.81
N GLU B 238 -9.60 40.82 26.65
CA GLU B 238 -9.25 40.37 25.32
C GLU B 238 -10.38 40.64 24.37
N HIS B 239 -11.58 40.55 24.89
CA HIS B 239 -12.69 40.71 24.01
C HIS B 239 -12.78 42.13 23.52
N MET B 240 -12.62 43.08 24.42
CA MET B 240 -12.63 44.46 24.05
C MET B 240 -11.57 44.69 22.99
N GLU B 241 -10.41 44.11 23.18
CA GLU B 241 -9.34 44.33 22.25
C GLU B 241 -9.71 43.73 20.91
N GLU B 242 -10.39 42.61 20.92
CA GLU B 242 -10.74 41.98 19.67
C GLU B 242 -11.82 42.74 18.96
N HIS B 243 -12.53 43.60 19.67
CA HIS B 243 -13.60 44.33 19.01
C HIS B 243 -13.28 45.84 18.92
N GLY B 244 -12.05 46.10 18.47
CA GLY B 244 -11.51 47.43 18.22
C GLY B 244 -11.31 48.41 19.36
N ILE B 245 -11.10 47.94 20.56
CA ILE B 245 -10.74 48.89 21.58
C ILE B 245 -9.22 48.81 21.78
N LYS B 246 -8.49 49.89 21.58
CA LYS B 246 -7.04 49.81 21.72
C LYS B 246 -6.70 50.01 23.16
N PHE B 247 -5.67 49.29 23.62
CA PHE B 247 -5.23 49.32 25.00
C PHE B 247 -3.75 49.71 25.10
N ILE B 248 -3.43 50.55 26.07
CA ILE B 248 -2.04 50.92 26.33
C ILE B 248 -1.81 50.46 27.73
N ARG B 249 -0.95 49.47 27.90
CA ARG B 249 -0.73 48.91 29.26
C ARG B 249 0.40 49.53 30.07
N GLN B 250 0.14 49.70 31.36
CA GLN B 250 1.13 50.26 32.28
C GLN B 250 1.61 51.63 31.88
N PHE B 251 0.70 52.59 31.99
CA PHE B 251 1.03 53.98 31.72
C PHE B 251 0.03 54.85 32.45
N VAL B 252 0.47 56.04 32.83
CA VAL B 252 -0.40 56.98 33.53
C VAL B 252 -0.11 58.37 33.05
N PRO B 253 -1.14 59.05 32.63
CA PRO B 253 -1.03 60.41 32.11
C PRO B 253 -0.19 61.29 33.01
N THR B 254 0.58 62.21 32.45
CA THR B 254 1.40 63.06 33.28
C THR B 254 1.01 64.50 33.12
N LYS B 255 0.52 64.79 31.93
CA LYS B 255 0.08 66.13 31.62
C LYS B 255 -0.83 66.06 30.41
N ILE B 256 -1.88 66.86 30.43
CA ILE B 256 -2.75 66.89 29.29
C ILE B 256 -2.93 68.35 28.88
N GLU B 257 -2.45 68.69 27.69
CA GLU B 257 -2.53 70.06 27.18
C GLU B 257 -3.40 70.13 25.94
N GLN B 258 -4.00 71.30 25.77
CA GLN B 258 -4.95 71.56 24.70
C GLN B 258 -4.31 72.10 23.44
N ILE B 259 -4.27 71.31 22.38
CA ILE B 259 -3.70 71.78 21.16
C ILE B 259 -4.62 72.76 20.47
N GLU B 260 -5.91 72.48 20.53
CA GLU B 260 -6.88 73.37 19.92
C GLU B 260 -8.21 73.26 20.66
N ALA B 261 -8.86 74.41 20.82
CA ALA B 261 -10.12 74.46 21.52
C ALA B 261 -11.18 74.11 20.52
N GLY B 262 -12.34 73.76 21.00
CA GLY B 262 -13.40 73.36 20.08
C GLY B 262 -14.31 72.35 20.71
N THR B 263 -15.49 72.14 20.13
CA THR B 263 -16.40 71.21 20.78
C THR B 263 -15.52 69.98 20.78
N PRO B 264 -15.65 68.99 19.91
CA PRO B 264 -14.58 67.99 19.97
C PRO B 264 -13.31 68.84 19.62
N GLY B 265 -12.59 69.32 20.65
CA GLY B 265 -11.37 70.05 20.40
C GLY B 265 -10.27 69.03 20.19
N ARG B 266 -9.02 69.42 20.45
CA ARG B 266 -7.89 68.52 20.31
C ARG B 266 -6.96 68.53 21.53
N LEU B 267 -6.83 67.40 22.22
CA LEU B 267 -5.92 67.40 23.36
C LEU B 267 -4.68 66.57 23.08
N LYS B 268 -3.58 66.97 23.71
CA LYS B 268 -2.32 66.26 23.60
C LYS B 268 -2.02 65.60 24.95
N VAL B 269 -2.11 64.27 25.01
CA VAL B 269 -1.84 63.58 26.26
C VAL B 269 -0.48 62.94 26.26
N THR B 270 0.24 63.04 27.37
CA THR B 270 1.53 62.37 27.44
C THR B 270 1.51 61.54 28.71
N ALA B 271 2.23 60.42 28.66
CA ALA B 271 2.26 59.57 29.82
C ALA B 271 3.58 58.85 30.01
N LYS B 272 3.80 58.37 31.24
CA LYS B 272 5.02 57.66 31.65
C LYS B 272 4.57 56.37 32.33
N SER B 273 5.38 55.31 32.35
CA SER B 273 4.94 54.05 33.02
C SER B 273 5.82 53.70 34.19
N THR B 274 5.95 52.39 34.51
CA THR B 274 6.94 51.93 35.53
C THR B 274 8.29 51.82 34.92
N ASN B 275 8.36 52.07 33.64
CA ASN B 275 9.54 51.92 32.82
C ASN B 275 10.33 53.20 32.58
N SER B 276 9.96 54.33 33.19
CA SER B 276 10.65 55.62 32.90
C SER B 276 10.55 56.18 31.45
N GLU B 277 9.98 55.42 30.53
CA GLU B 277 9.76 55.92 29.17
C GLU B 277 8.55 56.84 29.10
N GLU B 278 8.44 57.63 28.05
CA GLU B 278 7.27 58.46 27.96
C GLU B 278 6.71 58.50 26.54
N THR B 279 5.38 58.59 26.43
CA THR B 279 4.76 58.68 25.12
C THR B 279 3.80 59.85 24.98
N ILE B 280 3.96 60.57 23.88
CA ILE B 280 3.11 61.72 23.62
C ILE B 280 1.96 61.15 22.78
N GLU B 281 1.05 60.59 23.50
CA GLU B 281 -0.04 59.97 22.80
C GLU B 281 -0.71 60.92 21.87
N ASP B 282 -0.62 60.51 20.61
CA ASP B 282 -1.26 61.23 19.56
C ASP B 282 -2.44 61.80 20.28
N GLU B 283 -2.70 63.06 20.00
CA GLU B 283 -3.84 63.72 20.51
C GLU B 283 -5.17 62.93 20.38
N PHE B 284 -6.11 63.30 21.21
CA PHE B 284 -7.45 62.80 21.11
C PHE B 284 -8.41 63.99 21.14
N ASN B 285 -9.65 63.72 20.82
CA ASN B 285 -10.67 64.73 20.88
C ASN B 285 -11.20 64.86 22.30
N THR B 286 -11.34 63.76 23.01
CA THR B 286 -11.83 63.83 24.35
C THR B 286 -11.07 62.86 25.22
N VAL B 287 -10.88 63.21 26.48
CA VAL B 287 -10.17 62.35 27.39
C VAL B 287 -11.05 61.99 28.56
N LEU B 288 -11.44 60.72 28.64
CA LEU B 288 -12.37 60.26 29.65
C LEU B 288 -11.58 59.88 30.87
N LEU B 289 -11.69 60.69 31.90
CA LEU B 289 -10.85 60.49 33.05
C LEU B 289 -11.48 59.71 34.18
N ALA B 290 -12.49 58.89 34.00
CA ALA B 290 -12.98 58.24 35.23
C ALA B 290 -11.96 57.25 35.69
N VAL B 291 -11.52 57.39 36.93
CA VAL B 291 -10.42 56.64 37.51
C VAL B 291 -10.57 56.60 39.02
N GLY B 292 -11.79 56.49 39.54
CA GLY B 292 -12.00 56.47 40.99
C GLY B 292 -13.06 57.46 41.49
N ARG B 293 -13.48 57.33 42.74
CA ARG B 293 -14.48 58.27 43.21
C ARG B 293 -14.20 58.51 44.67
N ASP B 294 -14.41 59.74 45.12
CA ASP B 294 -14.15 60.11 46.50
C ASP B 294 -15.44 60.48 47.21
N SER B 295 -15.62 59.94 48.41
CA SER B 295 -16.84 60.17 49.16
C SER B 295 -17.02 61.61 49.57
N CYS B 296 -18.23 62.13 49.40
CA CYS B 296 -18.52 63.51 49.79
C CYS B 296 -18.77 63.57 51.27
N THR B 297 -17.71 63.56 52.06
CA THR B 297 -17.87 63.57 53.48
C THR B 297 -17.03 64.69 54.04
N ARG B 298 -16.20 65.29 53.20
CA ARG B 298 -15.30 66.34 53.63
C ARG B 298 -15.92 67.67 54.04
N THR B 299 -16.85 68.20 53.26
CA THR B 299 -17.33 69.53 53.59
C THR B 299 -18.79 69.62 53.96
N ILE B 300 -19.22 68.69 54.79
CA ILE B 300 -20.60 68.73 55.23
C ILE B 300 -20.68 68.95 56.74
N GLY B 301 -19.61 69.56 57.29
CA GLY B 301 -19.52 69.89 58.69
C GLY B 301 -19.58 68.75 59.69
N LEU B 302 -18.93 67.63 59.40
CA LEU B 302 -19.00 66.51 60.33
C LEU B 302 -18.36 66.81 61.66
N GLU B 303 -17.26 67.55 61.65
CA GLU B 303 -16.61 67.91 62.92
C GLU B 303 -17.58 68.51 63.93
N THR B 304 -18.54 69.30 63.45
CA THR B 304 -19.45 69.98 64.35
C THR B 304 -20.42 69.06 65.06
N VAL B 305 -20.49 67.80 64.65
CA VAL B 305 -21.41 66.90 65.33
C VAL B 305 -20.67 65.74 65.98
N GLY B 306 -19.41 65.61 65.66
CA GLY B 306 -18.58 64.58 66.25
C GLY B 306 -18.59 63.26 65.50
N VAL B 307 -18.91 63.28 64.22
CA VAL B 307 -18.94 62.03 63.48
C VAL B 307 -17.56 61.65 63.02
N LYS B 308 -17.11 60.44 63.36
CA LYS B 308 -15.75 60.04 63.00
C LYS B 308 -15.78 59.44 61.62
N ILE B 309 -14.70 59.62 60.87
CA ILE B 309 -14.66 59.12 59.51
C ILE B 309 -13.25 58.76 59.17
N ASN B 310 -13.08 57.78 58.30
CA ASN B 310 -11.77 57.40 57.87
C ASN B 310 -11.16 58.59 57.15
N GLU B 311 -10.18 59.25 57.77
CA GLU B 311 -9.60 60.47 57.18
C GLU B 311 -8.86 60.25 55.88
N LYS B 312 -8.48 59.02 55.58
CA LYS B 312 -7.75 58.72 54.36
C LYS B 312 -8.69 58.58 53.17
N THR B 313 -9.59 57.60 53.20
CA THR B 313 -10.64 57.43 52.18
C THR B 313 -11.88 57.92 52.85
N GLY B 314 -12.29 59.15 52.60
CA GLY B 314 -13.42 59.69 53.36
C GLY B 314 -14.61 58.81 53.71
N LYS B 315 -14.50 57.49 53.64
CA LYS B 315 -15.65 56.61 53.94
C LYS B 315 -16.04 56.71 55.42
N ILE B 316 -17.31 56.49 55.76
CA ILE B 316 -17.76 56.54 57.15
C ILE B 316 -17.90 55.12 57.75
N PRO B 317 -17.17 54.83 58.80
CA PRO B 317 -17.28 53.53 59.46
C PRO B 317 -18.63 53.49 60.11
N VAL B 318 -19.20 52.31 60.32
CA VAL B 318 -20.56 52.26 60.81
C VAL B 318 -20.96 50.88 61.38
N THR B 319 -21.97 50.84 62.25
CA THR B 319 -22.38 49.59 62.87
C THR B 319 -23.04 48.75 61.83
N ASP B 320 -23.44 47.53 62.20
CA ASP B 320 -24.08 46.67 61.22
C ASP B 320 -25.49 47.15 61.04
N GLU B 321 -25.80 48.29 61.63
CA GLU B 321 -27.14 48.83 61.57
C GLU B 321 -27.10 50.18 60.89
N GLU B 322 -25.91 50.54 60.42
CA GLU B 322 -25.69 51.78 59.70
C GLU B 322 -25.61 52.99 60.60
N GLN B 323 -25.43 52.76 61.89
CA GLN B 323 -25.29 53.84 62.84
C GLN B 323 -23.82 54.32 62.88
N THR B 324 -23.59 55.62 62.87
CA THR B 324 -22.23 56.13 63.04
C THR B 324 -21.91 56.07 64.50
N ASN B 325 -20.78 56.69 64.87
CA ASN B 325 -20.35 56.76 66.25
C ASN B 325 -21.31 57.66 67.04
N VAL B 326 -22.00 58.51 66.29
CA VAL B 326 -22.93 59.46 66.85
C VAL B 326 -24.33 58.88 66.75
N PRO B 327 -24.86 58.49 67.91
CA PRO B 327 -26.11 57.75 68.02
C PRO B 327 -27.24 58.15 67.09
N TYR B 328 -27.45 59.44 66.88
CA TYR B 328 -28.59 59.84 66.07
C TYR B 328 -28.20 60.09 64.62
N ILE B 329 -26.98 59.76 64.25
CA ILE B 329 -26.55 59.99 62.88
C ILE B 329 -26.20 58.74 62.14
N TYR B 330 -26.88 58.49 61.03
CA TYR B 330 -26.74 57.26 60.26
C TYR B 330 -26.22 57.57 58.89
N ALA B 331 -25.65 56.59 58.22
CA ALA B 331 -25.20 56.86 56.87
C ALA B 331 -25.55 55.70 55.97
N ILE B 332 -25.47 55.91 54.66
CA ILE B 332 -25.97 54.90 53.77
C ILE B 332 -25.26 54.93 52.42
N GLY B 333 -25.26 53.81 51.73
CA GLY B 333 -24.74 53.82 50.38
C GLY B 333 -23.26 53.79 50.22
N ASP B 334 -22.80 54.39 49.13
CA ASP B 334 -21.37 54.39 48.80
C ASP B 334 -20.46 54.85 49.92
N ILE B 335 -20.89 55.92 50.58
CA ILE B 335 -20.22 56.51 51.71
C ILE B 335 -19.72 55.49 52.74
N LEU B 336 -20.44 54.37 52.86
CA LEU B 336 -20.16 53.38 53.89
C LEU B 336 -18.80 52.73 53.79
N GLU B 337 -18.04 52.77 54.86
CA GLU B 337 -16.71 52.15 54.83
C GLU B 337 -16.82 50.64 54.86
N GLY B 338 -16.19 49.98 53.92
CA GLY B 338 -16.25 48.53 53.89
C GLY B 338 -17.42 47.96 53.13
N LYS B 339 -18.38 48.75 52.74
CA LYS B 339 -19.54 48.15 52.08
C LYS B 339 -19.35 48.12 50.59
N LEU B 340 -20.42 47.97 49.81
CA LEU B 340 -20.23 47.97 48.35
C LEU B 340 -20.84 49.24 47.80
N GLU B 341 -20.32 49.70 46.68
CA GLU B 341 -20.81 50.94 46.10
C GLU B 341 -21.86 50.56 45.08
N LEU B 342 -23.06 50.18 45.52
CA LEU B 342 -24.11 49.71 44.58
C LEU B 342 -25.55 50.20 44.86
N THR B 343 -26.21 50.76 43.85
CA THR B 343 -27.57 51.30 44.04
C THR B 343 -28.47 50.35 44.83
N PRO B 344 -28.73 49.15 44.33
CA PRO B 344 -29.53 48.22 45.10
C PRO B 344 -29.17 48.16 46.55
N VAL B 345 -27.88 48.01 46.79
CA VAL B 345 -27.44 47.91 48.15
C VAL B 345 -27.83 49.17 48.90
N ALA B 346 -27.47 50.32 48.37
CA ALA B 346 -27.93 51.55 49.01
C ALA B 346 -29.46 51.57 49.18
N ILE B 347 -30.23 51.31 48.13
CA ILE B 347 -31.65 51.37 48.39
C ILE B 347 -32.06 50.39 49.48
N GLN B 348 -31.46 49.20 49.53
CA GLN B 348 -31.92 48.27 50.56
C GLN B 348 -31.61 48.80 51.93
N ALA B 349 -30.36 49.27 52.07
CA ALA B 349 -29.90 49.79 53.33
C ALA B 349 -30.94 50.80 53.76
N GLY B 350 -31.07 51.83 52.93
CA GLY B 350 -31.96 52.92 53.22
C GLY B 350 -33.31 52.41 53.61
N ARG B 351 -33.86 51.59 52.74
CA ARG B 351 -35.17 51.02 52.98
C ARG B 351 -35.23 50.39 54.35
N LEU B 352 -34.40 49.36 54.56
CA LEU B 352 -34.53 48.63 55.82
C LEU B 352 -34.19 49.52 57.03
N LEU B 353 -33.38 50.56 56.81
CA LEU B 353 -33.03 51.44 57.91
C LEU B 353 -34.30 52.02 58.45
N ALA B 354 -35.04 52.68 57.57
CA ALA B 354 -36.29 53.27 58.00
C ALA B 354 -37.12 52.19 58.69
N GLN B 355 -37.17 51.01 58.07
CA GLN B 355 -37.97 49.95 58.64
C GLN B 355 -37.59 49.69 60.07
N ARG B 356 -36.30 49.67 60.37
CA ARG B 356 -35.90 49.44 61.75
C ARG B 356 -36.29 50.62 62.65
N LEU B 357 -35.96 51.84 62.23
CA LEU B 357 -36.25 53.00 63.07
C LEU B 357 -37.71 53.19 63.41
N TYR B 358 -38.52 53.32 62.38
CA TYR B 358 -39.92 53.65 62.55
C TYR B 358 -40.88 52.48 62.40
N GLY B 359 -40.38 51.33 61.95
CA GLY B 359 -41.28 50.21 61.73
C GLY B 359 -41.15 49.07 62.71
N GLY B 360 -40.29 49.27 63.70
CA GLY B 360 -40.06 48.21 64.67
C GLY B 360 -39.67 46.87 64.04
N SER B 361 -38.66 46.86 63.17
CA SER B 361 -38.17 45.60 62.65
C SER B 361 -36.72 45.38 63.07
N THR B 362 -36.24 44.15 62.92
CA THR B 362 -34.90 43.83 63.37
C THR B 362 -34.04 43.38 62.22
N VAL B 363 -34.53 43.55 61.00
CA VAL B 363 -33.78 43.06 59.86
C VAL B 363 -32.69 44.01 59.43
N LYS B 364 -31.49 43.50 59.25
CA LYS B 364 -30.45 44.38 58.79
C LYS B 364 -30.10 44.03 57.38
N CYS B 365 -29.29 44.86 56.80
CA CYS B 365 -28.97 44.70 55.41
C CYS B 365 -27.84 43.72 55.32
N ASP B 366 -27.99 42.70 54.49
CA ASP B 366 -26.97 41.67 54.40
C ASP B 366 -26.03 42.01 53.27
N TYR B 367 -24.82 42.42 53.54
CA TYR B 367 -24.00 42.75 52.40
C TYR B 367 -23.14 41.57 51.91
N ASP B 368 -23.56 40.34 52.16
CA ASP B 368 -22.77 39.19 51.68
C ASP B 368 -23.27 38.61 50.36
N ASN B 369 -22.35 38.39 49.44
CA ASN B 369 -22.79 37.79 48.19
C ASN B 369 -23.81 38.55 47.39
N VAL B 370 -23.69 39.86 47.26
CA VAL B 370 -24.66 40.61 46.45
C VAL B 370 -24.17 40.66 45.02
N PRO B 371 -25.03 40.22 44.10
CA PRO B 371 -24.76 40.24 42.67
C PRO B 371 -24.27 41.50 42.16
N THR B 372 -23.68 41.42 41.00
CA THR B 372 -23.21 42.62 40.39
C THR B 372 -22.92 42.25 38.97
N THR B 373 -23.04 43.18 38.04
CA THR B 373 -22.61 42.83 36.69
C THR B 373 -22.07 44.07 36.00
N VAL B 374 -21.00 43.91 35.25
CA VAL B 374 -20.39 45.03 34.62
C VAL B 374 -20.77 44.99 33.18
N PHE B 375 -21.30 46.10 32.65
CA PHE B 375 -21.80 46.09 31.28
C PHE B 375 -20.83 46.39 30.18
N THR B 376 -19.75 45.62 30.10
CA THR B 376 -18.80 45.73 29.00
C THR B 376 -19.46 45.21 27.74
N PRO B 377 -18.87 45.42 26.59
CA PRO B 377 -19.49 44.98 25.36
C PRO B 377 -19.98 43.57 25.51
N LEU B 378 -19.20 42.76 26.20
CA LEU B 378 -19.58 41.41 26.42
C LEU B 378 -19.74 41.37 27.93
N GLU B 379 -20.99 41.39 28.37
CA GLU B 379 -21.30 41.57 29.77
C GLU B 379 -20.65 40.54 30.68
N TYR B 380 -20.56 40.88 31.96
CA TYR B 380 -19.96 39.99 32.97
C TYR B 380 -20.76 40.07 34.25
N GLY B 381 -21.40 38.96 34.62
CA GLY B 381 -22.14 38.90 35.87
C GLY B 381 -21.44 37.98 36.87
N CYS B 382 -21.51 38.30 38.13
CA CYS B 382 -20.85 37.44 39.09
C CYS B 382 -21.38 37.70 40.46
N CYS B 383 -21.31 36.63 41.28
CA CYS B 383 -21.85 36.67 42.61
C CYS B 383 -21.02 35.78 43.47
N GLY B 384 -20.58 36.30 44.61
CA GLY B 384 -19.79 35.49 45.52
C GLY B 384 -18.30 35.70 45.36
N LEU B 385 -17.52 34.73 45.78
CA LEU B 385 -16.10 34.92 45.74
C LEU B 385 -15.49 34.71 44.36
N SER B 386 -14.33 35.30 44.14
CA SER B 386 -13.64 35.11 42.89
C SER B 386 -12.73 33.92 43.12
N GLU B 387 -12.47 33.16 42.07
CA GLU B 387 -11.67 31.95 42.19
C GLU B 387 -10.47 32.17 43.09
N GLU B 388 -9.63 33.13 42.76
CA GLU B 388 -8.44 33.29 43.55
C GLU B 388 -8.81 33.64 44.97
N LYS B 389 -9.88 34.37 45.13
CA LYS B 389 -10.29 34.79 46.45
C LYS B 389 -10.83 33.58 47.24
N ALA B 390 -11.30 32.59 46.48
CA ALA B 390 -11.81 31.38 47.11
C ALA B 390 -10.65 30.53 47.61
N VAL B 391 -9.60 30.41 46.81
CA VAL B 391 -8.54 29.55 47.25
C VAL B 391 -7.87 30.14 48.46
N GLU B 392 -7.96 31.46 48.56
CA GLU B 392 -7.31 32.09 49.67
C GLU B 392 -8.07 31.77 50.92
N LYS B 393 -9.39 31.92 50.83
CA LYS B 393 -10.23 31.66 52.00
C LYS B 393 -10.37 30.19 52.33
N PHE B 394 -10.52 29.33 51.33
CA PHE B 394 -10.74 27.94 51.62
C PHE B 394 -9.55 27.00 51.34
N GLY B 395 -8.50 27.50 50.69
CA GLY B 395 -7.36 26.65 50.37
C GLY B 395 -7.48 25.95 49.03
N GLU B 396 -6.50 26.19 48.17
CA GLU B 396 -6.50 25.61 46.84
C GLU B 396 -7.00 24.21 46.96
N GLU B 397 -6.36 23.43 47.84
CA GLU B 397 -6.71 21.99 47.94
C GLU B 397 -8.22 21.76 48.01
N ASN B 398 -8.97 22.69 48.59
CA ASN B 398 -10.38 22.44 48.80
C ASN B 398 -11.34 23.08 47.83
N ILE B 399 -10.80 23.65 46.75
CA ILE B 399 -11.69 24.24 45.78
C ILE B 399 -11.74 23.46 44.50
N GLU B 400 -12.95 23.29 43.98
CA GLU B 400 -13.19 22.65 42.70
C GLU B 400 -13.90 23.67 41.86
N VAL B 401 -13.37 23.90 40.66
CA VAL B 401 -13.88 24.91 39.74
C VAL B 401 -14.43 24.32 38.43
N TYR B 402 -15.75 24.25 38.32
CA TYR B 402 -16.40 23.74 37.11
C TYR B 402 -16.63 24.89 36.09
N HIS B 403 -16.25 24.68 34.85
CA HIS B 403 -16.40 25.73 33.84
C HIS B 403 -16.60 25.21 32.42
N SER B 404 -17.03 26.09 31.54
CA SER B 404 -17.29 25.74 30.18
C SER B 404 -17.48 26.96 29.33
N PHE B 405 -17.27 26.81 28.02
CA PHE B 405 -17.56 27.94 27.14
C PHE B 405 -18.95 27.71 26.63
N PHE B 406 -19.53 28.72 26.00
CA PHE B 406 -20.80 28.50 25.34
C PHE B 406 -20.99 29.48 24.21
N TRP B 407 -21.99 29.19 23.37
CA TRP B 407 -22.21 29.95 22.17
C TRP B 407 -23.67 30.27 22.06
N PRO B 408 -24.05 31.50 22.33
CA PRO B 408 -25.48 31.86 22.32
C PRO B 408 -26.12 31.54 21.00
N LEU B 409 -27.19 30.75 21.05
CA LEU B 409 -27.90 30.37 19.85
C LEU B 409 -28.06 31.55 18.94
N GLU B 410 -28.35 32.69 19.52
CA GLU B 410 -28.56 33.90 18.76
C GLU B 410 -27.32 34.26 17.91
N TRP B 411 -26.13 33.88 18.31
CA TRP B 411 -24.98 34.26 17.54
C TRP B 411 -24.64 33.37 16.35
N THR B 412 -25.31 32.25 16.21
CA THR B 412 -24.92 31.32 15.16
C THR B 412 -25.24 31.84 13.77
N VAL B 413 -26.49 32.23 13.54
CA VAL B 413 -26.89 32.71 12.23
C VAL B 413 -25.96 33.84 11.80
N PRO B 414 -25.70 34.80 12.67
CA PRO B 414 -24.70 35.83 12.43
C PRO B 414 -23.31 35.30 12.18
N SER B 415 -23.09 34.15 12.79
CA SER B 415 -21.85 33.43 12.69
C SER B 415 -20.70 34.24 13.30
N ARG B 416 -20.76 34.49 14.59
CA ARG B 416 -19.72 35.27 15.20
C ARG B 416 -19.42 34.88 16.65
N ASP B 417 -18.23 35.24 17.09
CA ASP B 417 -17.88 35.07 18.46
C ASP B 417 -18.11 33.69 19.07
N ASN B 418 -17.81 32.63 18.35
CA ASN B 418 -17.91 31.34 19.00
C ASN B 418 -16.79 31.18 20.08
N ASN B 419 -17.03 30.30 21.03
CA ASN B 419 -16.15 30.13 22.15
C ASN B 419 -15.65 31.40 22.77
N LYS B 420 -16.56 32.28 23.19
CA LYS B 420 -16.14 33.49 23.89
C LYS B 420 -16.93 33.60 25.16
N CYS B 421 -18.25 33.43 25.07
CA CYS B 421 -19.11 33.53 26.22
C CYS B 421 -18.62 32.46 27.16
N TYR B 422 -18.44 32.76 28.45
CA TYR B 422 -17.82 31.80 29.37
C TYR B 422 -18.55 31.73 30.67
N ALA B 423 -18.50 30.58 31.33
CA ALA B 423 -19.21 30.47 32.59
C ALA B 423 -18.46 29.56 33.46
N LYS B 424 -18.35 29.92 34.73
CA LYS B 424 -17.66 29.05 35.66
C LYS B 424 -18.34 29.17 37.01
N VAL B 425 -18.13 28.17 37.85
CA VAL B 425 -18.70 28.19 39.16
C VAL B 425 -17.66 27.61 40.06
N ILE B 426 -17.39 28.25 41.20
CA ILE B 426 -16.36 27.77 42.11
C ILE B 426 -16.99 27.16 43.35
N CYS B 427 -16.56 25.96 43.72
CA CYS B 427 -17.15 25.22 44.84
C CYS B 427 -16.22 24.85 45.96
N ASN B 428 -16.79 24.74 47.15
CA ASN B 428 -16.01 24.40 48.32
C ASN B 428 -16.08 22.92 48.70
N LEU B 429 -15.05 22.18 48.29
CA LEU B 429 -15.02 20.75 48.49
C LEU B 429 -15.26 20.34 49.92
N LYS B 430 -14.86 21.21 50.84
CA LYS B 430 -15.05 20.90 52.26
C LYS B 430 -16.47 21.22 52.73
N ASP B 431 -17.37 21.60 51.82
CA ASP B 431 -18.73 21.89 52.20
C ASP B 431 -19.73 21.45 51.13
N ASN B 432 -19.76 20.15 50.85
CA ASN B 432 -20.72 19.69 49.89
C ASN B 432 -20.52 20.38 48.59
N GLU B 433 -19.34 20.91 48.32
CA GLU B 433 -19.20 21.60 47.06
C GLU B 433 -20.23 22.71 47.01
N ARG B 434 -20.36 23.43 48.10
CA ARG B 434 -21.25 24.59 48.15
C ARG B 434 -20.69 25.56 47.11
N VAL B 435 -21.55 26.03 46.21
CA VAL B 435 -21.10 27.00 45.21
C VAL B 435 -20.91 28.32 45.90
N VAL B 436 -19.69 28.78 45.97
CA VAL B 436 -19.35 30.01 46.67
C VAL B 436 -18.87 31.06 45.70
N GLY B 437 -18.85 30.69 44.42
CA GLY B 437 -18.51 31.64 43.39
C GLY B 437 -19.34 31.42 42.15
N PHE B 438 -19.76 32.50 41.50
CA PHE B 438 -20.54 32.36 40.32
C PHE B 438 -20.08 33.38 39.31
N HIS B 439 -19.68 32.94 38.13
CA HIS B 439 -19.21 33.88 37.12
C HIS B 439 -19.71 33.56 35.73
N VAL B 440 -20.25 34.55 35.06
CA VAL B 440 -20.70 34.34 33.72
C VAL B 440 -20.28 35.51 32.91
N LEU B 441 -19.79 35.19 31.74
CA LEU B 441 -19.32 36.18 30.82
C LEU B 441 -20.08 35.94 29.51
N GLY B 442 -21.25 36.57 29.38
CA GLY B 442 -22.06 36.43 28.17
C GLY B 442 -23.18 37.46 28.07
N PRO B 443 -24.08 37.29 27.10
CA PRO B 443 -25.23 38.16 26.92
C PRO B 443 -26.09 38.31 28.12
N ASN B 444 -26.77 39.43 28.29
CA ASN B 444 -27.70 39.48 29.39
C ASN B 444 -27.19 38.93 30.69
N ALA B 445 -25.92 39.07 30.93
CA ALA B 445 -25.34 38.52 32.12
C ALA B 445 -26.14 38.84 33.38
N GLY B 446 -26.58 40.08 33.53
CA GLY B 446 -27.30 40.41 34.73
C GLY B 446 -28.54 39.55 34.89
N GLU B 447 -29.34 39.49 33.86
CA GLU B 447 -30.52 38.70 33.97
C GLU B 447 -30.16 37.26 34.30
N VAL B 448 -29.02 36.81 33.83
CA VAL B 448 -28.67 35.44 34.16
C VAL B 448 -28.26 35.40 35.62
N THR B 449 -27.37 36.26 36.03
CA THR B 449 -26.88 36.18 37.37
C THR B 449 -27.89 36.36 38.48
N GLN B 450 -28.88 37.21 38.31
CA GLN B 450 -29.76 37.51 39.43
C GLN B 450 -30.24 36.29 40.11
N GLY B 451 -30.88 35.42 39.34
CA GLY B 451 -31.45 34.20 39.90
C GLY B 451 -30.47 33.42 40.78
N PHE B 452 -29.30 33.09 40.24
CA PHE B 452 -28.32 32.36 40.99
C PHE B 452 -27.92 33.07 42.28
N ALA B 453 -27.92 34.40 42.27
CA ALA B 453 -27.56 35.04 43.52
C ALA B 453 -28.56 34.61 44.57
N ALA B 454 -29.80 34.50 44.19
CA ALA B 454 -30.77 34.09 45.20
C ALA B 454 -30.39 32.72 45.70
N ALA B 455 -30.16 31.84 44.73
CA ALA B 455 -29.76 30.50 45.07
C ALA B 455 -28.61 30.57 46.06
N LEU B 456 -27.58 31.39 45.82
CA LEU B 456 -26.51 31.44 46.81
C LEU B 456 -27.07 31.80 48.20
N LYS B 457 -28.04 32.68 48.26
CA LYS B 457 -28.70 32.97 49.53
C LYS B 457 -29.35 31.72 50.15
N CYS B 458 -29.49 30.65 49.39
CA CYS B 458 -30.08 29.47 49.99
C CYS B 458 -29.03 28.38 50.06
N GLY B 459 -27.76 28.74 50.03
CA GLY B 459 -26.71 27.74 50.14
C GLY B 459 -26.68 26.69 49.03
N LEU B 460 -26.89 27.13 47.81
CA LEU B 460 -26.87 26.24 46.67
C LEU B 460 -25.62 25.39 46.64
N THR B 461 -25.79 24.09 46.43
CA THR B 461 -24.66 23.18 46.31
C THR B 461 -24.55 22.58 44.93
N LYS B 462 -23.35 22.15 44.60
CA LYS B 462 -23.09 21.67 43.24
C LYS B 462 -24.06 20.57 42.86
N GLN B 463 -24.29 19.66 43.78
CA GLN B 463 -25.20 18.61 43.41
C GLN B 463 -26.57 19.21 43.18
N GLN B 464 -26.97 20.19 43.97
CA GLN B 464 -28.30 20.71 43.71
C GLN B 464 -28.26 21.38 42.35
N LEU B 465 -27.23 22.19 42.10
CA LEU B 465 -27.18 22.89 40.82
C LEU B 465 -27.38 21.87 39.73
N ASP B 466 -26.58 20.79 39.73
CA ASP B 466 -26.68 19.77 38.69
C ASP B 466 -28.08 19.23 38.60
N SER B 467 -28.72 19.08 39.75
CA SER B 467 -30.06 18.50 39.81
C SER B 467 -31.13 19.38 39.19
N THR B 468 -30.84 20.66 39.02
CA THR B 468 -31.78 21.55 38.39
C THR B 468 -31.67 21.27 36.94
N ILE B 469 -32.76 21.49 36.21
CA ILE B 469 -32.77 21.22 34.79
C ILE B 469 -32.70 22.53 34.03
N GLY B 470 -32.22 22.50 32.82
CA GLY B 470 -32.00 23.76 32.14
C GLY B 470 -33.15 24.20 31.28
N ILE B 471 -33.22 25.50 30.97
CA ILE B 471 -34.20 25.97 30.02
C ILE B 471 -33.45 26.05 28.72
N HIS B 472 -34.04 25.49 27.67
CA HIS B 472 -33.33 25.42 26.42
C HIS B 472 -34.19 25.98 25.28
N PRO B 473 -33.59 26.75 24.38
CA PRO B 473 -32.16 27.06 24.39
C PRO B 473 -32.00 28.45 24.91
N VAL B 474 -31.17 28.60 25.92
CA VAL B 474 -31.02 29.84 26.61
C VAL B 474 -29.65 29.83 27.21
N CYS B 475 -28.96 30.95 27.20
CA CYS B 475 -27.61 30.92 27.68
C CYS B 475 -27.49 30.39 29.07
N ALA B 476 -28.25 30.91 30.00
CA ALA B 476 -28.07 30.49 31.38
C ALA B 476 -28.01 28.98 31.63
N GLU B 477 -28.55 28.17 30.72
CA GLU B 477 -28.49 26.72 30.97
C GLU B 477 -27.09 26.08 31.16
N ILE B 478 -26.01 26.61 30.61
CA ILE B 478 -24.77 25.86 30.84
C ILE B 478 -24.51 25.68 32.30
N PHE B 479 -25.17 26.44 33.14
CA PHE B 479 -24.88 26.30 34.56
C PHE B 479 -25.49 25.04 35.07
N THR B 480 -26.43 24.50 34.31
CA THR B 480 -27.14 23.33 34.76
C THR B 480 -26.36 22.10 34.38
N THR B 481 -25.25 22.30 33.66
CA THR B 481 -24.46 21.15 33.22
C THR B 481 -22.96 21.36 33.22
N LEU B 482 -22.44 22.00 34.27
CA LEU B 482 -21.02 22.20 34.36
C LEU B 482 -20.37 20.89 34.77
N SER B 483 -19.80 20.20 33.81
CA SER B 483 -19.23 18.92 34.14
C SER B 483 -17.70 18.90 34.17
N VAL B 484 -17.08 19.77 33.40
CA VAL B 484 -15.65 19.68 33.33
C VAL B 484 -15.02 20.53 34.40
N THR B 485 -14.01 19.98 35.08
CA THR B 485 -13.38 20.78 36.11
C THR B 485 -12.04 21.34 35.66
N LYS B 486 -11.68 22.50 36.20
CA LYS B 486 -10.45 23.13 35.82
C LYS B 486 -9.29 22.23 36.21
N ARG B 487 -9.41 21.63 37.38
CA ARG B 487 -8.30 20.86 37.93
C ARG B 487 -7.81 19.72 37.07
N SER B 488 -8.53 19.43 36.02
CA SER B 488 -8.11 18.27 35.26
C SER B 488 -8.45 18.51 33.83
N GLY B 489 -9.67 18.92 33.75
CA GLY B 489 -10.39 19.27 32.58
C GLY B 489 -9.89 19.25 31.17
N GLY B 490 -8.71 19.66 30.84
CA GLY B 490 -8.48 19.61 29.42
C GLY B 490 -9.41 20.60 28.67
N ASP B 491 -10.01 20.12 27.58
CA ASP B 491 -10.71 20.98 26.68
C ASP B 491 -12.12 21.34 27.04
N ILE B 492 -12.48 22.61 26.87
CA ILE B 492 -13.84 22.96 27.05
C ILE B 492 -14.18 23.77 25.83
N LEU B 493 -13.30 23.57 24.86
CA LEU B 493 -13.54 24.15 23.55
C LEU B 493 -14.54 23.33 22.72
N GLN B 494 -15.75 23.88 22.59
CA GLN B 494 -16.72 23.42 21.57
C GLN B 494 -16.88 21.94 21.21
N SER B 495 -16.75 20.99 22.14
CA SER B 495 -16.90 19.56 21.77
C SER B 495 -15.94 19.06 20.64
N ASP C 14 41.54 -17.35 -4.04
CA ASP C 14 42.44 -16.39 -3.32
C ASP C 14 41.68 -15.41 -2.33
N LEU C 15 40.45 -15.80 -1.98
CA LEU C 15 39.59 -15.20 -0.92
C LEU C 15 38.62 -16.30 -0.43
N ILE C 16 38.21 -16.25 0.82
CA ILE C 16 37.23 -17.20 1.29
C ILE C 16 36.28 -16.37 2.09
N ILE C 17 35.02 -16.78 2.10
CA ILE C 17 34.02 -16.03 2.82
C ILE C 17 33.34 -16.97 3.78
N ILE C 18 33.58 -16.72 5.05
CA ILE C 18 33.00 -17.56 6.07
C ILE C 18 31.61 -17.05 6.47
N GLY C 19 30.62 -17.21 5.61
CA GLY C 19 29.28 -16.87 6.01
C GLY C 19 28.30 -16.94 4.87
N GLY C 20 27.21 -17.68 5.07
CA GLY C 20 26.19 -17.81 4.07
C GLY C 20 25.13 -16.74 4.23
N GLY C 21 25.49 -15.65 4.88
CA GLY C 21 24.54 -14.61 5.14
C GLY C 21 24.36 -13.49 4.16
N SER C 22 23.68 -12.48 4.69
CA SER C 22 23.38 -11.29 3.96
C SER C 22 24.68 -10.68 3.51
N GLY C 23 25.59 -10.40 4.44
CA GLY C 23 26.87 -9.83 4.09
C GLY C 23 27.77 -10.79 3.31
N GLY C 24 27.95 -11.99 3.83
CA GLY C 24 28.86 -12.92 3.20
C GLY C 24 28.62 -13.03 1.70
N LEU C 25 27.38 -13.36 1.36
CA LEU C 25 27.01 -13.59 -0.03
C LEU C 25 27.21 -12.28 -0.77
N ALA C 26 26.80 -11.20 -0.12
CA ALA C 26 26.93 -9.90 -0.74
C ALA C 26 28.35 -9.73 -1.23
N ALA C 27 29.30 -9.95 -0.34
CA ALA C 27 30.69 -9.81 -0.71
C ALA C 27 31.04 -10.76 -1.86
N ALA C 28 30.91 -12.06 -1.62
CA ALA C 28 31.24 -13.04 -2.66
C ALA C 28 30.78 -12.58 -4.02
N LYS C 29 29.52 -12.17 -4.03
CA LYS C 29 28.83 -11.74 -5.23
C LYS C 29 29.67 -10.66 -5.90
N GLU C 30 30.05 -9.64 -5.13
CA GLU C 30 30.77 -8.55 -5.73
C GLU C 30 32.15 -9.03 -6.02
N ALA C 31 32.75 -9.68 -5.05
CA ALA C 31 34.09 -10.16 -5.24
C ALA C 31 34.23 -10.79 -6.61
N ALA C 32 33.44 -11.83 -6.82
CA ALA C 32 33.49 -12.60 -8.06
C ALA C 32 33.35 -11.75 -9.31
N LYS C 33 33.52 -10.43 -9.17
CA LYS C 33 33.41 -9.57 -10.34
C LYS C 33 34.61 -9.66 -11.27
N PHE C 34 35.78 -9.28 -10.77
CA PHE C 34 36.99 -9.20 -11.59
C PHE C 34 37.78 -10.50 -11.75
N ASP C 35 37.10 -11.58 -12.12
CA ASP C 35 37.74 -12.87 -12.37
C ASP C 35 38.77 -13.24 -11.30
N LYS C 36 38.35 -13.28 -10.05
CA LYS C 36 39.24 -13.66 -8.97
C LYS C 36 38.66 -14.88 -8.29
N LYS C 37 39.37 -15.97 -8.34
CA LYS C 37 38.86 -17.21 -7.79
C LYS C 37 38.46 -17.06 -6.33
N VAL C 38 37.19 -17.28 -6.03
CA VAL C 38 36.76 -17.16 -4.64
C VAL C 38 35.77 -18.22 -4.21
N MET C 39 35.81 -18.53 -2.92
CA MET C 39 34.96 -19.54 -2.33
C MET C 39 34.09 -18.89 -1.28
N VAL C 40 33.01 -19.56 -0.90
CA VAL C 40 32.16 -19.06 0.16
C VAL C 40 31.64 -20.25 0.95
N LEU C 41 31.80 -20.19 2.25
CA LEU C 41 31.34 -21.30 3.05
C LEU C 41 30.06 -20.84 3.65
N ASP C 42 29.24 -21.77 4.11
CA ASP C 42 28.04 -21.45 4.86
C ASP C 42 27.56 -22.73 5.45
N PHE C 43 26.91 -22.65 6.59
CA PHE C 43 26.49 -23.87 7.22
C PHE C 43 25.71 -23.47 8.40
N VAL C 44 24.53 -24.04 8.51
CA VAL C 44 23.71 -23.71 9.62
C VAL C 44 24.17 -24.44 10.83
N THR C 45 23.22 -24.62 11.70
CA THR C 45 23.41 -25.17 13.00
C THR C 45 21.99 -25.23 13.39
N PRO C 46 21.63 -26.16 14.19
CA PRO C 46 20.31 -26.28 14.81
C PRO C 46 19.91 -25.39 15.91
N THR C 47 18.62 -25.44 16.21
CA THR C 47 18.21 -24.89 17.48
C THR C 47 18.10 -26.07 18.36
N PRO C 48 17.75 -25.81 19.61
CA PRO C 48 17.52 -26.85 20.60
C PRO C 48 16.46 -27.80 20.08
N LEU C 49 15.68 -27.32 19.12
CA LEU C 49 14.65 -28.13 18.49
C LEU C 49 15.09 -28.52 17.09
N GLY C 50 16.35 -28.24 16.80
CA GLY C 50 17.00 -28.63 15.57
C GLY C 50 16.41 -28.27 14.22
N THR C 51 15.64 -27.19 14.14
CA THR C 51 15.11 -26.79 12.85
C THR C 51 16.29 -26.23 12.08
N ASN C 52 16.21 -26.21 10.76
CA ASN C 52 17.25 -25.56 9.97
C ASN C 52 16.81 -25.15 8.56
N TRP C 53 17.61 -24.32 7.91
CA TRP C 53 17.23 -23.75 6.61
C TRP C 53 18.34 -23.85 5.59
N GLY C 54 18.30 -22.99 4.58
CA GLY C 54 19.29 -23.01 3.52
C GLY C 54 20.12 -21.77 3.30
N LEU C 55 20.90 -21.82 2.23
CA LEU C 55 21.81 -20.74 1.86
C LEU C 55 21.15 -19.39 1.66
N GLY C 56 21.64 -18.37 2.36
CA GLY C 56 21.10 -17.03 2.24
C GLY C 56 21.18 -16.18 3.50
N GLY C 57 21.37 -16.84 4.65
CA GLY C 57 21.49 -16.10 5.88
C GLY C 57 20.23 -15.90 6.70
N THR C 58 20.31 -15.00 7.68
CA THR C 58 19.27 -14.88 8.68
C THR C 58 18.05 -14.16 8.18
N CYS C 59 18.29 -13.12 7.39
CA CYS C 59 17.22 -12.30 6.83
C CYS C 59 16.34 -13.10 5.91
N VAL C 60 16.96 -13.98 5.14
CA VAL C 60 16.30 -14.82 4.13
C VAL C 60 15.59 -15.98 4.74
N ASN C 61 16.03 -16.45 5.89
CA ASN C 61 15.41 -17.67 6.41
C ASN C 61 14.60 -17.56 7.67
N VAL C 62 14.97 -16.61 8.51
CA VAL C 62 14.36 -16.45 9.80
C VAL C 62 14.52 -15.02 10.12
N GLY C 63 14.88 -14.23 9.11
CA GLY C 63 15.03 -12.79 9.30
C GLY C 63 13.96 -11.88 8.69
N CYS C 64 14.41 -10.80 8.06
CA CYS C 64 13.46 -9.93 7.45
C CYS C 64 12.38 -10.73 6.72
N ILE C 65 12.78 -11.55 5.76
CA ILE C 65 11.76 -12.11 4.87
C ILE C 65 10.53 -12.73 5.50
N PRO C 66 10.68 -13.78 6.26
CA PRO C 66 9.51 -14.41 6.85
C PRO C 66 8.86 -13.41 7.75
N LYS C 67 9.53 -12.30 8.00
CA LYS C 67 8.91 -11.36 8.89
C LYS C 67 7.89 -10.51 8.14
N LYS C 68 8.39 -9.69 7.23
CA LYS C 68 7.55 -8.84 6.38
C LYS C 68 6.34 -9.60 5.91
N LEU C 69 6.61 -10.76 5.31
CA LEU C 69 5.55 -11.60 4.78
C LEU C 69 4.52 -11.90 5.84
N MET C 70 5.02 -12.24 7.01
CA MET C 70 4.13 -12.64 8.06
C MET C 70 3.33 -11.45 8.51
N HIS C 71 3.92 -10.27 8.33
CA HIS C 71 3.32 -8.99 8.71
C HIS C 71 2.20 -8.75 7.74
N GLN C 72 2.52 -8.96 6.48
CA GLN C 72 1.57 -8.83 5.39
C GLN C 72 0.37 -9.70 5.69
N ALA C 73 0.60 -10.87 6.22
CA ALA C 73 -0.55 -11.67 6.51
C ALA C 73 -1.46 -10.85 7.39
N ALA C 74 -0.86 -10.27 8.41
CA ALA C 74 -1.58 -9.48 9.39
C ALA C 74 -2.31 -8.34 8.76
N LEU C 75 -1.58 -7.63 7.91
CA LEU C 75 -2.17 -6.50 7.23
C LEU C 75 -3.43 -6.89 6.42
N LEU C 76 -3.28 -7.81 5.47
CA LEU C 76 -4.43 -8.17 4.66
C LEU C 76 -5.57 -8.40 5.62
N GLY C 77 -5.25 -8.99 6.75
CA GLY C 77 -6.28 -9.26 7.71
C GLY C 77 -7.08 -8.02 8.01
N GLN C 78 -6.39 -6.89 8.15
CA GLN C 78 -7.03 -5.60 8.41
C GLN C 78 -7.73 -5.26 7.12
N ALA C 79 -7.02 -5.51 6.02
CA ALA C 79 -7.52 -5.18 4.70
C ALA C 79 -8.89 -5.72 4.43
N LEU C 80 -9.14 -6.97 4.78
CA LEU C 80 -10.48 -7.50 4.67
C LEU C 80 -11.35 -6.60 5.48
N LYS C 81 -11.00 -6.47 6.75
CA LYS C 81 -11.87 -5.71 7.61
C LYS C 81 -12.24 -4.43 6.92
N ASP C 82 -11.27 -3.83 6.25
CA ASP C 82 -11.46 -2.55 5.60
C ASP C 82 -12.35 -2.65 4.36
N SER C 83 -12.37 -3.82 3.74
CA SER C 83 -13.18 -4.00 2.54
C SER C 83 -14.62 -3.62 2.66
N ARG C 84 -15.21 -3.76 3.83
CA ARG C 84 -16.65 -3.61 3.89
C ARG C 84 -17.02 -2.27 3.37
N ASN C 85 -16.46 -1.22 3.94
CA ASN C 85 -17.00 0.07 3.62
C ASN C 85 -16.62 0.64 2.31
N TYR C 86 -15.60 0.11 1.69
CA TYR C 86 -15.33 0.61 0.36
C TYR C 86 -16.25 -0.07 -0.60
N GLY C 87 -16.96 -1.08 -0.12
CA GLY C 87 -17.97 -1.72 -0.92
C GLY C 87 -17.85 -3.16 -1.34
N TRP C 88 -17.09 -3.96 -0.62
CA TRP C 88 -17.02 -5.37 -0.92
C TRP C 88 -17.95 -6.10 0.04
N LYS C 89 -18.70 -7.07 -0.48
CA LYS C 89 -19.66 -7.85 0.30
C LYS C 89 -19.04 -9.05 0.94
N LEU C 90 -18.19 -8.87 1.94
CA LEU C 90 -17.44 -9.95 2.53
C LEU C 90 -18.08 -10.49 3.78
N GLU C 91 -17.74 -11.72 4.18
CA GLU C 91 -18.30 -12.33 5.38
C GLU C 91 -18.02 -11.56 6.64
N ASP C 92 -18.74 -11.97 7.67
CA ASP C 92 -18.63 -11.33 8.98
C ASP C 92 -17.31 -11.70 9.64
N THR C 93 -16.86 -12.93 9.39
CA THR C 93 -15.60 -13.38 9.99
C THR C 93 -14.84 -14.39 9.13
N VAL C 94 -13.57 -14.11 8.88
CA VAL C 94 -12.76 -15.04 8.13
C VAL C 94 -11.62 -15.50 8.99
N LYS C 95 -11.37 -16.81 8.99
CA LYS C 95 -10.34 -17.34 9.84
C LYS C 95 -9.03 -17.47 9.10
N HIS C 96 -7.99 -17.64 9.88
CA HIS C 96 -6.66 -17.69 9.33
C HIS C 96 -6.13 -19.06 9.57
N ASP C 97 -5.37 -19.61 8.63
CA ASP C 97 -4.78 -20.92 8.85
C ASP C 97 -3.26 -20.82 8.82
N TRP C 98 -2.63 -21.20 9.94
CA TRP C 98 -1.17 -21.16 10.10
C TRP C 98 -0.47 -21.82 8.97
N GLU C 99 -0.82 -23.09 8.87
CA GLU C 99 -0.24 -24.00 7.95
C GLU C 99 -0.18 -23.35 6.58
N LYS C 100 -1.35 -23.13 5.99
CA LYS C 100 -1.40 -22.60 4.63
C LYS C 100 -0.41 -21.45 4.50
N MET C 101 -0.39 -20.56 5.50
CA MET C 101 0.46 -19.37 5.45
C MET C 101 1.94 -19.75 5.48
N THR C 102 2.36 -20.32 6.61
CA THR C 102 3.73 -20.76 6.79
C THR C 102 4.19 -21.53 5.57
N GLU C 103 3.34 -22.44 5.07
CA GLU C 103 3.66 -23.17 3.85
C GLU C 103 4.12 -22.21 2.76
N SER C 104 3.24 -21.30 2.39
CA SER C 104 3.55 -20.31 1.40
C SER C 104 4.88 -19.68 1.70
N VAL C 105 5.03 -19.26 2.94
CA VAL C 105 6.22 -18.50 3.25
C VAL C 105 7.47 -19.31 2.98
N GLN C 106 7.63 -20.34 3.78
CA GLN C 106 8.77 -21.26 3.64
C GLN C 106 8.97 -21.57 2.17
N ASN C 107 7.87 -21.92 1.51
CA ASN C 107 7.88 -22.10 0.09
C ASN C 107 8.71 -21.05 -0.63
N HIS C 108 8.44 -19.76 -0.42
CA HIS C 108 9.22 -18.73 -1.11
C HIS C 108 10.69 -18.83 -0.67
N ILE C 109 10.86 -19.09 0.61
CA ILE C 109 12.17 -19.24 1.14
C ILE C 109 12.92 -20.19 0.23
N GLY C 110 12.31 -21.34 -0.06
CA GLY C 110 12.95 -22.35 -0.88
C GLY C 110 13.47 -21.68 -2.13
N SER C 111 12.51 -21.12 -2.86
CA SER C 111 12.81 -20.40 -4.06
C SER C 111 13.97 -19.43 -3.78
N LEU C 112 14.12 -18.97 -2.56
CA LEU C 112 15.23 -18.09 -2.32
C LEU C 112 16.52 -18.82 -2.07
N ASN C 113 16.47 -19.83 -1.20
CA ASN C 113 17.64 -20.63 -0.83
C ASN C 113 18.33 -21.02 -2.10
N TRP C 114 17.68 -21.97 -2.69
CA TRP C 114 18.10 -22.53 -3.92
C TRP C 114 18.36 -21.42 -4.98
N GLY C 115 17.52 -20.39 -5.01
CA GLY C 115 17.74 -19.29 -5.95
C GLY C 115 19.16 -18.74 -5.89
N TYR C 116 19.64 -18.50 -4.66
CA TYR C 116 20.98 -18.00 -4.39
C TYR C 116 22.09 -18.98 -4.82
N ARG C 117 21.90 -20.23 -4.42
CA ARG C 117 22.80 -21.31 -4.75
C ARG C 117 23.12 -21.24 -6.22
N VAL C 118 22.07 -21.06 -7.01
CA VAL C 118 22.24 -20.93 -8.43
C VAL C 118 23.15 -19.77 -8.73
N ALA C 119 22.86 -18.66 -8.07
CA ALA C 119 23.58 -17.41 -8.28
C ALA C 119 25.08 -17.56 -8.18
N LEU C 120 25.53 -18.35 -7.24
CA LEU C 120 26.96 -18.51 -7.09
C LEU C 120 27.51 -19.31 -8.27
N ARG C 121 26.99 -20.51 -8.44
CA ARG C 121 27.46 -21.35 -9.53
C ARG C 121 27.49 -20.54 -10.81
N GLU C 122 26.61 -19.53 -10.94
CA GLU C 122 26.51 -18.81 -12.21
C GLU C 122 27.58 -17.74 -12.47
N LYS C 123 28.23 -17.29 -11.40
CA LYS C 123 29.29 -16.27 -11.50
C LYS C 123 30.67 -16.84 -11.20
N LYS C 124 30.77 -18.17 -11.22
CA LYS C 124 32.05 -18.87 -11.00
C LYS C 124 32.52 -18.78 -9.55
N VAL C 125 31.63 -19.07 -8.62
CA VAL C 125 32.02 -18.99 -7.24
C VAL C 125 31.72 -20.28 -6.55
N VAL C 126 32.72 -20.81 -5.89
CA VAL C 126 32.59 -22.08 -5.23
C VAL C 126 31.69 -21.88 -4.05
N TYR C 127 30.90 -22.90 -3.72
CA TYR C 127 30.11 -22.93 -2.51
C TYR C 127 30.25 -24.32 -1.95
N GLU C 128 30.07 -24.47 -0.65
CA GLU C 128 30.03 -25.76 -0.01
C GLU C 128 29.26 -25.55 1.28
N ASN C 129 28.24 -26.38 1.48
CA ASN C 129 27.43 -26.35 2.69
C ASN C 129 28.30 -26.84 3.82
N ALA C 130 29.27 -26.01 4.21
CA ALA C 130 30.25 -26.37 5.23
C ALA C 130 30.50 -25.32 6.30
N TYR C 131 30.60 -25.79 7.55
CA TYR C 131 31.00 -24.92 8.67
C TYR C 131 32.40 -24.36 8.42
N GLY C 132 32.75 -23.29 9.10
CA GLY C 132 34.05 -22.73 8.87
C GLY C 132 34.87 -22.79 10.13
N LYS C 133 36.19 -22.76 9.98
CA LYS C 133 37.05 -22.72 11.13
C LYS C 133 38.49 -22.64 10.68
N PHE C 134 39.09 -21.49 10.98
CA PHE C 134 40.48 -21.24 10.72
C PHE C 134 41.31 -22.25 11.50
N ILE C 135 42.31 -22.84 10.88
CA ILE C 135 43.17 -23.78 11.57
C ILE C 135 44.43 -23.08 11.93
N GLY C 136 44.83 -22.20 11.02
CA GLY C 136 46.06 -21.47 11.17
C GLY C 136 46.16 -20.38 10.13
N PRO C 137 47.18 -19.57 10.33
CA PRO C 137 47.47 -18.42 9.48
C PRO C 137 47.33 -18.69 8.00
N HIS C 138 46.40 -18.03 7.34
CA HIS C 138 46.25 -18.19 5.90
C HIS C 138 45.64 -19.50 5.51
N LYS C 139 44.85 -20.08 6.40
CA LYS C 139 44.34 -21.41 6.10
C LYS C 139 43.17 -21.75 7.00
N ILE C 140 42.25 -22.50 6.46
CA ILE C 140 41.05 -22.76 7.22
C ILE C 140 40.61 -24.16 6.99
N MET C 141 39.89 -24.71 7.96
CA MET C 141 39.33 -26.03 7.80
C MET C 141 37.85 -26.01 7.56
N ALA C 142 37.44 -26.70 6.50
CA ALA C 142 36.04 -26.78 6.11
C ALA C 142 35.45 -28.09 6.63
N THR C 143 34.72 -28.02 7.74
CA THR C 143 34.06 -29.21 8.25
C THR C 143 32.79 -29.37 7.43
N ASN C 144 32.36 -30.60 7.29
CA ASN C 144 31.21 -30.88 6.45
C ASN C 144 29.97 -31.01 7.30
N ASN C 145 28.87 -31.36 6.68
CA ASN C 145 27.70 -31.64 7.47
C ASN C 145 27.87 -33.03 8.07
N LYS C 146 28.53 -33.91 7.32
CA LYS C 146 28.79 -35.29 7.73
C LYS C 146 30.00 -35.42 8.67
N GLY C 147 30.87 -34.42 8.70
CA GLY C 147 31.99 -34.47 9.61
C GLY C 147 33.31 -34.59 8.90
N LYS C 148 33.25 -34.66 7.58
CA LYS C 148 34.45 -34.78 6.77
C LYS C 148 35.10 -33.43 6.56
N GLU C 149 36.15 -33.15 7.33
CA GLU C 149 36.84 -31.88 7.17
C GLU C 149 37.66 -31.83 5.89
N LYS C 150 38.05 -30.60 5.55
CA LYS C 150 38.86 -30.34 4.39
C LYS C 150 39.61 -29.04 4.70
N VAL C 151 40.64 -28.73 3.91
CA VAL C 151 41.46 -27.57 4.22
C VAL C 151 41.83 -26.76 2.98
N TYR C 152 41.44 -25.50 3.00
CA TYR C 152 41.72 -24.62 1.88
C TYR C 152 42.62 -23.45 2.28
N SER C 153 43.44 -23.03 1.32
CA SER C 153 44.32 -21.89 1.48
C SER C 153 43.79 -20.71 0.70
N ALA C 154 43.71 -19.56 1.35
CA ALA C 154 43.30 -18.37 0.65
C ALA C 154 44.08 -17.18 1.22
N GLU C 155 44.39 -16.24 0.34
CA GLU C 155 45.14 -15.05 0.72
C GLU C 155 44.33 -14.17 1.67
N ARG C 156 43.06 -13.95 1.35
CA ARG C 156 42.23 -13.07 2.19
C ARG C 156 40.93 -13.72 2.67
N PHE C 157 40.41 -13.27 3.80
CA PHE C 157 39.17 -13.83 4.30
C PHE C 157 38.11 -12.75 4.68
N LEU C 158 36.93 -13.21 5.12
CA LEU C 158 35.88 -12.33 5.59
C LEU C 158 35.07 -13.08 6.61
N ILE C 159 35.04 -12.61 7.83
CA ILE C 159 34.32 -13.31 8.87
C ILE C 159 32.91 -12.84 8.79
N ALA C 160 32.10 -13.48 7.97
CA ALA C 160 30.72 -13.00 7.78
C ALA C 160 29.67 -13.83 8.49
N THR C 161 30.00 -14.33 9.67
CA THR C 161 29.18 -15.34 10.34
C THR C 161 27.85 -14.95 10.93
N GLY C 162 27.62 -13.65 11.17
CA GLY C 162 26.37 -13.20 11.76
C GLY C 162 26.20 -13.86 13.11
N GLU C 163 25.10 -13.56 13.79
CA GLU C 163 24.88 -14.08 15.14
C GLU C 163 23.78 -15.13 15.11
N ARG C 164 23.08 -15.28 16.22
CA ARG C 164 22.02 -16.28 16.36
C ARG C 164 21.25 -15.85 17.58
N PRO C 165 20.10 -16.46 17.82
CA PRO C 165 19.19 -15.99 18.86
C PRO C 165 19.90 -16.14 20.19
N ARG C 166 19.29 -15.78 21.31
CA ARG C 166 19.97 -15.76 22.59
C ARG C 166 19.00 -16.25 23.65
N TYR C 167 19.14 -17.49 24.10
CA TYR C 167 18.23 -18.01 25.11
C TYR C 167 18.49 -17.38 26.49
N LEU C 168 17.45 -17.42 27.33
CA LEU C 168 17.46 -16.79 28.64
C LEU C 168 18.56 -17.25 29.52
N GLY C 169 18.68 -18.58 29.65
CA GLY C 169 19.61 -19.21 30.57
C GLY C 169 18.85 -19.61 31.82
N ILE C 170 17.52 -19.52 31.77
CA ILE C 170 16.68 -19.97 32.88
C ILE C 170 16.30 -21.39 32.48
N PRO C 171 15.85 -22.19 33.44
CA PRO C 171 15.59 -23.63 33.19
C PRO C 171 14.38 -23.96 32.31
N GLY C 172 14.62 -24.51 31.13
CA GLY C 172 13.55 -24.85 30.23
C GLY C 172 13.57 -23.92 29.04
N ASP C 173 14.41 -22.89 29.15
CA ASP C 173 14.57 -21.88 28.11
C ASP C 173 14.87 -22.44 26.71
N LYS C 174 15.63 -23.53 26.63
CA LYS C 174 15.96 -24.09 25.32
C LYS C 174 15.11 -25.33 25.10
N GLU C 175 14.65 -25.90 26.19
CA GLU C 175 13.86 -27.13 26.09
C GLU C 175 12.54 -26.90 25.35
N TYR C 176 11.58 -26.22 25.97
CA TYR C 176 10.29 -26.00 25.31
C TYR C 176 10.05 -24.59 24.77
N CYS C 177 11.11 -23.82 24.57
CA CYS C 177 10.90 -22.47 24.04
C CYS C 177 11.33 -22.41 22.58
N ILE C 178 10.80 -21.45 21.84
CA ILE C 178 11.19 -21.30 20.47
C ILE C 178 11.68 -19.88 20.27
N SER C 179 12.30 -19.63 19.12
CA SER C 179 12.85 -18.32 18.88
C SER C 179 12.53 -17.81 17.50
N SER C 180 13.30 -16.78 17.14
CA SER C 180 13.25 -16.11 15.85
C SER C 180 13.66 -17.08 14.78
N ASP C 181 14.11 -18.25 15.17
CA ASP C 181 14.46 -19.22 14.17
C ASP C 181 13.40 -20.29 14.16
N ASP C 182 12.79 -20.48 15.33
CA ASP C 182 11.86 -21.58 15.57
C ASP C 182 10.41 -21.27 15.26
N LEU C 183 10.11 -20.05 14.83
CA LEU C 183 8.72 -19.67 14.58
C LEU C 183 8.35 -19.75 13.12
N PHE C 184 9.10 -19.03 12.31
CA PHE C 184 8.89 -18.94 10.88
C PHE C 184 8.85 -20.30 10.19
N SER C 185 8.71 -21.34 10.98
CA SER C 185 8.63 -22.66 10.40
C SER C 185 7.67 -23.50 11.19
N LEU C 186 7.05 -22.95 12.23
CA LEU C 186 6.19 -23.79 13.04
C LEU C 186 5.15 -24.57 12.27
N PRO C 187 5.15 -25.86 12.53
CA PRO C 187 4.18 -26.87 12.12
C PRO C 187 2.81 -26.69 12.68
N TYR C 188 2.62 -25.67 13.49
CA TYR C 188 1.31 -25.53 14.08
C TYR C 188 0.91 -24.08 14.39
N CYS C 189 -0.26 -23.94 15.00
CA CYS C 189 -0.79 -22.63 15.30
C CYS C 189 -0.39 -22.17 16.70
N PRO C 190 0.61 -21.27 16.79
CA PRO C 190 1.06 -20.78 18.09
C PRO C 190 0.02 -20.52 19.16
N GLY C 191 -1.25 -20.71 18.83
CA GLY C 191 -2.27 -20.50 19.84
C GLY C 191 -1.90 -19.40 20.83
N LYS C 192 -2.61 -19.36 21.96
CA LYS C 192 -2.39 -18.34 22.98
C LYS C 192 -0.95 -18.28 23.44
N THR C 193 -0.14 -17.52 22.71
CA THR C 193 1.26 -17.42 23.08
C THR C 193 1.61 -16.23 23.94
N LEU C 194 2.85 -16.28 24.41
CA LEU C 194 3.46 -15.24 25.23
C LEU C 194 4.78 -14.90 24.58
N VAL C 195 5.12 -13.63 24.59
CA VAL C 195 6.37 -13.20 23.99
C VAL C 195 7.29 -12.54 25.01
N VAL C 196 8.56 -12.93 24.97
CA VAL C 196 9.53 -12.35 25.87
C VAL C 196 10.52 -11.48 25.13
N GLY C 197 10.51 -10.22 25.55
CA GLY C 197 11.36 -9.19 25.03
C GLY C 197 10.59 -7.90 24.86
N ALA C 198 11.30 -6.87 24.44
CA ALA C 198 10.65 -5.63 24.23
C ALA C 198 11.32 -4.92 23.07
N SER C 199 12.09 -5.63 22.26
CA SER C 199 12.68 -4.94 21.11
C SER C 199 11.88 -5.07 19.80
N TYR C 200 12.45 -4.62 18.70
CA TYR C 200 11.72 -4.71 17.46
C TYR C 200 11.18 -6.11 17.19
N VAL C 201 12.07 -7.08 17.17
CA VAL C 201 11.67 -8.46 16.92
C VAL C 201 10.51 -9.02 17.77
N ALA C 202 10.67 -8.88 19.07
CA ALA C 202 9.68 -9.34 20.03
C ALA C 202 8.34 -8.70 19.69
N LEU C 203 8.35 -7.39 19.48
CA LEU C 203 7.09 -6.70 19.25
C LEU C 203 6.62 -6.90 17.83
N GLU C 204 7.57 -6.85 16.91
CA GLU C 204 7.29 -7.11 15.50
C GLU C 204 6.60 -8.41 15.42
N CYS C 205 7.12 -9.37 16.18
CA CYS C 205 6.56 -10.70 16.20
C CYS C 205 5.21 -10.67 16.86
N ALA C 206 5.23 -10.38 18.16
CA ALA C 206 4.00 -10.30 18.91
C ALA C 206 2.92 -9.59 18.07
N GLY C 207 3.37 -8.77 17.11
CA GLY C 207 2.49 -8.04 16.24
C GLY C 207 1.61 -8.88 15.33
N PHE C 208 2.22 -9.52 14.34
CA PHE C 208 1.39 -10.26 13.40
C PHE C 208 0.80 -11.42 14.15
N LEU C 209 1.57 -12.01 15.05
CA LEU C 209 0.99 -13.09 15.81
C LEU C 209 -0.42 -12.68 16.20
N ALA C 210 -0.60 -11.42 16.56
CA ALA C 210 -1.93 -11.01 16.96
C ALA C 210 -2.75 -10.58 15.74
N GLY C 211 -2.04 -10.05 14.75
CA GLY C 211 -2.70 -9.67 13.52
C GLY C 211 -3.55 -10.82 13.07
N ILE C 212 -2.96 -12.00 13.00
CA ILE C 212 -3.59 -13.20 12.49
C ILE C 212 -4.79 -13.69 13.31
N GLY C 213 -5.01 -13.10 14.47
CA GLY C 213 -6.14 -13.50 15.28
C GLY C 213 -5.82 -14.26 16.56
N LEU C 214 -4.56 -14.33 16.96
CA LEU C 214 -4.17 -15.07 18.17
C LEU C 214 -4.09 -14.25 19.47
N ASP C 215 -4.27 -14.94 20.60
CA ASP C 215 -4.19 -14.32 21.94
C ASP C 215 -2.73 -14.01 22.22
N VAL C 216 -2.33 -12.74 22.11
CA VAL C 216 -0.91 -12.45 22.32
C VAL C 216 -0.62 -11.65 23.56
N THR C 217 0.51 -11.94 24.19
CA THR C 217 0.93 -11.23 25.38
C THR C 217 2.44 -11.04 25.33
N VAL C 218 2.90 -9.82 25.57
CA VAL C 218 4.34 -9.58 25.65
C VAL C 218 4.73 -9.17 27.08
N MET C 219 5.66 -9.90 27.68
CA MET C 219 6.12 -9.50 29.01
C MET C 219 7.34 -8.59 28.88
N VAL C 220 7.31 -7.41 29.50
CA VAL C 220 8.45 -6.52 29.34
C VAL C 220 9.30 -6.42 30.54
N ARG C 221 10.59 -6.37 30.30
CA ARG C 221 11.62 -6.32 31.32
C ARG C 221 11.68 -4.91 31.89
N SER C 222 11.87 -3.95 30.97
CA SER C 222 11.92 -2.55 31.35
C SER C 222 11.01 -1.72 30.46
N ILE C 223 11.66 -1.12 29.46
CA ILE C 223 11.12 -0.24 28.43
C ILE C 223 11.23 -0.87 27.02
N LEU C 224 10.27 -0.60 26.15
CA LEU C 224 10.32 -1.12 24.79
C LEU C 224 11.35 -0.43 23.92
N LEU C 225 11.70 -1.07 22.81
CA LEU C 225 12.64 -0.54 21.83
C LEU C 225 13.81 0.29 22.29
N ARG C 226 14.46 -0.14 23.38
CA ARG C 226 15.63 0.56 23.90
C ARG C 226 16.58 0.85 22.75
N GLY C 227 17.05 2.09 22.66
CA GLY C 227 17.86 2.55 21.56
C GLY C 227 17.00 3.45 20.67
N PHE C 228 15.72 3.12 20.58
CA PHE C 228 14.81 3.92 19.78
C PHE C 228 14.15 5.09 20.55
N ASP C 229 13.96 6.21 19.88
CA ASP C 229 13.29 7.32 20.54
C ASP C 229 12.17 6.83 21.47
N GLN C 230 12.36 7.01 22.76
CA GLN C 230 11.38 6.53 23.71
C GLN C 230 9.93 6.99 23.51
N ASP C 231 9.66 8.15 22.90
CA ASP C 231 8.27 8.61 22.69
C ASP C 231 7.63 7.77 21.57
N MET C 232 8.34 7.57 20.47
CA MET C 232 7.81 6.73 19.44
C MET C 232 7.54 5.40 20.06
N ALA C 233 8.57 4.88 20.69
CA ALA C 233 8.44 3.63 21.37
C ALA C 233 7.07 3.55 22.01
N ASN C 234 6.82 4.44 22.97
CA ASN C 234 5.59 4.40 23.79
C ASN C 234 4.27 4.37 23.00
N LYS C 235 4.20 5.14 21.93
CA LYS C 235 2.97 5.19 21.15
C LYS C 235 2.73 3.80 20.55
N ILE C 236 3.78 3.25 19.98
CA ILE C 236 3.76 1.93 19.39
C ILE C 236 3.17 1.01 20.42
N GLY C 237 3.70 1.09 21.64
CA GLY C 237 3.12 0.35 22.74
C GLY C 237 1.66 0.69 22.88
N GLU C 238 1.36 1.97 23.15
CA GLU C 238 -0.04 2.35 23.33
C GLU C 238 -0.89 1.67 22.24
N HIS C 239 -0.37 1.61 21.02
CA HIS C 239 -1.12 1.04 19.91
C HIS C 239 -1.39 -0.44 20.10
N MET C 240 -0.34 -1.24 20.08
CA MET C 240 -0.48 -2.66 20.33
C MET C 240 -1.44 -2.90 21.48
N GLU C 241 -1.25 -2.19 22.58
CA GLU C 241 -2.11 -2.37 23.74
C GLU C 241 -3.56 -2.11 23.40
N GLU C 242 -3.82 -1.21 22.46
CA GLU C 242 -5.20 -0.88 22.13
C GLU C 242 -5.79 -1.89 21.18
N HIS C 243 -4.97 -2.58 20.40
CA HIS C 243 -5.53 -3.52 19.45
C HIS C 243 -5.14 -4.97 19.67
N GLY C 244 -5.61 -5.52 20.79
CA GLY C 244 -5.40 -6.93 21.08
C GLY C 244 -4.28 -7.30 22.01
N ILE C 245 -3.05 -7.04 21.60
CA ILE C 245 -1.88 -7.43 22.37
C ILE C 245 -1.88 -6.99 23.83
N LYS C 246 -1.49 -7.90 24.71
CA LYS C 246 -1.47 -7.62 26.13
C LYS C 246 -0.05 -7.43 26.58
N PHE C 247 0.14 -6.67 27.65
CA PHE C 247 1.49 -6.45 28.13
C PHE C 247 1.62 -6.80 29.60
N ILE C 248 2.81 -7.29 29.99
CA ILE C 248 3.16 -7.49 31.38
C ILE C 248 4.38 -6.66 31.61
N ARG C 249 4.20 -5.57 32.33
CA ARG C 249 5.28 -4.62 32.58
C ARG C 249 6.30 -5.01 33.65
N GLN C 250 7.57 -4.84 33.28
CA GLN C 250 8.74 -4.99 34.14
C GLN C 250 8.84 -6.30 34.85
N PHE C 251 8.82 -7.38 34.09
CA PHE C 251 8.97 -8.73 34.66
C PHE C 251 9.97 -9.52 33.83
N VAL C 252 10.35 -10.69 34.32
CA VAL C 252 11.20 -11.58 33.54
C VAL C 252 10.98 -13.01 33.96
N PRO C 253 10.87 -13.86 32.96
CA PRO C 253 10.65 -15.29 33.12
C PRO C 253 11.70 -15.88 34.05
N THR C 254 11.33 -16.92 34.79
CA THR C 254 12.26 -17.56 35.71
C THR C 254 12.49 -18.98 35.28
N LYS C 255 11.39 -19.61 34.92
CA LYS C 255 11.41 -21.00 34.49
C LYS C 255 10.14 -21.33 33.71
N ILE C 256 10.31 -22.14 32.68
CA ILE C 256 9.16 -22.67 31.99
C ILE C 256 8.98 -24.06 32.56
N GLU C 257 7.83 -24.65 32.36
CA GLU C 257 7.52 -25.89 33.06
C GLU C 257 6.32 -26.48 32.35
N GLN C 258 6.55 -27.35 31.37
CA GLN C 258 5.43 -27.81 30.55
C GLN C 258 4.41 -28.66 31.32
N ILE C 259 3.13 -28.32 31.18
CA ILE C 259 2.07 -29.05 31.86
C ILE C 259 1.44 -30.02 30.90
N GLU C 260 1.91 -30.00 29.65
CA GLU C 260 1.35 -30.84 28.61
C GLU C 260 2.36 -30.86 27.47
N ALA C 261 2.25 -31.84 26.57
CA ALA C 261 3.14 -31.86 25.42
C ALA C 261 2.35 -31.81 24.14
N GLY C 262 3.02 -31.54 23.03
CA GLY C 262 2.35 -31.47 21.74
C GLY C 262 2.65 -30.26 20.85
N THR C 263 1.95 -30.16 19.72
CA THR C 263 2.17 -29.07 18.77
C THR C 263 1.63 -27.77 19.34
N PRO C 264 0.36 -27.77 19.73
CA PRO C 264 -0.19 -26.65 20.48
C PRO C 264 -0.07 -27.20 21.91
N GLY C 265 1.17 -27.42 22.31
CA GLY C 265 1.48 -27.95 23.62
C GLY C 265 1.28 -26.92 24.69
N ARG C 266 0.58 -27.31 25.76
CA ARG C 266 0.25 -26.43 26.86
C ARG C 266 1.44 -26.20 27.83
N LEU C 267 1.97 -24.97 27.85
CA LEU C 267 3.13 -24.62 28.67
C LEU C 267 2.78 -23.77 29.89
N LYS C 268 3.72 -23.66 30.82
CA LYS C 268 3.50 -22.91 32.05
C LYS C 268 4.76 -22.24 32.59
N VAL C 269 4.76 -20.92 32.55
CA VAL C 269 5.90 -20.12 32.96
C VAL C 269 5.59 -19.21 34.15
N THR C 270 6.63 -18.88 34.91
CA THR C 270 6.53 -17.98 36.04
C THR C 270 7.56 -16.87 35.84
N ALA C 271 7.35 -15.70 36.43
CA ALA C 271 8.34 -14.66 36.27
C ALA C 271 8.43 -13.75 37.47
N LYS C 272 9.52 -12.98 37.52
CA LYS C 272 9.78 -12.04 38.61
C LYS C 272 9.96 -10.61 38.11
N SER C 273 10.01 -9.66 39.05
CA SER C 273 10.17 -8.25 38.72
C SER C 273 11.11 -7.58 39.71
N THR C 274 11.32 -6.29 39.57
CA THR C 274 12.21 -5.54 40.45
C THR C 274 11.73 -5.43 41.90
N ASN C 275 10.59 -6.01 42.21
CA ASN C 275 10.07 -5.91 43.58
C ASN C 275 9.85 -7.23 44.34
N SER C 276 10.32 -8.36 43.80
CA SER C 276 10.19 -9.67 44.45
C SER C 276 8.83 -10.35 44.25
N GLU C 277 7.95 -9.70 43.51
CA GLU C 277 6.66 -10.30 43.21
C GLU C 277 6.83 -11.30 42.07
N GLU C 278 6.58 -12.57 42.33
CA GLU C 278 6.65 -13.50 41.22
C GLU C 278 5.25 -13.65 40.66
N THR C 279 5.13 -14.21 39.47
CA THR C 279 3.81 -14.46 38.92
C THR C 279 3.77 -15.73 38.13
N ILE C 280 2.67 -16.44 38.33
CA ILE C 280 2.45 -17.74 37.73
C ILE C 280 1.54 -17.54 36.54
N GLU C 281 2.21 -17.15 35.47
CA GLU C 281 1.60 -16.94 34.21
C GLU C 281 0.97 -18.22 33.70
N ASP C 282 -0.37 -18.24 33.70
CA ASP C 282 -1.17 -19.36 33.20
C ASP C 282 -0.85 -19.74 31.73
N GLU C 283 -1.30 -20.94 31.32
CA GLU C 283 -0.97 -21.57 30.02
C GLU C 283 -0.90 -20.75 28.74
N PHE C 284 0.31 -20.76 28.17
CA PHE C 284 0.71 -20.13 26.92
C PHE C 284 1.30 -21.16 25.94
N ASN C 285 0.50 -21.52 24.95
CA ASN C 285 0.87 -22.57 24.00
C ASN C 285 2.23 -22.42 23.31
N THR C 286 2.84 -21.26 23.41
CA THR C 286 4.10 -21.06 22.71
C THR C 286 4.99 -19.95 23.18
N VAL C 287 5.53 -19.98 24.38
CA VAL C 287 6.43 -18.90 24.80
C VAL C 287 7.51 -18.52 23.75
N LEU C 288 7.27 -17.44 23.03
CA LEU C 288 8.25 -16.99 22.06
C LEU C 288 9.38 -16.29 22.80
N LEU C 289 10.58 -16.86 22.76
CA LEU C 289 11.69 -16.21 23.42
C LEU C 289 12.64 -15.71 22.39
N ALA C 290 12.66 -14.43 22.05
CA ALA C 290 13.65 -14.00 21.06
C ALA C 290 14.63 -13.22 21.86
N VAL C 291 14.48 -11.94 22.16
CA VAL C 291 15.30 -11.36 23.25
C VAL C 291 16.86 -11.32 23.20
N GLY C 292 17.46 -10.98 22.06
CA GLY C 292 18.90 -10.81 21.98
C GLY C 292 19.50 -11.73 20.94
N ARG C 293 20.72 -11.43 20.52
CA ARG C 293 21.40 -12.29 19.53
C ARG C 293 22.88 -12.19 19.80
N ASP C 294 23.60 -13.30 19.64
CA ASP C 294 25.04 -13.25 19.90
C ASP C 294 25.87 -13.63 18.69
N SER C 295 26.86 -12.81 18.39
CA SER C 295 27.70 -13.03 17.22
C SER C 295 28.40 -14.37 17.30
N CYS C 296 28.24 -15.16 16.26
CA CYS C 296 28.90 -16.45 16.24
C CYS C 296 30.34 -16.25 15.82
N THR C 297 31.16 -15.92 16.82
CA THR C 297 32.59 -15.75 16.62
C THR C 297 33.32 -16.54 17.66
N ARG C 298 32.56 -17.21 18.52
CA ARG C 298 33.18 -18.03 19.56
C ARG C 298 33.88 -19.25 18.93
N THR C 299 33.09 -20.27 18.60
CA THR C 299 33.58 -21.51 18.02
C THR C 299 33.99 -21.50 16.53
N ILE C 300 34.74 -20.51 16.07
CA ILE C 300 35.21 -20.54 14.67
C ILE C 300 36.67 -20.55 14.82
N GLY C 301 37.51 -20.83 13.89
CA GLY C 301 38.90 -20.84 14.35
C GLY C 301 39.31 -19.41 14.65
N LEU C 302 39.34 -19.00 15.91
CA LEU C 302 39.65 -17.62 16.21
C LEU C 302 41.06 -17.53 16.72
N GLU C 303 41.33 -18.39 17.69
CA GLU C 303 42.59 -18.40 18.39
C GLU C 303 43.76 -18.57 17.46
N THR C 304 43.59 -19.37 16.42
CA THR C 304 44.77 -19.70 15.63
C THR C 304 45.07 -18.81 14.45
N VAL C 305 44.57 -17.60 14.43
CA VAL C 305 44.89 -16.74 13.31
C VAL C 305 45.35 -15.43 13.88
N GLY C 306 44.86 -15.10 15.06
CA GLY C 306 45.26 -13.87 15.70
C GLY C 306 44.25 -12.73 15.69
N VAL C 307 43.04 -12.95 15.22
CA VAL C 307 42.08 -11.86 15.26
C VAL C 307 41.57 -11.61 16.68
N LYS C 308 41.52 -10.33 17.04
CA LYS C 308 41.02 -9.90 18.35
C LYS C 308 39.52 -9.63 18.27
N ILE C 309 38.82 -9.91 19.37
CA ILE C 309 37.39 -9.69 19.42
C ILE C 309 36.94 -9.35 20.83
N ASN C 310 36.01 -8.41 20.94
CA ASN C 310 35.44 -8.14 22.25
C ASN C 310 35.08 -9.46 22.88
N GLU C 311 35.76 -9.81 23.97
CA GLU C 311 35.44 -11.03 24.67
C GLU C 311 34.03 -11.06 25.28
N LYS C 312 33.42 -9.91 25.57
CA LYS C 312 32.12 -10.00 26.21
C LYS C 312 30.93 -9.98 25.27
N THR C 313 30.96 -9.17 24.21
CA THR C 313 29.87 -9.23 23.24
C THR C 313 30.23 -10.26 22.21
N GLY C 314 31.36 -10.19 21.56
CA GLY C 314 31.68 -11.21 20.60
C GLY C 314 31.95 -10.50 19.31
N LYS C 315 31.46 -9.27 19.24
CA LYS C 315 31.66 -8.44 18.06
C LYS C 315 33.15 -8.27 17.79
N ILE C 316 33.46 -8.01 16.53
CA ILE C 316 34.84 -7.90 16.07
C ILE C 316 35.16 -6.46 15.70
N PRO C 317 36.00 -5.83 16.48
CA PRO C 317 36.41 -4.47 16.15
C PRO C 317 37.03 -4.46 14.78
N VAL C 318 36.91 -3.33 14.08
CA VAL C 318 37.43 -3.28 12.74
C VAL C 318 37.82 -1.86 12.38
N THR C 319 38.51 -1.73 11.27
CA THR C 319 38.87 -0.42 10.74
C THR C 319 37.67 0.19 10.04
N ASP C 320 37.87 1.38 9.49
CA ASP C 320 36.84 2.03 8.72
C ASP C 320 37.01 1.47 7.34
N GLU C 321 37.53 0.24 7.29
CA GLU C 321 37.85 -0.42 6.06
C GLU C 321 37.35 -1.87 6.18
N GLU C 322 36.81 -2.19 7.35
CA GLU C 322 36.33 -3.53 7.64
C GLU C 322 37.45 -4.52 7.73
N GLN C 323 38.68 -4.03 7.89
CA GLN C 323 39.82 -4.93 8.05
C GLN C 323 40.09 -5.07 9.55
N THR C 324 40.21 -6.31 9.99
CA THR C 324 40.46 -6.57 11.40
C THR C 324 41.92 -6.31 11.75
N ASN C 325 42.31 -6.62 12.98
CA ASN C 325 43.69 -6.41 13.41
C ASN C 325 44.66 -7.19 12.52
N VAL C 326 44.21 -8.34 12.04
CA VAL C 326 44.98 -9.19 11.16
C VAL C 326 44.68 -8.81 9.70
N PRO C 327 45.68 -8.15 9.11
CA PRO C 327 45.74 -7.66 7.73
C PRO C 327 45.18 -8.39 6.51
N TYR C 328 44.79 -9.63 6.56
CA TYR C 328 44.27 -10.12 5.31
C TYR C 328 42.91 -10.66 5.64
N ILE C 329 42.49 -10.33 6.85
CA ILE C 329 41.21 -10.77 7.36
C ILE C 329 40.23 -9.63 7.51
N TYR C 330 38.98 -9.85 7.18
CA TYR C 330 37.99 -8.81 7.36
C TYR C 330 36.75 -9.45 7.97
N ALA C 331 35.87 -8.63 8.49
CA ALA C 331 34.63 -9.11 9.09
C ALA C 331 33.52 -8.13 8.68
N ILE C 332 32.30 -8.62 8.56
CA ILE C 332 31.26 -7.77 8.08
C ILE C 332 29.93 -8.17 8.64
N GLY C 333 29.01 -7.22 8.75
CA GLY C 333 27.66 -7.51 9.18
C GLY C 333 27.37 -7.33 10.65
N ASP C 334 26.47 -8.16 11.16
CA ASP C 334 26.01 -8.08 12.55
C ASP C 334 27.17 -8.21 13.47
N ILE C 335 28.14 -9.00 13.04
CA ILE C 335 29.32 -9.31 13.84
C ILE C 335 30.09 -8.04 14.19
N LEU C 336 30.21 -7.14 13.23
CA LEU C 336 30.96 -5.90 13.42
C LEU C 336 30.63 -5.18 14.75
N GLU C 337 31.67 -4.81 15.51
CA GLU C 337 31.53 -4.08 16.79
C GLU C 337 31.09 -2.66 16.54
N GLY C 338 30.13 -2.18 17.34
CA GLY C 338 29.70 -0.80 17.22
C GLY C 338 29.15 -0.46 15.84
N LYS C 339 28.47 -1.39 15.20
CA LYS C 339 27.93 -1.10 13.89
C LYS C 339 26.41 -1.36 13.88
N LEU C 340 25.80 -1.54 12.71
CA LEU C 340 24.36 -1.71 12.62
C LEU C 340 23.97 -3.10 12.19
N GLU C 341 23.30 -3.85 13.04
CA GLU C 341 22.81 -5.17 12.61
C GLU C 341 21.70 -5.02 11.58
N LEU C 342 22.05 -4.63 10.35
CA LEU C 342 21.07 -4.46 9.27
C LEU C 342 21.47 -5.04 7.92
N THR C 343 20.55 -5.83 7.34
CA THR C 343 20.82 -6.52 6.10
C THR C 343 21.41 -5.60 5.05
N PRO C 344 20.70 -4.54 4.71
CA PRO C 344 21.13 -3.61 3.65
C PRO C 344 22.55 -3.14 3.90
N VAL C 345 22.83 -2.88 5.18
CA VAL C 345 24.12 -2.41 5.63
C VAL C 345 25.16 -3.43 5.28
N ALA C 346 24.99 -4.61 5.84
CA ALA C 346 25.88 -5.71 5.55
C ALA C 346 26.15 -5.78 4.06
N ILE C 347 25.11 -5.86 3.23
CA ILE C 347 25.42 -5.94 1.80
C ILE C 347 26.28 -4.79 1.35
N GLN C 348 25.90 -3.57 1.69
CA GLN C 348 26.69 -2.38 1.37
C GLN C 348 28.16 -2.59 1.72
N ALA C 349 28.40 -2.99 2.96
CA ALA C 349 29.76 -3.27 3.43
C ALA C 349 30.44 -4.25 2.50
N GLY C 350 29.79 -5.39 2.38
CA GLY C 350 30.24 -6.45 1.51
C GLY C 350 30.57 -5.93 0.15
N ARG C 351 29.57 -5.46 -0.60
CA ARG C 351 29.84 -5.05 -1.97
C ARG C 351 30.98 -4.03 -1.99
N LEU C 352 30.89 -3.02 -1.16
CA LEU C 352 31.87 -1.98 -1.18
C LEU C 352 33.25 -2.57 -0.92
N LEU C 353 33.34 -3.42 0.09
CA LEU C 353 34.65 -3.96 0.41
C LEU C 353 35.29 -4.58 -0.82
N ALA C 354 34.62 -5.53 -1.43
CA ALA C 354 35.22 -6.14 -2.57
C ALA C 354 35.65 -5.05 -3.54
N GLN C 355 34.76 -4.11 -3.85
CA GLN C 355 35.15 -3.08 -4.81
C GLN C 355 36.46 -2.45 -4.41
N ARG C 356 36.67 -2.31 -3.11
CA ARG C 356 37.90 -1.70 -2.67
C ARG C 356 39.06 -2.60 -3.00
N LEU C 357 38.98 -3.87 -2.60
CA LEU C 357 40.12 -4.77 -2.80
C LEU C 357 40.44 -4.98 -4.26
N TYR C 358 39.56 -5.70 -4.93
CA TYR C 358 39.79 -6.10 -6.30
C TYR C 358 39.38 -5.06 -7.35
N GLY C 359 38.63 -4.06 -6.94
CA GLY C 359 38.16 -3.07 -7.89
C GLY C 359 38.95 -1.78 -7.95
N GLY C 360 39.77 -1.54 -6.92
CA GLY C 360 40.56 -0.32 -6.86
C GLY C 360 39.67 0.90 -6.52
N SER C 361 38.83 0.78 -5.52
CA SER C 361 38.02 1.93 -5.14
C SER C 361 38.39 2.39 -3.73
N THR C 362 38.21 3.68 -3.46
CA THR C 362 38.49 4.21 -2.14
C THR C 362 37.21 4.58 -1.41
N VAL C 363 36.08 4.00 -1.78
CA VAL C 363 34.88 4.29 -1.02
C VAL C 363 34.75 3.30 0.12
N LYS C 364 34.20 3.76 1.23
CA LYS C 364 34.03 2.88 2.36
C LYS C 364 32.57 2.99 2.77
N CYS C 365 32.04 2.02 3.53
CA CYS C 365 30.60 2.04 3.82
C CYS C 365 30.28 3.04 4.90
N ASP C 366 29.33 3.93 4.63
CA ASP C 366 29.03 5.00 5.57
C ASP C 366 27.95 4.61 6.57
N TYR C 367 28.34 4.25 7.78
CA TYR C 367 27.36 3.85 8.80
C TYR C 367 26.63 5.03 9.50
N ASP C 368 26.63 6.22 8.90
CA ASP C 368 25.98 7.38 9.50
C ASP C 368 24.58 7.64 8.94
N ASN C 369 23.57 7.70 9.81
CA ASN C 369 22.20 7.97 9.35
C ASN C 369 21.70 6.90 8.40
N VAL C 370 21.71 5.65 8.82
CA VAL C 370 21.12 4.65 7.98
C VAL C 370 19.73 4.46 8.51
N PRO C 371 18.77 4.57 7.61
CA PRO C 371 17.35 4.50 7.94
C PRO C 371 16.97 3.14 8.40
N THR C 372 15.95 3.01 9.22
CA THR C 372 15.52 1.70 9.63
C THR C 372 14.04 1.69 9.99
N THR C 373 13.32 0.62 9.71
CA THR C 373 11.88 0.57 10.01
C THR C 373 11.54 -0.59 10.93
N VAL C 374 10.53 -0.43 11.77
CA VAL C 374 10.10 -1.50 12.69
C VAL C 374 8.69 -1.95 12.36
N PHE C 375 8.52 -3.05 11.68
CA PHE C 375 7.16 -3.42 11.26
C PHE C 375 6.18 -3.95 12.29
N THR C 376 5.88 -3.17 13.31
CA THR C 376 4.80 -3.53 14.24
C THR C 376 3.51 -3.30 13.51
N PRO C 377 2.38 -3.60 14.15
CA PRO C 377 1.10 -3.43 13.47
C PRO C 377 1.05 -2.03 12.90
N LEU C 378 1.43 -1.04 13.69
CA LEU C 378 1.49 0.31 13.19
C LEU C 378 2.95 0.53 12.89
N GLU C 379 3.33 0.57 11.62
CA GLU C 379 4.75 0.71 11.28
C GLU C 379 5.48 1.95 11.85
N TYR C 380 6.76 1.76 12.15
CA TYR C 380 7.55 2.86 12.66
C TYR C 380 8.82 2.96 11.87
N GLY C 381 9.02 4.10 11.22
CA GLY C 381 10.23 4.31 10.45
C GLY C 381 11.06 5.43 11.04
N CYS C 382 12.38 5.34 11.02
CA CYS C 382 13.17 6.44 11.47
C CYS C 382 14.56 6.53 10.88
N CYS C 383 15.19 7.68 11.03
CA CYS C 383 16.48 7.92 10.44
C CYS C 383 17.12 9.10 11.13
N GLY C 384 18.33 8.91 11.61
CA GLY C 384 19.02 9.99 12.27
C GLY C 384 18.96 9.84 13.78
N LEU C 385 19.10 10.96 14.46
CA LEU C 385 19.11 10.94 15.91
C LEU C 385 17.72 10.87 16.47
N SER C 386 17.62 10.33 17.67
CA SER C 386 16.34 10.31 18.35
C SER C 386 16.22 11.63 19.09
N GLU C 387 15.04 11.98 19.53
CA GLU C 387 14.84 13.29 20.12
C GLU C 387 15.80 13.42 21.22
N GLU C 388 15.74 12.46 22.14
CA GLU C 388 16.57 12.51 23.33
C GLU C 388 18.01 12.58 22.92
N LYS C 389 18.40 11.67 22.04
CA LYS C 389 19.79 11.64 21.65
C LYS C 389 20.21 12.90 20.97
N ALA C 390 19.26 13.64 20.42
CA ALA C 390 19.62 14.87 19.78
C ALA C 390 19.93 15.96 20.79
N VAL C 391 19.14 16.02 21.85
CA VAL C 391 19.34 17.08 22.83
C VAL C 391 20.62 16.81 23.57
N GLU C 392 20.86 15.54 23.84
CA GLU C 392 22.08 15.16 24.47
C GLU C 392 23.23 15.69 23.64
N LYS C 393 23.18 15.41 22.35
CA LYS C 393 24.26 15.87 21.52
C LYS C 393 24.39 17.38 21.44
N PHE C 394 23.31 18.03 20.97
CA PHE C 394 23.36 19.44 20.65
C PHE C 394 22.80 20.37 21.69
N GLY C 395 22.16 19.82 22.71
CA GLY C 395 21.68 20.64 23.81
C GLY C 395 20.27 21.12 23.68
N GLU C 396 19.39 20.59 24.53
CA GLU C 396 17.97 20.95 24.58
C GLU C 396 17.70 22.28 23.93
N GLU C 397 18.28 23.33 24.49
CA GLU C 397 17.93 24.65 23.95
C GLU C 397 18.35 24.89 22.48
N ASN C 398 18.99 23.92 21.81
CA ASN C 398 19.34 24.08 20.40
C ASN C 398 18.54 23.18 19.49
N ILE C 399 17.61 22.45 20.07
CA ILE C 399 16.78 21.56 19.29
C ILE C 399 15.38 22.15 19.12
N GLU C 400 14.84 22.00 17.93
CA GLU C 400 13.49 22.43 17.63
C GLU C 400 12.92 21.19 17.02
N VAL C 401 11.76 20.75 17.47
CA VAL C 401 11.13 19.58 16.88
C VAL C 401 9.74 19.97 16.43
N TYR C 402 9.48 19.72 15.17
CA TYR C 402 8.21 20.03 14.59
C TYR C 402 7.51 18.70 14.59
N HIS C 403 6.23 18.66 14.87
CA HIS C 403 5.50 17.38 14.78
C HIS C 403 4.01 17.59 14.59
N SER C 404 3.33 16.55 14.11
CA SER C 404 1.89 16.56 13.96
C SER C 404 1.28 15.17 13.85
N PHE C 405 0.01 15.02 14.15
CA PHE C 405 -0.57 13.72 13.87
C PHE C 405 -1.03 13.72 12.43
N PHE C 406 -1.48 12.58 11.93
CA PHE C 406 -2.09 12.55 10.59
C PHE C 406 -3.00 11.33 10.43
N TRP C 407 -3.95 11.40 9.51
CA TRP C 407 -4.89 10.31 9.38
C TRP C 407 -4.83 9.85 7.96
N PRO C 408 -4.36 8.64 7.71
CA PRO C 408 -4.30 8.17 6.32
C PRO C 408 -5.69 8.16 5.68
N LEU C 409 -5.86 8.87 4.56
CA LEU C 409 -7.10 8.89 3.81
C LEU C 409 -7.67 7.51 3.80
N GLU C 410 -6.85 6.51 3.50
CA GLU C 410 -7.45 5.21 3.46
C GLU C 410 -8.08 4.76 4.76
N TRP C 411 -7.84 5.42 5.87
CA TRP C 411 -8.55 4.98 7.08
C TRP C 411 -9.89 5.64 7.37
N THR C 412 -10.26 6.60 6.56
CA THR C 412 -11.48 7.33 6.84
C THR C 412 -12.68 6.46 6.63
N VAL C 413 -12.81 5.97 5.43
CA VAL C 413 -13.94 5.14 5.12
C VAL C 413 -14.17 4.00 6.10
N PRO C 414 -13.13 3.34 6.56
CA PRO C 414 -13.30 2.29 7.54
C PRO C 414 -13.53 2.95 8.88
N SER C 415 -13.32 4.25 8.93
CA SER C 415 -13.50 5.00 10.15
C SER C 415 -12.69 4.41 11.31
N ARG C 416 -11.38 4.51 11.23
CA ARG C 416 -10.59 3.90 12.27
C ARG C 416 -9.29 4.60 12.60
N ASP C 417 -8.99 4.65 13.89
CA ASP C 417 -7.69 5.08 14.29
C ASP C 417 -7.33 6.49 13.89
N ASN C 418 -8.21 7.42 14.11
CA ASN C 418 -7.76 8.76 13.81
C ASN C 418 -6.71 9.19 14.87
N ASN C 419 -5.98 10.25 14.57
CA ASN C 419 -5.01 10.76 15.49
C ASN C 419 -4.14 9.64 16.08
N LYS C 420 -3.68 8.71 15.26
CA LYS C 420 -2.77 7.68 15.81
C LYS C 420 -1.42 7.82 15.15
N CYS C 421 -1.40 7.82 13.81
CA CYS C 421 -0.16 7.96 13.06
C CYS C 421 0.44 9.22 13.53
N TYR C 422 1.74 9.40 13.32
CA TYR C 422 2.42 10.56 13.90
C TYR C 422 3.74 10.84 13.27
N ALA C 423 4.10 12.11 13.10
CA ALA C 423 5.32 12.38 12.40
C ALA C 423 5.97 13.47 13.09
N LYS C 424 7.29 13.34 13.29
CA LYS C 424 8.09 14.39 13.93
C LYS C 424 9.41 14.55 13.22
N VAL C 425 10.04 15.71 13.32
CA VAL C 425 11.30 15.94 12.67
C VAL C 425 12.07 16.75 13.63
N ILE C 426 13.33 16.41 13.92
CA ILE C 426 14.12 17.16 14.90
C ILE C 426 15.24 17.97 14.20
N CYS C 427 15.32 19.26 14.52
CA CYS C 427 16.31 20.12 13.87
C CYS C 427 17.26 20.78 14.79
N ASN C 428 18.40 21.14 14.22
CA ASN C 428 19.51 21.72 14.93
C ASN C 428 19.50 23.20 14.78
N LEU C 429 18.88 23.86 15.74
CA LEU C 429 18.80 25.32 15.72
C LEU C 429 20.13 25.98 15.37
N LYS C 430 21.24 25.41 15.79
CA LYS C 430 22.50 26.11 15.50
C LYS C 430 23.12 25.75 14.17
N ASP C 431 22.34 25.10 13.31
CA ASP C 431 22.85 24.58 12.03
C ASP C 431 21.75 24.72 10.95
N ASN C 432 21.12 25.86 10.88
CA ASN C 432 20.08 26.03 9.88
C ASN C 432 18.95 25.07 10.08
N GLU C 433 18.82 24.61 11.31
CA GLU C 433 17.68 23.78 11.65
C GLU C 433 17.83 22.52 10.91
N ARG C 434 19.05 22.15 10.65
CA ARG C 434 19.28 20.93 9.94
C ARG C 434 18.41 19.84 10.51
N VAL C 435 17.85 19.04 9.63
CA VAL C 435 17.07 17.92 10.09
C VAL C 435 18.01 16.80 10.46
N VAL C 436 18.15 16.54 11.74
CA VAL C 436 19.04 15.47 12.17
C VAL C 436 18.25 14.35 12.78
N GLY C 437 16.95 14.46 12.73
CA GLY C 437 16.14 13.35 13.19
C GLY C 437 14.98 13.13 12.24
N PHE C 438 14.61 11.89 11.97
CA PHE C 438 13.44 11.68 11.15
C PHE C 438 12.57 10.54 11.71
N HIS C 439 11.32 10.81 12.10
CA HIS C 439 10.48 9.75 12.66
C HIS C 439 9.08 9.72 12.21
N VAL C 440 8.62 8.56 11.78
CA VAL C 440 7.25 8.46 11.33
C VAL C 440 6.63 7.22 11.89
N LEU C 441 5.42 7.39 12.37
CA LEU C 441 4.68 6.29 12.88
C LEU C 441 3.36 6.17 12.15
N GLY C 442 3.36 5.50 10.99
CA GLY C 442 2.15 5.28 10.16
C GLY C 442 2.29 4.09 9.19
N PRO C 443 1.35 3.92 8.31
CA PRO C 443 1.45 2.87 7.28
C PRO C 443 2.64 3.00 6.33
N ASN C 444 3.14 1.89 5.84
CA ASN C 444 4.15 2.01 4.82
C ASN C 444 5.27 2.95 5.22
N ALA C 445 5.50 3.00 6.54
CA ALA C 445 6.63 3.68 7.16
C ALA C 445 7.88 3.63 6.28
N GLY C 446 8.38 2.43 6.06
CA GLY C 446 9.56 2.22 5.25
C GLY C 446 9.54 2.87 3.87
N GLU C 447 8.47 2.72 3.14
CA GLU C 447 8.44 3.41 1.88
C GLU C 447 8.59 4.90 2.11
N VAL C 448 8.02 5.42 3.20
CA VAL C 448 8.16 6.87 3.35
C VAL C 448 9.52 7.20 3.85
N THR C 449 10.06 6.47 4.80
CA THR C 449 11.36 6.82 5.31
C THR C 449 12.51 6.89 4.26
N GLN C 450 12.68 5.82 3.53
CA GLN C 450 13.76 5.74 2.57
C GLN C 450 14.13 7.05 1.96
N GLY C 451 13.24 7.62 1.18
CA GLY C 451 13.58 8.80 0.44
C GLY C 451 14.13 9.90 1.33
N PHE C 452 13.59 10.02 2.52
CA PHE C 452 14.10 11.08 3.35
C PHE C 452 15.52 10.75 3.80
N ALA C 453 15.76 9.49 4.15
CA ALA C 453 17.10 9.12 4.56
C ALA C 453 18.10 9.62 3.55
N ALA C 454 17.66 9.71 2.30
CA ALA C 454 18.49 10.25 1.25
C ALA C 454 18.74 11.71 1.54
N ALA C 455 17.64 12.42 1.76
CA ALA C 455 17.72 13.85 2.06
C ALA C 455 18.76 14.04 3.11
N LEU C 456 18.61 13.35 4.22
CA LEU C 456 19.56 13.52 5.30
C LEU C 456 20.97 13.48 4.77
N LYS C 457 21.21 12.59 3.82
CA LYS C 457 22.55 12.51 3.28
C LYS C 457 22.88 13.70 2.38
N CYS C 458 21.95 14.63 2.19
CA CYS C 458 22.28 15.81 1.42
C CYS C 458 22.24 17.05 2.32
N GLY C 459 22.07 16.83 3.63
CA GLY C 459 22.02 17.91 4.59
C GLY C 459 20.71 18.67 4.48
N LEU C 460 19.63 17.94 4.36
CA LEU C 460 18.32 18.51 4.34
C LEU C 460 18.18 19.46 5.50
N THR C 461 17.80 20.71 5.24
CA THR C 461 17.52 21.65 6.32
C THR C 461 15.99 21.82 6.43
N LYS C 462 15.50 22.39 7.51
CA LYS C 462 14.06 22.51 7.67
C LYS C 462 13.45 23.46 6.64
N GLN C 463 14.23 24.45 6.25
CA GLN C 463 13.80 25.42 5.27
C GLN C 463 13.54 24.66 4.00
N GLN C 464 14.52 23.86 3.64
CA GLN C 464 14.46 23.09 2.42
C GLN C 464 13.24 22.21 2.50
N LEU C 465 13.09 21.51 3.62
CA LEU C 465 11.98 20.60 3.73
C LEU C 465 10.68 21.32 3.42
N ASP C 466 10.42 22.41 4.10
CA ASP C 466 9.21 23.18 3.93
C ASP C 466 9.04 23.54 2.50
N SER C 467 10.15 23.98 1.90
CA SER C 467 10.12 24.38 0.50
C SER C 467 9.70 23.23 -0.46
N THR C 468 9.79 22.01 0.01
CA THR C 468 9.41 20.89 -0.81
C THR C 468 7.91 20.86 -0.80
N ILE C 469 7.31 20.50 -1.93
CA ILE C 469 5.88 20.45 -2.00
C ILE C 469 5.46 19.02 -1.77
N GLY C 470 4.33 18.77 -1.15
CA GLY C 470 4.02 17.35 -0.96
C GLY C 470 3.21 16.76 -2.11
N ILE C 471 3.05 15.44 -2.10
CA ILE C 471 2.17 14.77 -3.06
C ILE C 471 0.88 14.50 -2.32
N HIS C 472 -0.26 14.75 -2.94
CA HIS C 472 -1.54 14.58 -2.23
C HIS C 472 -2.41 13.65 -3.03
N PRO C 473 -3.15 12.78 -2.36
CA PRO C 473 -3.20 12.65 -0.93
C PRO C 473 -2.36 11.46 -0.46
N VAL C 474 -1.17 11.70 0.08
CA VAL C 474 -0.31 10.60 0.50
C VAL C 474 0.11 10.77 1.95
N CYS C 475 0.31 9.71 2.69
CA CYS C 475 0.70 9.91 4.07
C CYS C 475 1.97 10.73 4.23
N ALA C 476 2.93 10.45 3.38
CA ALA C 476 4.21 11.09 3.52
C ALA C 476 4.11 12.58 3.55
N GLU C 477 3.17 13.17 2.83
CA GLU C 477 3.13 14.62 2.79
C GLU C 477 3.20 15.40 4.11
N ILE C 478 2.75 14.88 5.25
CA ILE C 478 2.75 15.78 6.40
C ILE C 478 4.10 16.41 6.57
N PHE C 479 5.13 15.65 6.29
CA PHE C 479 6.47 16.15 6.43
C PHE C 479 6.74 17.43 5.68
N THR C 480 5.96 17.77 4.66
CA THR C 480 6.23 18.97 3.91
C THR C 480 5.45 20.15 4.47
N THR C 481 4.84 19.97 5.63
CA THR C 481 4.08 21.05 6.31
C THR C 481 4.08 20.93 7.82
N LEU C 482 5.19 20.54 8.40
CA LEU C 482 5.25 20.43 9.83
C LEU C 482 5.51 21.82 10.25
N SER C 483 4.57 22.40 10.97
CA SER C 483 4.72 23.78 11.44
C SER C 483 4.66 23.89 12.96
N VAL C 484 3.93 23.02 13.62
CA VAL C 484 3.77 23.18 15.05
C VAL C 484 4.90 22.60 15.78
N THR C 485 5.52 23.34 16.67
CA THR C 485 6.67 22.79 17.37
C THR C 485 6.34 22.34 18.77
N LYS C 486 7.12 21.40 19.24
CA LYS C 486 6.89 20.95 20.58
C LYS C 486 7.06 22.11 21.59
N ARG C 487 8.18 22.81 21.52
CA ARG C 487 8.48 23.84 22.48
C ARG C 487 7.38 24.88 22.58
N SER C 488 6.56 24.99 21.56
CA SER C 488 5.52 26.00 21.65
C SER C 488 4.23 25.21 21.51
N GLY C 489 3.82 24.66 22.64
CA GLY C 489 2.75 23.70 22.68
C GLY C 489 1.51 23.83 21.84
N GLY C 490 1.56 23.54 20.58
CA GLY C 490 0.29 23.53 19.91
C GLY C 490 -0.46 22.23 20.17
N ASP C 491 -1.73 22.31 19.83
CA ASP C 491 -2.58 21.18 19.84
C ASP C 491 -2.15 20.58 18.55
N ILE C 492 -2.04 19.25 18.50
CA ILE C 492 -1.71 18.59 17.27
C ILE C 492 -2.86 17.70 16.91
N LEU C 493 -3.88 17.66 17.77
CA LEU C 493 -5.05 16.83 17.50
C LEU C 493 -6.03 17.62 16.64
N GLN C 494 -5.98 17.43 15.32
CA GLN C 494 -6.83 18.33 14.54
C GLN C 494 -7.88 17.78 13.60
N SER C 495 -8.79 16.97 14.15
CA SER C 495 -9.89 16.30 13.43
C SER C 495 -10.35 17.06 12.14
N LYS D 9 -8.40 54.81 1.61
CA LYS D 9 -9.66 54.12 1.23
C LYS D 9 -10.14 53.09 2.29
N SER D 10 -11.44 53.00 2.50
CA SER D 10 -11.98 52.10 3.50
C SER D 10 -12.76 50.93 2.88
N TYR D 11 -12.11 49.86 2.50
CA TYR D 11 -12.85 48.85 1.79
C TYR D 11 -13.63 48.04 2.79
N ASP D 12 -14.49 47.14 2.32
CA ASP D 12 -15.25 46.36 3.23
C ASP D 12 -14.32 45.30 3.80
N PHE D 13 -13.35 44.90 2.98
CA PHE D 13 -12.48 43.77 3.34
C PHE D 13 -11.05 44.01 2.89
N ASP D 14 -10.09 43.52 3.65
CA ASP D 14 -8.74 43.60 3.26
C ASP D 14 -8.59 42.65 2.10
N LEU D 15 -9.12 41.46 2.25
CA LEU D 15 -8.92 40.50 1.17
C LEU D 15 -10.15 39.69 0.90
N ILE D 16 -10.53 39.59 -0.36
CA ILE D 16 -11.63 38.75 -0.72
C ILE D 16 -11.04 37.65 -1.55
N ILE D 17 -11.50 36.45 -1.31
CA ILE D 17 -10.95 35.33 -2.02
C ILE D 17 -12.06 34.74 -2.86
N ILE D 18 -11.88 34.77 -4.19
CA ILE D 18 -12.85 34.23 -5.09
C ILE D 18 -12.56 32.74 -5.33
N GLY D 19 -13.24 31.87 -4.61
CA GLY D 19 -13.09 30.44 -4.78
C GLY D 19 -12.73 29.80 -3.46
N GLY D 20 -13.54 28.84 -3.02
CA GLY D 20 -13.29 28.14 -1.76
C GLY D 20 -12.56 26.81 -1.96
N GLY D 21 -11.58 26.81 -2.87
CA GLY D 21 -10.88 25.57 -3.21
C GLY D 21 -9.60 25.33 -2.44
N SER D 22 -8.77 24.47 -2.98
CA SER D 22 -7.50 24.14 -2.38
C SER D 22 -6.70 25.35 -2.10
N GLY D 23 -6.57 26.23 -3.09
CA GLY D 23 -5.78 27.42 -2.93
C GLY D 23 -6.51 28.42 -2.10
N GLY D 24 -7.71 28.73 -2.48
CA GLY D 24 -8.40 29.78 -1.79
C GLY D 24 -8.45 29.56 -0.30
N LEU D 25 -8.98 28.41 0.14
CA LEU D 25 -9.11 28.23 1.56
C LEU D 25 -7.74 28.32 2.23
N ALA D 26 -6.69 27.86 1.55
CA ALA D 26 -5.36 28.02 2.11
C ALA D 26 -5.08 29.51 2.38
N ALA D 27 -5.27 30.36 1.36
CA ALA D 27 -4.94 31.73 1.59
C ALA D 27 -5.80 32.28 2.74
N ALA D 28 -7.05 31.89 2.81
CA ALA D 28 -7.85 32.50 3.85
C ALA D 28 -7.29 32.11 5.17
N LYS D 29 -7.06 30.81 5.42
CA LYS D 29 -6.63 30.40 6.74
C LYS D 29 -5.46 31.15 7.18
N GLU D 30 -4.51 31.37 6.28
CA GLU D 30 -3.27 32.04 6.68
C GLU D 30 -3.56 33.47 6.87
N ALA D 31 -4.18 34.07 5.87
CA ALA D 31 -4.44 35.48 5.96
C ALA D 31 -5.02 35.70 7.31
N ALA D 32 -5.92 34.84 7.74
CA ALA D 32 -6.57 35.03 9.02
C ALA D 32 -5.66 35.06 10.23
N LYS D 33 -4.46 34.52 10.15
CA LYS D 33 -3.61 34.58 11.33
C LYS D 33 -3.23 36.00 11.71
N PHE D 34 -3.34 36.94 10.76
CA PHE D 34 -2.85 38.29 10.95
C PHE D 34 -3.92 39.33 11.23
N ASP D 35 -5.04 38.85 11.76
CA ASP D 35 -6.16 39.76 12.02
C ASP D 35 -6.41 40.69 10.84
N LYS D 36 -7.11 40.19 9.84
CA LYS D 36 -7.45 41.00 8.69
C LYS D 36 -8.83 40.58 8.30
N LYS D 37 -9.63 41.50 7.84
CA LYS D 37 -10.96 41.15 7.45
C LYS D 37 -10.84 40.39 6.16
N VAL D 38 -11.25 39.11 6.12
CA VAL D 38 -11.27 38.42 4.85
C VAL D 38 -12.56 37.65 4.64
N MET D 39 -12.92 37.52 3.38
CA MET D 39 -14.13 36.78 3.03
C MET D 39 -13.77 35.84 1.89
N VAL D 40 -14.28 34.62 1.92
CA VAL D 40 -14.07 33.76 0.77
C VAL D 40 -15.43 33.48 0.17
N LEU D 41 -15.56 33.65 -1.13
CA LEU D 41 -16.78 33.37 -1.76
C LEU D 41 -16.55 32.07 -2.40
N ASP D 42 -17.51 31.19 -2.37
CA ASP D 42 -17.34 29.95 -3.11
C ASP D 42 -18.72 29.51 -3.61
N PHE D 43 -18.78 29.06 -4.86
CA PHE D 43 -20.08 28.68 -5.42
C PHE D 43 -19.84 27.60 -6.41
N VAL D 44 -20.72 26.62 -6.49
CA VAL D 44 -20.40 25.53 -7.40
C VAL D 44 -21.43 25.45 -8.47
N THR D 45 -21.09 25.92 -9.66
CA THR D 45 -22.10 25.82 -10.71
C THR D 45 -22.21 24.38 -11.09
N PRO D 46 -23.43 23.95 -11.18
CA PRO D 46 -23.77 22.54 -11.46
C PRO D 46 -23.29 22.07 -12.80
N THR D 47 -23.20 20.76 -12.92
CA THR D 47 -22.73 20.15 -14.16
C THR D 47 -23.91 20.19 -15.04
N PRO D 48 -23.74 19.88 -16.31
CA PRO D 48 -24.86 19.82 -17.23
C PRO D 48 -25.94 18.90 -16.68
N LEU D 49 -25.55 17.78 -16.11
CA LEU D 49 -26.52 16.85 -15.57
C LEU D 49 -27.01 17.32 -14.22
N GLY D 50 -26.53 18.49 -13.82
CA GLY D 50 -26.97 19.14 -12.60
C GLY D 50 -26.40 18.75 -11.25
N THR D 51 -25.24 18.14 -11.19
CA THR D 51 -24.81 17.73 -9.88
C THR D 51 -24.03 18.86 -9.25
N ASN D 52 -24.03 18.90 -7.91
CA ASN D 52 -23.41 19.96 -7.12
C ASN D 52 -22.64 19.37 -5.98
N TRP D 53 -21.87 20.19 -5.27
CA TRP D 53 -21.19 19.73 -4.08
C TRP D 53 -20.88 20.91 -3.13
N GLY D 54 -20.23 20.63 -1.99
CA GLY D 54 -20.01 21.65 -0.98
C GLY D 54 -18.66 22.30 -0.97
N LEU D 55 -18.46 23.12 0.07
CA LEU D 55 -17.23 23.90 0.22
C LEU D 55 -16.10 22.95 0.11
N GLY D 56 -14.97 23.43 -0.37
CA GLY D 56 -13.80 22.61 -0.43
C GLY D 56 -13.09 22.58 -1.74
N GLY D 57 -13.75 22.74 -2.85
CA GLY D 57 -12.98 22.80 -4.08
C GLY D 57 -12.98 21.48 -4.78
N THR D 58 -12.24 21.40 -5.87
CA THR D 58 -12.23 20.20 -6.68
C THR D 58 -11.65 18.98 -6.01
N CYS D 59 -10.51 19.20 -5.39
CA CYS D 59 -9.80 18.14 -4.72
C CYS D 59 -10.72 17.44 -3.74
N VAL D 60 -11.39 18.23 -2.94
CA VAL D 60 -12.20 17.67 -1.89
C VAL D 60 -13.45 16.90 -2.36
N ASN D 61 -14.11 17.41 -3.38
CA ASN D 61 -15.38 16.86 -3.71
C ASN D 61 -15.41 16.05 -4.96
N VAL D 62 -14.54 16.32 -5.91
CA VAL D 62 -14.60 15.53 -7.13
C VAL D 62 -13.23 15.40 -7.75
N GLY D 63 -12.20 15.40 -6.92
CA GLY D 63 -10.83 15.19 -7.42
C GLY D 63 -10.07 14.19 -6.55
N CYS D 64 -8.95 14.63 -5.99
CA CYS D 64 -8.09 13.73 -5.26
C CYS D 64 -8.86 12.93 -4.24
N ILE D 65 -9.56 13.58 -3.34
CA ILE D 65 -10.17 12.80 -2.28
C ILE D 65 -11.01 11.58 -2.74
N PRO D 66 -12.07 11.74 -3.51
CA PRO D 66 -12.82 10.55 -3.87
C PRO D 66 -11.93 9.64 -4.75
N LYS D 67 -11.19 10.21 -5.69
CA LYS D 67 -10.37 9.38 -6.59
C LYS D 67 -9.52 8.44 -5.81
N LYS D 68 -8.76 8.92 -4.85
CA LYS D 68 -7.91 7.98 -4.12
C LYS D 68 -8.81 7.01 -3.39
N LEU D 69 -9.88 7.46 -2.79
CA LEU D 69 -10.70 6.53 -2.04
C LEU D 69 -11.15 5.40 -2.94
N MET D 70 -11.57 5.71 -4.15
CA MET D 70 -12.07 4.61 -4.99
C MET D 70 -10.90 3.78 -5.44
N HIS D 71 -9.80 4.45 -5.67
CA HIS D 71 -8.60 3.73 -6.01
C HIS D 71 -8.33 2.75 -4.89
N GLN D 72 -8.56 3.18 -3.66
CA GLN D 72 -8.41 2.33 -2.50
C GLN D 72 -9.35 1.17 -2.56
N ALA D 73 -10.56 1.46 -3.01
CA ALA D 73 -11.57 0.41 -3.11
C ALA D 73 -11.01 -0.66 -4.00
N ALA D 74 -10.37 -0.25 -5.09
CA ALA D 74 -9.91 -1.25 -6.02
C ALA D 74 -8.71 -2.02 -5.44
N LEU D 75 -7.84 -1.31 -4.76
CA LEU D 75 -6.72 -2.05 -4.25
C LEU D 75 -7.22 -3.09 -3.24
N LEU D 76 -8.28 -2.77 -2.52
CA LEU D 76 -8.68 -3.70 -1.49
C LEU D 76 -9.16 -4.96 -2.12
N GLY D 77 -9.75 -4.81 -3.31
CA GLY D 77 -10.22 -5.94 -4.06
C GLY D 77 -9.00 -6.84 -4.21
N GLN D 78 -7.97 -6.32 -4.88
CA GLN D 78 -6.76 -7.06 -5.08
C GLN D 78 -6.35 -7.60 -3.75
N ALA D 79 -6.50 -6.82 -2.70
CA ALA D 79 -6.01 -7.32 -1.43
C ALA D 79 -6.80 -8.55 -1.00
N LEU D 80 -8.09 -8.56 -1.31
CA LEU D 80 -8.93 -9.66 -0.95
C LEU D 80 -8.40 -10.90 -1.58
N LYS D 81 -8.02 -10.79 -2.84
CA LYS D 81 -7.45 -11.93 -3.58
C LYS D 81 -6.15 -12.35 -2.92
N ASP D 82 -5.24 -11.43 -2.68
CA ASP D 82 -3.99 -11.88 -2.08
C ASP D 82 -4.18 -12.58 -0.74
N SER D 83 -5.19 -12.28 0.04
CA SER D 83 -5.23 -12.88 1.37
C SER D 83 -5.29 -14.39 1.39
N ARG D 84 -5.68 -14.97 0.27
CA ARG D 84 -5.85 -16.42 0.25
C ARG D 84 -4.55 -17.13 0.53
N ASN D 85 -3.49 -16.79 -0.18
CA ASN D 85 -2.23 -17.51 0.05
C ASN D 85 -1.60 -17.16 1.39
N TYR D 86 -2.05 -16.08 2.02
CA TYR D 86 -1.45 -15.79 3.30
C TYR D 86 -2.23 -16.44 4.40
N GLY D 87 -3.28 -17.17 4.04
CA GLY D 87 -3.98 -17.98 5.01
C GLY D 87 -5.39 -17.59 5.34
N TRP D 88 -5.87 -16.51 4.77
CA TRP D 88 -7.25 -16.12 5.02
C TRP D 88 -8.10 -16.94 4.09
N LYS D 89 -9.16 -17.55 4.62
CA LYS D 89 -10.01 -18.36 3.75
C LYS D 89 -11.25 -17.61 3.29
N LEU D 90 -11.26 -17.07 2.08
CA LEU D 90 -12.49 -16.42 1.67
C LEU D 90 -13.11 -17.05 0.49
N GLU D 91 -14.22 -16.50 0.04
CA GLU D 91 -14.99 -17.11 -1.03
C GLU D 91 -14.47 -16.77 -2.41
N ASP D 92 -14.24 -17.79 -3.23
CA ASP D 92 -13.74 -17.59 -4.59
C ASP D 92 -14.14 -16.22 -5.22
N THR D 93 -15.29 -15.67 -4.87
CA THR D 93 -15.65 -14.39 -5.48
C THR D 93 -16.42 -13.48 -4.57
N VAL D 94 -15.89 -12.27 -4.35
CA VAL D 94 -16.64 -11.31 -3.58
C VAL D 94 -17.12 -10.23 -4.50
N LYS D 95 -18.41 -9.94 -4.42
CA LYS D 95 -19.01 -8.93 -5.26
C LYS D 95 -18.84 -7.55 -4.66
N HIS D 96 -18.76 -6.52 -5.50
CA HIS D 96 -18.58 -5.15 -5.07
C HIS D 96 -19.88 -4.33 -5.18
N ASP D 97 -20.12 -3.43 -4.24
CA ASP D 97 -21.39 -2.69 -4.28
C ASP D 97 -21.18 -1.22 -4.53
N TRP D 98 -21.37 -0.77 -5.77
CA TRP D 98 -21.10 0.60 -6.05
C TRP D 98 -21.81 1.51 -5.11
N GLU D 99 -23.07 1.24 -4.88
CA GLU D 99 -23.79 2.16 -4.04
C GLU D 99 -23.14 2.30 -2.69
N LYS D 100 -22.97 1.19 -2.00
CA LYS D 100 -22.35 1.26 -0.70
C LYS D 100 -21.06 2.09 -0.74
N MET D 101 -20.23 1.82 -1.72
CA MET D 101 -18.99 2.53 -1.78
C MET D 101 -19.20 4.02 -1.92
N THR D 102 -19.90 4.44 -2.95
CA THR D 102 -19.97 5.88 -3.11
C THR D 102 -20.65 6.53 -1.90
N GLU D 103 -21.54 5.82 -1.23
CA GLU D 103 -22.14 6.37 -0.05
C GLU D 103 -20.98 6.69 0.89
N SER D 104 -20.16 5.72 1.21
CA SER D 104 -19.05 5.97 2.09
C SER D 104 -18.24 7.16 1.64
N VAL D 105 -17.95 7.22 0.37
CA VAL D 105 -17.07 8.29 -0.05
C VAL D 105 -17.70 9.59 0.28
N GLN D 106 -18.92 9.75 -0.22
CA GLN D 106 -19.62 11.00 -0.10
C GLN D 106 -19.77 11.37 1.34
N ASN D 107 -20.05 10.36 2.17
CA ASN D 107 -20.19 10.57 3.59
C ASN D 107 -18.98 11.27 4.15
N HIS D 108 -17.80 10.85 3.75
CA HIS D 108 -16.58 11.51 4.20
C HIS D 108 -16.49 12.91 3.62
N ILE D 109 -16.79 13.05 2.36
CA ILE D 109 -16.66 14.35 1.76
C ILE D 109 -17.47 15.38 2.54
N GLY D 110 -18.66 14.99 2.97
CA GLY D 110 -19.53 15.88 3.69
C GLY D 110 -18.82 16.30 4.93
N SER D 111 -18.19 15.36 5.55
CA SER D 111 -17.52 15.67 6.75
C SER D 111 -16.47 16.66 6.41
N LEU D 112 -15.92 16.67 5.22
CA LEU D 112 -14.89 17.65 4.96
C LEU D 112 -15.54 18.94 4.65
N ASN D 113 -16.58 18.83 3.85
CA ASN D 113 -17.37 19.97 3.50
C ASN D 113 -17.62 20.79 4.73
N TRP D 114 -18.31 20.25 5.69
CA TRP D 114 -18.58 21.20 6.74
C TRP D 114 -17.45 21.37 7.71
N GLY D 115 -16.35 20.65 7.55
CA GLY D 115 -15.22 20.90 8.43
C GLY D 115 -14.62 22.23 7.99
N TYR D 116 -14.58 22.42 6.69
CA TYR D 116 -14.01 23.64 6.19
C TYR D 116 -14.85 24.79 6.61
N ARG D 117 -16.16 24.61 6.55
CA ARG D 117 -17.03 25.69 6.92
C ARG D 117 -16.75 26.05 8.38
N VAL D 118 -16.63 25.03 9.24
CA VAL D 118 -16.38 25.29 10.64
C VAL D 118 -15.06 25.98 10.80
N ALA D 119 -14.09 25.55 10.02
CA ALA D 119 -12.76 26.14 10.10
C ALA D 119 -12.82 27.61 9.77
N LEU D 120 -13.50 27.96 8.68
CA LEU D 120 -13.54 29.37 8.33
C LEU D 120 -14.14 30.16 9.50
N ARG D 121 -15.24 29.68 10.04
CA ARG D 121 -15.92 30.43 11.05
C ARG D 121 -15.05 30.64 12.27
N GLU D 122 -14.26 29.63 12.60
CA GLU D 122 -13.43 29.70 13.80
C GLU D 122 -12.34 30.71 13.66
N LYS D 123 -11.82 30.78 12.43
CA LYS D 123 -10.70 31.66 12.15
C LYS D 123 -11.22 33.04 11.77
N LYS D 124 -12.52 33.21 11.98
CA LYS D 124 -13.17 34.52 11.80
C LYS D 124 -13.14 34.99 10.36
N VAL D 125 -13.40 34.07 9.45
CA VAL D 125 -13.40 34.42 8.03
C VAL D 125 -14.81 34.40 7.52
N VAL D 126 -15.20 35.41 6.78
CA VAL D 126 -16.59 35.41 6.39
C VAL D 126 -16.71 34.52 5.22
N TYR D 127 -17.66 33.57 5.30
CA TYR D 127 -17.90 32.67 4.15
C TYR D 127 -19.24 33.00 3.61
N GLU D 128 -19.30 33.16 2.31
CA GLU D 128 -20.56 33.41 1.64
C GLU D 128 -20.61 32.45 0.44
N ASN D 129 -21.69 31.70 0.37
CA ASN D 129 -21.89 30.74 -0.72
C ASN D 129 -22.47 31.51 -1.86
N ALA D 130 -21.62 32.07 -2.72
CA ALA D 130 -22.10 32.86 -3.85
C ALA D 130 -21.07 32.97 -4.94
N TYR D 131 -21.50 33.32 -6.15
CA TYR D 131 -20.61 33.35 -7.28
C TYR D 131 -20.06 34.71 -7.35
N GLY D 132 -18.75 34.84 -7.49
CA GLY D 132 -18.15 36.16 -7.48
C GLY D 132 -17.85 36.63 -8.87
N LYS D 133 -18.14 37.90 -9.15
CA LYS D 133 -17.92 38.51 -10.45
C LYS D 133 -17.53 39.93 -10.22
N PHE D 134 -16.37 40.36 -10.76
CA PHE D 134 -15.85 41.72 -10.58
C PHE D 134 -16.76 42.68 -11.31
N ILE D 135 -16.99 43.87 -10.76
CA ILE D 135 -17.84 44.83 -11.46
C ILE D 135 -17.07 46.06 -11.76
N GLY D 136 -16.01 46.28 -10.99
CA GLY D 136 -15.17 47.45 -11.16
C GLY D 136 -14.09 47.43 -10.11
N PRO D 137 -13.22 48.42 -10.16
CA PRO D 137 -12.05 48.49 -9.30
C PRO D 137 -12.44 48.22 -7.90
N HIS D 138 -11.75 47.27 -7.30
CA HIS D 138 -11.98 46.96 -5.91
C HIS D 138 -13.40 46.56 -5.53
N LYS D 139 -14.22 46.39 -6.55
CA LYS D 139 -15.61 46.04 -6.29
C LYS D 139 -15.99 44.71 -6.93
N ILE D 140 -16.63 43.85 -6.16
CA ILE D 140 -17.09 42.58 -6.72
C ILE D 140 -18.49 42.27 -6.31
N MET D 141 -19.20 41.59 -7.22
CA MET D 141 -20.62 41.27 -7.04
C MET D 141 -20.79 39.82 -6.70
N ALA D 142 -21.44 39.50 -5.59
CA ALA D 142 -21.62 38.11 -5.27
C ALA D 142 -23.02 37.73 -5.55
N THR D 143 -23.23 36.80 -6.45
CA THR D 143 -24.57 36.38 -6.68
C THR D 143 -24.84 35.11 -5.89
N ASN D 144 -25.84 35.27 -5.09
CA ASN D 144 -26.46 34.30 -4.24
C ASN D 144 -26.83 33.09 -5.00
N ASN D 145 -27.38 32.15 -4.29
CA ASN D 145 -27.84 30.94 -4.92
C ASN D 145 -29.22 31.16 -5.45
N LYS D 146 -29.96 32.05 -4.85
CA LYS D 146 -31.31 32.36 -5.32
C LYS D 146 -31.30 33.54 -6.27
N GLY D 147 -30.13 34.05 -6.62
CA GLY D 147 -30.10 35.16 -7.56
C GLY D 147 -29.98 36.53 -6.94
N LYS D 148 -29.96 36.61 -5.60
CA LYS D 148 -29.81 37.90 -4.92
C LYS D 148 -28.39 38.38 -5.05
N GLU D 149 -28.24 39.62 -5.47
CA GLU D 149 -26.91 40.14 -5.66
C GLU D 149 -26.47 41.01 -4.50
N LYS D 150 -25.18 41.01 -4.24
CA LYS D 150 -24.64 41.84 -3.18
C LYS D 150 -23.28 42.30 -3.64
N VAL D 151 -22.90 43.54 -3.34
CA VAL D 151 -21.61 43.98 -3.83
C VAL D 151 -20.64 44.14 -2.68
N TYR D 152 -19.37 43.86 -2.90
CA TYR D 152 -18.39 44.02 -1.84
C TYR D 152 -17.16 44.78 -2.32
N SER D 153 -16.43 45.39 -1.39
CA SER D 153 -15.19 46.09 -1.75
C SER D 153 -14.04 45.47 -0.99
N ALA D 154 -12.85 45.56 -1.55
CA ALA D 154 -11.74 45.00 -0.85
C ALA D 154 -10.50 45.70 -1.31
N GLU D 155 -9.50 45.75 -0.44
CA GLU D 155 -8.23 46.36 -0.81
C GLU D 155 -7.47 45.41 -1.75
N ARG D 156 -7.64 44.11 -1.59
CA ARG D 156 -6.96 43.16 -2.44
C ARG D 156 -7.86 41.95 -2.72
N PHE D 157 -7.61 41.27 -3.83
CA PHE D 157 -8.39 40.11 -4.25
C PHE D 157 -7.46 38.96 -4.66
N LEU D 158 -7.95 37.75 -4.57
CA LEU D 158 -7.19 36.64 -5.00
C LEU D 158 -8.15 35.75 -5.75
N ILE D 159 -7.94 35.63 -7.06
CA ILE D 159 -8.76 34.81 -7.93
C ILE D 159 -8.32 33.38 -7.75
N ALA D 160 -9.19 32.53 -7.23
CA ALA D 160 -8.83 31.16 -6.97
C ALA D 160 -9.95 30.29 -7.43
N THR D 161 -10.39 30.47 -8.64
CA THR D 161 -11.56 29.74 -9.05
C THR D 161 -11.28 28.39 -9.65
N GLY D 162 -10.02 28.04 -9.87
CA GLY D 162 -9.80 26.72 -10.43
C GLY D 162 -10.53 26.54 -11.77
N GLU D 163 -10.60 25.29 -12.25
CA GLU D 163 -11.20 25.01 -13.56
C GLU D 163 -12.28 23.91 -13.48
N ARG D 164 -12.93 23.58 -14.60
CA ARG D 164 -13.95 22.51 -14.65
C ARG D 164 -13.69 21.57 -15.84
N PRO D 165 -14.29 20.37 -15.86
CA PRO D 165 -14.08 19.43 -16.97
C PRO D 165 -14.52 20.05 -18.27
N ARG D 166 -13.95 19.55 -19.34
CA ARG D 166 -14.16 20.03 -20.68
C ARG D 166 -14.91 19.01 -21.48
N TYR D 167 -15.88 19.42 -22.29
CA TYR D 167 -16.63 18.46 -23.12
C TYR D 167 -16.09 18.49 -24.55
N LEU D 168 -16.39 17.48 -25.35
CA LEU D 168 -16.01 17.47 -26.76
C LEU D 168 -17.07 18.26 -27.51
N GLY D 169 -16.71 18.99 -28.53
CA GLY D 169 -17.78 19.67 -29.23
C GLY D 169 -18.86 18.75 -29.78
N ILE D 170 -18.62 17.45 -29.73
CA ILE D 170 -19.51 16.46 -30.33
C ILE D 170 -20.92 16.31 -29.72
N PRO D 171 -21.92 16.06 -30.58
CA PRO D 171 -23.31 15.85 -30.18
C PRO D 171 -23.57 14.76 -29.15
N GLY D 172 -24.44 15.09 -28.19
CA GLY D 172 -24.89 14.15 -27.18
C GLY D 172 -23.95 14.11 -25.99
N ASP D 173 -22.79 14.75 -26.13
CA ASP D 173 -21.81 14.60 -25.08
C ASP D 173 -22.31 15.21 -23.79
N LYS D 174 -22.70 16.48 -23.83
CA LYS D 174 -23.23 17.14 -22.63
C LYS D 174 -24.46 16.45 -22.11
N GLU D 175 -25.27 15.88 -22.98
CA GLU D 175 -26.52 15.31 -22.46
C GLU D 175 -26.41 13.91 -21.96
N TYR D 176 -25.50 13.11 -22.52
CA TYR D 176 -25.48 11.72 -22.14
C TYR D 176 -24.23 11.21 -21.45
N CYS D 177 -23.13 11.97 -21.45
CA CYS D 177 -21.93 11.49 -20.78
C CYS D 177 -21.79 12.12 -19.44
N ILE D 178 -20.76 11.75 -18.71
CA ILE D 178 -20.44 12.37 -17.45
C ILE D 178 -18.97 12.61 -17.49
N SER D 179 -18.48 13.34 -16.49
CA SER D 179 -17.09 13.67 -16.38
C SER D 179 -16.74 13.34 -14.96
N SER D 180 -15.53 13.70 -14.55
CA SER D 180 -15.13 13.41 -13.22
C SER D 180 -16.12 14.05 -12.25
N ASP D 181 -16.60 15.25 -12.54
CA ASP D 181 -17.52 15.95 -11.62
C ASP D 181 -18.67 15.06 -11.27
N ASP D 182 -19.15 14.28 -12.22
CA ASP D 182 -20.34 13.48 -11.97
C ASP D 182 -20.01 12.09 -11.42
N LEU D 183 -18.90 11.53 -11.89
CA LEU D 183 -18.57 10.16 -11.54
C LEU D 183 -18.67 9.92 -10.06
N PHE D 184 -18.01 10.77 -9.28
CA PHE D 184 -17.88 10.50 -7.85
C PHE D 184 -19.14 10.59 -7.02
N SER D 185 -20.29 10.80 -7.65
CA SER D 185 -21.56 10.84 -6.90
C SER D 185 -22.57 10.00 -7.63
N LEU D 186 -22.11 9.27 -8.66
CA LEU D 186 -23.08 8.52 -9.43
C LEU D 186 -24.02 7.74 -8.55
N PRO D 187 -25.28 7.96 -8.74
CA PRO D 187 -26.33 7.26 -7.99
C PRO D 187 -26.59 5.83 -8.43
N TYR D 188 -25.79 5.31 -9.36
CA TYR D 188 -25.92 3.93 -9.80
C TYR D 188 -24.55 3.44 -10.31
N CYS D 189 -24.41 2.12 -10.39
CA CYS D 189 -23.15 1.53 -10.82
C CYS D 189 -23.03 1.82 -12.29
N PRO D 190 -21.93 2.41 -12.71
CA PRO D 190 -21.75 2.85 -14.09
C PRO D 190 -21.91 1.79 -15.14
N GLY D 191 -21.69 0.53 -14.80
CA GLY D 191 -21.80 -0.54 -15.79
C GLY D 191 -20.64 -0.50 -16.80
N LYS D 192 -20.77 -1.28 -17.88
CA LYS D 192 -19.77 -1.30 -18.93
C LYS D 192 -19.53 0.14 -19.33
N THR D 193 -18.28 0.58 -19.25
CA THR D 193 -17.99 1.98 -19.54
C THR D 193 -16.83 2.20 -20.47
N LEU D 194 -16.89 3.30 -21.19
CA LEU D 194 -15.83 3.71 -22.07
C LEU D 194 -15.33 5.00 -21.48
N VAL D 195 -14.04 5.20 -21.48
CA VAL D 195 -13.46 6.40 -20.93
C VAL D 195 -12.65 7.04 -22.05
N VAL D 196 -12.99 8.27 -22.35
CA VAL D 196 -12.35 8.98 -23.44
C VAL D 196 -11.32 9.91 -22.87
N GLY D 197 -10.07 9.79 -23.30
CA GLY D 197 -8.99 10.61 -22.80
C GLY D 197 -7.86 9.77 -22.28
N ALA D 198 -6.65 10.30 -22.26
CA ALA D 198 -5.55 9.48 -21.82
C ALA D 198 -4.64 10.05 -20.72
N SER D 199 -5.00 11.13 -20.03
CA SER D 199 -4.08 11.66 -19.04
C SER D 199 -4.43 11.04 -17.73
N TYR D 200 -3.93 11.64 -16.64
CA TYR D 200 -4.17 11.00 -15.36
C TYR D 200 -5.62 10.73 -15.08
N VAL D 201 -6.46 11.75 -15.05
CA VAL D 201 -7.88 11.46 -14.73
C VAL D 201 -8.41 10.30 -15.50
N ALA D 202 -8.29 10.34 -16.81
CA ALA D 202 -8.81 9.22 -17.60
C ALA D 202 -8.25 7.90 -17.09
N LEU D 203 -6.93 7.75 -17.12
CA LEU D 203 -6.34 6.49 -16.76
C LEU D 203 -6.68 6.10 -15.35
N GLU D 204 -6.61 7.02 -14.42
CA GLU D 204 -6.89 6.67 -13.03
C GLU D 204 -8.27 6.09 -12.93
N CYS D 205 -9.23 6.79 -13.52
CA CYS D 205 -10.60 6.41 -13.40
C CYS D 205 -10.78 5.08 -14.04
N ALA D 206 -10.24 4.98 -15.24
CA ALA D 206 -10.43 3.78 -16.02
C ALA D 206 -9.94 2.66 -15.16
N GLY D 207 -8.83 2.93 -14.54
CA GLY D 207 -8.23 1.96 -13.67
C GLY D 207 -9.13 1.46 -12.56
N PHE D 208 -9.60 2.36 -11.69
CA PHE D 208 -10.33 1.84 -10.57
C PHE D 208 -11.68 1.27 -10.99
N LEU D 209 -12.29 1.87 -11.99
CA LEU D 209 -13.55 1.33 -12.44
C LEU D 209 -13.35 -0.16 -12.71
N ALA D 210 -12.28 -0.50 -13.41
CA ALA D 210 -11.97 -1.87 -13.75
C ALA D 210 -11.62 -2.67 -12.50
N GLY D 211 -10.86 -2.08 -11.56
CA GLY D 211 -10.46 -2.83 -10.40
C GLY D 211 -11.64 -3.19 -9.52
N ILE D 212 -12.70 -2.39 -9.65
CA ILE D 212 -13.89 -2.57 -8.91
C ILE D 212 -14.73 -3.65 -9.60
N GLY D 213 -14.30 -4.08 -10.79
CA GLY D 213 -14.95 -5.18 -11.47
C GLY D 213 -15.71 -4.85 -12.72
N LEU D 214 -15.65 -3.63 -13.20
CA LEU D 214 -16.42 -3.27 -14.40
C LEU D 214 -15.72 -3.53 -15.73
N ASP D 215 -16.50 -3.63 -16.78
CA ASP D 215 -15.96 -3.79 -18.12
C ASP D 215 -15.50 -2.37 -18.57
N VAL D 216 -14.21 -2.09 -18.63
CA VAL D 216 -13.79 -0.75 -19.00
C VAL D 216 -12.98 -0.66 -20.30
N THR D 217 -13.17 0.43 -21.03
CA THR D 217 -12.44 0.60 -22.27
C THR D 217 -11.93 1.99 -22.33
N VAL D 218 -10.69 2.18 -22.72
CA VAL D 218 -10.15 3.53 -22.82
C VAL D 218 -9.89 3.88 -24.27
N MET D 219 -10.44 4.99 -24.74
CA MET D 219 -10.22 5.43 -26.13
C MET D 219 -9.20 6.57 -26.12
N VAL D 220 -8.00 6.32 -26.66
CA VAL D 220 -6.97 7.36 -26.68
C VAL D 220 -6.86 8.03 -28.05
N ARG D 221 -6.72 9.36 -28.05
CA ARG D 221 -6.57 10.06 -29.31
C ARG D 221 -5.15 10.02 -29.79
N SER D 222 -4.17 10.11 -28.89
CA SER D 222 -2.79 9.99 -29.33
C SER D 222 -1.93 9.11 -28.42
N ILE D 223 -1.05 9.75 -27.69
CA ILE D 223 -0.14 9.07 -26.77
C ILE D 223 -0.77 9.05 -25.40
N LEU D 224 -0.26 8.23 -24.49
CA LEU D 224 -0.80 8.23 -23.14
C LEU D 224 -0.04 9.22 -22.23
N LEU D 225 -0.73 9.78 -21.24
CA LEU D 225 -0.06 10.64 -20.28
C LEU D 225 0.88 11.66 -20.94
N ARG D 226 0.40 12.31 -21.98
CA ARG D 226 1.19 13.35 -22.61
C ARG D 226 1.73 14.19 -21.50
N GLY D 227 3.02 14.50 -21.55
CA GLY D 227 3.64 15.36 -20.57
C GLY D 227 4.63 14.61 -19.72
N PHE D 228 4.31 13.37 -19.40
CA PHE D 228 5.21 12.61 -18.55
C PHE D 228 6.08 11.68 -19.34
N ASP D 229 7.13 11.20 -18.67
CA ASP D 229 8.09 10.30 -19.30
C ASP D 229 7.40 9.17 -20.05
N GLN D 230 7.36 9.34 -21.36
CA GLN D 230 6.70 8.44 -22.27
C GLN D 230 6.91 6.94 -21.99
N ASP D 231 8.11 6.55 -21.62
CA ASP D 231 8.32 5.13 -21.39
C ASP D 231 7.54 4.67 -20.16
N MET D 232 7.67 5.39 -19.04
CA MET D 232 6.87 5.06 -17.86
C MET D 232 5.40 4.99 -18.26
N ALA D 233 4.97 5.95 -19.06
CA ALA D 233 3.58 5.97 -19.45
C ALA D 233 3.20 4.66 -20.15
N ASN D 234 4.04 4.21 -21.07
CA ASN D 234 3.71 3.01 -21.78
C ASN D 234 3.70 1.82 -20.86
N LYS D 235 4.60 1.79 -19.90
CA LYS D 235 4.59 0.65 -19.01
C LYS D 235 3.24 0.66 -18.33
N ILE D 236 2.86 1.83 -17.87
CA ILE D 236 1.60 2.00 -17.20
C ILE D 236 0.49 1.45 -18.08
N GLY D 237 0.51 1.86 -19.34
CA GLY D 237 -0.49 1.36 -20.23
C GLY D 237 -0.47 -0.17 -20.31
N GLU D 238 0.68 -0.74 -20.63
CA GLU D 238 0.72 -2.15 -20.81
C GLU D 238 0.11 -2.80 -19.62
N HIS D 239 0.41 -2.27 -18.45
CA HIS D 239 -0.07 -2.92 -17.27
C HIS D 239 -1.58 -2.90 -17.17
N MET D 240 -2.19 -1.77 -17.53
CA MET D 240 -3.64 -1.70 -17.51
C MET D 240 -4.20 -2.71 -18.48
N GLU D 241 -3.58 -2.84 -19.64
CA GLU D 241 -4.06 -3.78 -20.65
C GLU D 241 -3.98 -5.21 -20.11
N GLU D 242 -2.92 -5.49 -19.38
CA GLU D 242 -2.76 -6.83 -18.86
C GLU D 242 -3.80 -7.09 -17.80
N HIS D 243 -4.34 -6.04 -17.20
CA HIS D 243 -5.30 -6.33 -16.16
C HIS D 243 -6.73 -5.95 -16.52
N GLY D 244 -7.13 -6.45 -17.67
CA GLY D 244 -8.48 -6.30 -18.15
C GLY D 244 -8.98 -4.94 -18.53
N ILE D 245 -8.13 -3.98 -18.81
CA ILE D 245 -8.69 -2.75 -19.36
C ILE D 245 -8.50 -2.75 -20.88
N LYS D 246 -9.57 -2.70 -21.67
CA LYS D 246 -9.36 -2.72 -23.13
C LYS D 246 -9.07 -1.31 -23.61
N PHE D 247 -8.24 -1.20 -24.64
CA PHE D 247 -7.88 0.10 -25.19
C PHE D 247 -8.20 0.17 -26.66
N ILE D 248 -8.55 1.36 -27.11
CA ILE D 248 -8.80 1.61 -28.52
C ILE D 248 -7.88 2.75 -28.87
N ARG D 249 -6.89 2.52 -29.75
CA ARG D 249 -5.92 3.57 -30.01
C ARG D 249 -6.24 4.44 -31.19
N GLN D 250 -5.89 5.71 -31.09
CA GLN D 250 -6.10 6.65 -32.18
C GLN D 250 -7.52 6.66 -32.66
N PHE D 251 -8.42 7.18 -31.84
CA PHE D 251 -9.82 7.36 -32.18
C PHE D 251 -10.43 8.44 -31.33
N VAL D 252 -11.38 9.17 -31.89
CA VAL D 252 -12.05 10.24 -31.16
C VAL D 252 -13.53 10.19 -31.41
N PRO D 253 -14.31 10.20 -30.33
CA PRO D 253 -15.76 10.14 -30.44
C PRO D 253 -16.28 11.21 -31.39
N THR D 254 -17.26 10.88 -32.22
CA THR D 254 -17.81 11.89 -33.10
C THR D 254 -19.24 12.22 -32.73
N LYS D 255 -19.93 11.24 -32.18
CA LYS D 255 -21.29 11.47 -31.77
C LYS D 255 -21.65 10.42 -30.79
N ILE D 256 -22.49 10.77 -29.85
CA ILE D 256 -22.89 9.78 -28.88
C ILE D 256 -24.35 9.89 -28.68
N GLU D 257 -25.06 8.83 -29.07
CA GLU D 257 -26.52 8.82 -29.10
C GLU D 257 -27.02 7.78 -28.11
N GLN D 258 -28.21 8.03 -27.55
CA GLN D 258 -28.76 7.17 -26.50
C GLN D 258 -29.71 6.17 -27.02
N ILE D 259 -29.37 4.91 -26.90
CA ILE D 259 -30.27 3.91 -27.39
C ILE D 259 -31.38 3.68 -26.41
N GLU D 260 -31.09 3.77 -25.13
CA GLU D 260 -32.13 3.58 -24.15
C GLU D 260 -31.80 4.36 -22.90
N ALA D 261 -32.80 5.03 -22.33
CA ALA D 261 -32.52 5.78 -21.11
C ALA D 261 -32.66 4.81 -19.97
N GLY D 262 -32.25 5.26 -18.80
CA GLY D 262 -32.26 4.36 -17.66
C GLY D 262 -31.11 4.72 -16.78
N THR D 263 -31.12 4.21 -15.55
CA THR D 263 -30.05 4.56 -14.61
C THR D 263 -28.81 4.14 -15.41
N PRO D 264 -28.22 2.99 -15.25
CA PRO D 264 -27.22 2.72 -16.29
C PRO D 264 -28.10 2.53 -17.52
N GLY D 265 -28.15 3.54 -18.37
CA GLY D 265 -28.88 3.42 -19.62
C GLY D 265 -28.00 2.76 -20.69
N ARG D 266 -28.31 2.98 -21.96
CA ARG D 266 -27.47 2.40 -23.01
C ARG D 266 -27.05 3.45 -24.00
N LEU D 267 -25.75 3.67 -24.19
CA LEU D 267 -25.32 4.69 -25.13
C LEU D 267 -24.62 4.09 -26.31
N LYS D 268 -24.82 4.61 -27.53
CA LYS D 268 -24.09 4.09 -28.66
C LYS D 268 -23.12 5.14 -29.11
N VAL D 269 -21.84 4.79 -29.03
CA VAL D 269 -20.79 5.72 -29.32
C VAL D 269 -20.12 5.40 -30.63
N THR D 270 -19.82 6.41 -31.43
CA THR D 270 -19.05 6.13 -32.64
C THR D 270 -17.88 7.07 -32.72
N ALA D 271 -16.79 6.57 -33.28
CA ALA D 271 -15.62 7.40 -33.46
C ALA D 271 -14.91 7.18 -34.79
N LYS D 272 -13.96 8.07 -35.07
CA LYS D 272 -13.12 7.97 -36.26
C LYS D 272 -11.71 8.29 -35.84
N SER D 273 -10.68 7.88 -36.58
CA SER D 273 -9.39 8.47 -36.20
C SER D 273 -8.53 9.22 -37.19
N THR D 274 -7.29 8.77 -37.39
CA THR D 274 -6.32 9.38 -38.34
C THR D 274 -6.57 8.79 -39.67
N ASN D 275 -7.36 7.75 -39.72
CA ASN D 275 -7.42 7.11 -41.01
C ASN D 275 -8.72 7.13 -41.74
N SER D 276 -9.61 8.02 -41.36
CA SER D 276 -10.92 8.11 -42.02
C SER D 276 -11.81 6.88 -41.94
N GLU D 277 -11.53 5.96 -41.03
CA GLU D 277 -12.42 4.84 -40.86
C GLU D 277 -13.19 4.97 -39.57
N GLU D 278 -14.44 4.56 -39.54
CA GLU D 278 -15.28 4.77 -38.36
C GLU D 278 -15.76 3.50 -37.64
N THR D 279 -15.92 3.58 -36.32
CA THR D 279 -16.41 2.43 -35.57
C THR D 279 -17.60 2.75 -34.68
N ILE D 280 -18.65 1.94 -34.80
CA ILE D 280 -19.81 2.11 -33.97
C ILE D 280 -19.60 1.29 -32.71
N GLU D 281 -18.76 1.83 -31.86
CA GLU D 281 -18.45 1.26 -30.56
C GLU D 281 -19.72 0.65 -30.00
N ASP D 282 -19.68 -0.66 -29.88
CA ASP D 282 -20.75 -1.34 -29.21
C ASP D 282 -21.09 -0.40 -28.09
N GLU D 283 -22.37 -0.12 -27.93
CA GLU D 283 -22.83 0.70 -26.85
C GLU D 283 -22.26 0.36 -25.48
N PHE D 284 -22.22 1.35 -24.60
CA PHE D 284 -21.88 1.07 -23.23
C PHE D 284 -22.96 1.72 -22.37
N ASN D 285 -22.84 1.57 -21.06
CA ASN D 285 -23.81 2.09 -20.14
C ASN D 285 -23.45 3.48 -19.67
N THR D 286 -22.16 3.78 -19.58
CA THR D 286 -21.68 5.05 -19.06
C THR D 286 -20.56 5.49 -19.96
N VAL D 287 -20.44 6.77 -20.25
CA VAL D 287 -19.31 7.23 -21.04
C VAL D 287 -18.59 8.28 -20.25
N LEU D 288 -17.39 7.97 -19.76
CA LEU D 288 -16.60 8.93 -18.95
C LEU D 288 -15.84 9.81 -19.85
N LEU D 289 -16.21 11.07 -19.92
CA LEU D 289 -15.55 11.96 -20.85
C LEU D 289 -14.45 12.80 -20.27
N ALA D 290 -13.85 12.44 -19.17
CA ALA D 290 -12.72 13.25 -18.69
C ALA D 290 -11.61 13.42 -19.76
N VAL D 291 -11.45 14.63 -20.30
CA VAL D 291 -10.56 14.84 -21.42
C VAL D 291 -9.99 16.28 -21.45
N GLY D 292 -9.70 16.84 -20.27
CA GLY D 292 -9.16 18.19 -20.19
C GLY D 292 -9.94 19.08 -19.25
N ARG D 293 -9.36 20.19 -18.82
CA ARG D 293 -10.14 21.08 -17.98
C ARG D 293 -9.90 22.53 -18.39
N ASP D 294 -10.91 23.38 -18.26
CA ASP D 294 -10.79 24.79 -18.65
C ASP D 294 -10.95 25.74 -17.48
N SER D 295 -10.00 26.66 -17.35
CA SER D 295 -9.98 27.58 -16.23
C SER D 295 -11.19 28.50 -16.17
N CYS D 296 -11.78 28.62 -15.00
CA CYS D 296 -12.96 29.49 -14.84
C CYS D 296 -12.50 30.93 -14.69
N THR D 297 -12.24 31.56 -15.81
CA THR D 297 -11.74 32.90 -15.75
C THR D 297 -12.53 33.71 -16.77
N ARG D 298 -13.41 33.03 -17.47
CA ARG D 298 -14.22 33.67 -18.48
C ARG D 298 -15.39 34.53 -17.95
N THR D 299 -16.13 34.04 -16.98
CA THR D 299 -17.30 34.79 -16.54
C THR D 299 -17.18 35.41 -15.17
N ILE D 300 -16.02 35.93 -14.79
CA ILE D 300 -15.96 36.51 -13.45
C ILE D 300 -15.69 38.00 -13.46
N GLY D 301 -16.09 38.64 -14.55
CA GLY D 301 -15.93 40.06 -14.70
C GLY D 301 -14.50 40.53 -14.75
N LEU D 302 -13.58 39.77 -15.34
CA LEU D 302 -12.19 40.21 -15.42
C LEU D 302 -11.98 41.53 -16.18
N GLU D 303 -12.71 41.77 -17.24
CA GLU D 303 -12.48 42.99 -17.97
C GLU D 303 -12.79 44.21 -17.17
N THR D 304 -13.68 44.11 -16.19
CA THR D 304 -14.04 45.30 -15.47
C THR D 304 -12.98 45.76 -14.51
N VAL D 305 -11.91 44.99 -14.35
CA VAL D 305 -10.80 45.41 -13.48
C VAL D 305 -9.48 45.48 -14.18
N GLY D 306 -9.48 45.02 -15.41
CA GLY D 306 -8.32 45.15 -16.24
C GLY D 306 -7.35 44.03 -16.10
N VAL D 307 -7.83 42.87 -15.71
CA VAL D 307 -6.92 41.77 -15.55
C VAL D 307 -6.67 41.10 -16.87
N LYS D 308 -5.40 40.94 -17.24
CA LYS D 308 -5.10 40.29 -18.52
C LYS D 308 -5.05 38.81 -18.32
N ILE D 309 -5.36 38.09 -19.37
CA ILE D 309 -5.43 36.66 -19.28
C ILE D 309 -5.14 36.08 -20.63
N ASN D 310 -4.59 34.88 -20.67
CA ASN D 310 -4.31 34.29 -21.97
C ASN D 310 -5.62 33.89 -22.62
N GLU D 311 -6.05 34.64 -23.64
CA GLU D 311 -7.39 34.41 -24.14
C GLU D 311 -7.60 33.03 -24.76
N LYS D 312 -6.52 32.32 -25.08
CA LYS D 312 -6.66 30.99 -25.69
C LYS D 312 -6.96 29.97 -24.64
N THR D 313 -6.03 29.76 -23.69
CA THR D 313 -6.24 28.86 -22.53
C THR D 313 -6.52 29.78 -21.39
N GLY D 314 -7.77 29.93 -20.98
CA GLY D 314 -8.03 30.89 -19.92
C GLY D 314 -7.07 31.06 -18.73
N LYS D 315 -5.85 30.55 -18.81
CA LYS D 315 -4.93 30.69 -17.70
C LYS D 315 -4.55 32.16 -17.46
N ILE D 316 -4.20 32.52 -16.22
CA ILE D 316 -3.81 33.87 -15.86
C ILE D 316 -2.29 34.01 -15.69
N PRO D 317 -1.62 34.74 -16.57
CA PRO D 317 -0.18 34.97 -16.41
C PRO D 317 0.07 35.72 -15.14
N VAL D 318 1.19 35.50 -14.48
CA VAL D 318 1.40 36.20 -13.22
C VAL D 318 2.87 36.28 -12.88
N THR D 319 3.23 37.12 -11.92
CA THR D 319 4.60 37.29 -11.56
C THR D 319 5.00 36.12 -10.73
N ASP D 320 6.26 36.10 -10.29
CA ASP D 320 6.77 35.01 -9.49
C ASP D 320 6.26 35.16 -8.09
N GLU D 321 5.37 36.12 -7.88
CA GLU D 321 4.78 36.33 -6.56
C GLU D 321 3.30 36.10 -6.65
N GLU D 322 2.84 35.71 -7.82
CA GLU D 322 1.41 35.44 -8.02
C GLU D 322 0.56 36.71 -8.22
N GLN D 323 1.23 37.82 -8.48
CA GLN D 323 0.56 39.08 -8.75
C GLN D 323 0.09 39.11 -10.20
N THR D 324 -1.13 39.55 -10.48
CA THR D 324 -1.48 39.70 -11.90
C THR D 324 -0.92 41.03 -12.38
N ASN D 325 -1.39 41.46 -13.52
CA ASN D 325 -0.95 42.72 -14.09
C ASN D 325 -1.58 43.86 -13.26
N VAL D 326 -2.63 43.53 -12.54
CA VAL D 326 -3.30 44.51 -11.71
C VAL D 326 -2.82 44.33 -10.28
N PRO D 327 -2.06 45.30 -9.80
CA PRO D 327 -1.28 45.11 -8.57
C PRO D 327 -2.05 44.65 -7.37
N TYR D 328 -3.35 44.88 -7.29
CA TYR D 328 -4.03 44.48 -6.08
C TYR D 328 -4.84 43.18 -6.29
N ILE D 329 -4.60 42.50 -7.40
CA ILE D 329 -5.28 41.25 -7.65
C ILE D 329 -4.31 40.13 -7.95
N TYR D 330 -4.37 39.07 -7.15
CA TYR D 330 -3.51 37.92 -7.27
C TYR D 330 -4.29 36.71 -7.69
N ALA D 331 -3.63 35.70 -8.19
CA ALA D 331 -4.29 34.46 -8.58
C ALA D 331 -3.54 33.28 -8.00
N ILE D 332 -4.19 32.12 -7.93
CA ILE D 332 -3.60 30.98 -7.24
C ILE D 332 -4.04 29.68 -7.83
N GLY D 333 -3.19 28.67 -7.83
CA GLY D 333 -3.66 27.34 -8.24
C GLY D 333 -3.72 27.07 -9.71
N ASP D 334 -4.63 26.18 -10.11
CA ASP D 334 -4.73 25.74 -11.50
C ASP D 334 -4.75 26.90 -12.48
N ILE D 335 -5.58 27.86 -12.17
CA ILE D 335 -5.73 29.06 -12.96
C ILE D 335 -4.38 29.60 -13.47
N LEU D 336 -3.32 29.35 -12.72
CA LEU D 336 -2.03 29.95 -13.04
C LEU D 336 -1.40 29.51 -14.37
N GLU D 337 -1.04 30.47 -15.22
CA GLU D 337 -0.47 30.11 -16.51
C GLU D 337 0.95 29.67 -16.31
N GLY D 338 1.25 28.48 -16.82
CA GLY D 338 2.59 27.96 -16.72
C GLY D 338 2.88 27.21 -15.46
N LYS D 339 1.99 27.14 -14.49
CA LYS D 339 2.35 26.45 -13.28
C LYS D 339 1.81 25.02 -13.30
N LEU D 340 1.66 24.36 -12.15
CA LEU D 340 1.20 22.98 -12.13
C LEU D 340 -0.14 23.02 -11.60
N GLU D 341 -1.00 22.10 -11.99
CA GLU D 341 -2.38 22.06 -11.47
C GLU D 341 -2.41 21.02 -10.38
N LEU D 342 -1.95 21.37 -9.19
CA LEU D 342 -1.90 20.37 -8.12
C LEU D 342 -2.20 20.98 -6.76
N THR D 343 -3.04 20.27 -6.00
CA THR D 343 -3.51 20.78 -4.71
C THR D 343 -2.38 21.34 -3.84
N PRO D 344 -1.43 20.50 -3.42
CA PRO D 344 -0.32 21.00 -2.64
C PRO D 344 0.28 22.27 -3.15
N VAL D 345 0.52 22.30 -4.45
CA VAL D 345 1.08 23.48 -5.01
C VAL D 345 0.16 24.65 -4.70
N ALA D 346 -1.12 24.47 -5.02
CA ALA D 346 -2.06 25.55 -4.75
C ALA D 346 -2.02 25.90 -3.30
N ILE D 347 -2.10 24.93 -2.42
CA ILE D 347 -2.12 25.40 -1.04
C ILE D 347 -0.81 26.06 -0.66
N GLN D 348 0.33 25.59 -1.13
CA GLN D 348 1.55 26.28 -0.74
C GLN D 348 1.50 27.70 -1.25
N ALA D 349 1.17 27.85 -2.53
CA ALA D 349 1.07 29.20 -3.11
C ALA D 349 0.25 30.11 -2.22
N GLY D 350 -0.95 29.65 -1.94
CA GLY D 350 -1.87 30.43 -1.17
C GLY D 350 -1.29 30.72 0.15
N ARG D 351 -0.81 29.69 0.80
CA ARG D 351 -0.23 29.87 2.12
C ARG D 351 0.81 30.97 2.06
N LEU D 352 1.84 30.73 1.26
CA LEU D 352 2.95 31.66 1.18
C LEU D 352 2.48 33.05 0.83
N LEU D 353 1.58 33.15 -0.12
CA LEU D 353 1.05 34.42 -0.58
C LEU D 353 0.62 35.24 0.59
N ALA D 354 -0.33 34.70 1.32
CA ALA D 354 -0.81 35.37 2.49
C ALA D 354 0.39 35.77 3.40
N GLN D 355 1.34 34.86 3.58
CA GLN D 355 2.52 35.13 4.38
C GLN D 355 3.26 36.35 3.90
N ARG D 356 3.40 36.49 2.58
CA ARG D 356 4.11 37.65 2.06
C ARG D 356 3.36 38.91 2.36
N LEU D 357 2.10 38.96 1.94
CA LEU D 357 1.25 40.13 2.14
C LEU D 357 1.14 40.63 3.58
N TYR D 358 0.65 39.80 4.47
CA TYR D 358 0.40 40.19 5.84
C TYR D 358 1.44 39.68 6.86
N GLY D 359 2.42 38.89 6.44
CA GLY D 359 3.36 38.42 7.44
C GLY D 359 4.77 38.95 7.27
N GLY D 360 4.96 39.88 6.34
CA GLY D 360 6.28 40.39 6.06
C GLY D 360 7.28 39.27 5.81
N SER D 361 7.02 38.40 4.84
CA SER D 361 7.95 37.35 4.48
C SER D 361 8.37 37.53 3.04
N THR D 362 9.52 37.01 2.61
CA THR D 362 9.85 37.18 1.21
C THR D 362 9.99 35.88 0.49
N VAL D 363 9.44 34.82 1.09
CA VAL D 363 9.50 33.50 0.51
C VAL D 363 8.49 33.33 -0.62
N LYS D 364 8.95 32.89 -1.79
CA LYS D 364 8.04 32.64 -2.90
C LYS D 364 7.82 31.16 -3.01
N CYS D 365 6.82 30.74 -3.73
CA CYS D 365 6.62 29.34 -3.78
C CYS D 365 7.43 28.86 -4.94
N ASP D 366 8.08 27.72 -4.75
CA ASP D 366 9.01 27.24 -5.78
C ASP D 366 8.36 26.16 -6.61
N TYR D 367 8.03 26.44 -7.85
CA TYR D 367 7.36 25.42 -8.65
C TYR D 367 8.30 24.46 -9.40
N ASP D 368 9.53 24.25 -8.91
CA ASP D 368 10.48 23.35 -9.57
C ASP D 368 10.65 21.96 -8.96
N ASN D 369 10.67 20.95 -9.80
CA ASN D 369 10.80 19.61 -9.27
C ASN D 369 9.79 19.30 -8.19
N VAL D 370 8.50 19.46 -8.50
CA VAL D 370 7.50 19.19 -7.50
C VAL D 370 6.98 17.81 -7.85
N PRO D 371 6.93 16.98 -6.84
CA PRO D 371 6.66 15.56 -7.00
C PRO D 371 5.23 15.39 -7.40
N THR D 372 4.88 14.27 -7.95
CA THR D 372 3.51 14.05 -8.32
C THR D 372 3.39 12.58 -8.51
N THR D 373 2.22 12.02 -8.28
CA THR D 373 2.07 10.59 -8.60
C THR D 373 0.69 10.31 -9.19
N VAL D 374 0.63 9.47 -10.19
CA VAL D 374 -0.60 9.08 -10.87
C VAL D 374 -1.11 7.79 -10.26
N PHE D 375 -2.34 7.77 -9.77
CA PHE D 375 -2.78 6.55 -9.07
C PHE D 375 -3.46 5.49 -9.92
N THR D 376 -2.76 5.03 -10.95
CA THR D 376 -3.29 3.99 -11.80
C THR D 376 -3.17 2.68 -11.04
N PRO D 377 -3.73 1.61 -11.57
CA PRO D 377 -3.78 0.37 -10.82
C PRO D 377 -2.42 0.07 -10.33
N LEU D 378 -1.42 0.33 -11.15
CA LEU D 378 -0.04 0.22 -10.68
C LEU D 378 0.48 1.64 -10.60
N GLU D 379 0.65 2.14 -9.38
CA GLU D 379 1.02 3.54 -9.19
C GLU D 379 2.29 3.99 -9.90
N TYR D 380 2.36 5.28 -10.22
CA TYR D 380 3.51 5.86 -10.87
C TYR D 380 3.88 7.20 -10.24
N GLY D 381 5.00 7.25 -9.55
CA GLY D 381 5.41 8.48 -8.91
C GLY D 381 6.62 9.00 -9.63
N CYS D 382 6.82 10.30 -9.58
CA CYS D 382 7.93 10.83 -10.32
C CYS D 382 8.18 12.28 -9.98
N CYS D 383 9.45 12.67 -10.04
CA CYS D 383 9.81 14.02 -9.65
C CYS D 383 10.97 14.44 -10.48
N GLY D 384 10.85 15.61 -11.08
CA GLY D 384 11.94 16.11 -11.86
C GLY D 384 11.76 15.90 -13.33
N LEU D 385 12.84 15.71 -14.05
CA LEU D 385 12.71 15.62 -15.50
C LEU D 385 12.35 14.24 -16.04
N SER D 386 11.65 14.22 -17.17
CA SER D 386 11.46 12.95 -17.82
C SER D 386 12.73 12.66 -18.57
N GLU D 387 13.05 11.39 -18.72
CA GLU D 387 14.26 11.02 -19.42
C GLU D 387 14.35 11.82 -20.72
N GLU D 388 13.31 11.75 -21.54
CA GLU D 388 13.37 12.43 -22.82
C GLU D 388 13.60 13.91 -22.61
N LYS D 389 12.96 14.47 -21.61
CA LYS D 389 13.09 15.90 -21.37
C LYS D 389 14.49 16.26 -20.87
N ALA D 390 15.18 15.27 -20.31
CA ALA D 390 16.51 15.48 -19.77
C ALA D 390 17.50 15.55 -20.90
N VAL D 391 17.36 14.67 -21.87
CA VAL D 391 18.32 14.69 -22.95
C VAL D 391 18.12 15.95 -23.73
N GLU D 392 16.90 16.46 -23.76
CA GLU D 392 16.64 17.67 -24.50
C GLU D 392 17.42 18.78 -23.83
N LYS D 393 17.25 18.89 -22.52
CA LYS D 393 17.90 19.97 -21.78
C LYS D 393 19.40 19.78 -21.62
N PHE D 394 19.87 18.57 -21.40
CA PHE D 394 21.30 18.39 -21.16
C PHE D 394 22.10 17.67 -22.25
N GLY D 395 21.41 17.17 -23.26
CA GLY D 395 22.10 16.46 -24.33
C GLY D 395 22.31 14.99 -24.01
N GLU D 396 21.78 14.16 -24.90
CA GLU D 396 21.91 12.71 -24.79
C GLU D 396 23.25 12.38 -24.21
N GLU D 397 24.28 12.89 -24.86
CA GLU D 397 25.65 12.64 -24.47
C GLU D 397 25.85 12.68 -22.97
N ASN D 398 25.22 13.64 -22.31
CA ASN D 398 25.48 13.89 -20.91
C ASN D 398 24.54 13.23 -19.90
N ILE D 399 23.62 12.39 -20.36
CA ILE D 399 22.73 11.74 -19.41
C ILE D 399 23.02 10.29 -19.18
N GLU D 400 23.02 9.89 -17.92
CA GLU D 400 23.17 8.48 -17.56
C GLU D 400 21.91 8.11 -16.83
N VAL D 401 21.29 7.02 -17.24
CA VAL D 401 20.04 6.61 -16.63
C VAL D 401 20.14 5.24 -15.99
N TYR D 402 20.19 5.22 -14.67
CA TYR D 402 20.25 3.98 -13.93
C TYR D 402 18.83 3.44 -13.74
N HIS D 403 18.57 2.14 -13.95
CA HIS D 403 17.23 1.57 -13.76
C HIS D 403 17.23 0.12 -13.39
N SER D 404 16.08 -0.39 -13.00
CA SER D 404 15.98 -1.77 -12.59
C SER D 404 14.52 -2.14 -12.35
N PHE D 405 14.20 -3.41 -12.38
CA PHE D 405 12.85 -3.86 -12.11
C PHE D 405 12.85 -4.29 -10.67
N PHE D 406 11.69 -4.52 -10.09
CA PHE D 406 11.67 -5.05 -8.75
C PHE D 406 10.39 -5.75 -8.44
N TRP D 407 10.40 -6.57 -7.40
CA TRP D 407 9.24 -7.40 -7.11
C TRP D 407 8.89 -7.24 -5.66
N PRO D 408 7.84 -6.51 -5.41
CA PRO D 408 7.37 -6.28 -4.06
C PRO D 408 7.30 -7.56 -3.26
N LEU D 409 8.06 -7.66 -2.17
CA LEU D 409 7.98 -8.86 -1.36
C LEU D 409 6.53 -9.31 -1.17
N GLU D 410 5.62 -8.36 -0.96
CA GLU D 410 4.23 -8.70 -0.70
C GLU D 410 3.59 -9.45 -1.87
N TRP D 411 4.14 -9.33 -3.07
CA TRP D 411 3.54 -10.04 -4.17
C TRP D 411 4.02 -11.51 -4.35
N THR D 412 5.02 -11.92 -3.60
CA THR D 412 5.52 -13.24 -3.87
C THR D 412 4.56 -14.31 -3.41
N VAL D 413 4.08 -14.25 -2.19
CA VAL D 413 3.18 -15.28 -1.68
C VAL D 413 1.95 -15.42 -2.56
N PRO D 414 1.43 -14.31 -3.03
CA PRO D 414 0.31 -14.37 -3.95
C PRO D 414 0.78 -14.77 -5.33
N SER D 415 2.08 -14.66 -5.55
CA SER D 415 2.73 -15.06 -6.78
C SER D 415 2.26 -14.38 -8.03
N ARG D 416 2.43 -13.07 -8.10
CA ARG D 416 1.89 -12.34 -9.24
C ARG D 416 2.77 -11.19 -9.66
N ASP D 417 2.55 -10.75 -10.89
CA ASP D 417 3.21 -9.59 -11.48
C ASP D 417 4.68 -9.43 -11.21
N ASN D 418 5.47 -10.46 -11.35
CA ASN D 418 6.88 -10.23 -11.14
C ASN D 418 7.45 -9.45 -12.31
N ASN D 419 8.56 -8.78 -12.07
CA ASN D 419 9.14 -7.87 -13.03
C ASN D 419 8.18 -6.93 -13.70
N LYS D 420 7.47 -6.14 -12.89
CA LYS D 420 6.55 -5.17 -13.42
C LYS D 420 6.81 -3.83 -12.80
N CYS D 421 7.01 -3.83 -11.49
CA CYS D 421 7.32 -2.61 -10.77
C CYS D 421 8.66 -2.17 -11.31
N TYR D 422 8.81 -0.90 -11.61
CA TYR D 422 10.01 -0.42 -12.28
C TYR D 422 10.53 0.79 -11.61
N ALA D 423 11.82 1.04 -11.71
CA ALA D 423 12.38 2.18 -11.03
C ALA D 423 13.59 2.71 -11.78
N LYS D 424 13.59 3.99 -12.13
CA LYS D 424 14.78 4.55 -12.73
C LYS D 424 15.11 5.91 -12.17
N VAL D 425 16.32 6.37 -12.44
CA VAL D 425 16.78 7.65 -11.96
C VAL D 425 17.57 8.19 -13.10
N ILE D 426 17.36 9.46 -13.45
CA ILE D 426 18.17 9.97 -14.54
C ILE D 426 19.17 11.00 -14.03
N CYS D 427 20.43 10.86 -14.42
CA CYS D 427 21.47 11.75 -13.91
C CYS D 427 22.16 12.58 -14.96
N ASN D 428 22.68 13.73 -14.51
CA ASN D 428 23.41 14.65 -15.36
C ASN D 428 24.94 14.45 -15.23
N LEU D 429 25.51 13.76 -16.20
CA LEU D 429 26.92 13.44 -16.18
C LEU D 429 27.78 14.66 -16.02
N LYS D 430 27.32 15.79 -16.53
CA LYS D 430 28.15 16.97 -16.39
C LYS D 430 27.90 17.77 -15.11
N ASP D 431 27.27 17.11 -14.15
CA ASP D 431 27.02 17.72 -12.86
C ASP D 431 27.11 16.68 -11.74
N ASN D 432 28.20 15.94 -11.66
CA ASN D 432 28.29 14.98 -10.58
C ASN D 432 27.22 13.93 -10.69
N GLU D 433 26.63 13.77 -11.87
CA GLU D 433 25.58 12.80 -12.00
C GLU D 433 24.52 13.21 -10.99
N ARG D 434 24.16 14.48 -11.05
CA ARG D 434 23.14 15.03 -10.20
C ARG D 434 21.86 14.34 -10.64
N VAL D 435 21.12 13.73 -9.72
CA VAL D 435 19.84 13.13 -10.03
C VAL D 435 18.85 14.23 -10.41
N VAL D 436 18.44 14.26 -11.68
CA VAL D 436 17.55 15.30 -12.15
C VAL D 436 16.24 14.70 -12.55
N GLY D 437 16.13 13.40 -12.39
CA GLY D 437 14.86 12.78 -12.71
C GLY D 437 14.65 11.61 -11.80
N PHE D 438 13.40 11.42 -11.38
CA PHE D 438 13.09 10.32 -10.50
C PHE D 438 11.79 9.65 -10.91
N HIS D 439 11.82 8.36 -11.24
CA HIS D 439 10.57 7.68 -11.57
C HIS D 439 10.46 6.29 -10.97
N VAL D 440 9.29 6.00 -10.44
CA VAL D 440 9.08 4.72 -9.85
C VAL D 440 7.70 4.30 -10.24
N LEU D 441 7.59 3.06 -10.64
CA LEU D 441 6.34 2.49 -11.04
C LEU D 441 6.13 1.30 -10.16
N GLY D 442 5.34 1.45 -9.12
CA GLY D 442 5.11 0.35 -8.20
C GLY D 442 4.07 0.75 -7.17
N PRO D 443 3.97 -0.06 -6.12
CA PRO D 443 2.94 0.14 -5.12
C PRO D 443 3.30 1.35 -4.27
N ASN D 444 2.34 2.03 -3.70
CA ASN D 444 2.68 3.11 -2.78
C ASN D 444 3.61 4.13 -3.34
N ALA D 445 3.56 4.31 -4.65
CA ALA D 445 4.48 5.20 -5.34
C ALA D 445 4.64 6.54 -4.67
N GLY D 446 3.53 7.13 -4.25
CA GLY D 446 3.60 8.44 -3.67
C GLY D 446 4.40 8.41 -2.43
N GLU D 447 4.09 7.49 -1.53
CA GLU D 447 4.83 7.36 -0.30
C GLU D 447 6.33 7.22 -0.64
N VAL D 448 6.63 6.44 -1.69
CA VAL D 448 8.01 6.30 -2.06
C VAL D 448 8.57 7.63 -2.54
N THR D 449 7.90 8.24 -3.48
CA THR D 449 8.46 9.39 -4.11
C THR D 449 8.72 10.56 -3.23
N GLN D 450 7.84 10.84 -2.26
CA GLN D 450 7.91 12.10 -1.50
C GLN D 450 9.31 12.37 -1.01
N GLY D 451 9.85 11.39 -0.30
CA GLY D 451 11.13 11.58 0.32
C GLY D 451 12.13 12.06 -0.69
N PHE D 452 12.22 11.36 -1.82
CA PHE D 452 13.24 11.66 -2.81
C PHE D 452 13.05 13.08 -3.31
N ALA D 453 11.80 13.49 -3.42
CA ALA D 453 11.52 14.81 -3.89
C ALA D 453 12.24 15.83 -3.00
N ALA D 454 12.30 15.56 -1.71
CA ALA D 454 13.01 16.46 -0.81
C ALA D 454 14.49 16.43 -1.15
N ALA D 455 15.02 15.21 -1.29
CA ALA D 455 16.42 15.08 -1.64
C ALA D 455 16.69 15.89 -2.90
N LEU D 456 15.80 15.84 -3.89
CA LEU D 456 16.07 16.63 -5.08
C LEU D 456 16.28 18.08 -4.64
N LYS D 457 15.49 18.53 -3.68
CA LYS D 457 15.62 19.91 -3.24
C LYS D 457 16.98 20.14 -2.64
N CYS D 458 17.73 19.08 -2.33
CA CYS D 458 19.06 19.29 -1.76
C CYS D 458 20.15 18.90 -2.72
N GLY D 459 19.80 18.80 -4.00
CA GLY D 459 20.79 18.49 -5.01
C GLY D 459 21.37 17.09 -4.90
N LEU D 460 20.51 16.12 -4.63
CA LEU D 460 20.89 14.72 -4.52
C LEU D 460 21.75 14.28 -5.69
N THR D 461 22.92 13.71 -5.44
CA THR D 461 23.75 13.19 -6.53
C THR D 461 23.87 11.67 -6.47
N LYS D 462 24.18 11.10 -7.63
CA LYS D 462 24.19 9.66 -7.76
C LYS D 462 25.04 9.02 -6.72
N GLN D 463 26.21 9.58 -6.50
CA GLN D 463 27.09 8.99 -5.52
C GLN D 463 26.45 9.10 -4.14
N GLN D 464 25.70 10.18 -3.91
CA GLN D 464 25.11 10.36 -2.60
C GLN D 464 24.04 9.32 -2.49
N LEU D 465 23.23 9.24 -3.54
CA LEU D 465 22.15 8.28 -3.52
C LEU D 465 22.69 6.89 -3.19
N ASP D 466 23.75 6.49 -3.91
CA ASP D 466 24.34 5.17 -3.74
C ASP D 466 24.81 5.01 -2.30
N SER D 467 25.29 6.10 -1.72
CA SER D 467 25.90 6.07 -0.38
C SER D 467 24.84 5.87 0.69
N THR D 468 23.59 6.15 0.33
CA THR D 468 22.47 5.96 1.23
C THR D 468 22.27 4.48 1.39
N ILE D 469 21.77 4.03 2.52
CA ILE D 469 21.53 2.61 2.72
C ILE D 469 20.06 2.36 2.59
N GLY D 470 19.67 1.17 2.18
CA GLY D 470 18.25 0.93 2.03
C GLY D 470 17.56 0.38 3.26
N ILE D 471 16.23 0.49 3.27
CA ILE D 471 15.46 -0.13 4.31
C ILE D 471 14.94 -1.40 3.68
N HIS D 472 15.11 -2.52 4.35
CA HIS D 472 14.76 -3.79 3.72
C HIS D 472 13.84 -4.52 4.69
N PRO D 473 12.84 -5.21 4.17
CA PRO D 473 12.55 -5.30 2.74
C PRO D 473 11.41 -4.39 2.42
N VAL D 474 11.68 -3.43 1.56
CA VAL D 474 10.72 -2.40 1.23
C VAL D 474 10.95 -1.98 -0.20
N CYS D 475 9.89 -1.64 -0.91
CA CYS D 475 10.10 -1.29 -2.30
C CYS D 475 11.16 -0.25 -2.51
N ALA D 476 10.98 0.90 -1.89
CA ALA D 476 11.86 2.02 -2.12
C ALA D 476 13.35 1.67 -2.21
N GLU D 477 13.77 0.67 -1.47
CA GLU D 477 15.20 0.35 -1.45
C GLU D 477 15.89 0.18 -2.82
N ILE D 478 15.22 -0.24 -3.88
CA ILE D 478 16.00 -0.43 -5.09
C ILE D 478 16.66 0.85 -5.55
N PHE D 479 16.20 1.99 -5.01
CA PHE D 479 16.85 3.24 -5.39
C PHE D 479 18.24 3.35 -4.77
N THR D 480 18.46 2.60 -3.71
CA THR D 480 19.71 2.66 -3.00
C THR D 480 20.74 1.81 -3.71
N THR D 481 20.34 1.15 -4.78
CA THR D 481 21.28 0.26 -5.44
C THR D 481 21.05 0.19 -6.93
N LEU D 482 20.83 1.32 -7.58
CA LEU D 482 20.68 1.29 -9.02
C LEU D 482 22.08 1.21 -9.62
N SER D 483 22.46 0.01 -10.04
CA SER D 483 23.77 -0.22 -10.59
C SER D 483 23.79 -0.40 -12.11
N VAL D 484 22.67 -0.82 -12.69
CA VAL D 484 22.73 -1.02 -14.12
C VAL D 484 22.31 0.21 -14.84
N THR D 485 22.96 0.50 -15.95
CA THR D 485 22.66 1.72 -16.66
C THR D 485 22.09 1.38 -18.01
N LYS D 486 21.16 2.22 -18.46
CA LYS D 486 20.52 1.96 -19.72
C LYS D 486 21.54 1.86 -20.83
N ARG D 487 22.46 2.79 -20.86
CA ARG D 487 23.33 2.92 -22.01
C ARG D 487 24.19 1.71 -22.35
N SER D 488 24.21 0.71 -21.49
CA SER D 488 25.01 -0.49 -21.75
C SER D 488 24.17 -1.68 -21.37
N GLY D 489 23.67 -1.49 -20.18
CA GLY D 489 22.73 -2.32 -19.45
C GLY D 489 22.58 -3.76 -19.74
N GLY D 490 21.75 -4.07 -20.66
CA GLY D 490 21.56 -5.47 -20.81
C GLY D 490 20.32 -5.80 -19.98
N ASP D 491 20.43 -6.80 -19.12
CA ASP D 491 19.23 -7.23 -18.46
C ASP D 491 19.01 -6.64 -17.10
N ILE D 492 17.73 -6.49 -16.77
CA ILE D 492 17.34 -6.12 -15.43
C ILE D 492 16.16 -6.96 -14.93
N LEU D 493 16.06 -8.24 -15.27
CA LEU D 493 14.90 -9.06 -14.84
C LEU D 493 15.17 -10.07 -13.69
N GLN D 494 14.08 -10.59 -13.10
CA GLN D 494 14.07 -11.73 -12.12
C GLN D 494 15.36 -12.16 -11.33
N SER D 495 15.78 -11.29 -10.40
CA SER D 495 16.93 -11.62 -9.57
C SER D 495 18.07 -12.24 -10.37
N LYS E 9 -21.34 -31.41 -13.27
CA LYS E 9 -21.17 -30.15 -12.49
C LYS E 9 -19.86 -29.44 -12.85
N SER E 10 -19.52 -28.46 -12.03
CA SER E 10 -18.23 -27.78 -12.13
C SER E 10 -17.29 -28.41 -11.07
N TYR E 11 -16.34 -29.18 -11.53
CA TYR E 11 -15.35 -29.76 -10.65
C TYR E 11 -14.34 -28.72 -10.32
N ASP E 12 -13.49 -28.97 -9.34
CA ASP E 12 -12.45 -28.03 -9.07
C ASP E 12 -11.50 -28.06 -10.25
N PHE E 13 -11.34 -29.19 -10.90
CA PHE E 13 -10.36 -29.17 -11.97
C PHE E 13 -10.87 -29.81 -13.25
N ASP E 14 -10.12 -29.72 -14.33
CA ASP E 14 -10.61 -30.37 -15.51
C ASP E 14 -9.95 -31.70 -15.51
N LEU E 15 -8.74 -31.66 -14.99
CA LEU E 15 -7.92 -32.83 -14.98
C LEU E 15 -6.98 -32.82 -13.80
N ILE E 16 -6.96 -33.92 -13.07
CA ILE E 16 -6.01 -34.07 -11.98
C ILE E 16 -5.07 -35.19 -12.39
N ILE E 17 -3.80 -35.00 -12.17
CA ILE E 17 -2.85 -35.96 -12.61
C ILE E 17 -2.21 -36.53 -11.36
N ILE E 18 -2.32 -37.83 -11.19
CA ILE E 18 -1.78 -38.50 -10.01
C ILE E 18 -0.42 -39.02 -10.37
N GLY E 19 0.59 -38.22 -10.05
CA GLY E 19 1.98 -38.59 -10.28
C GLY E 19 2.71 -37.48 -11.00
N GLY E 20 3.81 -37.00 -10.45
CA GLY E 20 4.57 -35.97 -11.13
C GLY E 20 5.78 -36.54 -11.81
N GLY E 21 5.59 -37.64 -12.52
CA GLY E 21 6.71 -38.28 -13.23
C GLY E 21 6.89 -37.96 -14.73
N SER E 22 7.54 -38.85 -15.44
CA SER E 22 7.78 -38.58 -16.84
C SER E 22 6.47 -38.38 -17.57
N GLY E 23 5.50 -39.27 -17.33
CA GLY E 23 4.24 -39.18 -18.04
C GLY E 23 3.42 -38.08 -17.46
N GLY E 24 3.43 -37.99 -16.14
CA GLY E 24 2.54 -37.08 -15.45
C GLY E 24 2.82 -35.71 -15.94
N LEU E 25 4.03 -35.27 -15.70
CA LEU E 25 4.35 -33.91 -16.02
C LEU E 25 4.11 -33.64 -17.48
N ALA E 26 4.31 -34.63 -18.32
CA ALA E 26 4.14 -34.36 -19.72
C ALA E 26 2.70 -34.00 -20.00
N ALA E 27 1.78 -34.83 -19.53
CA ALA E 27 0.39 -34.53 -19.76
C ALA E 27 0.03 -33.14 -19.22
N ALA E 28 0.57 -32.81 -18.05
CA ALA E 28 0.29 -31.53 -17.46
C ALA E 28 0.67 -30.40 -18.40
N LYS E 29 1.91 -30.42 -18.83
CA LYS E 29 2.42 -29.33 -19.63
C LYS E 29 1.59 -29.14 -20.87
N GLU E 30 1.14 -30.22 -21.53
CA GLU E 30 0.35 -30.04 -22.76
C GLU E 30 -0.99 -29.57 -22.33
N ALA E 31 -1.64 -30.35 -21.49
CA ALA E 31 -2.97 -29.98 -21.09
C ALA E 31 -3.00 -28.46 -20.91
N ALA E 32 -1.99 -27.94 -20.23
CA ALA E 32 -1.95 -26.54 -19.88
C ALA E 32 -2.02 -25.60 -21.07
N LYS E 33 -1.65 -26.09 -22.23
CA LYS E 33 -1.70 -25.24 -23.42
C LYS E 33 -3.12 -24.82 -23.81
N PHE E 34 -4.12 -25.58 -23.35
CA PHE E 34 -5.49 -25.30 -23.80
C PHE E 34 -6.35 -24.58 -22.79
N ASP E 35 -5.66 -23.92 -21.86
CA ASP E 35 -6.35 -23.27 -20.76
C ASP E 35 -7.38 -24.18 -20.11
N LYS E 36 -6.93 -24.99 -19.18
CA LYS E 36 -7.82 -25.87 -18.51
C LYS E 36 -7.28 -25.89 -17.12
N LYS E 37 -8.12 -26.08 -16.12
CA LYS E 37 -7.56 -26.11 -14.80
C LYS E 37 -6.98 -27.51 -14.56
N VAL E 38 -5.67 -27.61 -14.33
CA VAL E 38 -5.14 -28.91 -13.98
C VAL E 38 -4.29 -28.81 -12.76
N MET E 39 -4.14 -29.93 -12.08
CA MET E 39 -3.34 -30.03 -10.89
C MET E 39 -2.62 -31.38 -10.97
N VAL E 40 -1.36 -31.42 -10.58
CA VAL E 40 -0.71 -32.69 -10.54
C VAL E 40 -0.25 -32.90 -9.12
N LEU E 41 -0.59 -34.05 -8.55
CA LEU E 41 -0.18 -34.37 -7.22
C LEU E 41 1.04 -35.23 -7.39
N ASP E 42 2.00 -35.08 -6.51
CA ASP E 42 3.15 -35.95 -6.62
C ASP E 42 3.71 -36.09 -5.26
N PHE E 43 4.00 -37.30 -4.88
CA PHE E 43 4.51 -37.57 -3.56
C PHE E 43 5.50 -38.71 -3.62
N VAL E 44 6.57 -38.63 -2.87
CA VAL E 44 7.52 -39.72 -2.95
C VAL E 44 7.58 -40.46 -1.67
N THR E 45 7.04 -41.65 -1.65
CA THR E 45 7.09 -42.42 -0.42
C THR E 45 8.51 -42.86 -0.30
N PRO E 46 9.00 -42.81 0.92
CA PRO E 46 10.37 -43.14 1.29
C PRO E 46 10.71 -44.58 0.99
N THR E 47 12.00 -44.88 0.85
CA THR E 47 12.39 -46.26 0.69
C THR E 47 12.47 -46.79 2.12
N PRO E 48 12.66 -48.09 2.29
CA PRO E 48 12.75 -48.64 3.64
C PRO E 48 13.92 -47.99 4.39
N LEU E 49 14.95 -47.55 3.69
CA LEU E 49 16.02 -46.90 4.42
C LEU E 49 15.74 -45.41 4.53
N GLY E 50 14.56 -45.03 4.10
CA GLY E 50 14.13 -43.65 4.26
C GLY E 50 14.52 -42.56 3.24
N THR E 51 14.95 -42.93 2.06
CA THR E 51 15.46 -41.88 1.21
C THR E 51 14.34 -41.34 0.35
N ASN E 52 14.40 -40.06 0.01
CA ASN E 52 13.40 -39.49 -0.89
C ASN E 52 14.01 -38.55 -1.86
N TRP E 53 13.14 -37.90 -2.64
CA TRP E 53 13.59 -37.01 -3.67
C TRP E 53 12.46 -36.07 -4.09
N GLY E 54 12.72 -35.14 -4.98
CA GLY E 54 11.72 -34.18 -5.37
C GLY E 54 10.95 -34.46 -6.63
N LEU E 55 10.23 -33.44 -7.06
CA LEU E 55 9.37 -33.55 -8.23
C LEU E 55 10.18 -34.02 -9.42
N GLY E 56 9.57 -34.77 -10.29
CA GLY E 56 10.33 -35.20 -11.43
C GLY E 56 10.14 -36.66 -11.76
N GLY E 57 9.77 -37.48 -10.79
CA GLY E 57 9.55 -38.88 -11.09
C GLY E 57 10.84 -39.68 -11.08
N THR E 58 10.71 -40.96 -11.44
CA THR E 58 11.81 -41.90 -11.39
C THR E 58 12.98 -41.55 -12.26
N CYS E 59 12.71 -41.31 -13.53
CA CYS E 59 13.75 -41.02 -14.50
C CYS E 59 14.65 -39.93 -14.03
N VAL E 60 14.05 -38.89 -13.49
CA VAL E 60 14.80 -37.70 -13.09
C VAL E 60 15.60 -37.90 -11.82
N ASN E 61 15.02 -38.53 -10.81
CA ASN E 61 15.71 -38.61 -9.53
C ASN E 61 16.42 -39.91 -9.23
N VAL E 62 16.04 -40.99 -9.87
CA VAL E 62 16.64 -42.25 -9.52
C VAL E 62 16.65 -43.20 -10.67
N GLY E 63 16.56 -42.69 -11.87
CA GLY E 63 16.55 -43.54 -13.05
C GLY E 63 17.52 -43.12 -14.12
N CYS E 64 17.02 -42.84 -15.31
CA CYS E 64 17.88 -42.45 -16.41
C CYS E 64 18.87 -41.36 -16.03
N ILE E 65 18.40 -40.24 -15.48
CA ILE E 65 19.33 -39.13 -15.29
C ILE E 65 20.56 -39.49 -14.55
N PRO E 66 20.47 -39.87 -13.29
CA PRO E 66 21.68 -40.19 -12.52
C PRO E 66 22.37 -41.42 -13.15
N LYS E 67 21.61 -42.42 -13.56
CA LYS E 67 22.23 -43.56 -14.20
C LYS E 67 23.21 -43.11 -15.29
N LYS E 68 22.70 -42.50 -16.33
CA LYS E 68 23.57 -42.07 -17.40
C LYS E 68 24.75 -41.29 -16.82
N LEU E 69 24.47 -40.30 -15.96
CA LEU E 69 25.56 -39.51 -15.42
C LEU E 69 26.68 -40.39 -14.83
N MET E 70 26.33 -41.36 -14.00
CA MET E 70 27.40 -42.14 -13.42
C MET E 70 28.07 -43.00 -14.50
N HIS E 71 27.24 -43.46 -15.41
CA HIS E 71 27.76 -44.22 -16.48
C HIS E 71 28.82 -43.33 -17.12
N GLN E 72 28.54 -42.04 -17.23
CA GLN E 72 29.53 -41.17 -17.86
C GLN E 72 30.77 -41.07 -16.98
N ALA E 73 30.59 -41.18 -15.67
CA ALA E 73 31.74 -41.03 -14.82
C ALA E 73 32.60 -42.21 -15.16
N ALA E 74 31.98 -43.35 -15.38
CA ALA E 74 32.78 -44.50 -15.70
C ALA E 74 33.51 -44.29 -17.02
N LEU E 75 32.76 -43.94 -18.06
CA LEU E 75 33.39 -43.77 -19.36
C LEU E 75 34.57 -42.79 -19.28
N LEU E 76 34.43 -41.78 -18.45
CA LEU E 76 35.46 -40.77 -18.41
C LEU E 76 36.71 -41.39 -17.82
N GLY E 77 36.51 -42.36 -16.95
CA GLY E 77 37.68 -43.03 -16.42
C GLY E 77 38.43 -43.66 -17.58
N GLN E 78 37.71 -44.45 -18.38
CA GLN E 78 38.32 -45.13 -19.49
C GLN E 78 38.90 -44.03 -20.31
N ALA E 79 38.29 -42.86 -20.31
CA ALA E 79 38.83 -41.83 -21.18
C ALA E 79 40.19 -41.35 -20.66
N LEU E 80 40.36 -41.30 -19.36
CA LEU E 80 41.63 -40.83 -18.86
C LEU E 80 42.69 -41.78 -19.34
N LYS E 81 42.40 -43.07 -19.28
CA LYS E 81 43.31 -44.11 -19.72
C LYS E 81 43.70 -43.89 -21.16
N ASP E 82 42.68 -43.75 -22.00
CA ASP E 82 42.89 -43.52 -23.39
C ASP E 82 43.79 -42.34 -23.65
N SER E 83 43.62 -41.24 -22.96
CA SER E 83 44.39 -40.08 -23.34
C SER E 83 45.92 -40.27 -23.45
N ARG E 84 46.48 -41.26 -22.76
CA ARG E 84 47.92 -41.39 -22.77
C ARG E 84 48.48 -41.60 -24.16
N ASN E 85 47.96 -42.55 -24.90
CA ASN E 85 48.53 -42.77 -26.21
C ASN E 85 48.23 -41.66 -27.14
N TYR E 86 47.34 -40.76 -26.79
CA TYR E 86 47.06 -39.67 -27.73
C TYR E 86 47.88 -38.47 -27.38
N GLY E 87 48.69 -38.61 -26.33
CA GLY E 87 49.68 -37.61 -25.99
C GLY E 87 49.53 -36.86 -24.69
N TRP E 88 48.41 -37.06 -23.99
CA TRP E 88 48.28 -36.39 -22.71
C TRP E 88 49.07 -37.18 -21.71
N LYS E 89 49.85 -36.47 -20.89
CA LYS E 89 50.65 -37.11 -19.86
C LYS E 89 49.95 -37.21 -18.52
N LEU E 90 49.39 -38.37 -18.19
CA LEU E 90 48.69 -38.55 -16.91
C LEU E 90 49.49 -39.31 -15.90
N GLU E 91 48.98 -39.37 -14.67
CA GLU E 91 49.61 -40.21 -13.65
C GLU E 91 49.01 -41.60 -13.79
N ASP E 92 49.84 -42.63 -13.93
CA ASP E 92 49.25 -43.95 -14.15
C ASP E 92 48.00 -44.33 -13.34
N THR E 93 47.70 -43.53 -12.33
CA THR E 93 46.66 -43.89 -11.43
C THR E 93 45.84 -42.72 -11.01
N VAL E 94 44.60 -42.63 -11.44
CA VAL E 94 43.77 -41.55 -10.94
C VAL E 94 42.71 -42.20 -10.09
N LYS E 95 42.58 -41.70 -8.87
CA LYS E 95 41.56 -42.21 -7.95
C LYS E 95 40.19 -41.58 -8.19
N HIS E 96 39.14 -42.28 -7.78
CA HIS E 96 37.79 -41.73 -7.98
C HIS E 96 37.14 -41.40 -6.66
N ASP E 97 36.37 -40.32 -6.59
CA ASP E 97 35.74 -39.92 -5.33
C ASP E 97 34.23 -39.98 -5.32
N TRP E 98 33.70 -41.09 -4.87
CA TRP E 98 32.25 -41.25 -4.88
C TRP E 98 31.52 -40.03 -4.38
N GLU E 99 31.95 -39.57 -3.23
CA GLU E 99 31.40 -38.42 -2.57
C GLU E 99 31.22 -37.32 -3.58
N LYS E 100 32.30 -36.91 -4.20
CA LYS E 100 32.24 -35.76 -5.07
C LYS E 100 31.33 -36.04 -6.24
N MET E 101 31.40 -37.24 -6.78
CA MET E 101 30.55 -37.56 -7.91
C MET E 101 29.08 -37.42 -7.56
N THR E 102 28.63 -38.12 -6.54
CA THR E 102 27.19 -38.07 -6.33
C THR E 102 26.74 -36.68 -5.94
N GLU E 103 27.63 -35.87 -5.39
CA GLU E 103 27.25 -34.51 -5.07
C GLU E 103 26.92 -33.82 -6.37
N SER E 104 27.78 -33.89 -7.37
CA SER E 104 27.47 -33.22 -8.60
C SER E 104 26.18 -33.78 -9.18
N VAL E 105 26.01 -35.09 -9.12
CA VAL E 105 24.85 -35.63 -9.73
C VAL E 105 23.62 -35.13 -9.07
N GLN E 106 23.55 -35.20 -7.74
CA GLN E 106 22.34 -34.76 -7.04
C GLN E 106 22.20 -33.29 -7.26
N ASN E 107 23.31 -32.56 -7.27
CA ASN E 107 23.25 -31.15 -7.52
C ASN E 107 22.42 -30.89 -8.78
N HIS E 108 22.75 -31.62 -9.83
CA HIS E 108 22.02 -31.47 -11.04
C HIS E 108 20.55 -31.80 -10.85
N ILE E 109 20.28 -32.89 -10.14
CA ILE E 109 18.90 -33.37 -10.01
C ILE E 109 18.05 -32.31 -9.38
N GLY E 110 18.65 -31.61 -8.42
CA GLY E 110 17.95 -30.55 -7.74
C GLY E 110 17.59 -29.50 -8.75
N SER E 111 18.54 -29.22 -9.61
CA SER E 111 18.31 -28.28 -10.67
C SER E 111 17.05 -28.69 -11.37
N LEU E 112 16.90 -29.96 -11.67
CA LEU E 112 15.70 -30.39 -12.38
C LEU E 112 14.48 -30.33 -11.50
N ASN E 113 14.63 -30.80 -10.26
CA ASN E 113 13.55 -30.77 -9.33
C ASN E 113 12.92 -29.39 -9.44
N TRP E 114 13.73 -28.37 -9.13
CA TRP E 114 13.24 -27.01 -9.16
C TRP E 114 12.67 -26.61 -10.49
N GLY E 115 13.36 -26.97 -11.55
CA GLY E 115 12.92 -26.56 -12.86
C GLY E 115 11.47 -26.91 -13.08
N TYR E 116 11.18 -28.12 -12.71
CA TYR E 116 9.90 -28.64 -12.98
C TYR E 116 8.91 -27.87 -12.22
N ARG E 117 9.21 -27.62 -10.97
CA ARG E 117 8.24 -26.89 -10.21
C ARG E 117 8.02 -25.50 -10.82
N VAL E 118 9.11 -24.89 -11.27
CA VAL E 118 8.98 -23.59 -11.89
C VAL E 118 8.08 -23.67 -13.10
N ALA E 119 8.34 -24.66 -13.94
CA ALA E 119 7.54 -24.76 -15.15
C ALA E 119 6.10 -24.91 -14.83
N LEU E 120 5.73 -25.76 -13.88
CA LEU E 120 4.33 -25.94 -13.66
C LEU E 120 3.74 -24.59 -13.25
N ARG E 121 4.43 -23.86 -12.38
CA ARG E 121 3.87 -22.61 -11.92
C ARG E 121 3.66 -21.69 -13.09
N GLU E 122 4.65 -21.63 -13.96
CA GLU E 122 4.65 -20.77 -15.13
C GLU E 122 3.48 -21.08 -16.06
N LYS E 123 3.15 -22.36 -16.23
CA LYS E 123 2.06 -22.79 -17.10
C LYS E 123 0.73 -22.83 -16.34
N LYS E 124 0.74 -22.30 -15.13
CA LYS E 124 -0.50 -22.22 -14.36
C LYS E 124 -1.06 -23.59 -14.00
N VAL E 125 -0.22 -24.51 -13.60
CA VAL E 125 -0.76 -25.78 -13.20
C VAL E 125 -0.57 -25.85 -11.74
N VAL E 126 -1.56 -26.26 -11.01
CA VAL E 126 -1.40 -26.34 -9.60
C VAL E 126 -0.59 -27.56 -9.24
N TYR E 127 0.34 -27.40 -8.31
CA TYR E 127 1.15 -28.53 -7.88
C TYR E 127 1.05 -28.69 -6.42
N GLU E 128 0.73 -29.87 -5.99
CA GLU E 128 0.60 -30.10 -4.57
C GLU E 128 1.43 -31.33 -4.30
N ASN E 129 2.31 -31.21 -3.33
CA ASN E 129 3.18 -32.30 -3.00
C ASN E 129 2.41 -33.14 -1.98
N ALA E 130 1.55 -34.02 -2.47
CA ALA E 130 0.70 -34.88 -1.65
C ALA E 130 0.36 -36.19 -2.35
N TYR E 131 0.05 -37.22 -1.55
CA TYR E 131 -0.19 -38.53 -2.07
C TYR E 131 -1.62 -38.59 -2.47
N GLY E 132 -1.89 -39.08 -3.66
CA GLY E 132 -3.26 -39.11 -4.15
C GLY E 132 -3.96 -40.43 -3.93
N LYS E 133 -5.27 -40.41 -3.69
CA LYS E 133 -5.97 -41.63 -3.35
C LYS E 133 -7.42 -41.37 -3.68
N PHE E 134 -8.01 -42.19 -4.53
CA PHE E 134 -9.36 -41.91 -4.96
C PHE E 134 -10.24 -42.25 -3.79
N ILE E 135 -11.39 -41.60 -3.66
CA ILE E 135 -12.28 -41.88 -2.56
C ILE E 135 -13.66 -42.17 -3.05
N GLY E 136 -13.93 -41.77 -4.28
CA GLY E 136 -15.22 -41.98 -4.90
C GLY E 136 -15.28 -41.25 -6.23
N PRO E 137 -16.34 -41.47 -6.99
CA PRO E 137 -16.43 -40.97 -8.34
C PRO E 137 -15.93 -39.57 -8.42
N HIS E 138 -15.06 -39.29 -9.39
CA HIS E 138 -14.54 -37.96 -9.58
C HIS E 138 -13.91 -37.30 -8.37
N LYS E 139 -13.76 -38.02 -7.27
CA LYS E 139 -13.16 -37.39 -6.10
C LYS E 139 -11.91 -38.08 -5.60
N ILE E 140 -10.93 -37.26 -5.25
CA ILE E 140 -9.60 -37.75 -4.84
C ILE E 140 -9.15 -37.02 -3.60
N MET E 141 -8.55 -37.76 -2.68
CA MET E 141 -8.10 -37.15 -1.45
C MET E 141 -6.62 -37.09 -1.52
N ALA E 142 -6.06 -35.93 -1.20
CA ALA E 142 -4.62 -35.81 -1.29
C ALA E 142 -4.03 -35.74 0.08
N THR E 143 -3.19 -36.69 0.41
CA THR E 143 -2.65 -36.66 1.75
C THR E 143 -1.32 -35.98 1.74
N ASN E 144 -1.33 -34.88 2.43
CA ASN E 144 -0.21 -34.02 2.63
C ASN E 144 0.92 -34.80 3.25
N ASN E 145 2.04 -34.12 3.35
CA ASN E 145 3.22 -34.70 3.91
C ASN E 145 3.10 -34.85 5.43
N LYS E 146 2.34 -33.98 6.05
CA LYS E 146 2.18 -34.03 7.49
C LYS E 146 0.93 -34.78 7.85
N GLY E 147 0.26 -35.30 6.84
CA GLY E 147 -0.91 -36.09 7.15
C GLY E 147 -2.22 -35.35 7.01
N LYS E 148 -2.15 -34.07 6.64
CA LYS E 148 -3.34 -33.25 6.45
C LYS E 148 -3.98 -33.70 5.16
N GLU E 149 -5.28 -33.90 5.19
CA GLU E 149 -5.97 -34.37 4.00
C GLU E 149 -6.73 -33.29 3.36
N LYS E 150 -6.82 -33.39 2.06
CA LYS E 150 -7.61 -32.47 1.32
C LYS E 150 -8.28 -33.24 0.19
N VAL E 151 -9.50 -32.84 -0.16
CA VAL E 151 -10.21 -33.56 -1.18
C VAL E 151 -10.42 -32.73 -2.41
N TYR E 152 -10.33 -33.33 -3.58
CA TYR E 152 -10.58 -32.57 -4.79
C TYR E 152 -11.49 -33.29 -5.80
N SER E 153 -12.13 -32.53 -6.67
CA SER E 153 -12.98 -33.12 -7.71
C SER E 153 -12.44 -32.75 -9.06
N ALA E 154 -12.68 -33.60 -10.04
CA ALA E 154 -12.18 -33.34 -11.37
C ALA E 154 -13.00 -34.06 -12.37
N GLU E 155 -13.08 -33.51 -13.57
CA GLU E 155 -13.88 -34.13 -14.59
C GLU E 155 -13.14 -35.31 -15.12
N ARG E 156 -11.82 -35.25 -15.09
CA ARG E 156 -11.02 -36.32 -15.61
C ARG E 156 -9.77 -36.57 -14.77
N PHE E 157 -9.27 -37.80 -14.80
CA PHE E 157 -8.10 -38.13 -14.03
C PHE E 157 -7.14 -38.91 -14.89
N LEU E 158 -5.85 -38.78 -14.60
CA LEU E 158 -4.82 -39.50 -15.30
C LEU E 158 -3.94 -40.13 -14.24
N ILE E 159 -3.91 -41.46 -14.17
CA ILE E 159 -3.13 -42.15 -13.13
C ILE E 159 -1.77 -42.33 -13.70
N ALA E 160 -0.78 -41.70 -13.08
CA ALA E 160 0.57 -41.72 -13.61
C ALA E 160 1.53 -41.95 -12.47
N THR E 161 1.29 -42.98 -11.68
CA THR E 161 2.17 -43.15 -10.55
C THR E 161 3.41 -43.98 -10.79
N GLY E 162 3.54 -44.60 -11.95
CA GLY E 162 4.73 -45.39 -12.18
C GLY E 162 4.92 -46.48 -11.14
N GLU E 163 6.11 -47.04 -11.08
CA GLU E 163 6.38 -48.15 -10.18
C GLU E 163 7.55 -47.91 -9.24
N ARG E 164 7.86 -48.91 -8.39
CA ARG E 164 8.98 -48.80 -7.44
C ARG E 164 9.75 -50.09 -7.36
N PRO E 165 11.00 -50.04 -6.90
CA PRO E 165 11.80 -51.25 -6.80
C PRO E 165 11.13 -52.34 -5.98
N ARG E 166 11.47 -53.57 -6.31
CA ARG E 166 10.93 -54.74 -5.67
C ARG E 166 11.98 -55.40 -4.80
N TYR E 167 11.60 -55.95 -3.65
CA TYR E 167 12.60 -56.67 -2.86
C TYR E 167 12.36 -58.18 -2.94
N LEU E 168 13.31 -58.98 -2.55
CA LEU E 168 13.08 -60.40 -2.56
C LEU E 168 12.40 -60.71 -1.24
N GLY E 169 11.57 -61.74 -1.20
CA GLY E 169 10.96 -62.02 0.08
C GLY E 169 11.96 -62.33 1.21
N ILE E 170 13.24 -62.54 0.88
CA ILE E 170 14.15 -63.03 1.87
C ILE E 170 14.53 -62.07 2.99
N PRO E 171 14.88 -62.64 4.13
CA PRO E 171 15.25 -61.88 5.32
C PRO E 171 16.46 -60.97 5.16
N GLY E 172 16.35 -59.78 5.73
CA GLY E 172 17.45 -58.85 5.76
C GLY E 172 17.46 -57.93 4.55
N ASP E 173 16.71 -58.35 3.56
CA ASP E 173 16.70 -57.67 2.29
C ASP E 173 16.33 -56.22 2.45
N LYS E 174 15.17 -55.96 3.04
CA LYS E 174 14.76 -54.56 3.19
C LYS E 174 15.62 -53.84 4.22
N GLU E 175 16.16 -54.57 5.18
CA GLU E 175 16.89 -53.87 6.21
C GLU E 175 18.34 -53.57 5.89
N TYR E 176 18.93 -54.33 4.99
CA TYR E 176 20.32 -54.12 4.76
C TYR E 176 20.74 -53.83 3.34
N CYS E 177 19.86 -54.01 2.37
CA CYS E 177 20.27 -53.82 0.99
C CYS E 177 19.70 -52.53 0.50
N ILE E 178 20.13 -52.11 -0.68
CA ILE E 178 19.66 -50.89 -1.27
C ILE E 178 19.10 -51.29 -2.61
N SER E 179 18.44 -50.37 -3.28
CA SER E 179 17.88 -50.57 -4.62
C SER E 179 18.33 -49.40 -5.43
N SER E 180 17.91 -49.28 -6.67
CA SER E 180 18.28 -48.12 -7.44
C SER E 180 17.85 -46.91 -6.68
N ASP E 181 16.67 -46.93 -6.06
CA ASP E 181 16.16 -45.76 -5.34
C ASP E 181 17.25 -45.18 -4.45
N ASP E 182 17.97 -46.04 -3.74
CA ASP E 182 19.00 -45.54 -2.85
C ASP E 182 20.35 -45.22 -3.44
N LEU E 183 20.78 -46.05 -4.37
CA LEU E 183 22.11 -45.97 -4.90
C LEU E 183 22.51 -44.58 -5.25
N PHE E 184 21.68 -43.88 -6.02
CA PHE E 184 22.12 -42.62 -6.55
C PHE E 184 22.22 -41.50 -5.59
N SER E 185 22.10 -41.76 -4.28
CA SER E 185 22.36 -40.73 -3.30
C SER E 185 23.13 -41.33 -2.17
N LEU E 186 23.59 -42.54 -2.34
CA LEU E 186 24.40 -43.09 -1.26
C LEU E 186 25.36 -42.03 -0.73
N PRO E 187 25.23 -41.83 0.53
CA PRO E 187 26.13 -40.99 1.32
C PRO E 187 27.53 -41.54 1.44
N TYR E 188 27.79 -42.74 0.97
CA TYR E 188 29.15 -43.27 1.09
C TYR E 188 29.50 -44.13 -0.13
N CYS E 189 30.77 -44.39 -0.34
CA CYS E 189 31.18 -45.22 -1.45
C CYS E 189 30.69 -46.63 -1.17
N PRO E 190 29.95 -47.22 -2.11
CA PRO E 190 29.36 -48.53 -1.89
C PRO E 190 30.34 -49.60 -1.53
N GLY E 191 31.60 -49.51 -1.95
CA GLY E 191 32.56 -50.55 -1.59
C GLY E 191 32.36 -51.82 -2.39
N LYS E 192 32.97 -52.92 -1.97
CA LYS E 192 32.83 -54.14 -2.74
C LYS E 192 31.36 -54.43 -2.72
N THR E 193 30.77 -54.68 -3.88
CA THR E 193 29.34 -54.85 -3.89
C THR E 193 28.86 -55.93 -4.80
N LEU E 194 27.73 -56.52 -4.41
CA LEU E 194 27.06 -57.59 -5.14
C LEU E 194 25.82 -57.00 -5.68
N VAL E 195 25.50 -57.33 -6.92
CA VAL E 195 24.29 -56.83 -7.56
C VAL E 195 23.50 -58.06 -7.91
N VAL E 196 22.29 -58.15 -7.39
CA VAL E 196 21.47 -59.31 -7.62
C VAL E 196 20.42 -58.91 -8.64
N GLY E 197 20.38 -59.58 -9.78
CA GLY E 197 19.41 -59.29 -10.83
C GLY E 197 20.18 -59.25 -12.12
N ALA E 198 19.55 -59.48 -13.26
CA ALA E 198 20.32 -59.38 -14.48
C ALA E 198 19.72 -58.57 -15.60
N SER E 199 18.71 -57.74 -15.36
CA SER E 199 18.11 -56.94 -16.44
C SER E 199 18.87 -55.58 -16.64
N TYR E 200 18.30 -54.63 -17.34
CA TYR E 200 19.07 -53.42 -17.56
C TYR E 200 19.59 -52.79 -16.27
N VAL E 201 18.69 -52.40 -15.37
CA VAL E 201 19.20 -51.77 -14.13
C VAL E 201 20.37 -52.54 -13.53
N ALA E 202 20.18 -53.81 -13.28
CA ALA E 202 21.24 -54.59 -12.66
C ALA E 202 22.57 -54.40 -13.36
N LEU E 203 22.57 -54.79 -14.64
CA LEU E 203 23.75 -54.74 -15.48
C LEU E 203 24.31 -53.34 -15.58
N GLU E 204 23.46 -52.37 -15.84
CA GLU E 204 23.96 -51.02 -15.97
C GLU E 204 24.68 -50.60 -14.69
N CYS E 205 24.00 -50.69 -13.56
CA CYS E 205 24.64 -50.24 -12.35
C CYS E 205 25.89 -51.04 -12.11
N ALA E 206 25.82 -52.35 -12.23
CA ALA E 206 26.99 -53.16 -11.90
C ALA E 206 28.11 -52.69 -12.79
N GLY E 207 27.75 -52.33 -13.99
CA GLY E 207 28.75 -51.85 -14.92
C GLY E 207 29.44 -50.63 -14.41
N PHE E 208 28.69 -49.58 -14.11
CA PHE E 208 29.37 -48.37 -13.76
C PHE E 208 30.03 -48.44 -12.42
N LEU E 209 29.47 -49.19 -11.50
CA LEU E 209 30.18 -49.32 -10.23
C LEU E 209 31.61 -49.82 -10.51
N ALA E 210 31.70 -50.78 -11.42
CA ALA E 210 33.00 -51.37 -11.71
C ALA E 210 33.84 -50.36 -12.42
N GLY E 211 33.26 -49.61 -13.33
CA GLY E 211 34.05 -48.70 -14.13
C GLY E 211 34.67 -47.60 -13.30
N ILE E 212 34.08 -47.39 -12.15
CA ILE E 212 34.43 -46.33 -11.27
C ILE E 212 35.46 -46.89 -10.37
N GLY E 213 35.74 -48.17 -10.43
CA GLY E 213 36.83 -48.74 -9.64
C GLY E 213 36.50 -49.72 -8.53
N LEU E 214 35.26 -50.14 -8.40
CA LEU E 214 34.88 -51.04 -7.35
C LEU E 214 34.89 -52.51 -7.72
N ASP E 215 35.03 -53.33 -6.70
CA ASP E 215 34.97 -54.75 -6.84
C ASP E 215 33.50 -55.13 -6.94
N VAL E 216 33.10 -55.63 -8.10
CA VAL E 216 31.69 -55.84 -8.34
C VAL E 216 31.33 -57.25 -8.77
N THR E 217 30.23 -57.75 -8.25
CA THR E 217 29.78 -59.07 -8.65
C THR E 217 28.31 -59.06 -8.95
N VAL E 218 27.93 -59.74 -10.02
CA VAL E 218 26.55 -59.83 -10.43
C VAL E 218 26.03 -61.25 -10.23
N MET E 219 24.99 -61.44 -9.43
CA MET E 219 24.46 -62.80 -9.26
C MET E 219 23.20 -62.95 -10.11
N VAL E 220 23.22 -63.89 -11.08
CA VAL E 220 22.07 -64.06 -11.96
C VAL E 220 21.23 -65.28 -11.63
N ARG E 221 19.91 -65.13 -11.73
CA ARG E 221 19.00 -66.22 -11.48
C ARG E 221 19.02 -67.12 -12.66
N SER E 222 18.75 -66.59 -13.83
CA SER E 222 18.75 -67.43 -15.03
C SER E 222 19.58 -66.85 -16.17
N ILE E 223 18.91 -66.18 -17.07
CA ILE E 223 19.50 -65.69 -18.28
C ILE E 223 19.72 -64.23 -18.09
N LEU E 224 20.53 -63.57 -18.92
CA LEU E 224 20.74 -62.14 -18.81
C LEU E 224 19.76 -61.42 -19.71
N LEU E 225 19.35 -60.23 -19.28
CA LEU E 225 18.55 -59.36 -20.13
C LEU E 225 17.41 -60.09 -20.79
N ARG E 226 16.69 -60.85 -19.98
CA ARG E 226 15.57 -61.60 -20.49
C ARG E 226 14.71 -60.59 -21.15
N GLY E 227 14.27 -60.93 -22.36
CA GLY E 227 13.44 -60.07 -23.16
C GLY E 227 14.17 -59.52 -24.38
N PHE E 228 15.49 -59.33 -24.27
CA PHE E 228 16.21 -58.85 -25.45
C PHE E 228 16.95 -59.96 -26.18
N ASP E 229 17.34 -59.63 -27.39
CA ASP E 229 18.05 -60.58 -28.19
C ASP E 229 19.16 -61.26 -27.38
N GLN E 230 18.86 -62.45 -26.91
CA GLN E 230 19.81 -63.22 -26.13
C GLN E 230 21.26 -63.22 -26.58
N ASP E 231 21.53 -63.27 -27.89
CA ASP E 231 22.94 -63.29 -28.31
C ASP E 231 23.60 -61.96 -27.96
N MET E 232 22.94 -60.86 -28.28
CA MET E 232 23.45 -59.55 -27.88
C MET E 232 23.66 -59.54 -26.38
N ALA E 233 22.72 -60.10 -25.67
CA ALA E 233 22.81 -60.12 -24.24
C ALA E 233 24.10 -60.82 -23.81
N ASN E 234 24.30 -62.04 -24.28
CA ASN E 234 25.51 -62.76 -23.97
C ASN E 234 26.75 -61.96 -24.29
N LYS E 235 26.74 -61.22 -25.38
CA LYS E 235 27.95 -60.53 -25.75
C LYS E 235 28.19 -59.51 -24.70
N ILE E 236 27.14 -58.80 -24.31
CA ILE E 236 27.23 -57.79 -23.27
C ILE E 236 27.84 -58.42 -22.07
N GLY E 237 27.37 -59.61 -21.75
CA GLY E 237 27.86 -60.27 -20.57
C GLY E 237 29.32 -60.56 -20.67
N GLU E 238 29.73 -61.16 -21.77
CA GLU E 238 31.12 -61.58 -21.87
C GLU E 238 32.03 -60.37 -21.78
N HIS E 239 31.56 -59.26 -22.30
CA HIS E 239 32.32 -58.02 -22.17
C HIS E 239 32.45 -57.62 -20.69
N MET E 240 31.34 -57.46 -19.98
CA MET E 240 31.42 -57.10 -18.59
C MET E 240 32.34 -58.06 -17.84
N GLU E 241 32.35 -59.32 -18.26
CA GLU E 241 33.21 -60.26 -17.58
C GLU E 241 34.67 -59.95 -17.89
N GLU E 242 34.97 -59.66 -19.14
CA GLU E 242 36.35 -59.43 -19.43
C GLU E 242 36.78 -58.14 -18.79
N HIS E 243 35.84 -57.32 -18.34
CA HIS E 243 36.30 -56.05 -17.79
C HIS E 243 36.08 -55.93 -16.29
N GLY E 244 36.51 -56.98 -15.61
CA GLY E 244 36.49 -57.03 -14.17
C GLY E 244 35.18 -57.11 -13.42
N ILE E 245 34.11 -57.52 -14.08
CA ILE E 245 32.90 -57.72 -13.31
C ILE E 245 32.80 -59.23 -13.08
N LYS E 246 32.66 -59.66 -11.83
CA LYS E 246 32.57 -61.08 -11.58
C LYS E 246 31.11 -61.48 -11.61
N PHE E 247 30.85 -62.67 -12.13
CA PHE E 247 29.49 -63.17 -12.25
C PHE E 247 29.32 -64.50 -11.53
N ILE E 248 28.18 -64.66 -10.88
CA ILE E 248 27.81 -65.90 -10.24
C ILE E 248 26.54 -66.34 -10.94
N ARG E 249 26.58 -67.50 -11.60
CA ARG E 249 25.46 -67.96 -12.41
C ARG E 249 24.49 -68.93 -11.74
N GLN E 250 23.20 -68.75 -11.99
CA GLN E 250 22.18 -69.61 -11.41
C GLN E 250 22.23 -69.68 -9.88
N PHE E 251 22.00 -68.55 -9.21
CA PHE E 251 21.93 -68.51 -7.75
C PHE E 251 20.93 -67.44 -7.33
N VAL E 252 20.35 -67.61 -6.14
CA VAL E 252 19.44 -66.60 -5.62
C VAL E 252 19.65 -66.41 -4.14
N PRO E 253 19.87 -65.19 -3.71
CA PRO E 253 20.08 -64.89 -2.30
C PRO E 253 19.00 -65.59 -1.47
N THR E 254 19.33 -66.03 -0.25
CA THR E 254 18.33 -66.68 0.59
C THR E 254 18.18 -65.91 1.86
N LYS E 255 19.26 -65.24 2.23
CA LYS E 255 19.29 -64.51 3.47
C LYS E 255 20.44 -63.55 3.41
N ILE E 256 20.27 -62.39 4.01
CA ILE E 256 21.35 -61.43 4.02
C ILE E 256 21.41 -60.95 5.43
N GLU E 257 22.53 -61.19 6.11
CA GLU E 257 22.62 -60.79 7.50
C GLU E 257 23.86 -59.91 7.69
N GLN E 258 23.78 -58.99 8.65
CA GLN E 258 24.79 -57.96 8.80
C GLN E 258 25.93 -58.31 9.72
N ILE E 259 27.12 -58.49 9.19
CA ILE E 259 28.22 -58.83 10.06
C ILE E 259 28.70 -57.63 10.82
N GLU E 260 28.54 -56.46 10.23
CA GLU E 260 29.02 -55.28 10.90
C GLU E 260 28.36 -54.04 10.39
N ALA E 261 27.95 -53.19 11.32
CA ALA E 261 27.31 -51.93 11.02
C ALA E 261 28.35 -51.00 10.47
N GLY E 262 27.95 -49.90 9.87
CA GLY E 262 28.93 -48.96 9.42
C GLY E 262 28.48 -48.29 8.14
N THR E 263 29.18 -47.24 7.75
CA THR E 263 28.83 -46.63 6.51
C THR E 263 28.97 -47.78 5.58
N PRO E 264 30.02 -47.85 4.79
CA PRO E 264 30.18 -49.09 4.05
C PRO E 264 30.31 -50.14 5.19
N GLY E 265 29.21 -50.79 5.59
CA GLY E 265 29.31 -51.80 6.62
C GLY E 265 29.63 -53.12 5.99
N ARG E 266 29.45 -54.22 6.70
CA ARG E 266 29.66 -55.51 6.04
C ARG E 266 28.52 -56.50 6.10
N LEU E 267 28.09 -56.96 4.93
CA LEU E 267 27.00 -57.89 4.86
C LEU E 267 27.47 -59.25 4.42
N LYS E 268 26.85 -60.29 4.97
CA LYS E 268 27.16 -61.63 4.54
C LYS E 268 25.95 -62.20 3.83
N VAL E 269 26.15 -62.49 2.56
CA VAL E 269 25.08 -62.99 1.72
C VAL E 269 25.24 -64.47 1.49
N THR E 270 24.13 -65.18 1.44
CA THR E 270 24.19 -66.60 1.17
C THR E 270 23.09 -66.93 0.17
N ALA E 271 23.38 -67.85 -0.74
CA ALA E 271 22.46 -68.14 -1.82
C ALA E 271 22.45 -69.61 -2.21
N LYS E 272 21.32 -70.05 -2.76
CA LYS E 272 21.15 -71.40 -3.27
C LYS E 272 20.82 -71.31 -4.73
N SER E 273 21.02 -72.40 -5.46
CA SER E 273 20.71 -72.40 -6.88
C SER E 273 19.57 -73.32 -7.27
N THR E 274 19.64 -73.78 -8.50
CA THR E 274 18.69 -74.74 -9.01
C THR E 274 19.39 -76.10 -8.84
N ASN E 275 20.45 -76.09 -8.06
CA ASN E 275 21.15 -77.33 -7.79
C ASN E 275 21.10 -77.79 -6.31
N SER E 276 20.49 -77.04 -5.40
CA SER E 276 20.45 -77.48 -3.97
C SER E 276 21.73 -77.15 -3.17
N GLU E 277 22.80 -76.77 -3.85
CA GLU E 277 24.00 -76.33 -3.16
C GLU E 277 23.89 -74.87 -2.65
N GLU E 278 24.67 -74.55 -1.62
CA GLU E 278 24.60 -73.31 -0.91
C GLU E 278 25.96 -72.56 -0.95
N THR E 279 26.00 -71.23 -1.14
CA THR E 279 27.27 -70.49 -0.98
C THR E 279 27.19 -69.25 -0.08
N ILE E 280 28.09 -69.18 0.90
CA ILE E 280 28.12 -68.04 1.79
C ILE E 280 29.02 -67.06 1.13
N GLU E 281 28.41 -66.39 0.19
CA GLU E 281 29.04 -65.33 -0.54
C GLU E 281 29.86 -64.50 0.41
N ASP E 282 31.16 -64.62 0.29
CA ASP E 282 32.01 -63.76 1.06
C ASP E 282 31.24 -62.45 1.18
N GLU E 283 31.18 -61.92 2.38
CA GLU E 283 30.57 -60.63 2.62
C GLU E 283 30.84 -59.58 1.55
N PHE E 284 29.98 -58.60 1.52
CA PHE E 284 30.23 -57.47 0.68
C PHE E 284 29.96 -56.26 1.57
N ASN E 285 30.19 -55.08 1.01
CA ASN E 285 29.93 -53.86 1.71
C ASN E 285 28.55 -53.37 1.42
N THR E 286 28.12 -53.54 0.18
CA THR E 286 26.82 -53.07 -0.26
C THR E 286 26.14 -54.11 -1.15
N VAL E 287 24.85 -54.36 -0.96
CA VAL E 287 24.16 -55.32 -1.80
C VAL E 287 23.09 -54.62 -2.63
N LEU E 288 23.34 -54.50 -3.93
CA LEU E 288 22.41 -53.78 -4.81
C LEU E 288 21.34 -54.73 -5.17
N LEU E 289 20.15 -54.48 -4.66
CA LEU E 289 19.11 -55.44 -4.87
C LEU E 289 18.23 -55.18 -6.07
N ALA E 290 18.40 -54.15 -6.87
CA ALA E 290 17.37 -54.04 -7.93
C ALA E 290 17.22 -55.29 -8.85
N VAL E 291 15.99 -55.81 -8.84
CA VAL E 291 15.59 -57.09 -9.45
C VAL E 291 14.13 -57.11 -9.81
N GLY E 292 13.58 -56.01 -10.35
CA GLY E 292 12.17 -55.89 -10.71
C GLY E 292 11.51 -54.61 -10.20
N ARG E 293 10.41 -54.19 -10.81
CA ARG E 293 9.66 -53.05 -10.26
C ARG E 293 8.14 -53.38 -10.20
N ASP E 294 7.42 -52.82 -9.23
CA ASP E 294 5.98 -53.08 -9.06
C ASP E 294 5.19 -51.82 -9.20
N SER E 295 4.20 -51.87 -10.08
CA SER E 295 3.33 -50.73 -10.31
C SER E 295 2.63 -50.21 -9.09
N CYS E 296 2.72 -48.91 -8.83
CA CYS E 296 1.99 -48.31 -7.71
C CYS E 296 0.51 -48.17 -8.00
N THR E 297 -0.24 -49.25 -7.96
CA THR E 297 -1.63 -49.12 -8.26
C THR E 297 -2.43 -49.76 -7.17
N ARG E 298 -1.74 -50.31 -6.18
CA ARG E 298 -2.43 -50.95 -5.07
C ARG E 298 -3.00 -50.00 -4.01
N THR E 299 -2.31 -48.95 -3.62
CA THR E 299 -2.86 -48.16 -2.54
C THR E 299 -3.39 -46.82 -2.94
N ILE E 300 -4.03 -46.67 -4.09
CA ILE E 300 -4.48 -45.31 -4.43
C ILE E 300 -5.97 -45.19 -4.53
N GLY E 301 -6.67 -46.14 -3.95
CA GLY E 301 -8.11 -46.07 -3.92
C GLY E 301 -8.82 -46.49 -5.18
N LEU E 302 -8.22 -47.36 -5.99
CA LEU E 302 -8.91 -47.74 -7.22
C LEU E 302 -10.30 -48.30 -6.98
N GLU E 303 -10.47 -49.17 -6.01
CA GLU E 303 -11.78 -49.80 -5.84
C GLU E 303 -12.88 -48.79 -5.79
N THR E 304 -12.61 -47.65 -5.19
CA THR E 304 -13.67 -46.69 -4.93
C THR E 304 -14.12 -45.99 -6.18
N VAL E 305 -13.54 -46.30 -7.34
CA VAL E 305 -13.97 -45.64 -8.53
C VAL E 305 -14.31 -46.64 -9.58
N GLY E 306 -13.86 -47.86 -9.35
CA GLY E 306 -14.18 -48.97 -10.23
C GLY E 306 -13.17 -49.25 -11.32
N VAL E 307 -11.94 -48.81 -11.13
CA VAL E 307 -10.96 -49.07 -12.16
C VAL E 307 -10.47 -50.51 -12.05
N LYS E 308 -10.48 -51.25 -13.14
CA LYS E 308 -10.00 -52.64 -13.08
C LYS E 308 -8.51 -52.63 -13.30
N ILE E 309 -7.85 -53.66 -12.84
CA ILE E 309 -6.41 -53.67 -12.97
C ILE E 309 -6.00 -55.14 -12.93
N ASN E 310 -4.92 -55.49 -13.59
CA ASN E 310 -4.47 -56.87 -13.45
C ASN E 310 -4.05 -57.11 -12.00
N GLU E 311 -4.83 -57.89 -11.25
CA GLU E 311 -4.46 -58.12 -9.87
C GLU E 311 -3.10 -58.79 -9.64
N LYS E 312 -2.56 -59.52 -10.61
CA LYS E 312 -1.28 -60.18 -10.37
C LYS E 312 -0.16 -59.18 -10.57
N THR E 313 -0.04 -58.67 -11.79
CA THR E 313 0.96 -57.67 -12.16
C THR E 313 0.26 -56.34 -12.00
N GLY E 314 0.41 -55.60 -10.92
CA GLY E 314 -0.46 -54.42 -10.81
C GLY E 314 -0.73 -53.50 -12.03
N LYS E 315 -0.32 -53.88 -13.22
CA LYS E 315 -0.46 -52.99 -14.38
C LYS E 315 -1.93 -52.75 -14.70
N ILE E 316 -2.22 -51.58 -15.29
CA ILE E 316 -3.60 -51.21 -15.66
C ILE E 316 -3.86 -51.45 -17.16
N PRO E 317 -4.85 -52.27 -17.46
CA PRO E 317 -5.21 -52.57 -18.86
C PRO E 317 -5.80 -51.34 -19.44
N VAL E 318 -5.64 -51.05 -20.71
CA VAL E 318 -6.11 -49.77 -21.22
C VAL E 318 -6.46 -49.85 -22.69
N THR E 319 -7.19 -48.85 -23.20
CA THR E 319 -7.55 -48.86 -24.63
C THR E 319 -6.34 -48.42 -25.41
N ASP E 320 -6.48 -48.28 -26.71
CA ASP E 320 -5.35 -47.81 -27.49
C ASP E 320 -5.32 -46.30 -27.32
N GLU E 321 -6.13 -45.76 -26.44
CA GLU E 321 -6.09 -44.33 -26.26
C GLU E 321 -5.81 -44.03 -24.81
N GLU E 322 -5.47 -45.05 -24.06
CA GLU E 322 -5.06 -44.89 -22.68
C GLU E 322 -6.22 -44.72 -21.75
N GLN E 323 -7.40 -45.01 -22.24
CA GLN E 323 -8.60 -44.95 -21.41
C GLN E 323 -8.72 -46.24 -20.55
N THR E 324 -9.06 -46.13 -19.28
CA THR E 324 -9.26 -47.33 -18.47
C THR E 324 -10.69 -47.77 -18.73
N ASN E 325 -11.17 -48.70 -17.93
CA ASN E 325 -12.51 -49.21 -18.13
C ASN E 325 -13.45 -48.16 -17.63
N VAL E 326 -12.93 -47.24 -16.85
CA VAL E 326 -13.75 -46.15 -16.35
C VAL E 326 -13.48 -44.94 -17.22
N PRO E 327 -14.48 -44.56 -17.97
CA PRO E 327 -14.39 -43.56 -19.04
C PRO E 327 -13.67 -42.24 -18.76
N TYR E 328 -13.78 -41.74 -17.54
CA TYR E 328 -13.13 -40.50 -17.23
C TYR E 328 -11.74 -40.69 -16.61
N ILE E 329 -11.26 -41.92 -16.56
CA ILE E 329 -9.95 -42.11 -15.97
C ILE E 329 -8.94 -42.78 -16.88
N TYR E 330 -7.82 -42.13 -17.10
CA TYR E 330 -6.79 -42.60 -17.99
C TYR E 330 -5.50 -42.87 -17.26
N ALA E 331 -4.61 -43.65 -17.87
CA ALA E 331 -3.38 -43.96 -17.20
C ALA E 331 -2.26 -43.84 -18.21
N ILE E 332 -1.01 -43.81 -17.77
CA ILE E 332 0.04 -43.49 -18.67
C ILE E 332 1.35 -43.99 -18.13
N GLY E 333 2.26 -44.36 -19.02
CA GLY E 333 3.57 -44.75 -18.55
C GLY E 333 3.72 -46.18 -18.09
N ASP E 334 4.62 -46.40 -17.14
CA ASP E 334 4.98 -47.75 -16.73
C ASP E 334 3.82 -48.59 -16.37
N ILE E 335 2.91 -47.98 -15.63
CA ILE E 335 1.73 -48.61 -15.12
C ILE E 335 1.04 -49.39 -16.22
N LEU E 336 1.13 -48.90 -17.45
CA LEU E 336 0.38 -49.52 -18.54
C LEU E 336 0.63 -51.02 -18.74
N GLU E 337 -0.46 -51.78 -18.87
CA GLU E 337 -0.35 -53.23 -19.07
C GLU E 337 0.03 -53.45 -20.47
N GLY E 338 1.07 -54.23 -20.72
CA GLY E 338 1.47 -54.54 -22.08
C GLY E 338 2.24 -53.46 -22.84
N LYS E 339 2.57 -52.33 -22.21
CA LYS E 339 3.30 -51.32 -22.98
C LYS E 339 4.78 -51.38 -22.67
N LEU E 340 5.51 -50.28 -22.77
CA LEU E 340 6.94 -50.33 -22.47
C LEU E 340 7.20 -49.45 -21.29
N GLU E 341 8.15 -49.80 -20.43
CA GLU E 341 8.42 -48.99 -19.26
C GLU E 341 9.52 -48.05 -19.66
N LEU E 342 9.23 -47.04 -20.49
CA LEU E 342 10.27 -46.13 -20.96
C LEU E 342 9.84 -44.69 -20.97
N THR E 343 10.74 -43.84 -20.47
CA THR E 343 10.44 -42.42 -20.34
C THR E 343 9.81 -41.77 -21.55
N PRO E 344 10.55 -41.71 -22.64
CA PRO E 344 10.08 -41.07 -23.85
C PRO E 344 8.71 -41.64 -24.25
N VAL E 345 8.51 -42.94 -24.11
CA VAL E 345 7.19 -43.50 -24.34
C VAL E 345 6.18 -42.79 -23.45
N ALA E 346 6.43 -42.81 -22.16
CA ALA E 346 5.53 -42.14 -21.27
C ALA E 346 5.31 -40.70 -21.67
N ILE E 347 6.38 -39.96 -21.94
CA ILE E 347 6.13 -38.57 -22.24
C ILE E 347 5.31 -38.49 -23.48
N GLN E 348 5.56 -39.35 -24.46
CA GLN E 348 4.73 -39.20 -25.69
C GLN E 348 3.29 -39.49 -25.38
N ALA E 349 3.03 -40.60 -24.72
CA ALA E 349 1.68 -40.94 -24.39
C ALA E 349 1.01 -39.76 -23.71
N GLY E 350 1.62 -39.32 -22.63
CA GLY E 350 1.05 -38.25 -21.87
C GLY E 350 0.79 -37.09 -22.77
N ARG E 351 1.77 -36.76 -23.57
CA ARG E 351 1.66 -35.62 -24.43
C ARG E 351 0.45 -35.78 -25.33
N LEU E 352 0.48 -36.86 -26.11
CA LEU E 352 -0.52 -37.06 -27.11
C LEU E 352 -1.88 -37.13 -26.48
N LEU E 353 -1.93 -37.66 -25.25
CA LEU E 353 -3.21 -37.80 -24.56
C LEU E 353 -3.89 -36.47 -24.41
N ALA E 354 -3.18 -35.53 -23.82
CA ALA E 354 -3.76 -34.22 -23.66
C ALA E 354 -4.18 -33.74 -25.04
N GLN E 355 -3.32 -33.93 -26.05
CA GLN E 355 -3.64 -33.48 -27.43
C GLN E 355 -4.99 -33.99 -27.88
N ARG E 356 -5.28 -35.28 -27.67
CA ARG E 356 -6.58 -35.82 -28.03
C ARG E 356 -7.67 -35.12 -27.24
N LEU E 357 -7.58 -35.21 -25.91
CA LEU E 357 -8.58 -34.65 -25.02
C LEU E 357 -8.92 -33.21 -25.36
N TYR E 358 -7.99 -32.31 -25.11
CA TYR E 358 -8.23 -30.88 -25.24
C TYR E 358 -7.83 -30.25 -26.55
N GLY E 359 -7.13 -30.97 -27.40
CA GLY E 359 -6.68 -30.36 -28.64
C GLY E 359 -7.36 -30.87 -29.88
N GLY E 360 -8.35 -31.73 -29.71
CA GLY E 360 -9.07 -32.28 -30.85
C GLY E 360 -8.17 -32.90 -31.91
N SER E 361 -7.30 -33.83 -31.50
CA SER E 361 -6.48 -34.60 -32.43
C SER E 361 -6.86 -36.06 -32.37
N THR E 362 -6.44 -36.79 -33.39
CA THR E 362 -6.79 -38.21 -33.48
C THR E 362 -5.61 -39.09 -33.37
N VAL E 363 -4.44 -38.50 -33.09
CA VAL E 363 -3.20 -39.27 -33.03
C VAL E 363 -3.04 -40.09 -31.78
N LYS E 364 -2.80 -41.39 -31.95
CA LYS E 364 -2.52 -42.20 -30.78
C LYS E 364 -1.04 -42.45 -30.67
N CYS E 365 -0.63 -42.98 -29.54
CA CYS E 365 0.78 -43.17 -29.29
C CYS E 365 1.07 -44.51 -29.90
N ASP E 366 2.16 -44.59 -30.67
CA ASP E 366 2.54 -45.81 -31.40
C ASP E 366 3.52 -46.63 -30.57
N TYR E 367 3.08 -47.67 -29.91
CA TYR E 367 4.05 -48.44 -29.12
C TYR E 367 4.84 -49.50 -29.94
N ASP E 368 4.92 -49.37 -31.26
CA ASP E 368 5.64 -50.40 -32.04
C ASP E 368 7.02 -49.99 -32.50
N ASN E 369 8.00 -50.87 -32.29
CA ASN E 369 9.36 -50.55 -32.71
C ASN E 369 9.90 -49.30 -32.05
N VAL E 370 9.76 -49.19 -30.74
CA VAL E 370 10.37 -48.03 -30.09
C VAL E 370 11.77 -48.43 -29.64
N PRO E 371 12.70 -47.59 -29.99
CA PRO E 371 14.11 -47.88 -29.81
C PRO E 371 14.43 -47.90 -28.35
N THR E 372 15.47 -48.60 -27.97
CA THR E 372 15.88 -48.48 -26.61
C THR E 372 17.37 -48.78 -26.54
N THR E 373 18.08 -48.31 -25.51
CA THR E 373 19.45 -48.72 -25.40
C THR E 373 19.86 -48.92 -23.96
N VAL E 374 20.60 -50.00 -23.69
CA VAL E 374 21.06 -50.35 -22.35
C VAL E 374 22.44 -49.83 -22.14
N PHE E 375 22.65 -48.95 -21.16
CA PHE E 375 23.97 -48.35 -21.00
C PHE E 375 25.02 -49.15 -20.21
N THR E 376 25.27 -50.37 -20.65
CA THR E 376 26.30 -51.17 -20.02
C THR E 376 27.67 -50.60 -20.39
N PRO E 377 28.74 -51.07 -19.80
CA PRO E 377 30.02 -50.48 -20.12
C PRO E 377 30.13 -50.38 -21.62
N LEU E 378 29.77 -51.46 -22.30
CA LEU E 378 29.73 -51.41 -23.74
C LEU E 378 28.28 -51.31 -24.10
N GLU E 379 27.88 -50.15 -24.57
CA GLU E 379 26.47 -49.90 -24.77
C GLU E 379 25.80 -50.79 -25.78
N TYR E 380 24.50 -50.99 -25.63
CA TYR E 380 23.76 -51.83 -26.56
C TYR E 380 22.44 -51.16 -26.96
N GLY E 381 22.33 -50.84 -28.24
CA GLY E 381 21.15 -50.14 -28.74
C GLY E 381 20.40 -51.09 -29.62
N CYS E 382 19.07 -50.99 -29.64
CA CYS E 382 18.35 -51.93 -30.47
C CYS E 382 16.99 -51.46 -30.71
N CYS E 383 16.42 -51.87 -31.84
CA CYS E 383 15.09 -51.45 -32.18
C CYS E 383 14.44 -52.46 -33.05
N GLY E 384 13.23 -52.87 -32.67
CA GLY E 384 12.54 -53.86 -33.46
C GLY E 384 12.64 -55.24 -32.88
N LEU E 385 12.49 -56.25 -33.71
CA LEU E 385 12.49 -57.60 -33.17
C LEU E 385 13.88 -58.10 -32.90
N SER E 386 14.00 -59.01 -31.95
CA SER E 386 15.24 -59.68 -31.75
C SER E 386 15.25 -60.87 -32.73
N GLU E 387 16.45 -61.28 -33.09
CA GLU E 387 16.61 -62.37 -33.98
C GLU E 387 15.66 -63.47 -33.63
N GLU E 388 15.75 -64.00 -32.41
CA GLU E 388 14.92 -65.16 -32.09
C GLU E 388 13.46 -64.84 -32.22
N LYS E 389 13.08 -63.65 -31.78
CA LYS E 389 11.67 -63.30 -31.91
C LYS E 389 11.25 -63.11 -33.37
N ALA E 390 12.22 -62.91 -34.24
CA ALA E 390 11.89 -62.69 -35.63
C ALA E 390 11.62 -64.02 -36.30
N VAL E 391 12.41 -65.04 -36.00
CA VAL E 391 12.13 -66.34 -36.61
C VAL E 391 10.80 -66.87 -36.09
N GLU E 392 10.49 -66.56 -34.84
CA GLU E 392 9.27 -67.04 -34.26
C GLU E 392 8.13 -66.45 -35.06
N LYS E 393 8.19 -65.14 -35.30
CA LYS E 393 7.09 -64.53 -35.99
C LYS E 393 7.10 -64.78 -37.47
N PHE E 394 8.27 -64.78 -38.08
CA PHE E 394 8.30 -64.91 -39.52
C PHE E 394 8.83 -66.25 -40.07
N GLY E 395 9.29 -67.12 -39.19
CA GLY E 395 9.79 -68.40 -39.65
C GLY E 395 11.26 -68.35 -40.05
N GLU E 396 12.04 -69.15 -39.35
CA GLU E 396 13.47 -69.28 -39.59
C GLU E 396 13.73 -69.17 -41.10
N GLU E 397 13.01 -69.97 -41.85
CA GLU E 397 13.11 -69.99 -43.30
C GLU E 397 13.21 -68.62 -43.92
N ASN E 398 12.48 -67.66 -43.38
CA ASN E 398 12.35 -66.38 -44.05
C ASN E 398 13.14 -65.24 -43.51
N ILE E 399 14.03 -65.55 -42.58
CA ILE E 399 14.85 -64.51 -42.00
C ILE E 399 16.27 -64.55 -42.51
N GLU E 400 16.80 -63.41 -42.90
CA GLU E 400 18.21 -63.34 -43.28
C GLU E 400 18.78 -62.27 -42.38
N VAL E 401 19.89 -62.60 -41.71
CA VAL E 401 20.48 -61.75 -40.71
C VAL E 401 21.87 -61.36 -41.11
N TYR E 402 22.04 -60.10 -41.47
CA TYR E 402 23.36 -59.63 -41.83
C TYR E 402 24.01 -59.05 -40.60
N HIS E 403 25.30 -59.35 -40.39
CA HIS E 403 26.12 -58.83 -39.26
C HIS E 403 27.63 -58.76 -39.50
N SER E 404 28.29 -58.06 -38.60
CA SER E 404 29.71 -57.85 -38.72
C SER E 404 30.24 -57.21 -37.45
N PHE E 405 31.50 -57.46 -37.14
CA PHE E 405 32.14 -56.81 -35.99
C PHE E 405 32.66 -55.47 -36.49
N PHE E 406 33.08 -54.60 -35.57
CA PHE E 406 33.70 -53.37 -35.98
C PHE E 406 34.58 -52.82 -34.86
N TRP E 407 35.52 -51.97 -35.23
CA TRP E 407 36.50 -51.47 -34.29
C TRP E 407 36.52 -49.97 -34.32
N PRO E 408 35.94 -49.33 -33.33
CA PRO E 408 35.89 -47.87 -33.28
C PRO E 408 37.24 -47.26 -33.49
N LEU E 409 37.36 -46.40 -34.48
CA LEU E 409 38.64 -45.83 -34.76
C LEU E 409 39.21 -45.26 -33.50
N GLU E 410 38.38 -44.71 -32.66
CA GLU E 410 38.90 -44.13 -31.44
C GLU E 410 39.63 -45.13 -30.57
N TRP E 411 39.38 -46.42 -30.80
CA TRP E 411 40.00 -47.40 -29.93
C TRP E 411 41.40 -47.86 -30.40
N THR E 412 41.79 -47.55 -31.62
CA THR E 412 43.04 -48.12 -32.07
C THR E 412 44.22 -47.53 -31.38
N VAL E 413 44.31 -46.20 -31.32
CA VAL E 413 45.47 -45.61 -30.70
C VAL E 413 45.68 -46.17 -29.32
N PRO E 414 44.64 -46.32 -28.54
CA PRO E 414 44.82 -46.92 -27.22
C PRO E 414 45.02 -48.41 -27.35
N SER E 415 44.76 -48.95 -28.52
CA SER E 415 44.99 -50.36 -28.73
C SER E 415 44.18 -51.31 -27.90
N ARG E 416 42.86 -51.24 -27.92
CA ARG E 416 42.09 -52.12 -27.09
C ARG E 416 40.82 -52.63 -27.72
N ASP E 417 40.26 -53.64 -27.08
CA ASP E 417 39.00 -54.16 -27.44
C ASP E 417 38.69 -54.27 -28.97
N ASN E 418 39.60 -54.83 -29.74
CA ASN E 418 39.28 -55.04 -31.14
C ASN E 418 38.23 -56.15 -31.25
N ASN E 419 37.48 -56.16 -32.34
CA ASN E 419 36.46 -57.16 -32.57
C ASN E 419 35.55 -57.44 -31.37
N LYS E 420 34.98 -56.38 -30.81
CA LYS E 420 34.08 -56.54 -29.69
C LYS E 420 32.78 -55.84 -30.00
N CYS E 421 32.86 -54.63 -30.56
CA CYS E 421 31.66 -53.94 -30.99
C CYS E 421 31.05 -54.79 -32.08
N TYR E 422 29.73 -54.98 -32.07
CA TYR E 422 29.05 -55.85 -33.04
C TYR E 422 27.83 -55.16 -33.56
N ALA E 423 27.43 -55.54 -34.75
CA ALA E 423 26.29 -54.89 -35.38
C ALA E 423 25.57 -55.90 -36.25
N LYS E 424 24.27 -56.01 -36.07
CA LYS E 424 23.49 -56.98 -36.83
C LYS E 424 22.19 -56.35 -37.24
N VAL E 425 21.59 -56.89 -38.28
CA VAL E 425 20.36 -56.37 -38.80
C VAL E 425 19.59 -57.60 -39.20
N ILE E 426 18.32 -57.69 -38.81
CA ILE E 426 17.50 -58.86 -39.16
C ILE E 426 16.45 -58.49 -40.19
N CYS E 427 16.41 -59.22 -41.30
CA CYS E 427 15.47 -58.94 -42.39
C CYS E 427 14.44 -60.00 -42.63
N ASN E 428 13.32 -59.58 -43.19
CA ASN E 428 12.24 -60.49 -43.54
C ASN E 428 12.27 -60.79 -45.04
N LEU E 429 12.82 -61.95 -45.39
CA LEU E 429 12.95 -62.37 -46.80
C LEU E 429 11.64 -62.28 -47.54
N LYS E 430 10.54 -62.49 -46.82
CA LYS E 430 9.21 -62.45 -47.41
C LYS E 430 8.70 -61.04 -47.64
N ASP E 431 9.45 -60.02 -47.23
CA ASP E 431 9.02 -58.65 -47.50
C ASP E 431 10.18 -57.77 -47.95
N ASN E 432 10.77 -58.12 -49.09
CA ASN E 432 11.87 -57.34 -49.58
C ASN E 432 12.94 -57.16 -48.52
N GLU E 433 13.07 -58.15 -47.66
CA GLU E 433 14.10 -58.09 -46.66
C GLU E 433 13.96 -56.80 -45.87
N ARG E 434 12.72 -56.50 -45.51
CA ARG E 434 12.39 -55.35 -44.69
C ARG E 434 13.20 -55.55 -43.43
N VAL E 435 13.94 -54.53 -42.98
CA VAL E 435 14.70 -54.67 -41.72
C VAL E 435 13.73 -54.58 -40.60
N VAL E 436 13.63 -55.64 -39.83
CA VAL E 436 12.64 -55.72 -38.79
C VAL E 436 13.28 -55.86 -37.44
N GLY E 437 14.60 -55.79 -37.45
CA GLY E 437 15.37 -55.85 -36.22
C GLY E 437 16.66 -55.10 -36.45
N PHE E 438 17.11 -54.40 -35.41
CA PHE E 438 18.32 -53.60 -35.50
C PHE E 438 19.04 -53.66 -34.19
N HIS E 439 20.28 -54.14 -34.22
CA HIS E 439 21.05 -54.20 -32.98
C HIS E 439 22.49 -53.78 -33.14
N VAL E 440 22.95 -52.90 -32.26
CA VAL E 440 24.34 -52.57 -32.26
C VAL E 440 24.84 -52.63 -30.85
N LEU E 441 26.02 -53.20 -30.72
CA LEU E 441 26.72 -53.24 -29.45
C LEU E 441 27.97 -52.46 -29.70
N GLY E 442 28.10 -51.27 -29.12
CA GLY E 442 29.26 -50.43 -29.35
C GLY E 442 29.12 -49.12 -28.60
N PRO E 443 29.97 -48.16 -28.86
CA PRO E 443 29.97 -46.91 -28.10
C PRO E 443 28.86 -46.06 -28.59
N ASN E 444 28.35 -45.15 -27.78
CA ASN E 444 27.33 -44.24 -28.27
C ASN E 444 26.17 -44.94 -28.94
N ALA E 445 25.92 -46.17 -28.52
CA ALA E 445 24.85 -46.97 -29.06
C ALA E 445 23.55 -46.19 -29.31
N GLY E 446 23.14 -45.35 -28.37
CA GLY E 446 21.88 -44.68 -28.46
C GLY E 446 21.90 -43.72 -29.61
N GLU E 447 22.95 -42.92 -29.67
CA GLU E 447 23.01 -41.94 -30.72
C GLU E 447 22.98 -42.71 -32.04
N VAL E 448 23.55 -43.89 -32.06
CA VAL E 448 23.55 -44.63 -33.31
C VAL E 448 22.15 -45.13 -33.64
N THR E 449 21.47 -45.70 -32.67
CA THR E 449 20.21 -46.37 -32.90
C THR E 449 19.09 -45.44 -33.27
N GLN E 450 19.01 -44.31 -32.58
CA GLN E 450 17.93 -43.32 -32.80
C GLN E 450 17.55 -43.21 -34.27
N GLY E 451 18.50 -42.75 -35.06
CA GLY E 451 18.24 -42.56 -36.46
C GLY E 451 17.52 -43.73 -37.12
N PHE E 452 18.14 -44.91 -37.03
CA PHE E 452 17.59 -46.11 -37.65
C PHE E 452 16.17 -46.40 -37.20
N ALA E 453 15.85 -46.02 -35.97
CA ALA E 453 14.55 -46.31 -35.46
C ALA E 453 13.56 -45.54 -36.31
N ALA E 454 13.96 -44.36 -36.74
CA ALA E 454 13.05 -43.61 -37.57
C ALA E 454 12.92 -44.32 -38.88
N ALA E 455 14.05 -44.78 -39.39
CA ALA E 455 13.98 -45.47 -40.66
C ALA E 455 13.00 -46.61 -40.51
N LEU E 456 13.07 -47.28 -39.38
CA LEU E 456 12.16 -48.40 -39.19
C LEU E 456 10.71 -47.91 -39.37
N LYS E 457 10.39 -46.72 -38.88
CA LYS E 457 9.03 -46.28 -39.07
C LYS E 457 8.75 -45.98 -40.52
N CYS E 458 9.77 -46.01 -41.37
CA CYS E 458 9.52 -45.72 -42.76
C CYS E 458 9.60 -46.98 -43.61
N GLY E 459 9.62 -48.13 -42.95
CA GLY E 459 9.69 -49.39 -43.65
C GLY E 459 11.02 -49.62 -44.37
N LEU E 460 12.12 -49.29 -43.70
CA LEU E 460 13.47 -49.46 -44.25
C LEU E 460 13.76 -50.85 -44.74
N THR E 461 14.09 -51.02 -46.02
CA THR E 461 14.51 -52.35 -46.48
C THR E 461 15.99 -52.49 -46.68
N LYS E 462 16.42 -53.74 -46.73
CA LYS E 462 17.82 -54.07 -46.85
C LYS E 462 18.44 -53.39 -48.05
N GLN E 463 17.74 -53.41 -49.16
CA GLN E 463 18.31 -52.76 -50.31
C GLN E 463 18.42 -51.26 -50.07
N GLN E 464 17.43 -50.67 -49.40
CA GLN E 464 17.50 -49.25 -49.18
C GLN E 464 18.65 -48.98 -48.23
N LEU E 465 18.79 -49.84 -47.23
CA LEU E 465 19.84 -49.68 -46.26
C LEU E 465 21.13 -49.59 -47.03
N ASP E 466 21.39 -50.61 -47.82
CA ASP E 466 22.66 -50.69 -48.52
C ASP E 466 22.87 -49.49 -49.40
N SER E 467 21.78 -48.98 -49.96
CA SER E 467 21.86 -47.87 -50.90
C SER E 467 22.30 -46.57 -50.23
N THR E 468 22.11 -46.53 -48.93
CA THR E 468 22.49 -45.41 -48.10
C THR E 468 24.00 -45.42 -48.05
N ILE E 469 24.64 -44.25 -48.03
CA ILE E 469 26.12 -44.21 -47.95
C ILE E 469 26.56 -43.92 -46.53
N GLY E 470 27.72 -44.39 -46.15
CA GLY E 470 28.12 -44.16 -44.78
C GLY E 470 28.89 -42.89 -44.50
N ILE E 471 28.79 -42.43 -43.25
CA ILE E 471 29.63 -41.35 -42.79
C ILE E 471 30.91 -42.00 -42.30
N HIS E 472 32.04 -41.47 -42.73
CA HIS E 472 33.28 -42.10 -42.33
C HIS E 472 34.27 -41.08 -41.75
N PRO E 473 35.02 -41.46 -40.73
CA PRO E 473 34.95 -42.77 -40.08
C PRO E 473 34.17 -42.65 -38.81
N VAL E 474 33.08 -43.40 -38.76
CA VAL E 474 32.15 -43.27 -37.65
C VAL E 474 31.55 -44.66 -37.38
N CYS E 475 31.34 -44.99 -36.11
CA CYS E 475 30.82 -46.30 -35.85
C CYS E 475 29.64 -46.66 -36.71
N ALA E 476 28.59 -45.87 -36.65
CA ALA E 476 27.37 -46.20 -37.36
C ALA E 476 27.52 -46.73 -38.78
N GLU E 477 28.58 -46.35 -39.46
CA GLU E 477 28.65 -46.77 -40.85
C GLU E 477 28.59 -48.27 -41.14
N ILE E 478 28.99 -49.13 -40.23
CA ILE E 478 28.97 -50.53 -40.63
C ILE E 478 27.58 -50.95 -41.09
N PHE E 479 26.56 -50.24 -40.64
CA PHE E 479 25.24 -50.67 -41.03
C PHE E 479 25.03 -50.39 -42.51
N THR E 480 25.92 -49.61 -43.06
CA THR E 480 25.80 -49.10 -44.38
C THR E 480 26.38 -50.14 -45.31
N THR E 481 27.07 -51.11 -44.71
CA THR E 481 27.72 -52.16 -45.48
C THR E 481 27.67 -53.53 -44.84
N LEU E 482 26.51 -53.95 -44.35
CA LEU E 482 26.41 -55.30 -43.84
C LEU E 482 26.26 -56.30 -44.98
N SER E 483 27.33 -57.01 -45.29
CA SER E 483 27.29 -57.88 -46.42
C SER E 483 27.29 -59.34 -46.06
N VAL E 484 27.85 -59.67 -44.90
CA VAL E 484 27.95 -61.08 -44.59
C VAL E 484 26.71 -61.56 -43.89
N THR E 485 26.13 -62.66 -44.33
CA THR E 485 24.96 -63.24 -43.64
C THR E 485 25.33 -64.30 -42.66
N LYS E 486 24.57 -64.39 -41.59
CA LYS E 486 24.84 -65.46 -40.68
C LYS E 486 24.64 -66.78 -41.34
N ARG E 487 23.58 -66.90 -42.10
CA ARG E 487 23.24 -68.20 -42.69
C ARG E 487 24.35 -68.85 -43.53
N SER E 488 25.38 -68.10 -43.89
CA SER E 488 26.38 -68.64 -44.82
C SER E 488 27.67 -68.20 -44.29
N GLY E 489 27.54 -67.52 -43.24
CA GLY E 489 28.63 -66.71 -42.88
C GLY E 489 30.04 -67.03 -43.09
N GLY E 490 30.68 -67.31 -42.05
CA GLY E 490 32.07 -67.33 -42.27
C GLY E 490 32.45 -66.25 -41.34
N ASP E 491 33.72 -65.94 -41.43
CA ASP E 491 34.31 -65.04 -40.50
C ASP E 491 33.86 -63.63 -40.70
N ILE E 492 33.67 -62.98 -39.58
CA ILE E 492 33.40 -61.57 -39.61
C ILE E 492 34.41 -60.92 -38.67
N LEU E 493 35.53 -61.61 -38.38
CA LEU E 493 36.55 -61.05 -37.49
C LEU E 493 37.70 -60.45 -38.27
N GLN E 494 37.56 -59.22 -38.78
CA GLN E 494 38.68 -58.63 -39.52
C GLN E 494 38.84 -57.15 -39.25
N SER E 495 39.86 -56.82 -38.47
CA SER E 495 39.99 -55.44 -38.06
C SER E 495 40.81 -54.69 -39.00
N GLY E 496 41.66 -55.34 -39.69
CA GLY E 496 42.44 -54.48 -40.49
C GLY E 496 41.79 -53.89 -41.67
N CYS E 497 42.68 -53.85 -42.63
CA CYS E 497 42.40 -53.29 -43.92
C CYS E 497 42.08 -54.33 -44.92
N CYS E 498 40.83 -54.36 -45.29
CA CYS E 498 40.48 -55.34 -46.26
C CYS E 498 39.52 -54.81 -47.22
N GLY E 499 39.40 -53.50 -47.34
CA GLY E 499 38.69 -53.07 -48.52
C GLY E 499 38.23 -51.64 -48.55
N SER F 10 43.09 -62.20 -74.39
CA SER F 10 44.56 -61.97 -74.56
C SER F 10 44.99 -60.52 -74.31
N TYR F 11 45.22 -60.20 -73.04
CA TYR F 11 45.68 -58.90 -72.56
C TYR F 11 46.19 -59.27 -71.19
N ASP F 12 47.29 -58.67 -70.75
CA ASP F 12 47.83 -58.96 -69.42
C ASP F 12 46.78 -59.08 -68.31
N PHE F 13 45.97 -58.05 -68.14
CA PHE F 13 44.99 -58.03 -67.08
C PHE F 13 43.60 -57.78 -67.61
N ASP F 14 42.61 -58.31 -66.91
CA ASP F 14 41.23 -58.03 -67.25
C ASP F 14 41.01 -56.59 -66.91
N LEU F 15 41.50 -56.20 -65.74
CA LEU F 15 41.30 -54.87 -65.22
C LEU F 15 42.52 -54.32 -64.49
N ILE F 16 42.89 -53.10 -64.84
CA ILE F 16 43.97 -52.44 -64.16
C ILE F 16 43.36 -51.26 -63.45
N ILE F 17 43.77 -51.08 -62.22
CA ILE F 17 43.25 -50.00 -61.42
C ILE F 17 44.36 -49.00 -61.15
N ILE F 18 44.14 -47.77 -61.61
CA ILE F 18 45.12 -46.73 -61.44
C ILE F 18 44.81 -45.98 -60.16
N GLY F 19 45.51 -46.34 -59.09
CA GLY F 19 45.32 -45.70 -57.81
C GLY F 19 44.93 -46.70 -56.76
N GLY F 20 45.64 -46.72 -55.64
CA GLY F 20 45.31 -47.67 -54.61
C GLY F 20 44.61 -46.99 -53.47
N GLY F 21 43.66 -46.12 -53.79
CA GLY F 21 42.96 -45.38 -52.76
C GLY F 21 41.62 -45.96 -52.32
N SER F 22 40.79 -45.11 -51.73
CA SER F 22 39.50 -45.58 -51.25
C SER F 22 38.75 -46.30 -52.34
N GLY F 23 38.62 -45.67 -53.47
CA GLY F 23 37.87 -46.25 -54.55
C GLY F 23 38.63 -47.39 -55.16
N GLY F 24 39.90 -47.13 -55.42
CA GLY F 24 40.71 -48.11 -56.09
C GLY F 24 40.66 -49.46 -55.42
N LEU F 25 41.05 -49.50 -54.15
CA LEU F 25 41.13 -50.78 -53.47
C LEU F 25 39.77 -51.44 -53.40
N ALA F 26 38.73 -50.61 -53.30
CA ALA F 26 37.39 -51.15 -53.29
C ALA F 26 37.15 -51.97 -54.55
N ALA F 27 37.31 -51.33 -55.69
CA ALA F 27 37.03 -52.05 -56.92
C ALA F 27 37.85 -53.33 -56.99
N ALA F 28 39.11 -53.24 -56.61
CA ALA F 28 39.95 -54.41 -56.74
C ALA F 28 39.43 -55.54 -55.87
N LYS F 29 39.20 -55.25 -54.60
CA LYS F 29 38.74 -56.26 -53.68
C LYS F 29 37.53 -57.00 -54.24
N GLU F 30 36.58 -56.27 -54.83
CA GLU F 30 35.39 -56.92 -55.38
C GLU F 30 35.75 -57.63 -56.65
N ALA F 31 36.33 -56.87 -57.58
CA ALA F 31 36.69 -57.46 -58.84
C ALA F 31 37.17 -58.83 -58.53
N ALA F 32 38.04 -58.91 -57.55
CA ALA F 32 38.73 -60.15 -57.21
C ALA F 32 37.83 -61.33 -56.87
N LYS F 33 36.60 -61.04 -56.52
CA LYS F 33 35.72 -62.12 -56.13
C LYS F 33 35.37 -63.02 -57.31
N PHE F 34 35.45 -62.46 -58.51
CA PHE F 34 35.00 -63.17 -59.69
C PHE F 34 36.09 -63.80 -60.52
N ASP F 35 37.19 -64.18 -59.87
CA ASP F 35 38.31 -64.81 -60.58
C ASP F 35 38.64 -63.99 -61.84
N LYS F 36 39.34 -62.89 -61.67
CA LYS F 36 39.67 -62.05 -62.80
C LYS F 36 41.06 -61.55 -62.55
N LYS F 37 41.88 -61.47 -63.57
CA LYS F 37 43.22 -60.97 -63.37
C LYS F 37 43.14 -59.48 -63.16
N VAL F 38 43.51 -58.99 -61.98
CA VAL F 38 43.53 -57.55 -61.80
C VAL F 38 44.81 -57.14 -61.13
N MET F 39 45.16 -55.89 -61.41
CA MET F 39 46.33 -55.27 -60.85
C MET F 39 45.96 -53.88 -60.45
N VAL F 40 46.42 -53.44 -59.28
CA VAL F 40 46.27 -52.05 -58.90
C VAL F 40 47.65 -51.43 -58.80
N LEU F 41 47.80 -50.27 -59.43
CA LEU F 41 49.04 -49.55 -59.34
C LEU F 41 48.76 -48.45 -58.34
N ASP F 42 49.71 -48.20 -57.47
CA ASP F 42 49.56 -47.06 -56.61
C ASP F 42 50.92 -46.46 -56.40
N PHE F 43 50.98 -45.14 -56.40
CA PHE F 43 52.25 -44.47 -56.22
C PHE F 43 52.01 -43.15 -55.57
N VAL F 44 52.86 -42.79 -54.65
CA VAL F 44 52.57 -41.59 -53.91
C VAL F 44 53.62 -40.57 -54.20
N THR F 45 53.26 -39.63 -55.04
CA THR F 45 54.19 -38.59 -55.36
C THR F 45 54.37 -37.75 -54.11
N PRO F 46 55.62 -37.43 -53.84
CA PRO F 46 56.05 -36.61 -52.71
C PRO F 46 55.44 -35.24 -52.67
N THR F 47 55.35 -34.66 -51.49
CA THR F 47 54.86 -33.29 -51.37
C THR F 47 56.07 -32.47 -51.65
N PRO F 48 55.89 -31.19 -51.83
CA PRO F 48 57.02 -30.29 -52.02
C PRO F 48 58.07 -30.49 -50.92
N LEU F 49 57.63 -30.63 -49.67
CA LEU F 49 58.55 -30.86 -48.55
C LEU F 49 59.05 -32.28 -48.52
N GLY F 50 58.61 -33.08 -49.48
CA GLY F 50 59.07 -34.44 -49.67
C GLY F 50 58.45 -35.54 -48.84
N THR F 51 57.24 -35.33 -48.32
CA THR F 51 56.74 -36.39 -47.48
C THR F 51 56.00 -37.44 -48.31
N ASN F 52 56.03 -38.69 -47.86
CA ASN F 52 55.48 -39.83 -48.59
C ASN F 52 54.59 -40.63 -47.64
N TRP F 53 53.92 -41.66 -48.18
CA TRP F 53 53.17 -42.59 -47.34
C TRP F 53 52.86 -43.87 -48.13
N GLY F 54 52.18 -44.81 -47.51
CA GLY F 54 51.97 -46.09 -48.15
C GLY F 54 50.62 -46.32 -48.81
N LEU F 55 50.42 -47.58 -49.19
CA LEU F 55 49.23 -48.01 -49.87
C LEU F 55 48.08 -47.62 -48.98
N GLY F 56 46.98 -47.25 -49.59
CA GLY F 56 45.80 -46.90 -48.84
C GLY F 56 45.08 -45.67 -49.33
N GLY F 57 45.78 -44.75 -50.00
CA GLY F 57 45.11 -43.55 -50.47
C GLY F 57 44.99 -42.45 -49.43
N THR F 58 44.32 -41.35 -49.79
CA THR F 58 44.27 -40.18 -48.92
C THR F 58 43.63 -40.41 -47.58
N CYS F 59 42.45 -41.01 -47.61
CA CYS F 59 41.72 -41.23 -46.38
C CYS F 59 42.59 -41.88 -45.36
N VAL F 60 43.25 -42.95 -45.75
CA VAL F 60 44.02 -43.72 -44.81
C VAL F 60 45.28 -43.05 -44.31
N ASN F 61 46.04 -42.41 -45.18
CA ASN F 61 47.34 -41.86 -44.74
C ASN F 61 47.33 -40.40 -44.33
N VAL F 62 46.47 -39.59 -44.94
CA VAL F 62 46.52 -38.15 -44.72
C VAL F 62 45.13 -37.55 -44.81
N GLY F 63 44.11 -38.34 -44.54
CA GLY F 63 42.75 -37.84 -44.56
C GLY F 63 41.96 -38.23 -43.35
N CYS F 64 40.80 -38.84 -43.59
CA CYS F 64 39.91 -39.18 -42.49
C CYS F 64 40.68 -39.84 -41.33
N ILE F 65 41.47 -40.87 -41.63
CA ILE F 65 42.01 -41.64 -40.53
C ILE F 65 42.76 -40.84 -39.49
N PRO F 66 43.80 -40.15 -39.87
CA PRO F 66 44.58 -39.36 -38.93
C PRO F 66 43.76 -38.18 -38.43
N LYS F 67 42.99 -37.56 -39.31
CA LYS F 67 42.17 -36.43 -38.89
C LYS F 67 41.27 -36.80 -37.72
N LYS F 68 40.50 -37.85 -37.87
CA LYS F 68 39.65 -38.21 -36.76
C LYS F 68 40.51 -38.50 -35.52
N LEU F 69 41.52 -39.33 -35.65
CA LEU F 69 42.34 -39.62 -34.48
C LEU F 69 42.73 -38.37 -33.76
N MET F 70 43.25 -37.38 -34.47
CA MET F 70 43.74 -36.22 -33.76
C MET F 70 42.57 -35.48 -33.21
N HIS F 71 41.51 -35.49 -33.97
CA HIS F 71 40.31 -34.86 -33.46
C HIS F 71 40.07 -35.56 -32.10
N GLN F 72 40.20 -36.88 -32.07
CA GLN F 72 39.92 -37.58 -30.83
C GLN F 72 40.90 -37.18 -29.76
N ALA F 73 42.13 -36.86 -30.16
CA ALA F 73 43.10 -36.41 -29.18
C ALA F 73 42.53 -35.19 -28.52
N ALA F 74 41.88 -34.34 -29.29
CA ALA F 74 41.44 -33.09 -28.71
C ALA F 74 40.26 -33.30 -27.80
N LEU F 75 39.36 -34.14 -28.24
CA LEU F 75 38.21 -34.39 -27.43
C LEU F 75 38.66 -35.00 -26.10
N LEU F 76 39.66 -35.90 -26.10
CA LEU F 76 40.05 -36.51 -24.86
C LEU F 76 40.55 -35.45 -23.94
N GLY F 77 41.14 -34.41 -24.50
CA GLY F 77 41.62 -33.33 -23.65
C GLY F 77 40.44 -32.79 -22.88
N GLN F 78 39.41 -32.43 -23.63
CA GLN F 78 38.21 -31.89 -23.03
C GLN F 78 37.73 -32.94 -22.09
N ALA F 79 37.97 -34.19 -22.42
CA ALA F 79 37.46 -35.23 -21.54
C ALA F 79 38.16 -35.18 -20.21
N LEU F 80 39.46 -34.95 -20.21
CA LEU F 80 40.17 -34.88 -18.94
C LEU F 80 39.60 -33.82 -18.09
N LYS F 81 39.25 -32.68 -18.71
CA LYS F 81 38.70 -31.55 -18.00
C LYS F 81 37.39 -31.95 -17.36
N ASP F 82 36.53 -32.57 -18.14
CA ASP F 82 35.24 -32.97 -17.60
C ASP F 82 35.39 -33.91 -16.44
N SER F 83 36.36 -34.80 -16.43
CA SER F 83 36.36 -35.78 -15.37
C SER F 83 36.42 -35.21 -13.94
N ARG F 84 36.76 -33.95 -13.81
CA ARG F 84 36.86 -33.40 -12.46
C ARG F 84 35.50 -33.47 -11.75
N ASN F 85 34.48 -32.89 -12.34
CA ASN F 85 33.23 -32.88 -11.59
C ASN F 85 32.60 -34.24 -11.48
N TYR F 86 33.11 -35.24 -12.19
CA TYR F 86 32.53 -36.56 -12.05
C TYR F 86 33.22 -37.38 -11.00
N GLY F 87 34.28 -36.83 -10.43
CA GLY F 87 34.90 -37.49 -9.30
C GLY F 87 36.34 -37.84 -9.46
N TRP F 88 36.88 -37.72 -10.66
CA TRP F 88 38.26 -38.12 -10.82
C TRP F 88 39.10 -36.93 -10.48
N LYS F 89 40.12 -37.12 -9.66
CA LYS F 89 40.98 -35.99 -9.25
C LYS F 89 42.24 -35.85 -10.09
N LEU F 90 42.21 -34.89 -11.01
CA LEU F 90 43.32 -34.65 -11.93
C LEU F 90 44.12 -33.41 -11.60
N GLU F 91 45.30 -33.25 -12.16
CA GLU F 91 45.99 -31.99 -11.86
C GLU F 91 45.51 -30.92 -12.77
N ASP F 92 45.36 -29.75 -12.18
CA ASP F 92 44.96 -28.56 -12.92
C ASP F 92 45.27 -28.57 -14.40
N THR F 93 46.47 -29.02 -14.74
CA THR F 93 46.77 -28.96 -16.15
C THR F 93 47.63 -30.11 -16.66
N VAL F 94 47.12 -30.75 -17.70
CA VAL F 94 47.81 -31.84 -18.32
C VAL F 94 48.34 -31.36 -19.65
N LYS F 95 49.64 -31.56 -19.86
CA LYS F 95 50.27 -31.11 -21.10
C LYS F 95 50.20 -32.16 -22.18
N HIS F 96 50.23 -31.70 -23.44
CA HIS F 96 50.07 -32.61 -24.55
C HIS F 96 51.38 -32.84 -25.27
N ASP F 97 51.57 -34.02 -25.83
CA ASP F 97 52.82 -34.31 -26.50
C ASP F 97 52.66 -34.64 -27.98
N TRP F 98 52.90 -33.63 -28.81
CA TRP F 98 52.70 -33.79 -30.24
C TRP F 98 53.39 -35.05 -30.75
N GLU F 99 54.65 -35.18 -30.36
CA GLU F 99 55.49 -36.29 -30.76
C GLU F 99 54.74 -37.58 -30.49
N LYS F 100 54.53 -37.85 -29.22
CA LYS F 100 53.86 -39.06 -28.85
C LYS F 100 52.62 -39.32 -29.67
N MET F 101 51.76 -38.32 -29.83
CA MET F 101 50.53 -38.50 -30.56
C MET F 101 50.76 -38.91 -31.99
N THR F 102 51.53 -38.15 -32.74
CA THR F 102 51.63 -38.53 -34.14
C THR F 102 52.30 -39.87 -34.27
N GLU F 103 53.04 -40.24 -33.26
CA GLU F 103 53.67 -41.53 -33.32
C GLU F 103 52.57 -42.55 -33.37
N SER F 104 51.70 -42.52 -32.38
CA SER F 104 50.67 -43.52 -32.36
C SER F 104 49.82 -43.42 -33.60
N VAL F 105 49.55 -42.22 -34.07
CA VAL F 105 48.76 -42.10 -35.26
C VAL F 105 49.42 -42.90 -36.38
N GLN F 106 50.63 -42.49 -36.69
CA GLN F 106 51.34 -43.09 -37.78
C GLN F 106 51.42 -44.57 -37.59
N ASN F 107 51.80 -44.98 -36.39
CA ASN F 107 51.88 -46.38 -36.07
C ASN F 107 50.62 -47.12 -36.54
N HIS F 108 49.44 -46.55 -36.33
CA HIS F 108 48.24 -47.21 -36.78
C HIS F 108 48.19 -47.20 -38.30
N ILE F 109 48.51 -46.06 -38.89
CA ILE F 109 48.51 -45.97 -40.35
C ILE F 109 49.26 -47.15 -40.98
N GLY F 110 50.49 -47.32 -40.51
CA GLY F 110 51.34 -48.39 -41.00
C GLY F 110 50.55 -49.67 -40.97
N SER F 111 49.89 -49.88 -39.85
CA SER F 111 49.10 -51.05 -39.65
C SER F 111 48.16 -51.21 -40.81
N LEU F 112 47.62 -50.09 -41.23
CA LEU F 112 46.66 -50.09 -42.34
C LEU F 112 47.38 -50.34 -43.64
N ASN F 113 48.47 -49.62 -43.82
CA ASN F 113 49.27 -49.79 -45.01
C ASN F 113 49.44 -51.25 -45.25
N TRP F 114 50.05 -51.94 -44.30
CA TRP F 114 50.29 -53.36 -44.44
C TRP F 114 49.05 -54.16 -44.70
N GLY F 115 48.04 -53.90 -43.91
CA GLY F 115 46.84 -54.66 -44.02
C GLY F 115 46.37 -54.69 -45.46
N TYR F 116 46.33 -53.54 -46.09
CA TYR F 116 45.86 -53.48 -47.45
C TYR F 116 46.72 -54.33 -48.33
N ARG F 117 48.01 -54.10 -48.27
CA ARG F 117 48.91 -54.90 -49.06
C ARG F 117 48.58 -56.37 -48.88
N VAL F 118 48.46 -56.77 -47.63
CA VAL F 118 48.21 -58.14 -47.32
C VAL F 118 46.97 -58.61 -48.01
N ALA F 119 45.95 -57.79 -47.92
CA ALA F 119 44.66 -58.22 -48.44
C ALA F 119 44.73 -58.37 -49.93
N LEU F 120 45.43 -57.47 -50.59
CA LEU F 120 45.54 -57.60 -52.01
C LEU F 120 46.22 -58.93 -52.32
N ARG F 121 47.27 -59.24 -51.58
CA ARG F 121 48.01 -60.46 -51.83
C ARG F 121 47.12 -61.68 -51.64
N GLU F 122 46.24 -61.63 -50.65
CA GLU F 122 45.40 -62.80 -50.40
C GLU F 122 44.33 -62.99 -51.45
N LYS F 123 43.80 -61.85 -51.91
CA LYS F 123 42.75 -61.85 -52.89
C LYS F 123 43.33 -62.12 -54.26
N LYS F 124 44.64 -62.32 -54.34
CA LYS F 124 45.27 -62.61 -55.62
C LYS F 124 45.24 -61.42 -56.57
N VAL F 125 45.46 -60.23 -56.05
CA VAL F 125 45.49 -59.07 -56.90
C VAL F 125 46.89 -58.59 -56.98
N VAL F 126 47.39 -58.40 -58.20
CA VAL F 126 48.74 -57.92 -58.38
C VAL F 126 48.85 -56.46 -57.86
N TYR F 127 49.80 -56.20 -56.99
CA TYR F 127 50.00 -54.83 -56.55
C TYR F 127 51.40 -54.42 -56.94
N GLU F 128 51.50 -53.31 -57.64
CA GLU F 128 52.77 -52.81 -58.09
C GLU F 128 52.82 -51.37 -57.63
N ASN F 129 53.86 -51.03 -56.89
CA ASN F 129 54.01 -49.66 -56.41
C ASN F 129 54.70 -48.90 -57.52
N ALA F 130 53.88 -48.35 -58.41
CA ALA F 130 54.39 -47.62 -59.55
C ALA F 130 53.38 -46.60 -60.03
N TYR F 131 53.87 -45.54 -60.66
CA TYR F 131 52.99 -44.52 -61.16
C TYR F 131 52.39 -44.91 -62.51
N GLY F 132 51.08 -44.86 -62.65
CA GLY F 132 50.46 -45.25 -63.90
C GLY F 132 50.28 -44.14 -64.93
N LYS F 133 50.59 -44.43 -66.20
CA LYS F 133 50.44 -43.45 -67.28
C LYS F 133 50.04 -44.15 -68.56
N PHE F 134 48.92 -43.77 -69.13
CA PHE F 134 48.43 -44.40 -70.34
C PHE F 134 49.40 -44.06 -71.47
N ILE F 135 49.65 -45.00 -72.37
CA ILE F 135 50.51 -44.70 -73.52
C ILE F 135 49.74 -44.85 -74.78
N GLY F 136 48.67 -45.64 -74.72
CA GLY F 136 47.87 -45.90 -75.89
C GLY F 136 46.79 -46.88 -75.54
N PRO F 137 45.89 -47.09 -76.50
CA PRO F 137 44.73 -47.97 -76.32
C PRO F 137 45.07 -49.18 -75.47
N HIS F 138 44.29 -49.44 -74.45
CA HIS F 138 44.54 -50.65 -73.70
C HIS F 138 45.93 -50.79 -73.13
N LYS F 139 46.78 -49.78 -73.28
CA LYS F 139 48.11 -49.96 -72.72
C LYS F 139 48.54 -48.89 -71.77
N ILE F 140 49.18 -49.31 -70.68
CA ILE F 140 49.65 -48.35 -69.71
C ILE F 140 51.08 -48.61 -69.31
N MET F 141 51.77 -47.54 -68.97
CA MET F 141 53.14 -47.64 -68.55
C MET F 141 53.26 -47.31 -67.08
N ALA F 142 53.85 -48.21 -66.30
CA ALA F 142 53.98 -47.97 -64.87
C ALA F 142 55.40 -47.61 -64.57
N THR F 143 55.61 -46.41 -64.08
CA THR F 143 56.95 -46.03 -63.73
C THR F 143 57.22 -46.36 -62.27
N ASN F 144 58.15 -47.29 -62.10
CA ASN F 144 58.65 -47.74 -60.83
C ASN F 144 59.12 -46.57 -59.99
N ASN F 145 59.56 -46.86 -58.78
CA ASN F 145 60.09 -45.79 -57.93
C ASN F 145 61.45 -45.36 -58.36
N LYS F 146 62.22 -46.31 -58.87
CA LYS F 146 63.58 -46.08 -59.32
C LYS F 146 63.64 -45.55 -60.76
N GLY F 147 62.48 -45.44 -61.41
CA GLY F 147 62.44 -44.93 -62.76
C GLY F 147 62.30 -46.00 -63.81
N LYS F 148 62.33 -47.27 -63.40
CA LYS F 148 62.21 -48.38 -64.36
C LYS F 148 60.79 -48.43 -64.87
N GLU F 149 60.65 -48.46 -66.19
CA GLU F 149 59.31 -48.49 -66.76
C GLU F 149 58.93 -49.88 -67.12
N LYS F 150 57.63 -50.10 -67.17
CA LYS F 150 57.10 -51.36 -67.60
C LYS F 150 55.73 -51.09 -68.14
N VAL F 151 55.37 -51.79 -69.20
CA VAL F 151 54.10 -51.58 -69.88
C VAL F 151 53.12 -52.70 -69.63
N TYR F 152 51.85 -52.38 -69.47
CA TYR F 152 50.89 -53.44 -69.34
C TYR F 152 49.67 -53.21 -70.19
N SER F 153 48.94 -54.29 -70.44
CA SER F 153 47.74 -54.23 -71.24
C SER F 153 46.57 -54.76 -70.44
N ALA F 154 45.40 -54.21 -70.69
CA ALA F 154 44.22 -54.64 -69.96
C ALA F 154 42.98 -54.45 -70.82
N GLU F 155 41.97 -55.26 -70.57
CA GLU F 155 40.73 -55.09 -71.32
C GLU F 155 39.96 -53.88 -70.80
N ARG F 156 40.08 -53.60 -69.50
CA ARG F 156 39.40 -52.45 -68.93
C ARG F 156 40.27 -51.71 -67.92
N PHE F 157 40.00 -50.43 -67.74
CA PHE F 157 40.78 -49.62 -66.83
C PHE F 157 39.88 -48.87 -65.89
N LEU F 158 40.35 -48.66 -64.66
CA LEU F 158 39.63 -47.82 -63.70
C LEU F 158 40.54 -46.73 -63.20
N ILE F 159 40.22 -45.48 -63.51
CA ILE F 159 40.99 -44.34 -63.09
C ILE F 159 40.55 -43.99 -61.71
N ALA F 160 41.40 -44.23 -60.72
CA ALA F 160 41.05 -43.91 -59.35
C ALA F 160 42.23 -43.23 -58.67
N THR F 161 42.66 -42.11 -59.22
CA THR F 161 43.83 -41.42 -58.72
C THR F 161 43.54 -40.37 -57.66
N GLY F 162 42.27 -40.04 -57.45
CA GLY F 162 42.00 -39.00 -56.47
C GLY F 162 42.71 -37.69 -56.75
N GLU F 163 42.73 -36.79 -55.77
CA GLU F 163 43.33 -35.47 -55.97
C GLU F 163 44.36 -35.18 -54.88
N ARG F 164 45.01 -34.02 -54.94
CA ARG F 164 46.00 -33.63 -53.93
C ARG F 164 45.86 -32.14 -53.52
N PRO F 165 46.43 -31.74 -52.38
CA PRO F 165 46.31 -30.36 -51.91
C PRO F 165 46.69 -29.38 -52.94
N ARG F 166 46.11 -28.20 -52.83
CA ARG F 166 46.35 -27.11 -53.78
C ARG F 166 47.20 -26.04 -53.08
N TYR F 167 48.18 -25.45 -53.75
CA TYR F 167 48.88 -24.34 -53.12
C TYR F 167 48.32 -23.00 -53.66
N LEU F 168 48.61 -21.89 -52.98
CA LEU F 168 48.24 -20.56 -53.46
C LEU F 168 49.34 -20.13 -54.42
N GLY F 169 49.02 -19.42 -55.49
CA GLY F 169 50.11 -19.02 -56.38
C GLY F 169 51.21 -18.19 -55.68
N ILE F 170 50.94 -17.75 -54.45
CA ILE F 170 51.80 -16.83 -53.71
C ILE F 170 53.17 -17.36 -53.39
N PRO F 171 54.16 -16.47 -53.36
CA PRO F 171 55.54 -16.83 -53.06
C PRO F 171 55.79 -17.38 -51.66
N GLY F 172 56.66 -18.38 -51.58
CA GLY F 172 57.04 -19.00 -50.33
C GLY F 172 56.11 -20.08 -49.87
N ASP F 173 54.94 -20.15 -50.48
CA ASP F 173 53.94 -21.10 -50.04
C ASP F 173 54.42 -22.55 -50.14
N LYS F 174 54.87 -22.97 -51.33
CA LYS F 174 55.39 -24.31 -51.55
C LYS F 174 56.59 -24.56 -50.70
N GLU F 175 57.38 -23.53 -50.50
CA GLU F 175 58.64 -23.72 -49.79
C GLU F 175 58.55 -23.69 -48.25
N TYR F 176 57.60 -22.95 -47.69
CA TYR F 176 57.53 -22.83 -46.23
C TYR F 176 56.26 -23.32 -45.56
N CYS F 177 55.23 -23.57 -46.34
CA CYS F 177 53.98 -23.99 -45.74
C CYS F 177 53.80 -25.47 -45.83
N ILE F 178 52.76 -25.97 -45.19
CA ILE F 178 52.46 -27.38 -45.24
C ILE F 178 50.99 -27.47 -45.56
N SER F 179 50.53 -28.65 -45.95
CA SER F 179 49.12 -28.89 -46.20
C SER F 179 48.78 -30.12 -45.39
N SER F 180 47.54 -30.59 -45.51
CA SER F 180 47.13 -31.79 -44.82
C SER F 180 48.17 -32.83 -45.11
N ASP F 181 48.55 -32.97 -46.38
CA ASP F 181 49.50 -34.03 -46.71
C ASP F 181 50.61 -34.10 -45.67
N ASP F 182 51.12 -32.94 -45.25
CA ASP F 182 52.26 -32.96 -44.33
C ASP F 182 51.86 -33.05 -42.87
N LEU F 183 50.75 -32.38 -42.55
CA LEU F 183 50.37 -32.24 -41.15
C LEU F 183 50.46 -33.50 -40.36
N PHE F 184 49.79 -34.53 -40.83
CA PHE F 184 49.70 -35.73 -40.03
C PHE F 184 50.99 -36.51 -39.79
N SER F 185 52.12 -36.01 -40.31
CA SER F 185 53.38 -36.69 -40.10
C SER F 185 54.38 -35.70 -39.55
N LEU F 186 53.91 -34.51 -39.22
CA LEU F 186 54.83 -33.52 -38.71
C LEU F 186 55.76 -34.16 -37.69
N PRO F 187 57.06 -34.00 -37.89
CA PRO F 187 58.04 -34.47 -36.94
C PRO F 187 58.22 -33.52 -35.79
N TYR F 188 57.46 -32.45 -35.70
CA TYR F 188 57.62 -31.59 -34.52
C TYR F 188 56.28 -30.91 -34.29
N CYS F 189 56.08 -30.39 -33.08
CA CYS F 189 54.83 -29.72 -32.73
C CYS F 189 54.69 -28.43 -33.53
N PRO F 190 53.61 -28.28 -34.25
CA PRO F 190 53.43 -27.14 -35.16
C PRO F 190 53.63 -25.78 -34.53
N GLY F 191 53.32 -25.64 -33.24
CA GLY F 191 53.45 -24.35 -32.58
C GLY F 191 52.31 -23.41 -32.97
N LYS F 192 52.45 -22.13 -32.69
CA LYS F 192 51.45 -21.14 -33.09
C LYS F 192 51.26 -21.30 -34.56
N THR F 193 50.03 -21.55 -34.98
CA THR F 193 49.83 -21.70 -36.41
C THR F 193 48.67 -20.91 -37.02
N LEU F 194 48.79 -20.70 -38.31
CA LEU F 194 47.81 -19.98 -39.08
C LEU F 194 47.29 -20.99 -40.04
N VAL F 195 45.98 -21.04 -40.20
CA VAL F 195 45.36 -21.96 -41.14
C VAL F 195 44.58 -21.15 -42.17
N VAL F 196 44.93 -21.36 -43.42
CA VAL F 196 44.35 -20.62 -44.52
C VAL F 196 43.35 -21.47 -45.22
N GLY F 197 42.10 -21.02 -45.24
CA GLY F 197 41.05 -21.76 -45.89
C GLY F 197 39.90 -21.91 -44.91
N ALA F 198 38.69 -22.19 -45.39
CA ALA F 198 37.59 -22.28 -44.46
C ALA F 198 36.66 -23.46 -44.67
N SER F 199 37.00 -24.41 -45.50
CA SER F 199 36.11 -25.55 -45.65
C SER F 199 36.42 -26.65 -44.58
N TYR F 200 35.88 -27.85 -44.76
CA TYR F 200 36.07 -28.90 -43.74
C TYR F 200 37.50 -29.04 -43.30
N VAL F 201 38.42 -29.31 -44.22
CA VAL F 201 39.81 -29.54 -43.78
C VAL F 201 40.32 -28.43 -42.91
N ALA F 202 40.24 -27.24 -43.47
CA ALA F 202 40.70 -26.09 -42.77
C ALA F 202 40.20 -26.01 -41.34
N LEU F 203 38.88 -25.96 -41.21
CA LEU F 203 38.30 -25.81 -39.90
C LEU F 203 38.54 -27.01 -38.98
N GLU F 204 38.45 -28.22 -39.49
CA GLU F 204 38.69 -29.37 -38.64
C GLU F 204 40.11 -29.33 -38.11
N CYS F 205 41.10 -29.08 -38.97
CA CYS F 205 42.47 -29.11 -38.50
C CYS F 205 42.69 -27.96 -37.55
N ALA F 206 42.15 -26.80 -37.89
CA ALA F 206 42.34 -25.66 -37.02
C ALA F 206 41.76 -26.08 -35.71
N GLY F 207 40.66 -26.80 -35.80
CA GLY F 207 39.95 -27.23 -34.62
C GLY F 207 40.77 -28.05 -33.66
N PHE F 208 41.33 -29.15 -34.15
CA PHE F 208 42.03 -29.98 -33.21
C PHE F 208 43.36 -29.41 -32.81
N LEU F 209 44.04 -28.75 -33.71
CA LEU F 209 45.30 -28.17 -33.28
C LEU F 209 45.00 -27.32 -32.02
N ALA F 210 43.88 -26.61 -32.04
CA ALA F 210 43.54 -25.76 -30.93
C ALA F 210 43.23 -26.57 -29.70
N GLY F 211 42.50 -27.65 -29.90
CA GLY F 211 42.06 -28.46 -28.79
C GLY F 211 43.22 -29.13 -28.09
N ILE F 212 44.29 -29.30 -28.84
CA ILE F 212 45.50 -29.94 -28.35
C ILE F 212 46.26 -28.91 -27.59
N GLY F 213 45.85 -27.67 -27.67
CA GLY F 213 46.47 -26.63 -26.87
C GLY F 213 47.31 -25.58 -27.58
N LEU F 214 47.19 -25.49 -28.90
CA LEU F 214 48.01 -24.56 -29.67
C LEU F 214 47.32 -23.24 -29.92
N ASP F 215 48.11 -22.21 -30.18
CA ASP F 215 47.59 -20.91 -30.56
C ASP F 215 47.18 -21.07 -32.02
N VAL F 216 45.89 -21.03 -32.31
CA VAL F 216 45.46 -21.23 -33.68
C VAL F 216 44.75 -19.99 -34.28
N THR F 217 44.90 -19.75 -35.57
CA THR F 217 44.22 -18.65 -36.19
C THR F 217 43.82 -19.08 -37.58
N VAL F 218 42.58 -18.81 -37.93
CA VAL F 218 42.09 -19.18 -39.25
C VAL F 218 41.84 -17.94 -40.08
N MET F 219 42.34 -17.95 -41.31
CA MET F 219 42.16 -16.82 -42.22
C MET F 219 41.18 -17.20 -43.28
N VAL F 220 40.03 -16.54 -43.32
CA VAL F 220 39.03 -16.88 -44.34
C VAL F 220 38.94 -15.83 -45.43
N ARG F 221 38.76 -16.33 -46.64
CA ARG F 221 38.67 -15.50 -47.83
C ARG F 221 37.28 -14.93 -47.90
N SER F 222 36.28 -15.78 -47.73
CA SER F 222 34.92 -15.29 -47.77
C SER F 222 34.08 -15.83 -46.62
N ILE F 223 33.24 -16.77 -46.98
CA ILE F 223 32.27 -17.37 -46.11
C ILE F 223 32.83 -18.70 -45.65
N LEU F 224 32.30 -19.28 -44.58
CA LEU F 224 32.80 -20.55 -44.07
C LEU F 224 32.02 -21.69 -44.63
N LEU F 225 32.68 -22.84 -44.77
CA LEU F 225 32.03 -24.06 -45.25
C LEU F 225 31.16 -23.77 -46.44
N ARG F 226 31.71 -23.12 -47.45
CA ARG F 226 30.91 -22.82 -48.60
C ARG F 226 30.36 -24.13 -49.08
N GLY F 227 29.07 -24.17 -49.40
CA GLY F 227 28.45 -25.39 -49.88
C GLY F 227 27.48 -25.99 -48.88
N PHE F 228 27.67 -25.70 -47.60
CA PHE F 228 26.79 -26.24 -46.61
C PHE F 228 25.89 -25.16 -46.01
N ASP F 229 24.86 -25.63 -45.32
CA ASP F 229 23.91 -24.76 -44.67
C ASP F 229 24.63 -23.66 -43.96
N GLN F 230 24.69 -22.51 -44.60
CA GLN F 230 25.38 -21.38 -44.01
C GLN F 230 25.06 -21.06 -42.54
N ASP F 231 23.85 -21.30 -42.08
CA ASP F 231 23.56 -21.03 -40.67
C ASP F 231 24.36 -22.00 -39.80
N MET F 232 24.20 -23.29 -40.06
CA MET F 232 24.98 -24.28 -39.32
C MET F 232 26.43 -23.86 -39.35
N ALA F 233 26.89 -23.41 -40.51
CA ALA F 233 28.29 -23.00 -40.68
C ALA F 233 28.67 -21.93 -39.69
N ASN F 234 27.87 -20.87 -39.67
CA ASN F 234 28.14 -19.78 -38.76
C ASN F 234 28.13 -20.23 -37.32
N LYS F 235 27.20 -21.10 -36.98
CA LYS F 235 27.16 -21.63 -35.64
C LYS F 235 28.53 -22.20 -35.33
N ILE F 236 28.98 -23.09 -36.23
CA ILE F 236 30.23 -23.78 -36.06
C ILE F 236 31.28 -22.75 -35.84
N GLY F 237 31.28 -21.74 -36.68
CA GLY F 237 32.24 -20.67 -36.54
C GLY F 237 32.22 -20.12 -35.11
N GLU F 238 31.07 -19.62 -34.71
CA GLU F 238 31.04 -18.91 -33.44
C GLU F 238 31.58 -19.76 -32.34
N HIS F 239 31.37 -21.06 -32.47
CA HIS F 239 31.81 -21.99 -31.44
C HIS F 239 33.32 -22.06 -31.44
N MET F 240 33.93 -22.20 -32.61
CA MET F 240 35.37 -22.20 -32.65
C MET F 240 35.91 -20.92 -32.02
N GLU F 241 35.24 -19.81 -32.32
CA GLU F 241 35.69 -18.51 -31.82
C GLU F 241 35.62 -18.53 -30.30
N GLU F 242 34.51 -19.03 -29.80
CA GLU F 242 34.28 -19.07 -28.39
C GLU F 242 35.28 -19.97 -27.65
N HIS F 243 35.87 -20.94 -28.35
CA HIS F 243 36.79 -21.84 -27.68
C HIS F 243 38.22 -21.62 -28.21
N GLY F 244 38.65 -20.36 -28.13
CA GLY F 244 40.01 -19.94 -28.46
C GLY F 244 40.59 -20.11 -29.85
N ILE F 245 39.76 -20.15 -30.89
CA ILE F 245 40.33 -20.15 -32.22
C ILE F 245 40.18 -18.74 -32.78
N LYS F 246 41.29 -18.07 -33.07
CA LYS F 246 41.24 -16.71 -33.58
C LYS F 246 40.91 -16.72 -35.08
N PHE F 247 40.05 -15.79 -35.50
CA PHE F 247 39.68 -15.68 -36.91
C PHE F 247 40.03 -14.34 -37.50
N ILE F 248 40.46 -14.36 -38.76
CA ILE F 248 40.80 -13.18 -39.53
C ILE F 248 39.89 -13.27 -40.73
N ARG F 249 38.94 -12.36 -40.84
CA ARG F 249 37.97 -12.48 -41.92
C ARG F 249 38.25 -11.63 -43.17
N GLN F 250 38.00 -12.22 -44.32
CA GLN F 250 38.18 -11.52 -45.58
C GLN F 250 39.62 -11.08 -45.83
N PHE F 251 40.52 -12.07 -45.92
CA PHE F 251 41.93 -11.82 -46.10
C PHE F 251 42.56 -12.99 -46.84
N VAL F 252 43.53 -12.70 -47.69
CA VAL F 252 44.20 -13.78 -48.40
C VAL F 252 45.69 -13.54 -48.36
N PRO F 253 46.48 -14.59 -48.13
CA PRO F 253 47.93 -14.45 -48.01
C PRO F 253 48.51 -13.96 -49.32
N THR F 254 49.48 -13.06 -49.30
CA THR F 254 50.09 -12.56 -50.54
C THR F 254 51.44 -13.16 -50.69
N LYS F 255 52.13 -13.30 -49.57
CA LYS F 255 53.48 -13.79 -49.58
C LYS F 255 53.78 -14.30 -48.21
N ILE F 256 54.60 -15.34 -48.17
CA ILE F 256 54.96 -15.91 -46.91
C ILE F 256 56.47 -16.12 -46.93
N GLU F 257 57.15 -15.37 -46.07
CA GLU F 257 58.61 -15.41 -46.05
C GLU F 257 59.08 -15.93 -44.71
N GLN F 258 60.25 -16.56 -44.71
CA GLN F 258 60.74 -17.16 -43.50
C GLN F 258 61.72 -16.32 -42.68
N ILE F 259 61.32 -15.91 -41.48
CA ILE F 259 62.20 -15.10 -40.67
C ILE F 259 63.30 -15.96 -40.16
N GLU F 260 63.01 -17.22 -39.90
CA GLU F 260 64.05 -18.07 -39.37
C GLU F 260 63.70 -19.53 -39.57
N ALA F 261 64.69 -20.32 -39.96
CA ALA F 261 64.41 -21.75 -40.13
C ALA F 261 64.49 -22.43 -38.82
N GLY F 262 64.15 -23.71 -38.85
CA GLY F 262 64.11 -24.45 -37.62
C GLY F 262 62.92 -25.37 -37.69
N THR F 263 62.87 -26.31 -36.75
CA THR F 263 61.79 -27.27 -36.71
C THR F 263 60.57 -26.36 -36.63
N PRO F 264 59.92 -26.18 -35.50
CA PRO F 264 58.98 -25.07 -35.52
C PRO F 264 59.90 -23.86 -35.83
N GLY F 265 59.88 -23.41 -37.10
CA GLY F 265 60.63 -22.24 -37.50
C GLY F 265 59.74 -21.03 -37.32
N ARG F 266 60.13 -19.90 -37.92
CA ARG F 266 59.34 -18.69 -37.80
C ARG F 266 59.00 -18.15 -39.18
N LEU F 267 57.72 -18.08 -39.48
CA LEU F 267 57.32 -17.55 -40.78
C LEU F 267 56.64 -16.18 -40.63
N LYS F 268 56.80 -15.33 -41.63
CA LYS F 268 56.19 -14.02 -41.65
C LYS F 268 55.16 -14.00 -42.75
N VAL F 269 53.89 -13.94 -42.36
CA VAL F 269 52.82 -13.92 -43.35
C VAL F 269 52.19 -12.54 -43.56
N THR F 270 51.99 -12.15 -44.82
CA THR F 270 51.27 -10.91 -45.07
C THR F 270 50.06 -11.19 -45.94
N ALA F 271 48.98 -10.46 -45.69
CA ALA F 271 47.78 -10.65 -46.47
C ALA F 271 47.10 -9.32 -46.83
N LYS F 272 46.20 -9.39 -47.81
CA LYS F 272 45.41 -8.26 -48.26
C LYS F 272 43.96 -8.75 -48.34
N SER F 273 42.97 -7.85 -48.29
CA SER F 273 41.59 -8.29 -48.38
C SER F 273 40.89 -7.84 -49.65
N THR F 274 39.61 -7.49 -49.51
CA THR F 274 38.84 -6.91 -50.61
C THR F 274 38.75 -5.42 -50.28
N ASN F 275 39.64 -5.02 -49.39
CA ASN F 275 39.70 -3.71 -48.80
C ASN F 275 40.95 -2.95 -49.21
N SER F 276 41.86 -3.58 -49.98
CA SER F 276 43.16 -2.97 -50.33
C SER F 276 44.13 -2.73 -49.14
N GLU F 277 43.67 -3.04 -47.92
CA GLU F 277 44.48 -3.04 -46.69
C GLU F 277 45.47 -4.19 -46.69
N GLU F 278 46.57 -4.05 -45.95
CA GLU F 278 47.52 -5.13 -45.80
C GLU F 278 47.84 -5.40 -44.32
N THR F 279 47.95 -6.66 -43.89
CA THR F 279 48.46 -6.95 -42.53
C THR F 279 49.65 -7.88 -42.53
N ILE F 280 50.73 -7.48 -41.86
CA ILE F 280 51.88 -8.36 -41.70
C ILE F 280 51.62 -9.23 -40.47
N GLU F 281 50.78 -10.21 -40.72
CA GLU F 281 50.39 -11.15 -39.70
C GLU F 281 51.60 -11.55 -38.89
N ASP F 282 51.54 -11.17 -37.61
CA ASP F 282 52.58 -11.54 -36.71
C ASP F 282 52.95 -12.91 -37.18
N GLU F 283 54.25 -13.13 -37.36
CA GLU F 283 54.82 -14.45 -37.58
C GLU F 283 54.08 -15.61 -36.87
N PHE F 284 54.10 -16.78 -37.51
CA PHE F 284 53.61 -18.00 -36.90
C PHE F 284 54.75 -19.01 -37.07
N ASN F 285 54.58 -20.16 -36.42
CA ASN F 285 55.53 -21.24 -36.51
C ASN F 285 55.23 -22.14 -37.69
N THR F 286 53.94 -22.37 -37.91
CA THR F 286 53.48 -23.23 -38.98
C THR F 286 52.40 -22.53 -39.76
N VAL F 287 52.39 -22.67 -41.07
CA VAL F 287 51.24 -22.17 -41.80
C VAL F 287 50.54 -23.33 -42.50
N LEU F 288 49.34 -23.65 -42.05
CA LEU F 288 48.59 -24.75 -42.66
C LEU F 288 47.86 -24.23 -43.87
N LEU F 289 48.24 -24.73 -45.02
CA LEU F 289 47.73 -24.20 -46.24
C LEU F 289 46.57 -24.92 -46.87
N ALA F 290 45.98 -25.91 -46.24
CA ALA F 290 44.87 -26.58 -46.94
C ALA F 290 43.80 -25.60 -47.40
N VAL F 291 43.58 -25.55 -48.71
CA VAL F 291 42.75 -24.52 -49.33
C VAL F 291 42.10 -25.02 -50.63
N GLY F 292 42.42 -26.20 -51.10
CA GLY F 292 41.44 -26.85 -52.01
C GLY F 292 42.15 -28.09 -52.45
N ARG F 293 41.60 -28.87 -53.37
CA ARG F 293 42.36 -30.01 -53.88
C ARG F 293 42.12 -30.14 -55.38
N ASP F 294 43.15 -30.56 -56.13
CA ASP F 294 43.05 -30.72 -57.59
C ASP F 294 43.23 -32.14 -58.08
N SER F 295 42.25 -32.57 -58.87
CA SER F 295 42.21 -33.92 -59.42
C SER F 295 43.49 -34.35 -60.12
N CYS F 296 44.00 -35.52 -59.77
CA CYS F 296 45.18 -36.04 -60.44
C CYS F 296 44.84 -36.65 -61.80
N THR F 297 44.54 -35.82 -62.78
CA THR F 297 44.15 -36.37 -64.06
C THR F 297 44.92 -35.68 -65.15
N ARG F 298 45.85 -34.80 -64.77
CA ARG F 298 46.64 -34.09 -65.77
C ARG F 298 47.80 -34.91 -66.31
N THR F 299 48.53 -35.62 -65.47
CA THR F 299 49.74 -36.30 -65.93
C THR F 299 49.69 -37.82 -66.03
N ILE F 300 48.53 -38.40 -66.33
CA ILE F 300 48.51 -39.86 -66.47
C ILE F 300 48.28 -40.32 -67.91
N GLY F 301 48.64 -39.48 -68.88
CA GLY F 301 48.51 -39.84 -70.27
C GLY F 301 47.11 -40.02 -70.81
N LEU F 302 46.17 -39.18 -70.37
CA LEU F 302 44.81 -39.34 -70.86
C LEU F 302 44.69 -39.09 -72.37
N GLU F 303 45.36 -38.06 -72.88
CA GLU F 303 45.26 -37.83 -74.33
C GLU F 303 45.48 -39.09 -75.16
N THR F 304 46.41 -39.94 -74.74
CA THR F 304 46.77 -41.12 -75.53
C THR F 304 45.69 -42.17 -75.63
N VAL F 305 44.59 -42.01 -74.91
CA VAL F 305 43.53 -43.01 -74.98
C VAL F 305 42.23 -42.35 -75.38
N GLY F 306 42.24 -41.02 -75.35
CA GLY F 306 41.09 -40.27 -75.78
C GLY F 306 40.06 -40.07 -74.70
N VAL F 307 40.49 -40.00 -73.45
CA VAL F 307 39.53 -39.75 -72.39
C VAL F 307 39.32 -38.24 -72.22
N LYS F 308 38.07 -37.80 -72.29
CA LYS F 308 37.76 -36.39 -72.17
C LYS F 308 37.63 -36.03 -70.69
N ILE F 309 38.04 -34.80 -70.36
CA ILE F 309 37.93 -34.33 -68.99
C ILE F 309 37.65 -32.84 -69.00
N ASN F 310 37.08 -32.35 -67.92
CA ASN F 310 36.87 -30.92 -67.79
C ASN F 310 38.22 -30.27 -67.65
N GLU F 311 38.66 -29.57 -68.70
CA GLU F 311 39.98 -28.97 -68.67
C GLU F 311 40.18 -27.94 -67.57
N LYS F 312 39.10 -27.37 -67.04
CA LYS F 312 39.26 -26.35 -66.00
C LYS F 312 39.50 -27.00 -64.66
N THR F 313 38.52 -27.76 -64.17
CA THR F 313 38.64 -28.53 -62.92
C THR F 313 38.95 -29.93 -63.34
N GLY F 314 40.19 -30.36 -63.32
CA GLY F 314 40.48 -31.67 -63.86
C GLY F 314 39.51 -32.84 -63.65
N LYS F 315 38.30 -32.60 -63.15
CA LYS F 315 37.39 -33.70 -62.90
C LYS F 315 37.00 -34.44 -64.18
N ILE F 316 36.67 -35.73 -64.06
CA ILE F 316 36.28 -36.54 -65.22
C ILE F 316 34.77 -36.77 -65.33
N PRO F 317 34.18 -36.29 -66.40
CA PRO F 317 32.75 -36.45 -66.67
C PRO F 317 32.49 -37.92 -66.80
N VAL F 318 31.32 -38.41 -66.39
CA VAL F 318 31.10 -39.84 -66.53
C VAL F 318 29.61 -40.16 -66.59
N THR F 319 29.29 -41.37 -67.01
CA THR F 319 27.90 -41.80 -67.12
C THR F 319 27.42 -42.13 -65.72
N ASP F 320 26.15 -42.51 -65.62
CA ASP F 320 25.58 -42.85 -64.35
C ASP F 320 26.09 -44.22 -63.95
N GLU F 321 27.06 -44.73 -64.69
CA GLU F 321 27.58 -46.04 -64.39
C GLU F 321 29.06 -45.94 -64.19
N GLU F 322 29.58 -44.71 -64.28
CA GLU F 322 31.00 -44.44 -64.05
C GLU F 322 31.87 -44.72 -65.28
N GLN F 323 31.22 -44.85 -66.42
CA GLN F 323 31.92 -45.09 -67.69
C GLN F 323 32.34 -43.75 -68.26
N THR F 324 33.59 -43.65 -68.69
CA THR F 324 34.04 -42.42 -69.32
C THR F 324 33.54 -42.41 -70.75
N ASN F 325 34.02 -41.47 -71.55
CA ASN F 325 33.60 -41.37 -72.95
C ASN F 325 34.24 -42.52 -73.68
N VAL F 326 35.28 -43.10 -73.06
CA VAL F 326 35.95 -44.25 -73.63
C VAL F 326 35.43 -45.50 -72.95
N PRO F 327 34.75 -46.31 -73.73
CA PRO F 327 33.98 -47.48 -73.28
C PRO F 327 34.65 -48.39 -72.27
N TYR F 328 35.95 -48.61 -72.38
CA TYR F 328 36.60 -49.55 -71.50
C TYR F 328 37.31 -48.85 -70.36
N ILE F 329 37.07 -47.55 -70.24
CA ILE F 329 37.73 -46.75 -69.21
C ILE F 329 36.75 -46.12 -68.22
N TYR F 330 36.83 -46.51 -66.96
CA TYR F 330 35.94 -45.97 -65.95
C TYR F 330 36.73 -45.17 -64.94
N ALA F 331 36.04 -44.37 -64.16
CA ALA F 331 36.71 -43.58 -63.14
C ALA F 331 35.86 -43.61 -61.88
N ILE F 332 36.48 -43.27 -60.76
CA ILE F 332 35.80 -43.37 -59.49
C ILE F 332 36.31 -42.41 -58.45
N GLY F 333 35.49 -42.11 -57.46
CA GLY F 333 35.96 -41.30 -56.35
C GLY F 333 36.00 -39.82 -56.64
N ASP F 334 36.89 -39.13 -55.94
CA ASP F 334 37.01 -37.68 -55.97
C ASP F 334 37.00 -37.19 -57.40
N ILE F 335 37.79 -37.87 -58.21
CA ILE F 335 38.01 -37.52 -59.59
C ILE F 335 36.72 -37.22 -60.34
N LEU F 336 35.63 -37.84 -59.92
CA LEU F 336 34.36 -37.72 -60.60
C LEU F 336 33.80 -36.32 -60.64
N GLU F 337 33.46 -35.86 -61.84
CA GLU F 337 32.90 -34.54 -61.94
C GLU F 337 31.47 -34.58 -61.51
N GLY F 338 31.09 -33.66 -60.62
CA GLY F 338 29.71 -33.61 -60.21
C GLY F 338 29.39 -34.51 -59.05
N LYS F 339 30.24 -35.44 -58.68
CA LYS F 339 29.86 -36.27 -57.53
C LYS F 339 30.34 -35.70 -56.19
N LEU F 340 30.52 -36.54 -55.18
CA LEU F 340 30.93 -36.07 -53.85
C LEU F 340 32.34 -36.55 -53.64
N GLU F 341 33.13 -35.84 -52.86
CA GLU F 341 34.47 -36.35 -52.62
C GLU F 341 34.47 -36.95 -51.23
N LEU F 342 33.95 -38.17 -51.14
CA LEU F 342 33.83 -38.86 -49.85
C LEU F 342 34.23 -40.32 -49.96
N THR F 343 34.91 -40.80 -48.94
CA THR F 343 35.41 -42.15 -48.98
C THR F 343 34.37 -43.23 -49.23
N PRO F 344 33.37 -43.25 -48.38
CA PRO F 344 32.31 -44.27 -48.47
C PRO F 344 31.68 -44.20 -49.84
N VAL F 345 31.49 -42.99 -50.37
CA VAL F 345 30.99 -42.86 -51.72
C VAL F 345 31.94 -43.61 -52.65
N ALA F 346 33.21 -43.23 -52.59
CA ALA F 346 34.21 -43.85 -53.45
C ALA F 346 34.16 -45.36 -53.31
N ILE F 347 34.17 -45.86 -52.09
CA ILE F 347 34.18 -47.31 -51.93
C ILE F 347 32.91 -47.88 -52.53
N GLN F 348 31.76 -47.25 -52.31
CA GLN F 348 30.58 -47.88 -52.88
C GLN F 348 30.66 -47.91 -54.40
N ALA F 349 30.97 -46.76 -54.98
CA ALA F 349 31.10 -46.67 -56.41
C ALA F 349 31.95 -47.83 -56.92
N GLY F 350 33.18 -47.87 -56.45
CA GLY F 350 34.08 -48.92 -56.82
C GLY F 350 33.48 -50.29 -56.61
N ARG F 351 32.95 -50.52 -55.43
CA ARG F 351 32.36 -51.80 -55.15
C ARG F 351 31.35 -52.16 -56.21
N LEU F 352 30.33 -51.32 -56.33
CA LEU F 352 29.24 -51.61 -57.22
C LEU F 352 29.72 -51.75 -58.65
N LEU F 353 30.73 -50.95 -59.03
CA LEU F 353 31.25 -50.99 -60.40
C LEU F 353 31.63 -52.39 -60.72
N ALA F 354 32.57 -52.91 -59.94
CA ALA F 354 32.98 -54.27 -60.15
C ALA F 354 31.78 -55.22 -60.19
N GLN F 355 30.81 -55.01 -59.31
CA GLN F 355 29.64 -55.87 -59.28
C GLN F 355 28.85 -55.81 -60.57
N ARG F 356 28.79 -54.64 -61.20
CA ARG F 356 28.13 -54.55 -62.50
C ARG F 356 28.95 -55.33 -63.53
N LEU F 357 30.21 -54.94 -63.67
CA LEU F 357 31.12 -55.53 -64.64
C LEU F 357 31.16 -57.06 -64.61
N TYR F 358 31.66 -57.61 -63.52
CA TYR F 358 31.86 -59.05 -63.44
C TYR F 358 30.81 -59.85 -62.66
N GLY F 359 29.88 -59.16 -62.01
CA GLY F 359 28.86 -59.87 -61.25
C GLY F 359 27.47 -59.90 -61.85
N GLY F 360 27.31 -59.28 -63.02
CA GLY F 360 26.00 -59.21 -63.64
C GLY F 360 24.95 -58.57 -62.74
N SER F 361 25.20 -57.35 -62.27
CA SER F 361 24.23 -56.62 -61.47
C SER F 361 23.82 -55.36 -62.23
N THR F 362 22.66 -54.78 -61.91
CA THR F 362 22.28 -53.52 -62.56
C THR F 362 22.29 -52.37 -61.60
N VAL F 363 22.78 -52.61 -60.39
CA VAL F 363 22.74 -51.58 -59.37
C VAL F 363 23.75 -50.49 -59.58
N LYS F 364 23.32 -49.24 -59.61
CA LYS F 364 24.30 -48.20 -59.69
C LYS F 364 24.38 -47.46 -58.38
N CYS F 365 25.36 -46.60 -58.28
CA CYS F 365 25.64 -45.95 -57.01
C CYS F 365 24.80 -44.71 -56.93
N ASP F 366 24.12 -44.54 -55.82
CA ASP F 366 23.16 -43.45 -55.70
C ASP F 366 23.82 -42.29 -55.00
N TYR F 367 24.12 -41.24 -55.75
CA TYR F 367 24.77 -40.08 -55.17
C TYR F 367 23.80 -39.07 -54.54
N ASP F 368 22.60 -39.50 -54.17
CA ASP F 368 21.67 -38.55 -53.59
C ASP F 368 21.47 -38.65 -52.08
N ASN F 369 21.54 -37.52 -51.38
CA ASN F 369 21.30 -37.52 -49.95
C ASN F 369 22.29 -38.36 -49.23
N VAL F 370 23.55 -38.23 -49.58
CA VAL F 370 24.56 -38.95 -48.83
C VAL F 370 24.93 -38.09 -47.64
N PRO F 371 24.88 -38.69 -46.47
CA PRO F 371 25.20 -38.02 -45.21
C PRO F 371 26.63 -37.65 -45.17
N THR F 372 26.96 -36.69 -44.35
CA THR F 372 28.31 -36.29 -44.21
C THR F 372 28.43 -35.61 -42.87
N THR F 373 29.60 -35.63 -42.24
CA THR F 373 29.76 -34.86 -41.02
C THR F 373 31.15 -34.27 -41.00
N VAL F 374 31.24 -33.05 -40.47
CA VAL F 374 32.50 -32.35 -40.34
C VAL F 374 32.93 -32.40 -38.92
N PHE F 375 34.12 -32.91 -38.64
CA PHE F 375 34.56 -33.06 -37.26
C PHE F 375 35.23 -31.84 -36.62
N THR F 376 34.52 -30.72 -36.64
CA THR F 376 35.03 -29.56 -35.98
C THR F 376 34.89 -29.81 -34.49
N PRO F 377 35.50 -28.97 -33.65
CA PRO F 377 35.42 -29.19 -32.19
C PRO F 377 34.03 -29.62 -31.78
N LEU F 378 33.04 -28.89 -32.28
CA LEU F 378 31.65 -29.27 -32.05
C LEU F 378 31.18 -29.86 -33.36
N GLU F 379 31.00 -31.17 -33.39
CA GLU F 379 30.74 -31.82 -34.66
C GLU F 379 29.51 -31.29 -35.38
N TYR F 380 29.45 -31.48 -36.69
CA TYR F 380 28.27 -31.09 -37.46
C TYR F 380 27.92 -32.16 -38.47
N GLY F 381 26.74 -32.75 -38.31
CA GLY F 381 26.32 -33.82 -39.18
C GLY F 381 25.19 -33.32 -40.03
N CYS F 382 25.09 -33.77 -41.27
CA CYS F 382 23.95 -33.33 -42.08
C CYS F 382 23.70 -34.23 -43.25
N CYS F 383 22.44 -34.26 -43.67
CA CYS F 383 22.09 -35.09 -44.75
C CYS F 383 20.95 -34.45 -45.48
N GLY F 384 21.09 -34.34 -46.79
CA GLY F 384 20.05 -33.78 -47.62
C GLY F 384 20.27 -32.32 -47.91
N LEU F 385 19.20 -31.60 -48.17
CA LEU F 385 19.34 -30.21 -48.55
C LEU F 385 19.63 -29.25 -47.41
N SER F 386 20.31 -28.17 -47.72
CA SER F 386 20.52 -27.15 -46.73
C SER F 386 19.31 -26.26 -46.81
N GLU F 387 18.95 -25.68 -45.69
CA GLU F 387 17.81 -24.78 -45.63
C GLU F 387 17.70 -23.90 -46.88
N GLU F 388 18.72 -23.09 -47.10
CA GLU F 388 18.63 -22.14 -48.20
C GLU F 388 18.46 -22.89 -49.49
N LYS F 389 19.13 -24.02 -49.61
CA LYS F 389 19.04 -24.79 -50.86
C LYS F 389 17.64 -25.38 -51.05
N ALA F 390 16.95 -25.60 -49.93
CA ALA F 390 15.62 -26.17 -50.01
C ALA F 390 14.61 -25.15 -50.45
N VAL F 391 14.77 -23.92 -49.98
CA VAL F 391 13.84 -22.88 -50.40
C VAL F 391 14.04 -22.62 -51.88
N GLU F 392 15.27 -22.71 -52.33
CA GLU F 392 15.54 -22.44 -53.73
C GLU F 392 14.82 -23.50 -54.53
N LYS F 393 14.99 -24.75 -54.12
CA LYS F 393 14.41 -25.84 -54.87
C LYS F 393 12.92 -25.92 -54.76
N PHE F 394 12.37 -25.67 -53.58
CA PHE F 394 10.93 -25.84 -53.41
C PHE F 394 10.09 -24.59 -53.16
N GLY F 395 10.77 -23.46 -52.94
CA GLY F 395 10.05 -22.23 -52.71
C GLY F 395 9.84 -21.95 -51.25
N GLU F 396 10.34 -20.81 -50.81
CA GLU F 396 10.21 -20.40 -49.43
C GLU F 396 8.86 -20.84 -48.94
N GLU F 397 7.81 -20.42 -49.64
CA GLU F 397 6.46 -20.69 -49.17
C GLU F 397 6.21 -22.11 -48.79
N ASN F 398 6.91 -23.05 -49.42
CA ASN F 398 6.62 -24.45 -49.17
C ASN F 398 7.52 -25.17 -48.18
N ILE F 399 8.41 -24.45 -47.52
CA ILE F 399 9.25 -25.15 -46.57
C ILE F 399 8.96 -24.78 -45.15
N GLU F 400 9.02 -25.79 -44.28
CA GLU F 400 8.84 -25.59 -42.87
C GLU F 400 10.06 -26.19 -42.20
N VAL F 401 10.67 -25.42 -41.33
CA VAL F 401 11.90 -25.82 -40.67
C VAL F 401 11.67 -25.94 -39.18
N TYR F 402 11.61 -27.16 -38.67
CA TYR F 402 11.48 -27.35 -37.22
C TYR F 402 12.89 -27.39 -36.62
N HIS F 403 13.11 -26.76 -35.48
CA HIS F 403 14.44 -26.78 -34.88
C HIS F 403 14.43 -26.49 -33.40
N SER F 404 15.54 -26.81 -32.72
CA SER F 404 15.65 -26.49 -31.33
C SER F 404 17.06 -26.68 -30.90
N PHE F 405 17.33 -26.21 -29.69
CA PHE F 405 18.64 -26.33 -29.11
C PHE F 405 18.65 -27.53 -28.19
N PHE F 406 19.81 -27.97 -27.75
CA PHE F 406 19.82 -29.03 -26.75
C PHE F 406 21.12 -29.06 -25.98
N TRP F 407 21.07 -29.66 -24.79
CA TRP F 407 22.19 -29.71 -23.87
C TRP F 407 22.56 -31.15 -23.57
N PRO F 408 23.67 -31.64 -24.03
CA PRO F 408 23.97 -33.04 -23.79
C PRO F 408 24.06 -33.28 -22.31
N LEU F 409 23.36 -34.30 -21.82
CA LEU F 409 23.36 -34.56 -20.40
C LEU F 409 24.74 -34.68 -19.89
N GLU F 410 25.63 -35.23 -20.70
CA GLU F 410 27.02 -35.34 -20.27
C GLU F 410 27.65 -33.98 -19.96
N TRP F 411 27.17 -32.88 -20.51
CA TRP F 411 27.83 -31.63 -20.16
C TRP F 411 27.28 -30.92 -18.92
N THR F 412 26.23 -31.44 -18.30
CA THR F 412 25.69 -30.71 -17.15
C THR F 412 26.65 -30.71 -16.00
N VAL F 413 27.05 -31.89 -15.55
CA VAL F 413 27.94 -31.98 -14.40
C VAL F 413 29.20 -31.13 -14.60
N PRO F 414 29.78 -31.15 -15.77
CA PRO F 414 30.90 -30.27 -16.03
C PRO F 414 30.43 -28.82 -16.13
N SER F 415 29.14 -28.65 -16.31
CA SER F 415 28.55 -27.31 -16.38
C SER F 415 29.11 -26.43 -17.50
N ARG F 416 28.89 -26.80 -18.75
CA ARG F 416 29.40 -26.01 -19.84
C ARG F 416 28.55 -26.03 -21.08
N ASP F 417 28.73 -25.01 -21.90
CA ASP F 417 28.17 -25.03 -23.24
C ASP F 417 26.68 -25.26 -23.33
N ASN F 418 25.93 -24.70 -22.43
CA ASN F 418 24.48 -24.85 -22.57
C ASN F 418 24.03 -24.14 -23.82
N ASN F 419 22.93 -24.62 -24.37
CA ASN F 419 22.33 -24.03 -25.57
C ASN F 419 23.32 -23.73 -26.68
N LYS F 420 24.07 -24.75 -27.11
CA LYS F 420 25.02 -24.60 -28.19
C LYS F 420 24.82 -25.70 -29.20
N CYS F 421 24.62 -26.93 -28.74
CA CYS F 421 24.33 -28.02 -29.67
C CYS F 421 22.98 -27.66 -30.27
N TYR F 422 22.83 -27.88 -31.55
CA TYR F 422 21.62 -27.42 -32.22
C TYR F 422 21.14 -28.46 -33.24
N ALA F 423 19.82 -28.55 -33.43
CA ALA F 423 19.29 -29.53 -34.35
C ALA F 423 18.14 -28.96 -35.12
N LYS F 424 18.14 -29.16 -36.43
CA LYS F 424 17.04 -28.68 -37.25
C LYS F 424 16.70 -29.67 -38.34
N VAL F 425 15.51 -29.58 -38.86
CA VAL F 425 15.08 -30.51 -39.86
C VAL F 425 14.31 -29.68 -40.81
N ILE F 426 14.56 -29.79 -42.13
CA ILE F 426 13.78 -28.99 -43.10
C ILE F 426 12.77 -29.87 -43.86
N CYS F 427 11.52 -29.41 -43.93
CA CYS F 427 10.44 -30.18 -44.53
C CYS F 427 9.79 -29.55 -45.72
N ASN F 428 9.31 -30.39 -46.62
CA ASN F 428 8.61 -29.88 -47.82
C ASN F 428 7.11 -29.90 -47.66
N LEU F 429 6.54 -28.76 -47.33
CA LEU F 429 5.11 -28.66 -47.08
C LEU F 429 4.27 -29.25 -48.19
N LYS F 430 4.80 -29.21 -49.41
CA LYS F 430 4.03 -29.73 -50.54
C LYS F 430 4.23 -31.23 -50.77
N ASP F 431 4.85 -31.91 -49.81
CA ASP F 431 5.11 -33.34 -49.93
C ASP F 431 4.98 -33.99 -48.54
N ASN F 432 3.84 -33.77 -47.88
CA ASN F 432 3.65 -34.36 -46.58
C ASN F 432 4.74 -33.95 -45.61
N GLU F 433 5.28 -32.75 -45.76
CA GLU F 433 6.41 -32.36 -44.93
C GLU F 433 7.47 -33.47 -44.95
N ARG F 434 7.80 -33.92 -46.15
CA ARG F 434 8.87 -34.88 -46.35
C ARG F 434 10.12 -34.19 -45.78
N VAL F 435 10.87 -34.88 -44.94
CA VAL F 435 12.11 -34.30 -44.42
C VAL F 435 13.15 -34.37 -45.51
N VAL F 436 13.57 -33.22 -46.01
CA VAL F 436 14.50 -33.24 -47.09
C VAL F 436 15.78 -32.57 -46.72
N GLY F 437 15.86 -32.20 -45.44
CA GLY F 437 17.07 -31.61 -44.89
C GLY F 437 17.26 -32.12 -43.48
N PHE F 438 18.50 -32.44 -43.12
CA PHE F 438 18.77 -32.89 -41.77
C PHE F 438 20.06 -32.29 -41.23
N HIS F 439 19.99 -31.58 -40.12
CA HIS F 439 21.20 -30.96 -39.57
C HIS F 439 21.32 -31.09 -38.10
N VAL F 440 22.46 -31.54 -37.63
CA VAL F 440 22.67 -31.56 -36.22
C VAL F 440 24.03 -31.00 -35.94
N LEU F 441 24.09 -30.12 -34.97
CA LEU F 441 25.37 -29.59 -34.54
C LEU F 441 25.50 -30.01 -33.10
N GLY F 442 26.35 -31.00 -32.81
CA GLY F 442 26.49 -31.56 -31.45
C GLY F 442 27.54 -32.66 -31.40
N PRO F 443 27.61 -33.38 -30.30
CA PRO F 443 28.66 -34.40 -30.12
C PRO F 443 28.29 -35.65 -30.90
N ASN F 444 29.26 -36.42 -31.34
CA ASN F 444 28.92 -37.66 -32.01
C ASN F 444 27.95 -37.44 -33.14
N ALA F 445 28.08 -36.30 -33.80
CA ALA F 445 27.20 -35.96 -34.91
C ALA F 445 27.06 -37.11 -35.87
N GLY F 446 28.17 -37.70 -36.24
CA GLY F 446 28.14 -38.76 -37.23
C GLY F 446 27.23 -39.87 -36.78
N GLU F 447 27.54 -40.38 -35.61
CA GLU F 447 26.80 -41.49 -35.12
C GLU F 447 25.36 -41.09 -35.15
N VAL F 448 25.07 -39.84 -34.89
CA VAL F 448 23.67 -39.47 -34.90
C VAL F 448 23.11 -39.43 -36.32
N THR F 449 23.79 -38.72 -37.20
CA THR F 449 23.31 -38.55 -38.55
C THR F 449 23.07 -39.85 -39.33
N GLN F 450 24.01 -40.78 -39.24
CA GLN F 450 23.92 -41.97 -40.09
C GLN F 450 22.50 -42.56 -40.18
N GLY F 451 21.92 -42.91 -39.03
CA GLY F 451 20.61 -43.51 -39.06
C GLY F 451 19.61 -42.68 -39.87
N PHE F 452 19.48 -41.38 -39.59
CA PHE F 452 18.52 -40.57 -40.30
C PHE F 452 18.75 -40.63 -41.79
N ALA F 453 20.01 -40.69 -42.19
CA ALA F 453 20.28 -40.72 -43.61
C ALA F 453 19.54 -41.90 -44.18
N ALA F 454 19.54 -43.01 -43.47
CA ALA F 454 18.83 -44.17 -43.98
C ALA F 454 17.37 -43.80 -44.12
N ALA F 455 16.81 -43.26 -43.05
CA ALA F 455 15.42 -42.91 -43.12
C ALA F 455 15.19 -42.03 -44.32
N LEU F 456 16.10 -41.09 -44.59
CA LEU F 456 15.83 -40.25 -45.73
C LEU F 456 15.66 -41.13 -46.96
N LYS F 457 16.41 -42.21 -47.02
CA LYS F 457 16.29 -43.07 -48.19
C LYS F 457 14.95 -43.80 -48.23
N CYS F 458 14.20 -43.73 -47.14
CA CYS F 458 12.86 -44.33 -47.14
C CYS F 458 11.79 -43.26 -47.22
N GLY F 459 12.16 -42.02 -47.52
CA GLY F 459 11.19 -40.95 -47.63
C GLY F 459 10.57 -40.52 -46.32
N LEU F 460 11.37 -40.53 -45.26
CA LEU F 460 10.94 -40.08 -43.95
C LEU F 460 10.10 -38.78 -44.02
N THR F 461 8.89 -38.82 -43.45
CA THR F 461 8.02 -37.63 -43.36
C THR F 461 7.91 -37.11 -41.94
N LYS F 462 7.65 -35.82 -41.80
CA LYS F 462 7.67 -35.24 -40.46
C LYS F 462 6.76 -35.97 -39.53
N GLN F 463 5.57 -36.31 -39.97
CA GLN F 463 4.72 -37.00 -39.04
C GLN F 463 5.36 -38.31 -38.70
N GLN F 464 6.01 -38.96 -39.64
CA GLN F 464 6.62 -40.22 -39.29
C GLN F 464 7.68 -39.98 -38.22
N LEU F 465 8.50 -38.95 -38.45
CA LEU F 465 9.56 -38.63 -37.53
C LEU F 465 8.97 -38.46 -36.15
N ASP F 466 7.95 -37.61 -36.05
CA ASP F 466 7.29 -37.36 -34.79
C ASP F 466 6.82 -38.66 -34.16
N SER F 467 6.32 -39.56 -34.99
CA SER F 467 5.76 -40.80 -34.51
C SER F 467 6.79 -41.75 -33.88
N THR F 468 8.06 -41.51 -34.21
CA THR F 468 9.15 -42.29 -33.71
C THR F 468 9.37 -41.86 -32.28
N ILE F 469 9.83 -42.76 -31.42
CA ILE F 469 9.99 -42.41 -30.02
C ILE F 469 11.44 -42.23 -29.79
N GLY F 470 11.81 -41.40 -28.83
CA GLY F 470 13.20 -41.14 -28.63
C GLY F 470 13.86 -42.07 -27.63
N ILE F 471 15.19 -42.14 -27.72
CA ILE F 471 15.99 -42.89 -26.77
C ILE F 471 16.47 -41.90 -25.76
N HIS F 472 16.21 -42.15 -24.50
CA HIS F 472 16.56 -41.17 -23.49
C HIS F 472 17.45 -41.78 -22.42
N PRO F 473 18.48 -41.07 -21.97
CA PRO F 473 18.80 -39.73 -22.40
C PRO F 473 19.94 -39.76 -23.41
N VAL F 474 19.70 -39.26 -24.61
CA VAL F 474 20.69 -39.35 -25.63
C VAL F 474 20.49 -38.16 -26.55
N CYS F 475 21.56 -37.58 -27.08
CA CYS F 475 21.36 -36.40 -27.86
C CYS F 475 20.39 -36.60 -29.01
N ALA F 476 20.63 -37.58 -29.83
CA ALA F 476 19.79 -37.76 -31.00
C ALA F 476 18.31 -37.61 -30.75
N GLU F 477 17.84 -37.85 -29.54
CA GLU F 477 16.40 -37.77 -29.36
C GLU F 477 15.70 -36.40 -29.69
N ILE F 478 16.34 -35.24 -29.59
CA ILE F 478 15.58 -34.02 -29.91
C ILE F 478 14.88 -34.13 -31.25
N PHE F 479 15.42 -34.96 -32.14
CA PHE F 479 14.81 -35.06 -33.46
C PHE F 479 13.41 -35.69 -33.35
N THR F 480 13.16 -36.42 -32.26
CA THR F 480 11.90 -37.10 -32.08
C THR F 480 10.87 -36.13 -31.60
N THR F 481 11.30 -34.93 -31.29
CA THR F 481 10.34 -33.98 -30.77
C THR F 481 10.59 -32.57 -31.21
N LEU F 482 10.81 -32.39 -32.50
CA LEU F 482 10.99 -31.05 -33.01
C LEU F 482 9.63 -30.39 -33.20
N SER F 483 9.27 -29.52 -32.27
CA SER F 483 7.93 -28.98 -32.32
C SER F 483 7.88 -27.51 -32.70
N VAL F 484 8.97 -26.80 -32.43
CA VAL F 484 8.95 -25.38 -32.70
C VAL F 484 9.39 -25.12 -34.13
N THR F 485 8.70 -24.24 -34.86
CA THR F 485 9.14 -23.93 -36.21
C THR F 485 9.86 -22.62 -36.26
N LYS F 486 10.72 -22.47 -37.26
CA LYS F 486 11.38 -21.20 -37.47
C LYS F 486 10.30 -20.16 -37.80
N ARG F 487 9.48 -20.52 -38.76
CA ARG F 487 8.50 -19.60 -39.27
C ARG F 487 7.79 -18.75 -38.24
N SER F 488 7.77 -19.17 -37.00
CA SER F 488 6.98 -18.34 -36.12
C SER F 488 7.35 -18.56 -34.70
N GLY F 489 8.17 -19.52 -34.51
CA GLY F 489 8.38 -19.97 -33.18
C GLY F 489 9.29 -19.28 -32.21
N GLY F 490 9.07 -18.08 -31.81
CA GLY F 490 9.97 -17.50 -30.84
C GLY F 490 11.20 -18.29 -30.37
N ASP F 491 11.20 -18.57 -29.08
CA ASP F 491 12.36 -19.06 -28.41
C ASP F 491 12.58 -20.56 -28.40
N ILE F 492 13.85 -20.92 -28.58
CA ILE F 492 14.21 -22.31 -28.46
C ILE F 492 15.30 -22.44 -27.43
N LEU F 493 15.56 -21.37 -26.72
CA LEU F 493 16.61 -21.34 -25.71
C LEU F 493 16.13 -21.79 -24.37
N GLN F 494 16.24 -23.10 -24.07
CA GLN F 494 15.79 -23.46 -22.71
C GLN F 494 16.61 -24.53 -22.03
N SER F 495 17.29 -24.06 -20.96
CA SER F 495 18.17 -24.90 -20.11
C SER F 495 17.39 -26.11 -19.84
N GLY F 496 16.18 -25.97 -19.39
CA GLY F 496 15.48 -27.17 -19.62
C GLY F 496 15.09 -28.20 -18.65
N CYS F 497 14.09 -27.84 -17.92
CA CYS F 497 13.38 -28.84 -17.20
C CYS F 497 12.03 -28.44 -17.64
N CYS F 498 11.74 -28.91 -18.81
CA CYS F 498 10.53 -28.65 -19.45
C CYS F 498 9.50 -29.69 -19.11
N GLY F 499 9.86 -30.96 -19.19
CA GLY F 499 8.81 -31.95 -19.00
C GLY F 499 9.10 -33.27 -19.63
#